data_7CHH
#
_entry.id   7CHH
#
_cell.length_a   1.00
_cell.length_b   1.00
_cell.length_c   1.00
_cell.angle_alpha   90.00
_cell.angle_beta   90.00
_cell.angle_gamma   90.00
#
_symmetry.space_group_name_H-M   'P 1'
#
loop_
_entity.id
_entity.type
_entity.pdbx_description
1 polymer 'Spike glycoprotein'
2 polymer 'BD-368-2 Fab heavy chain'
3 polymer 'BD-368-2 Fab light chain'
4 branched 2-acetamido-2-deoxy-beta-D-glucopyranose-(1-4)-2-acetamido-2-deoxy-beta-D-glucopyranose
5 non-polymer 2-acetamido-2-deoxy-beta-D-glucopyranose
#
loop_
_entity_poly.entity_id
_entity_poly.type
_entity_poly.pdbx_seq_one_letter_code
_entity_poly.pdbx_strand_id
1 'polypeptide(L)'
;MFVFLVLLPLVSSQCVNLTTRTQLPPAYTNSFTRGVYYPDKVFRSSVLHSTQDLFLPFFSNVTWFHAIHVSGTNGTKRFD
NPVLPFNDGVYFASTEKSNIIRGWIFGTTLDSKTQSLLIVNNATNVVIKVCEFQFCNDPFLGVYYHKNNKSWMESEFRVY
SSANNCTFEYVSQPFLMDLEGKQGNFKNLREFVFKNIDGYFKIYSKHTPINLVRDLPQGFSALEPLVDLPIGINITRFQT
LLALHRSYLTPGDSSSGWTAGAAAYYVGYLQPRTFLLKYNENGTITDAVDCALDPLSETKCTLKSFTVEKGIYQTSNFRV
QPTESIVRFPNITNLCPFGEVFNATRFASVYAWNRKRISNCVADYSVLYNSASFSTFKCYGVSPTKLNDLCFTNVYADSF
VIRGDEVRQIAPGQTGKIADYNYKLPDDFTGCVIAWNSNNLDSKVGGNYNYLYRLFRKSNLKPFERDISTEIYQAGSTPC
NGVEGFNCYFPLQSYGFQPTNGVGYQPYRVVVLSFELLHAPATVCGPKKSTNLVKNKCVNFNFNGLTGTGVLTESNKKFL
PFQQFGRDIADTTDAVRDPQTLEILDITPCSFGGVSVITPGTNTSNQVAVLYQDVNCTEVPVAIHADQLTPTWRVYSTGS
NVFQTRAGCLIGAEHVNNSYECDIPIGAGICASYQTQTNSPGSASSVASQSIIAYTMSLGAENSVAYSNNSIAIPTNFTI
SVTTEILPVSMTKTSVDCTMYICGDSTECSNLLLQYGSFCTQLNRALTGIAVEQDKNTQEVFAQVKQIYKTPPIKDFGGF
NFSQILPDPSKPSKRSPIEDLLFNKVTLADAGFIKQYGDCLGDIAARDLICAQKFNGLTVLPPLLTDEMIAQYTSALLAG
TITSGWTFGAGPALQIPFPMQMAYRFNGIGVTQNVLYENQKLIANQFNSAIGKIQDSLSSTPSALGKLQDVVNQNAQALN
TLVKQLSSNFGAISSVLNDILSRLDPPEAEVQIDRLITGRLQSLQTYVTQQLIRAAEIRASANLAATKMSECVLGQSKRV
DFCGKGYHLMSFPQSAPHGVVFLHVTYVPAQEKNFTTAPAICHDGKAHFPREGVFVSNGTHWFVTQRNFYEPQIITTDNT
FVSGNCDVVIGIVNNTVYDPLQPELDSFKEELDKYFKNHTSPDVDLGDISGINASVVNIQKEIDRLNEVAKNLNESLIDL
QELGKYEQ
;
A,B,C
2 'polypeptide(L)'
;EVQLLESGGGVVQPGGSLRLSCAASGFAFTTYAMNWVRQAPGRGLEWVSAISDGGGSAYYADSVKGRFTISRDNSKNTLY
LQMNSLRAEDTAVYYCAKTRGRGLYDYVWGSKDYWGQGTLVTVSSASTKGPSVFPLAPSSKSTSGGTAALGCLVKDYFPE
PVTVSWNSGALTSGVHTFPAVLQSSGLYSLSSVVTVPSSSLGTQTYICNVNHKPSNTKVDKKVEPKSCDK
;
D,G,J
3 'polypeptide(L)'
;DIVMTQSPLSLPVTPGEPASISCRSSQSLLHSNGYNYLDWYLQKPGQSPQLLIYLGSNRASGVPDRFSGSGSGTDFTLKI
SRVEAEDVGVYYCMQALQTPGTFGQGTRLEIKRTVAAPSVFIFPPSDEQLKSGTASVVCLLNNFYPREAKVQWKVDNALQ
SGNSQESVTEQDSKDSTYSLSSTLTLSKADYEKHKVYACEVTHQGLSSPVTKSFNRGEC
;
E,H,K
#
loop_
_chem_comp.id
_chem_comp.type
_chem_comp.name
_chem_comp.formula
NAG D-saccharide, beta linking 2-acetamido-2-deoxy-beta-D-glucopyranose 'C8 H15 N O6'
#
# COMPACT_ATOMS: atom_id res chain seq x y z
N ALA A 27 -26.57 -25.48 40.28
CA ALA A 27 -25.93 -26.77 40.04
C ALA A 27 -24.63 -26.61 39.28
N TYR A 28 -23.56 -27.19 39.82
CA TYR A 28 -22.24 -27.14 39.20
C TYR A 28 -21.91 -28.55 38.71
N THR A 29 -21.75 -28.69 37.39
CA THR A 29 -21.35 -29.96 36.79
C THR A 29 -20.24 -29.70 35.77
N ASN A 30 -19.49 -30.76 35.48
CA ASN A 30 -18.31 -30.69 34.64
C ASN A 30 -18.56 -31.47 33.35
N SER A 31 -18.85 -30.75 32.26
CA SER A 31 -18.91 -31.36 30.95
C SER A 31 -17.49 -31.51 30.42
N PHE A 32 -17.13 -32.72 30.03
CA PHE A 32 -15.72 -33.02 29.82
C PHE A 32 -15.22 -32.52 28.47
N THR A 33 -15.78 -33.05 27.38
CA THR A 33 -15.21 -32.80 26.06
C THR A 33 -16.29 -32.49 25.01
N ARG A 34 -17.57 -32.61 25.36
CA ARG A 34 -18.70 -32.35 24.47
C ARG A 34 -18.75 -30.90 23.99
N GLY A 35 -19.65 -30.64 23.05
CA GLY A 35 -19.87 -29.31 22.54
C GLY A 35 -19.12 -28.96 21.28
N VAL A 36 -18.85 -29.95 20.44
CA VAL A 36 -18.04 -29.76 19.24
C VAL A 36 -18.79 -30.30 18.03
N TYR A 37 -18.76 -29.54 16.95
CA TYR A 37 -19.57 -29.84 15.79
C TYR A 37 -18.75 -29.57 14.54
N TYR A 38 -19.37 -29.77 13.38
CA TYR A 38 -18.73 -29.44 12.13
C TYR A 38 -18.96 -27.98 11.83
N PRO A 39 -17.91 -27.15 11.80
CA PRO A 39 -18.10 -25.70 11.67
C PRO A 39 -18.61 -25.23 10.31
N ASP A 40 -18.52 -26.07 9.28
CA ASP A 40 -18.99 -25.70 7.95
C ASP A 40 -19.45 -26.95 7.22
N LYS A 41 -19.83 -26.77 5.96
CA LYS A 41 -20.31 -27.86 5.12
C LYS A 41 -19.21 -28.40 4.21
N VAL A 42 -17.96 -28.22 4.60
CA VAL A 42 -16.81 -28.50 3.75
C VAL A 42 -16.11 -29.74 4.27
N PHE A 43 -15.90 -30.70 3.38
CA PHE A 43 -15.22 -31.94 3.74
C PHE A 43 -13.73 -31.67 3.90
N ARG A 44 -13.14 -32.22 4.95
CA ARG A 44 -11.70 -32.26 5.11
C ARG A 44 -11.30 -33.63 5.64
N SER A 45 -10.12 -34.09 5.23
CA SER A 45 -9.65 -35.41 5.63
C SER A 45 -8.16 -35.38 5.88
N SER A 46 -7.75 -36.04 6.99
CA SER A 46 -6.34 -36.27 7.35
C SER A 46 -5.57 -34.97 7.49
N VAL A 47 -6.23 -33.95 8.04
CA VAL A 47 -5.64 -32.62 8.14
C VAL A 47 -6.00 -32.03 9.50
N LEU A 48 -5.04 -31.34 10.11
CA LEU A 48 -5.32 -30.50 11.26
C LEU A 48 -5.84 -29.16 10.81
N HIS A 49 -6.89 -28.69 11.47
CA HIS A 49 -7.52 -27.43 11.11
C HIS A 49 -7.88 -26.66 12.36
N SER A 50 -7.50 -25.39 12.39
CA SER A 50 -7.83 -24.49 13.49
C SER A 50 -8.96 -23.58 13.02
N THR A 51 -10.11 -23.68 13.68
CA THR A 51 -11.29 -22.91 13.35
C THR A 51 -11.71 -22.07 14.55
N GLN A 52 -12.15 -20.85 14.28
CA GLN A 52 -12.68 -19.97 15.31
C GLN A 52 -14.18 -19.84 15.05
N ASP A 53 -14.99 -20.33 15.98
CA ASP A 53 -16.44 -20.25 15.87
C ASP A 53 -17.01 -20.31 17.27
N LEU A 54 -18.34 -20.33 17.36
CA LEU A 54 -19.04 -20.42 18.64
C LEU A 54 -18.98 -21.86 19.13
N PHE A 55 -18.26 -22.10 20.23
CA PHE A 55 -18.08 -23.45 20.72
C PHE A 55 -18.31 -23.49 22.22
N LEU A 56 -18.68 -24.67 22.71
CA LEU A 56 -18.69 -24.88 24.15
C LEU A 56 -17.26 -25.09 24.64
N PRO A 57 -16.81 -24.32 25.63
CA PRO A 57 -15.44 -24.46 26.12
C PRO A 57 -15.24 -25.78 26.84
N PHE A 58 -14.03 -26.31 26.74
CA PHE A 58 -13.73 -27.58 27.41
C PHE A 58 -13.74 -27.39 28.91
N PHE A 59 -14.18 -28.44 29.62
CA PHE A 59 -14.25 -28.49 31.09
C PHE A 59 -15.11 -27.38 31.65
N SER A 60 -16.27 -27.17 31.03
CA SER A 60 -17.11 -26.02 31.35
C SER A 60 -18.09 -26.34 32.47
N ASN A 61 -18.59 -25.28 33.10
CA ASN A 61 -19.61 -25.39 34.14
C ASN A 61 -20.99 -25.36 33.46
N VAL A 62 -21.43 -26.54 33.07
CA VAL A 62 -22.80 -26.69 32.58
C VAL A 62 -23.75 -26.79 33.76
N THR A 63 -24.96 -26.27 33.58
CA THR A 63 -25.96 -26.28 34.62
C THR A 63 -26.85 -27.50 34.47
N TRP A 64 -27.04 -28.23 35.57
CA TRP A 64 -27.84 -29.45 35.59
C TRP A 64 -29.25 -29.09 36.05
N PHE A 65 -30.24 -29.37 35.20
CA PHE A 65 -31.64 -29.18 35.54
C PHE A 65 -32.34 -30.53 35.54
N HIS A 66 -33.16 -30.77 36.55
CA HIS A 66 -33.82 -32.06 36.72
C HIS A 66 -35.30 -31.99 36.37
N PHE A 79 -43.11 -30.62 34.53
CA PHE A 79 -42.76 -30.64 35.95
C PHE A 79 -42.09 -29.34 36.35
N ASP A 80 -40.76 -29.34 36.34
CA ASP A 80 -39.96 -28.19 36.74
C ASP A 80 -38.97 -27.85 35.62
N ASN A 81 -39.13 -26.68 35.02
CA ASN A 81 -38.29 -26.24 33.92
C ASN A 81 -38.12 -24.73 33.97
N PRO A 82 -37.07 -24.23 34.63
CA PRO A 82 -36.95 -22.78 34.86
C PRO A 82 -36.60 -22.00 33.60
N VAL A 83 -36.76 -20.69 33.71
CA VAL A 83 -36.46 -19.79 32.63
C VAL A 83 -34.95 -19.52 32.59
N LEU A 84 -34.38 -19.60 31.39
CA LEU A 84 -32.96 -19.51 31.18
C LEU A 84 -32.70 -18.80 29.86
N PRO A 85 -31.72 -17.91 29.83
CA PRO A 85 -31.52 -17.08 28.63
C PRO A 85 -30.61 -17.75 27.61
N PHE A 86 -30.64 -17.21 26.40
CA PHE A 86 -29.89 -17.76 25.28
C PHE A 86 -28.40 -17.43 25.38
N ASN A 87 -28.07 -16.13 25.37
CA ASN A 87 -26.70 -15.60 25.36
C ASN A 87 -25.87 -16.16 24.21
N ASP A 88 -26.44 -16.08 23.00
CA ASP A 88 -25.76 -16.34 21.73
C ASP A 88 -25.22 -17.78 21.65
N GLY A 89 -26.14 -18.73 21.65
CA GLY A 89 -25.77 -20.12 21.44
C GLY A 89 -25.90 -20.98 22.66
N VAL A 90 -26.63 -22.08 22.56
CA VAL A 90 -26.88 -22.96 23.68
C VAL A 90 -26.63 -24.40 23.26
N TYR A 91 -25.99 -25.17 24.14
CA TYR A 91 -25.79 -26.60 23.97
C TYR A 91 -26.78 -27.31 24.87
N PHE A 92 -27.65 -28.13 24.28
CA PHE A 92 -28.66 -28.86 25.02
C PHE A 92 -28.38 -30.35 24.89
N ALA A 93 -28.21 -31.02 26.01
CA ALA A 93 -28.03 -32.47 26.02
C ALA A 93 -29.01 -33.07 27.01
N SER A 94 -29.62 -34.18 26.62
CA SER A 94 -30.66 -34.77 27.46
C SER A 94 -30.63 -36.29 27.31
N THR A 95 -31.18 -36.96 28.32
CA THR A 95 -31.24 -38.41 28.34
C THR A 95 -32.68 -38.89 28.42
N ASN A 99 -38.82 -40.09 27.57
CA ASN A 99 -39.17 -39.47 26.30
C ASN A 99 -40.28 -38.44 26.44
N ILE A 100 -40.48 -37.95 27.67
CA ILE A 100 -41.48 -36.91 27.90
C ILE A 100 -40.94 -35.56 27.46
N ILE A 101 -39.63 -35.44 27.29
CA ILE A 101 -39.07 -34.24 26.69
C ILE A 101 -39.33 -34.25 25.19
N ARG A 102 -39.96 -33.18 24.69
CA ARG A 102 -40.42 -33.16 23.31
C ARG A 102 -39.91 -32.00 22.48
N GLY A 103 -39.70 -30.82 23.06
CA GLY A 103 -39.38 -29.70 22.21
C GLY A 103 -38.90 -28.49 22.99
N TRP A 104 -38.89 -27.36 22.30
CA TRP A 104 -38.37 -26.12 22.83
C TRP A 104 -39.23 -24.97 22.32
N ILE A 105 -39.36 -23.93 23.13
CA ILE A 105 -39.93 -22.67 22.67
C ILE A 105 -38.82 -21.62 22.74
N PHE A 106 -38.84 -20.69 21.81
CA PHE A 106 -37.78 -19.71 21.60
C PHE A 106 -38.39 -18.34 21.36
N GLY A 107 -37.77 -17.29 21.90
CA GLY A 107 -38.29 -15.96 21.65
C GLY A 107 -37.62 -14.92 22.53
N THR A 108 -38.23 -13.73 22.54
CA THR A 108 -37.79 -12.65 23.41
C THR A 108 -38.74 -12.42 24.57
N THR A 109 -40.00 -12.16 24.28
CA THR A 109 -41.02 -11.98 25.32
C THR A 109 -41.82 -13.26 25.55
N LEU A 110 -41.79 -14.19 24.59
CA LEU A 110 -42.62 -15.40 24.56
C LEU A 110 -44.10 -15.04 24.65
N ASP A 111 -44.47 -13.94 24.00
CA ASP A 111 -45.82 -13.40 24.06
C ASP A 111 -46.04 -12.56 22.81
N SER A 112 -47.14 -11.80 22.79
CA SER A 112 -47.59 -11.07 21.62
C SER A 112 -46.71 -9.88 21.26
N LYS A 113 -45.84 -9.44 22.16
CA LYS A 113 -45.01 -8.25 21.94
C LYS A 113 -43.96 -8.45 20.85
N THR A 114 -43.62 -9.69 20.53
CA THR A 114 -42.62 -9.97 19.51
C THR A 114 -42.88 -11.35 18.93
N GLN A 115 -42.29 -11.61 17.77
CA GLN A 115 -42.37 -12.93 17.16
C GLN A 115 -41.57 -13.94 17.97
N SER A 116 -41.93 -15.21 17.84
CA SER A 116 -41.33 -16.24 18.67
C SER A 116 -41.32 -17.57 17.92
N LEU A 117 -40.46 -18.48 18.37
CA LEU A 117 -40.26 -19.78 17.74
C LEU A 117 -40.64 -20.88 18.71
N LEU A 118 -41.27 -21.95 18.20
CA LEU A 118 -41.82 -22.99 19.07
C LEU A 118 -41.74 -24.32 18.32
N ILE A 119 -40.69 -25.09 18.60
CA ILE A 119 -40.35 -26.30 17.87
C ILE A 119 -40.71 -27.53 18.70
N VAL A 120 -41.60 -28.37 18.18
CA VAL A 120 -42.20 -29.48 18.93
C VAL A 120 -42.20 -30.74 18.07
N ASN A 121 -41.83 -31.87 18.66
CA ASN A 121 -42.00 -33.21 18.10
C ASN A 121 -43.42 -33.72 18.35
N ASN A 122 -43.93 -34.52 17.42
CA ASN A 122 -45.25 -35.13 17.63
C ASN A 122 -45.24 -36.63 17.32
N ALA A 123 -44.06 -37.25 17.47
CA ALA A 123 -43.78 -38.70 17.34
C ALA A 123 -43.97 -39.24 15.93
N THR A 124 -44.26 -38.39 14.95
CA THR A 124 -44.24 -38.75 13.54
C THR A 124 -43.37 -37.81 12.72
N ASN A 125 -43.48 -36.50 12.98
CA ASN A 125 -42.65 -35.48 12.37
C ASN A 125 -42.37 -34.43 13.44
N VAL A 126 -41.90 -33.27 13.01
CA VAL A 126 -41.82 -32.12 13.90
C VAL A 126 -42.55 -30.97 13.24
N VAL A 127 -43.11 -30.10 14.07
CA VAL A 127 -43.74 -28.86 13.62
C VAL A 127 -42.86 -27.72 14.13
N ILE A 128 -42.57 -26.77 13.24
CA ILE A 128 -41.70 -25.65 13.54
C ILE A 128 -42.48 -24.40 13.18
N LYS A 129 -43.01 -23.72 14.18
CA LYS A 129 -43.74 -22.48 13.98
C LYS A 129 -42.86 -21.33 14.42
N VAL A 130 -42.76 -20.32 13.56
CA VAL A 130 -42.10 -19.07 13.92
C VAL A 130 -43.30 -18.11 13.92
N CYS A 131 -44.46 -18.64 14.29
CA CYS A 131 -45.64 -17.81 14.38
C CYS A 131 -45.62 -16.92 15.61
N GLU A 132 -46.62 -16.05 15.67
CA GLU A 132 -46.85 -15.15 16.79
C GLU A 132 -47.86 -15.78 17.74
N PHE A 133 -47.49 -15.89 19.01
CA PHE A 133 -48.30 -16.58 19.99
C PHE A 133 -48.76 -15.62 21.07
N GLN A 134 -49.75 -16.06 21.84
CA GLN A 134 -50.22 -15.33 23.01
C GLN A 134 -49.34 -15.67 24.20
N PHE A 135 -49.81 -15.30 25.40
CA PHE A 135 -49.10 -15.66 26.62
C PHE A 135 -49.16 -17.16 26.85
N CYS A 136 -48.04 -17.74 27.25
CA CYS A 136 -47.95 -19.15 27.60
C CYS A 136 -47.51 -19.19 29.06
N ASN A 137 -48.48 -19.07 29.97
CA ASN A 137 -48.15 -18.96 31.39
C ASN A 137 -47.70 -20.29 31.96
N ASP A 138 -48.18 -21.40 31.42
CA ASP A 138 -47.81 -22.74 31.86
C ASP A 138 -47.46 -23.54 30.61
N PRO A 139 -46.20 -23.49 30.16
CA PRO A 139 -45.84 -24.12 28.88
C PRO A 139 -45.84 -25.63 28.93
N PHE A 140 -46.89 -26.23 28.38
CA PHE A 140 -47.07 -27.67 28.35
C PHE A 140 -48.13 -27.98 27.30
N LEU A 141 -48.26 -29.27 26.97
CA LEU A 141 -49.21 -29.72 25.96
C LEU A 141 -50.54 -30.09 26.60
N GLY A 142 -51.08 -29.17 27.39
CA GLY A 142 -52.32 -29.40 28.10
C GLY A 142 -52.13 -30.13 29.42
N GLU A 156 -54.86 -31.92 21.50
CA GLU A 156 -54.79 -31.66 22.93
C GLU A 156 -53.44 -31.04 23.29
N PHE A 157 -53.42 -29.71 23.33
CA PHE A 157 -52.23 -28.94 23.67
C PHE A 157 -52.66 -27.54 24.07
N ARG A 158 -51.79 -26.84 24.81
CA ARG A 158 -52.03 -25.45 25.14
C ARG A 158 -50.82 -24.55 24.94
N VAL A 159 -49.62 -25.12 24.80
CA VAL A 159 -48.42 -24.31 24.56
C VAL A 159 -48.51 -23.61 23.22
N TYR A 160 -49.11 -24.26 22.23
CA TYR A 160 -49.58 -23.57 21.03
C TYR A 160 -50.81 -22.77 21.44
N SER A 161 -50.56 -21.52 21.84
CA SER A 161 -51.63 -20.69 22.40
C SER A 161 -52.56 -20.18 21.29
N SER A 162 -52.02 -19.38 20.38
CA SER A 162 -52.79 -18.89 19.24
C SER A 162 -51.83 -18.58 18.11
N ALA A 163 -52.35 -18.61 16.89
CA ALA A 163 -51.57 -18.47 15.67
C ALA A 163 -52.03 -17.26 14.87
N ASN A 164 -52.38 -16.18 15.56
CA ASN A 164 -52.73 -14.96 14.85
C ASN A 164 -51.49 -14.33 14.24
N ASN A 165 -51.70 -13.57 13.16
CA ASN A 165 -50.73 -12.76 12.44
C ASN A 165 -49.60 -13.58 11.80
N CYS A 166 -49.70 -14.89 11.74
CA CYS A 166 -48.44 -15.53 12.07
C CYS A 166 -47.67 -15.88 10.80
N THR A 167 -46.35 -15.98 10.95
CA THR A 167 -45.44 -15.69 9.86
C THR A 167 -44.92 -16.93 9.13
N PHE A 168 -44.18 -17.82 9.81
CA PHE A 168 -43.49 -18.97 9.21
C PHE A 168 -43.99 -20.31 9.74
N GLU A 169 -43.90 -21.33 8.89
CA GLU A 169 -44.17 -22.73 9.23
C GLU A 169 -43.17 -23.63 8.51
N TYR A 170 -42.69 -24.67 9.21
CA TYR A 170 -41.85 -25.70 8.59
C TYR A 170 -42.18 -27.06 9.20
N VAL A 171 -42.11 -28.10 8.36
CA VAL A 171 -42.32 -29.49 8.77
C VAL A 171 -41.16 -30.31 8.22
N SER A 172 -40.57 -31.15 9.05
CA SER A 172 -39.41 -31.93 8.62
C SER A 172 -39.40 -33.27 9.36
N GLN A 173 -38.26 -33.95 9.33
CA GLN A 173 -38.12 -35.24 10.00
C GLN A 173 -38.06 -35.07 11.51
N PRO A 174 -38.56 -36.05 12.26
CA PRO A 174 -38.46 -35.97 13.73
C PRO A 174 -37.05 -36.28 14.23
N PHE A 175 -36.79 -35.82 15.45
CA PHE A 175 -35.45 -35.89 16.03
C PHE A 175 -35.23 -37.12 16.89
N LEU A 176 -36.33 -37.68 17.42
CA LEU A 176 -36.34 -38.86 18.31
C LEU A 176 -35.45 -38.68 19.54
N LYS A 187 -28.30 -45.01 29.78
CA LYS A 187 -29.37 -44.76 28.83
C LYS A 187 -28.88 -43.99 27.60
N ASN A 188 -29.81 -43.54 26.77
CA ASN A 188 -29.46 -42.75 25.60
C ASN A 188 -28.94 -41.38 26.01
N LEU A 189 -28.19 -40.74 25.10
CA LEU A 189 -27.82 -39.34 25.25
C LEU A 189 -27.99 -38.65 23.90
N ARG A 190 -29.00 -37.78 23.82
CA ARG A 190 -29.21 -36.94 22.65
C ARG A 190 -28.72 -35.54 22.98
N GLU A 191 -27.74 -35.07 22.23
CA GLU A 191 -27.14 -33.77 22.50
C GLU A 191 -27.31 -32.88 21.28
N PHE A 192 -27.51 -31.59 21.52
CA PHE A 192 -27.95 -30.65 20.52
C PHE A 192 -27.20 -29.34 20.67
N VAL A 193 -27.07 -28.60 19.57
CA VAL A 193 -26.51 -27.25 19.57
C VAL A 193 -27.45 -26.33 18.82
N PHE A 194 -27.84 -25.23 19.45
CA PHE A 194 -28.70 -24.23 18.82
C PHE A 194 -27.97 -22.90 18.81
N LYS A 195 -27.95 -22.24 17.66
CA LYS A 195 -27.36 -20.90 17.59
C LYS A 195 -28.04 -20.10 16.50
N ASN A 196 -27.93 -18.77 16.62
CA ASN A 196 -28.25 -17.85 15.55
C ASN A 196 -26.96 -17.21 15.01
N ILE A 197 -26.82 -17.22 13.68
CA ILE A 197 -25.84 -16.39 12.97
C ILE A 197 -26.46 -15.96 11.65
N ASP A 198 -26.21 -14.71 11.26
CA ASP A 198 -26.49 -14.18 9.93
C ASP A 198 -27.97 -14.28 9.55
N GLY A 199 -28.85 -14.18 10.53
CA GLY A 199 -30.27 -14.33 10.26
C GLY A 199 -30.76 -15.76 10.22
N TYR A 200 -29.88 -16.73 10.41
CA TYR A 200 -30.24 -18.13 10.42
C TYR A 200 -30.45 -18.64 11.83
N PHE A 201 -30.87 -19.90 11.92
CA PHE A 201 -30.95 -20.63 13.19
C PHE A 201 -30.58 -22.07 12.89
N LYS A 202 -29.36 -22.46 13.27
CA LYS A 202 -28.80 -23.72 12.85
C LYS A 202 -28.78 -24.71 14.01
N ILE A 203 -29.03 -25.97 13.69
CA ILE A 203 -29.16 -27.03 14.67
C ILE A 203 -28.17 -28.14 14.32
N TYR A 204 -27.58 -28.75 15.35
CA TYR A 204 -26.66 -29.87 15.18
C TYR A 204 -27.03 -30.92 16.21
N SER A 205 -26.88 -32.20 15.86
CA SER A 205 -27.23 -33.23 16.83
C SER A 205 -26.51 -34.54 16.54
N LYS A 206 -26.51 -35.40 17.56
CA LYS A 206 -26.06 -36.78 17.51
C LYS A 206 -26.62 -37.48 18.74
N HIS A 207 -26.98 -38.75 18.57
CA HIS A 207 -27.46 -39.56 19.68
C HIS A 207 -26.47 -40.70 19.93
N THR A 208 -26.23 -41.00 21.20
CA THR A 208 -25.16 -41.89 21.62
C THR A 208 -25.65 -42.80 22.74
N PRO A 209 -25.44 -44.11 22.65
CA PRO A 209 -25.82 -45.02 23.74
C PRO A 209 -24.80 -44.96 24.87
N ILE A 210 -25.22 -44.48 26.03
CA ILE A 210 -24.36 -44.29 27.18
C ILE A 210 -24.86 -45.18 28.32
N ASN A 211 -24.14 -45.16 29.43
CA ASN A 211 -24.61 -45.80 30.66
C ASN A 211 -24.38 -44.96 31.90
N LEU A 212 -23.52 -43.95 31.87
CA LEU A 212 -23.27 -43.10 33.04
C LEU A 212 -24.27 -41.95 33.05
N VAL A 213 -25.50 -42.28 33.44
CA VAL A 213 -26.57 -41.29 33.54
C VAL A 213 -26.65 -40.65 34.91
N ARG A 214 -25.97 -41.20 35.92
CA ARG A 214 -25.94 -40.57 37.22
C ARG A 214 -25.12 -39.28 37.22
N ASP A 215 -24.16 -39.16 36.32
CA ASP A 215 -23.36 -37.95 36.18
C ASP A 215 -23.22 -37.65 34.70
N LEU A 216 -22.30 -36.76 34.36
CA LEU A 216 -22.05 -36.43 32.97
C LEU A 216 -21.13 -37.47 32.34
N PRO A 217 -21.58 -38.17 31.29
CA PRO A 217 -20.78 -39.26 30.74
C PRO A 217 -19.66 -38.75 29.84
N GLN A 218 -18.53 -39.43 29.90
CA GLN A 218 -17.37 -39.09 29.09
C GLN A 218 -17.45 -39.74 27.71
N GLY A 219 -16.78 -39.12 26.73
CA GLY A 219 -16.64 -39.67 25.39
C GLY A 219 -16.26 -38.59 24.40
N PHE A 220 -16.01 -38.91 23.14
CA PHE A 220 -15.99 -37.89 22.11
C PHE A 220 -17.10 -38.12 21.09
N SER A 221 -17.71 -37.03 20.62
CA SER A 221 -18.73 -37.12 19.58
C SER A 221 -18.76 -35.81 18.80
N ALA A 222 -18.94 -35.92 17.49
CA ALA A 222 -19.08 -34.76 16.60
C ALA A 222 -20.54 -34.61 16.20
N LEU A 223 -20.95 -33.38 15.96
CA LEU A 223 -22.36 -33.06 15.72
C LEU A 223 -22.56 -32.57 14.31
N GLU A 224 -23.54 -33.13 13.61
CA GLU A 224 -23.75 -32.80 12.22
C GLU A 224 -24.97 -31.91 12.06
N PRO A 225 -24.96 -30.99 11.10
CA PRO A 225 -26.13 -30.12 10.92
C PRO A 225 -27.32 -30.87 10.35
N LEU A 226 -28.50 -30.56 10.88
CA LEU A 226 -29.73 -31.21 10.46
C LEU A 226 -30.48 -30.36 9.44
N VAL A 227 -30.92 -29.17 9.84
CA VAL A 227 -31.63 -28.24 8.96
C VAL A 227 -31.12 -26.83 9.23
N ASP A 228 -31.36 -25.94 8.27
CA ASP A 228 -31.10 -24.52 8.42
C ASP A 228 -32.42 -23.76 8.41
N LEU A 229 -32.52 -22.73 9.22
CA LEU A 229 -33.77 -22.01 9.41
C LEU A 229 -33.62 -20.54 9.04
N PRO A 230 -34.18 -20.09 7.92
CA PRO A 230 -34.08 -18.66 7.55
C PRO A 230 -35.01 -17.77 8.37
N ILE A 231 -34.56 -17.36 9.56
CA ILE A 231 -35.47 -16.71 10.50
C ILE A 231 -35.14 -15.23 10.67
N GLY A 232 -33.96 -14.94 11.24
CA GLY A 232 -33.62 -13.58 11.60
C GLY A 232 -34.51 -12.98 12.67
N ILE A 233 -34.44 -13.52 13.88
CA ILE A 233 -35.33 -13.11 14.96
C ILE A 233 -34.51 -12.69 16.18
N ASN A 234 -35.06 -11.75 16.94
CA ASN A 234 -34.51 -11.40 18.25
C ASN A 234 -34.85 -12.52 19.22
N ILE A 235 -33.85 -13.29 19.61
CA ILE A 235 -33.99 -14.36 20.59
C ILE A 235 -33.07 -14.09 21.77
N THR A 236 -33.62 -14.16 22.98
CA THR A 236 -32.78 -13.99 24.16
C THR A 236 -33.09 -14.94 25.31
N ARG A 237 -34.21 -15.65 25.31
CA ARG A 237 -34.59 -16.52 26.41
C ARG A 237 -35.53 -17.59 25.87
N PHE A 238 -35.52 -18.75 26.52
CA PHE A 238 -36.13 -19.91 25.89
C PHE A 238 -36.51 -20.92 26.98
N GLN A 239 -37.30 -21.90 26.59
CA GLN A 239 -37.69 -22.98 27.49
C GLN A 239 -37.45 -24.30 26.79
N THR A 240 -37.27 -25.35 27.60
CA THR A 240 -37.58 -26.69 27.15
C THR A 240 -39.09 -26.93 27.31
N LEU A 241 -39.58 -28.04 26.76
CA LEU A 241 -41.03 -28.25 26.68
C LEU A 241 -41.35 -29.66 27.14
N LEU A 242 -41.87 -29.78 28.36
CA LEU A 242 -42.37 -31.04 28.88
C LEU A 242 -43.84 -30.85 29.27
N ALA A 243 -44.70 -31.73 28.76
CA ALA A 243 -46.12 -31.62 29.02
C ALA A 243 -46.45 -31.99 30.47
N LEU A 244 -47.49 -31.37 31.00
CA LEU A 244 -47.88 -31.58 32.40
C LEU A 244 -48.47 -32.97 32.55
N HIS A 245 -47.65 -33.91 33.02
CA HIS A 245 -48.05 -35.30 33.20
C HIS A 245 -47.92 -35.67 34.66
N ARG A 246 -49.00 -36.19 35.24
CA ARG A 246 -49.04 -36.50 36.67
C ARG A 246 -49.65 -37.87 36.92
N GLY A 261 -41.96 -40.22 34.16
CA GLY A 261 -40.69 -40.62 34.76
C GLY A 261 -39.73 -39.47 34.93
N ALA A 262 -38.86 -39.58 35.93
CA ALA A 262 -37.92 -38.51 36.24
C ALA A 262 -36.77 -38.51 35.23
N ALA A 263 -36.63 -37.40 34.51
CA ALA A 263 -35.60 -37.25 33.49
C ALA A 263 -34.77 -36.01 33.79
N ALA A 264 -33.57 -35.98 33.21
CA ALA A 264 -32.62 -34.90 33.41
C ALA A 264 -32.15 -34.37 32.07
N TYR A 265 -31.92 -33.06 31.99
CA TYR A 265 -31.36 -32.45 30.79
C TYR A 265 -30.29 -31.46 31.18
N TYR A 266 -29.25 -31.37 30.36
CA TYR A 266 -28.10 -30.52 30.63
C TYR A 266 -28.07 -29.36 29.64
N VAL A 267 -27.67 -28.20 30.12
CA VAL A 267 -27.62 -26.98 29.31
C VAL A 267 -26.19 -26.46 29.33
N GLY A 268 -25.62 -26.25 28.16
CA GLY A 268 -24.33 -25.59 28.06
C GLY A 268 -24.45 -24.26 27.36
N TYR A 269 -23.45 -23.42 27.47
CA TYR A 269 -23.43 -22.14 26.79
C TYR A 269 -22.22 -22.08 25.87
N LEU A 270 -22.32 -21.30 24.81
CA LEU A 270 -21.31 -21.26 23.76
C LEU A 270 -20.64 -19.89 23.75
N GLN A 271 -19.34 -19.89 23.51
CA GLN A 271 -18.52 -18.70 23.43
C GLN A 271 -17.76 -18.70 22.11
N PRO A 272 -17.42 -17.52 21.59
CA PRO A 272 -16.58 -17.48 20.39
C PRO A 272 -15.13 -17.77 20.69
N ARG A 273 -14.77 -19.05 20.77
CA ARG A 273 -13.42 -19.47 21.08
C ARG A 273 -12.89 -20.36 19.98
N THR A 274 -11.60 -20.21 19.67
CA THR A 274 -11.01 -20.98 18.58
C THR A 274 -10.61 -22.38 19.03
N PHE A 275 -10.96 -23.37 18.21
CA PHE A 275 -10.51 -24.74 18.43
C PHE A 275 -9.67 -25.21 17.27
N LEU A 276 -8.80 -26.17 17.54
CA LEU A 276 -8.02 -26.87 16.53
C LEU A 276 -8.60 -28.28 16.39
N LEU A 277 -9.16 -28.56 15.22
CA LEU A 277 -9.83 -29.83 14.96
C LEU A 277 -8.92 -30.75 14.15
N LYS A 278 -8.96 -32.05 14.47
CA LYS A 278 -8.22 -33.04 13.70
C LYS A 278 -9.18 -33.89 12.90
N TYR A 279 -9.10 -33.76 11.57
CA TYR A 279 -9.93 -34.53 10.67
C TYR A 279 -9.25 -35.86 10.38
N ASN A 280 -10.04 -36.91 10.23
CA ASN A 280 -9.53 -38.26 10.05
C ASN A 280 -9.68 -38.69 8.59
N GLU A 281 -9.30 -39.95 8.33
CA GLU A 281 -9.46 -40.52 6.99
C GLU A 281 -10.92 -40.78 6.65
N ASN A 282 -11.78 -40.93 7.66
CA ASN A 282 -13.22 -40.96 7.42
C ASN A 282 -13.77 -39.59 7.05
N GLY A 283 -13.00 -38.52 7.23
CA GLY A 283 -13.53 -37.18 7.15
C GLY A 283 -14.26 -36.74 8.39
N THR A 284 -13.87 -37.25 9.55
CA THR A 284 -14.58 -36.99 10.80
C THR A 284 -13.64 -36.39 11.84
N ILE A 285 -14.25 -35.74 12.82
CA ILE A 285 -13.55 -35.20 13.98
C ILE A 285 -13.25 -36.35 14.92
N THR A 286 -12.01 -36.44 15.39
CA THR A 286 -11.66 -37.43 16.40
C THR A 286 -11.42 -36.84 17.77
N ASP A 287 -10.72 -35.71 17.86
CA ASP A 287 -10.63 -34.90 19.06
C ASP A 287 -10.26 -33.47 18.68
N ALA A 288 -10.14 -32.62 19.69
CA ALA A 288 -9.80 -31.22 19.49
C ALA A 288 -9.14 -30.69 20.75
N VAL A 289 -8.66 -29.44 20.68
CA VAL A 289 -8.10 -28.75 21.83
C VAL A 289 -8.76 -27.40 21.99
N ASP A 290 -9.14 -27.07 23.22
CA ASP A 290 -9.70 -25.76 23.53
C ASP A 290 -8.55 -24.81 23.77
N CYS A 291 -8.48 -23.75 22.98
CA CYS A 291 -7.19 -23.10 22.83
C CYS A 291 -6.97 -22.06 23.93
N ALA A 292 -8.01 -21.73 24.70
CA ALA A 292 -7.89 -20.89 25.89
C ALA A 292 -8.12 -21.69 27.16
N LEU A 293 -8.03 -23.02 27.09
CA LEU A 293 -8.30 -23.86 28.26
C LEU A 293 -7.15 -23.81 29.25
N ASP A 294 -5.96 -24.16 28.79
CA ASP A 294 -4.76 -24.23 29.60
C ASP A 294 -3.62 -23.77 28.71
N PRO A 295 -2.51 -23.28 29.29
CA PRO A 295 -1.42 -22.76 28.46
C PRO A 295 -0.74 -23.79 27.57
N LEU A 296 -0.87 -25.08 27.87
CA LEU A 296 -0.34 -26.12 26.99
C LEU A 296 -1.04 -26.12 25.65
N SER A 297 -2.37 -25.93 25.64
CA SER A 297 -3.12 -26.01 24.40
C SER A 297 -2.92 -24.79 23.50
N GLU A 298 -2.41 -23.68 24.05
CA GLU A 298 -1.98 -22.59 23.17
C GLU A 298 -0.79 -23.00 22.31
N THR A 299 0.10 -23.82 22.85
CA THR A 299 1.22 -24.33 22.07
C THR A 299 0.74 -25.29 21.00
N LYS A 300 -0.28 -26.08 21.33
CA LYS A 300 -0.90 -26.95 20.34
C LYS A 300 -1.60 -26.15 19.26
N CYS A 301 -2.13 -24.97 19.60
CA CYS A 301 -2.67 -24.08 18.58
C CYS A 301 -1.57 -23.56 17.67
N THR A 302 -0.52 -23.00 18.26
CA THR A 302 0.51 -22.32 17.49
C THR A 302 1.51 -23.26 16.84
N LEU A 303 1.44 -24.54 17.17
CA LEU A 303 2.34 -25.54 16.62
C LEU A 303 1.65 -26.47 15.65
N LYS A 304 0.31 -26.42 15.58
CA LYS A 304 -0.53 -27.25 14.69
C LYS A 304 -0.27 -28.73 14.88
N SER A 305 -0.16 -29.17 16.13
CA SER A 305 0.07 -30.58 16.42
C SER A 305 -0.47 -30.91 17.79
N PHE A 306 -0.40 -32.19 18.12
CA PHE A 306 -0.95 -32.74 19.37
C PHE A 306 0.12 -33.31 20.27
N THR A 307 1.30 -33.59 19.73
CA THR A 307 2.40 -34.09 20.54
C THR A 307 3.50 -33.04 20.51
N VAL A 308 3.48 -32.15 21.49
CA VAL A 308 4.45 -31.07 21.56
C VAL A 308 5.78 -31.63 22.04
N GLU A 309 6.84 -31.37 21.27
CA GLU A 309 8.18 -31.80 21.61
C GLU A 309 8.69 -31.00 22.81
N LYS A 310 9.67 -31.54 23.52
CA LYS A 310 10.22 -30.88 24.69
C LYS A 310 11.02 -29.63 24.31
N GLY A 311 10.70 -28.52 24.96
CA GLY A 311 11.46 -27.29 24.76
C GLY A 311 10.74 -26.11 25.36
N ILE A 312 11.13 -24.92 24.89
CA ILE A 312 10.48 -23.66 25.22
C ILE A 312 9.81 -23.12 23.96
N TYR A 313 8.55 -22.71 24.08
CA TYR A 313 7.79 -22.29 22.92
C TYR A 313 7.22 -20.91 23.14
N GLN A 314 7.62 -19.98 22.28
CA GLN A 314 7.04 -18.65 22.23
C GLN A 314 5.66 -18.78 21.60
N THR A 315 4.61 -18.59 22.40
CA THR A 315 3.24 -18.79 21.91
C THR A 315 2.59 -17.49 21.48
N SER A 316 2.48 -16.52 22.38
CA SER A 316 1.76 -15.30 22.09
C SER A 316 2.38 -14.15 22.87
N ASN A 317 1.86 -12.96 22.64
CA ASN A 317 2.24 -11.77 23.38
C ASN A 317 1.14 -11.40 24.36
N PHE A 318 1.44 -10.41 25.19
CA PHE A 318 0.41 -9.85 26.05
C PHE A 318 0.74 -8.39 26.29
N ARG A 319 -0.26 -7.64 26.73
CA ARG A 319 -0.08 -6.25 27.10
C ARG A 319 -1.15 -5.88 28.11
N VAL A 320 -0.83 -4.97 29.02
CA VAL A 320 -1.82 -4.46 29.92
C VAL A 320 -2.65 -3.41 29.19
N GLN A 321 -3.95 -3.51 29.31
CA GLN A 321 -4.78 -2.63 28.51
C GLN A 321 -5.05 -1.33 29.27
N PRO A 322 -5.01 -0.19 28.58
CA PRO A 322 -5.19 1.09 29.29
C PRO A 322 -6.62 1.30 29.73
N THR A 323 -6.77 1.83 30.95
CA THR A 323 -8.05 2.14 31.54
C THR A 323 -8.17 3.65 31.75
N GLU A 324 -9.42 4.12 31.76
CA GLU A 324 -9.85 5.49 32.12
C GLU A 324 -9.03 6.57 31.41
N SER A 325 -9.23 6.60 30.09
CA SER A 325 -8.53 7.51 29.19
C SER A 325 -8.73 8.98 29.56
N ILE A 326 -7.64 9.74 29.58
CA ILE A 326 -7.64 11.12 30.04
C ILE A 326 -7.35 12.05 28.88
N VAL A 327 -7.83 13.29 29.01
CA VAL A 327 -7.68 14.34 27.99
C VAL A 327 -7.27 15.62 28.70
N ARG A 328 -6.18 16.23 28.25
CA ARG A 328 -5.76 17.52 28.80
C ARG A 328 -5.71 18.58 27.70
N ASN A 334 -9.83 33.13 25.88
CA ASN A 334 -10.67 34.30 25.64
C ASN A 334 -12.08 33.89 25.26
N LEU A 335 -13.06 34.55 25.86
CA LEU A 335 -14.45 34.28 25.58
C LEU A 335 -14.99 35.29 24.58
N CYS A 336 -15.76 34.80 23.61
CA CYS A 336 -16.27 35.65 22.56
C CYS A 336 -17.34 36.60 23.12
N PRO A 337 -17.41 37.83 22.61
CA PRO A 337 -18.37 38.81 23.14
C PRO A 337 -19.79 38.60 22.61
N PHE A 338 -20.38 37.46 22.98
CA PHE A 338 -21.75 37.17 22.57
C PHE A 338 -22.77 38.00 23.33
N GLY A 339 -22.44 38.43 24.55
CA GLY A 339 -23.34 39.26 25.32
C GLY A 339 -23.54 40.65 24.74
N GLU A 340 -22.57 41.14 23.96
CA GLU A 340 -22.70 42.41 23.27
C GLU A 340 -23.45 42.29 21.94
N VAL A 341 -23.82 41.09 21.54
CA VAL A 341 -24.57 40.86 20.31
C VAL A 341 -26.01 40.53 20.70
N PHE A 342 -26.16 39.63 21.67
CA PHE A 342 -27.48 39.16 22.05
C PHE A 342 -28.11 40.02 23.13
N ASN A 343 -27.42 40.20 24.25
CA ASN A 343 -27.91 41.05 25.33
C ASN A 343 -27.43 42.50 25.18
N ALA A 344 -27.62 43.08 24.01
CA ALA A 344 -27.31 44.49 23.80
C ALA A 344 -28.60 45.30 23.77
N THR A 345 -28.45 46.60 24.06
CA THR A 345 -29.61 47.44 24.30
C THR A 345 -30.31 47.82 23.00
N ARG A 346 -29.61 48.52 22.12
CA ARG A 346 -30.22 49.09 20.92
C ARG A 346 -29.63 48.34 19.73
N PHE A 347 -30.50 47.77 18.90
CA PHE A 347 -30.07 47.17 17.64
C PHE A 347 -30.47 48.08 16.50
N ALA A 348 -30.31 47.59 15.28
CA ALA A 348 -30.44 48.42 14.10
C ALA A 348 -31.61 47.94 13.23
N SER A 349 -32.03 48.82 12.32
CA SER A 349 -33.08 48.48 11.38
C SER A 349 -32.56 47.51 10.32
N VAL A 350 -33.48 46.98 9.51
CA VAL A 350 -33.10 45.94 8.56
C VAL A 350 -32.38 46.53 7.35
N TYR A 351 -32.54 47.82 7.09
CA TYR A 351 -31.71 48.43 6.05
C TYR A 351 -30.36 48.83 6.61
N ALA A 352 -30.29 49.13 7.90
CA ALA A 352 -29.11 49.67 8.56
C ALA A 352 -28.47 48.64 9.50
N TRP A 353 -28.74 47.36 9.23
CA TRP A 353 -28.28 46.21 10.01
C TRP A 353 -26.76 46.22 10.20
N ASN A 354 -26.33 45.64 11.32
CA ASN A 354 -24.95 45.71 11.78
C ASN A 354 -24.23 44.40 11.51
N ARG A 355 -22.91 44.49 11.39
CA ARG A 355 -22.03 43.33 11.45
C ARG A 355 -21.14 43.41 12.68
N LYS A 356 -20.82 42.25 13.22
CA LYS A 356 -19.67 42.11 14.11
C LYS A 356 -18.80 40.98 13.58
N ARG A 357 -17.55 41.29 13.30
CA ARG A 357 -16.57 40.26 12.99
C ARG A 357 -16.04 39.74 14.33
N ILE A 358 -16.05 38.42 14.50
CA ILE A 358 -15.60 37.79 15.74
C ILE A 358 -14.53 36.78 15.38
N SER A 359 -13.34 36.95 15.93
CA SER A 359 -12.27 35.99 15.71
C SER A 359 -11.32 36.01 16.91
N ASN A 360 -10.58 34.90 17.06
CA ASN A 360 -9.61 34.63 18.13
C ASN A 360 -10.28 34.75 19.51
N CYS A 361 -11.19 33.81 19.75
CA CYS A 361 -11.72 33.59 21.08
C CYS A 361 -12.10 32.13 21.19
N VAL A 362 -12.76 31.79 22.29
CA VAL A 362 -13.30 30.45 22.51
C VAL A 362 -14.80 30.60 22.67
N ALA A 363 -15.55 29.93 21.80
CA ALA A 363 -16.97 30.19 21.62
C ALA A 363 -17.79 29.08 22.27
N ASP A 364 -18.72 29.47 23.13
CA ASP A 364 -19.59 28.55 23.84
C ASP A 364 -20.98 28.66 23.24
N TYR A 365 -21.34 27.69 22.41
CA TYR A 365 -22.66 27.57 21.81
C TYR A 365 -23.63 26.78 22.65
N SER A 366 -23.16 26.13 23.73
CA SER A 366 -24.09 25.42 24.60
C SER A 366 -24.96 26.38 25.40
N VAL A 367 -24.43 27.57 25.71
CA VAL A 367 -25.27 28.62 26.28
C VAL A 367 -26.26 29.15 25.26
N LEU A 368 -25.86 29.29 23.99
CA LEU A 368 -26.76 29.71 22.93
C LEU A 368 -27.92 28.73 22.74
N TYR A 369 -27.62 27.44 22.77
CA TYR A 369 -28.65 26.45 22.53
C TYR A 369 -29.59 26.28 23.73
N ASN A 370 -29.09 26.48 24.94
CA ASN A 370 -29.88 26.25 26.14
C ASN A 370 -30.55 27.55 26.61
N SER A 371 -31.48 28.04 25.79
CA SER A 371 -32.26 29.22 26.15
C SER A 371 -33.68 29.05 25.63
N ALA A 372 -34.65 29.22 26.51
CA ALA A 372 -36.05 29.06 26.13
C ALA A 372 -36.62 30.30 25.45
N SER A 373 -35.86 31.40 25.40
CA SER A 373 -36.37 32.63 24.80
C SER A 373 -36.45 32.54 23.29
N PHE A 374 -35.55 31.77 22.66
CA PHE A 374 -35.44 31.74 21.20
C PHE A 374 -36.63 30.99 20.62
N SER A 375 -37.65 31.74 20.20
CA SER A 375 -38.81 31.15 19.55
C SER A 375 -38.46 30.57 18.19
N THR A 376 -37.51 31.17 17.49
CA THR A 376 -37.02 30.66 16.23
C THR A 376 -35.59 30.16 16.42
N PHE A 377 -35.35 28.90 16.05
CA PHE A 377 -34.01 28.33 16.01
C PHE A 377 -33.95 27.48 14.75
N LYS A 378 -33.13 27.89 13.79
CA LYS A 378 -32.95 27.18 12.54
C LYS A 378 -31.58 27.52 11.96
N CYS A 379 -30.88 26.50 11.44
CA CYS A 379 -29.80 26.76 10.50
C CYS A 379 -29.47 25.57 9.61
N TYR A 380 -28.58 25.86 8.66
CA TYR A 380 -28.39 25.09 7.44
C TYR A 380 -26.89 24.97 7.21
N GLY A 381 -26.43 23.77 6.90
CA GLY A 381 -25.03 23.49 6.73
C GLY A 381 -24.32 23.01 7.96
N VAL A 382 -24.88 23.27 9.15
CA VAL A 382 -24.32 22.81 10.41
C VAL A 382 -25.44 22.23 11.28
N SER A 383 -25.03 21.45 12.27
CA SER A 383 -25.85 20.87 13.31
C SER A 383 -25.89 21.80 14.52
N PRO A 384 -27.05 21.98 15.15
CA PRO A 384 -27.12 22.90 16.30
C PRO A 384 -26.43 22.36 17.54
N THR A 385 -26.48 21.04 17.76
CA THR A 385 -25.80 20.46 18.93
C THR A 385 -24.30 20.34 18.72
N LYS A 386 -23.87 20.08 17.49
CA LYS A 386 -22.47 19.78 17.21
C LYS A 386 -21.70 21.00 16.73
N LEU A 387 -22.18 22.20 17.00
CA LEU A 387 -21.45 23.41 16.61
C LEU A 387 -20.20 23.61 17.46
N ASN A 388 -20.18 23.13 18.70
CA ASN A 388 -19.06 23.32 19.61
C ASN A 388 -17.83 22.51 19.24
N ASP A 389 -17.91 21.64 18.24
CA ASP A 389 -16.77 20.82 17.84
C ASP A 389 -16.18 21.28 16.52
N LEU A 390 -16.93 22.03 15.72
CA LEU A 390 -16.49 22.51 14.41
C LEU A 390 -15.67 23.78 14.56
N CYS A 391 -14.48 23.80 13.96
CA CYS A 391 -13.58 24.94 14.11
C CYS A 391 -13.47 25.70 12.80
N PHE A 392 -13.97 26.94 12.81
CA PHE A 392 -14.12 27.78 11.62
C PHE A 392 -13.29 29.04 11.82
N THR A 393 -12.98 29.72 10.71
CA THR A 393 -12.01 30.82 10.77
C THR A 393 -12.65 32.20 10.87
N ASN A 394 -13.96 32.33 10.71
CA ASN A 394 -14.58 33.65 10.79
C ASN A 394 -16.01 33.55 11.29
N VAL A 395 -16.34 34.42 12.23
CA VAL A 395 -17.70 34.57 12.73
C VAL A 395 -18.18 35.96 12.34
N TYR A 396 -19.32 36.01 11.67
CA TYR A 396 -20.06 37.26 11.53
C TYR A 396 -21.39 37.12 12.25
N ALA A 397 -21.72 38.08 13.09
CA ALA A 397 -22.97 38.10 13.83
C ALA A 397 -23.72 39.37 13.43
N ASP A 398 -24.89 39.20 12.83
CA ASP A 398 -25.68 40.30 12.31
C ASP A 398 -26.97 40.42 13.12
N SER A 399 -27.18 41.58 13.74
CA SER A 399 -28.32 41.80 14.62
C SER A 399 -29.22 42.88 14.03
N PHE A 400 -30.52 42.59 13.98
CA PHE A 400 -31.53 43.52 13.46
C PHE A 400 -32.89 43.09 13.99
N VAL A 401 -33.89 43.94 13.77
CA VAL A 401 -35.25 43.70 14.23
C VAL A 401 -36.19 43.81 13.04
N ILE A 402 -37.00 42.78 12.82
CA ILE A 402 -38.02 42.76 11.78
C ILE A 402 -39.35 42.35 12.40
N ARG A 403 -40.37 42.20 11.54
CA ARG A 403 -41.70 41.87 12.01
C ARG A 403 -41.77 40.34 12.17
N GLY A 404 -42.84 39.85 12.81
CA GLY A 404 -42.95 38.43 13.11
C GLY A 404 -43.06 37.53 11.89
N ASP A 405 -43.76 37.99 10.85
CA ASP A 405 -43.95 37.16 9.67
C ASP A 405 -42.78 37.21 8.69
N GLU A 406 -41.92 38.22 8.78
CA GLU A 406 -40.76 38.33 7.90
C GLU A 406 -39.58 37.50 8.36
N VAL A 407 -39.71 36.79 9.48
CA VAL A 407 -38.67 35.91 9.98
C VAL A 407 -38.45 34.74 9.03
N ARG A 408 -39.50 34.32 8.29
CA ARG A 408 -39.33 33.30 7.26
C ARG A 408 -38.40 33.77 6.14
N GLN A 409 -38.39 35.08 5.85
CA GLN A 409 -37.59 35.60 4.76
C GLN A 409 -36.09 35.58 5.05
N ILE A 410 -35.68 35.41 6.30
CA ILE A 410 -34.26 35.30 6.63
C ILE A 410 -33.91 33.83 6.60
N ALA A 411 -33.62 33.34 5.40
CA ALA A 411 -33.26 31.96 5.10
C ALA A 411 -32.67 31.94 3.68
N PRO A 412 -32.03 30.84 3.27
CA PRO A 412 -31.65 30.73 1.86
C PRO A 412 -32.87 30.60 0.95
N GLY A 413 -32.77 31.22 -0.23
CA GLY A 413 -33.78 31.12 -1.25
C GLY A 413 -35.15 31.69 -0.92
N GLN A 414 -35.19 32.90 -0.37
CA GLN A 414 -36.44 33.51 0.06
C GLN A 414 -36.80 34.69 -0.83
N THR A 415 -38.10 34.96 -0.89
CA THR A 415 -38.64 36.13 -1.56
C THR A 415 -39.52 36.92 -0.59
N GLY A 416 -39.76 38.16 -0.94
CA GLY A 416 -40.41 39.12 -0.06
C GLY A 416 -39.59 40.39 0.07
N LYS A 417 -40.27 41.42 0.60
CA LYS A 417 -39.71 42.78 0.61
C LYS A 417 -38.44 42.87 1.45
N ILE A 418 -38.46 42.25 2.63
CA ILE A 418 -37.28 42.19 3.47
C ILE A 418 -36.22 41.29 2.84
N ALA A 419 -36.66 40.20 2.19
CA ALA A 419 -35.72 39.30 1.53
C ALA A 419 -35.15 39.92 0.26
N ASP A 420 -35.98 40.59 -0.55
CA ASP A 420 -35.52 41.05 -1.84
C ASP A 420 -34.96 42.47 -1.82
N TYR A 421 -35.13 43.22 -0.73
CA TYR A 421 -34.68 44.61 -0.70
C TYR A 421 -33.93 44.99 0.57
N ASN A 422 -34.04 44.23 1.66
CA ASN A 422 -33.45 44.66 2.93
C ASN A 422 -32.42 43.69 3.49
N TYR A 423 -32.72 42.40 3.52
CA TYR A 423 -31.78 41.40 4.02
C TYR A 423 -31.93 40.14 3.17
N LYS A 424 -30.95 39.89 2.32
CA LYS A 424 -30.95 38.74 1.42
C LYS A 424 -29.90 37.74 1.88
N LEU A 425 -30.30 36.49 2.02
CA LEU A 425 -29.31 35.50 2.40
C LEU A 425 -28.88 34.68 1.20
N PRO A 426 -27.61 34.25 1.14
CA PRO A 426 -27.15 33.45 0.01
C PRO A 426 -27.80 32.08 -0.02
N ASP A 427 -27.85 31.53 -1.24
CA ASP A 427 -28.52 30.25 -1.47
C ASP A 427 -27.73 29.08 -0.86
N ASP A 428 -26.42 29.27 -0.71
CA ASP A 428 -25.52 28.26 -0.17
C ASP A 428 -25.21 28.53 1.30
N PHE A 429 -26.22 28.94 2.07
CA PHE A 429 -26.01 29.56 3.37
C PHE A 429 -25.48 28.58 4.40
N THR A 430 -24.34 28.94 5.01
CA THR A 430 -23.78 28.24 6.17
C THR A 430 -23.67 29.27 7.29
N GLY A 431 -24.64 29.25 8.18
CA GLY A 431 -24.69 30.21 9.27
C GLY A 431 -26.05 30.11 9.95
N CYS A 432 -26.14 30.68 11.15
CA CYS A 432 -27.33 30.41 11.94
C CYS A 432 -28.12 31.66 12.27
N VAL A 433 -29.42 31.58 11.97
CA VAL A 433 -30.39 32.65 12.13
C VAL A 433 -31.30 32.26 13.28
N ILE A 434 -31.23 33.01 14.38
CA ILE A 434 -32.13 32.76 15.51
C ILE A 434 -32.82 34.06 15.88
N ALA A 435 -33.98 33.92 16.52
CA ALA A 435 -34.84 35.07 16.75
C ALA A 435 -35.71 34.88 17.98
N TRP A 436 -36.20 35.99 18.51
CA TRP A 436 -37.11 36.02 19.65
C TRP A 436 -37.83 37.35 19.66
N ASN A 437 -38.85 37.47 20.50
CA ASN A 437 -39.72 38.63 20.48
C ASN A 437 -39.12 39.79 21.28
N SER A 438 -39.59 40.99 20.97
CA SER A 438 -39.20 42.21 21.70
C SER A 438 -40.40 43.13 21.88
N ASN A 439 -41.55 42.59 22.27
CA ASN A 439 -42.72 43.43 22.51
C ASN A 439 -42.57 44.28 23.76
N ASN A 440 -41.64 43.93 24.65
CA ASN A 440 -41.37 44.73 25.84
C ASN A 440 -40.30 45.78 25.54
N LEU A 441 -39.57 45.63 24.44
CA LEU A 441 -38.39 46.46 24.19
C LEU A 441 -38.42 47.26 22.89
N ASP A 442 -39.23 46.89 21.90
CA ASP A 442 -39.22 47.58 20.63
C ASP A 442 -40.60 48.08 20.20
N SER A 443 -41.57 48.08 21.10
CA SER A 443 -42.90 48.58 20.81
C SER A 443 -43.31 49.59 21.87
N LYS A 444 -44.08 50.61 21.47
CA LYS A 444 -44.51 51.64 22.39
C LYS A 444 -45.85 52.20 21.95
N VAL A 445 -46.53 52.83 22.91
CA VAL A 445 -47.85 53.40 22.65
C VAL A 445 -47.70 54.67 21.84
N GLY A 446 -48.40 54.74 20.71
CA GLY A 446 -48.19 55.77 19.72
C GLY A 446 -47.37 55.32 18.54
N GLY A 447 -46.94 54.06 18.52
CA GLY A 447 -46.15 53.52 17.43
C GLY A 447 -44.67 53.75 17.60
N ASN A 448 -43.87 52.70 17.54
CA ASN A 448 -42.41 52.82 17.57
C ASN A 448 -41.95 53.02 16.14
N TYR A 449 -41.61 54.26 15.80
CA TYR A 449 -41.24 54.65 14.45
C TYR A 449 -39.73 54.67 14.24
N ASN A 450 -38.96 54.19 15.21
CA ASN A 450 -37.50 54.18 15.08
C ASN A 450 -36.98 53.05 14.22
N TYR A 451 -37.85 52.14 13.76
CA TYR A 451 -37.40 51.00 12.96
C TYR A 451 -38.09 51.03 11.61
N LEU A 452 -37.29 50.88 10.55
CA LEU A 452 -37.74 51.10 9.18
C LEU A 452 -37.46 49.88 8.32
N TYR A 453 -37.78 50.00 7.03
CA TYR A 453 -37.48 49.00 6.02
C TYR A 453 -37.49 49.68 4.66
N ARG A 454 -36.81 49.08 3.69
CA ARG A 454 -36.80 49.62 2.34
C ARG A 454 -38.00 49.11 1.56
N LEU A 455 -38.80 50.03 1.03
CA LEU A 455 -39.99 49.69 0.25
C LEU A 455 -39.73 49.74 -1.25
N PHE A 456 -39.02 50.75 -1.74
CA PHE A 456 -38.85 50.98 -3.16
C PHE A 456 -37.38 50.78 -3.54
N ARG A 457 -37.16 50.03 -4.61
CA ARG A 457 -35.84 49.81 -5.19
C ARG A 457 -36.02 49.32 -6.62
N LYS A 458 -35.22 49.85 -7.54
CA LYS A 458 -35.33 49.49 -8.94
C LYS A 458 -34.77 48.10 -9.24
N SER A 459 -33.91 47.58 -8.37
CA SER A 459 -33.28 46.28 -8.59
C SER A 459 -33.38 45.45 -7.31
N ASN A 460 -33.36 44.14 -7.48
CA ASN A 460 -33.36 43.26 -6.32
C ASN A 460 -31.98 43.27 -5.65
N LEU A 461 -31.97 42.80 -4.40
CA LEU A 461 -30.80 42.90 -3.54
C LEU A 461 -29.95 41.64 -3.64
N LYS A 462 -28.64 41.83 -3.68
CA LYS A 462 -27.71 40.71 -3.64
C LYS A 462 -27.51 40.27 -2.20
N PRO A 463 -27.21 38.99 -1.97
CA PRO A 463 -26.79 38.57 -0.63
C PRO A 463 -25.39 39.08 -0.32
N PHE A 464 -25.22 39.52 0.93
CA PHE A 464 -23.98 40.10 1.47
C PHE A 464 -23.51 41.33 0.69
N GLU A 465 -24.43 42.01 0.01
CA GLU A 465 -24.16 43.30 -0.65
C GLU A 465 -25.38 44.17 -0.40
N ARG A 466 -25.35 44.91 0.70
CA ARG A 466 -26.51 45.65 1.18
C ARG A 466 -26.19 47.13 1.30
N ASP A 467 -27.14 47.95 0.89
CA ASP A 467 -26.95 49.39 0.73
C ASP A 467 -27.65 50.17 1.84
N ILE A 468 -27.29 51.44 1.93
CA ILE A 468 -27.73 52.35 2.99
C ILE A 468 -28.43 53.58 2.41
N SER A 469 -28.73 53.56 1.12
CA SER A 469 -29.05 54.77 0.35
C SER A 469 -30.37 55.41 0.79
N THR A 470 -30.38 56.75 0.72
CA THR A 470 -31.50 57.57 1.18
C THR A 470 -32.26 58.21 0.02
N GLU A 471 -31.68 58.20 -1.19
CA GLU A 471 -32.21 58.94 -2.33
C GLU A 471 -33.57 58.42 -2.76
N ILE A 472 -34.49 59.37 -3.02
CA ILE A 472 -35.89 59.03 -3.23
C ILE A 472 -36.07 58.34 -4.59
N TYR A 473 -37.11 57.51 -4.65
CA TYR A 473 -37.37 56.67 -5.80
C TYR A 473 -38.22 57.43 -6.81
N GLN A 474 -37.84 57.36 -8.08
CA GLN A 474 -38.62 57.94 -9.18
C GLN A 474 -39.62 56.89 -9.66
N ALA A 475 -40.88 57.09 -9.31
CA ALA A 475 -41.94 56.16 -9.68
C ALA A 475 -42.67 56.56 -10.95
N GLY A 476 -42.18 57.57 -11.68
CA GLY A 476 -42.74 57.95 -12.95
C GLY A 476 -41.67 58.05 -14.02
N SER A 477 -41.94 58.82 -15.08
CA SER A 477 -40.92 59.10 -16.07
C SER A 477 -40.26 60.46 -15.86
N THR A 478 -40.87 61.33 -15.07
CA THR A 478 -40.28 62.63 -14.77
C THR A 478 -39.27 62.48 -13.63
N PRO A 479 -38.03 62.92 -13.83
CA PRO A 479 -37.02 62.80 -12.77
C PRO A 479 -37.33 63.67 -11.56
N CYS A 480 -36.92 63.19 -10.39
CA CYS A 480 -37.35 63.77 -9.12
C CYS A 480 -36.60 65.07 -8.79
N ASN A 481 -35.31 65.13 -9.15
CA ASN A 481 -34.37 66.18 -8.74
C ASN A 481 -34.33 66.31 -7.21
N GLY A 482 -34.37 65.17 -6.53
CA GLY A 482 -34.20 65.11 -5.09
C GLY A 482 -35.33 65.70 -4.27
N VAL A 483 -36.49 65.94 -4.86
CA VAL A 483 -37.61 66.58 -4.16
C VAL A 483 -38.76 65.59 -4.04
N GLU A 484 -39.17 65.31 -2.81
CA GLU A 484 -40.23 64.36 -2.54
C GLU A 484 -41.58 64.93 -2.97
N GLY A 485 -42.46 64.05 -3.45
CA GLY A 485 -43.78 64.46 -3.87
C GLY A 485 -44.55 63.34 -4.55
N PHE A 486 -45.45 63.71 -5.45
CA PHE A 486 -46.19 62.72 -6.23
C PHE A 486 -45.24 61.98 -7.17
N ASN A 487 -45.26 60.65 -7.08
CA ASN A 487 -44.39 59.73 -7.82
C ASN A 487 -42.90 59.99 -7.60
N CYS A 488 -42.56 60.56 -6.44
CA CYS A 488 -41.17 60.73 -5.98
C CYS A 488 -41.19 60.35 -4.51
N TYR A 489 -41.00 59.07 -4.23
CA TYR A 489 -41.27 58.50 -2.92
C TYR A 489 -39.98 58.30 -2.14
N PHE A 490 -40.02 58.66 -0.87
CA PHE A 490 -38.97 58.30 0.06
C PHE A 490 -38.93 56.77 0.16
N PRO A 491 -37.78 56.13 -0.10
CA PRO A 491 -37.78 54.66 -0.24
C PRO A 491 -38.00 53.92 1.06
N LEU A 492 -37.60 54.48 2.19
CA LEU A 492 -37.74 53.82 3.47
C LEU A 492 -39.13 54.11 4.03
N GLN A 493 -39.67 53.14 4.76
CA GLN A 493 -41.00 53.26 5.36
C GLN A 493 -40.93 52.69 6.77
N SER A 494 -41.68 53.30 7.69
CA SER A 494 -41.59 52.88 9.08
C SER A 494 -42.42 51.64 9.37
N TYR A 495 -41.92 50.83 10.30
CA TYR A 495 -42.74 49.78 10.89
C TYR A 495 -43.90 50.37 11.68
N GLY A 496 -43.61 51.30 12.59
CA GLY A 496 -44.61 51.80 13.50
C GLY A 496 -45.08 50.72 14.46
N PHE A 497 -44.19 50.25 15.31
CA PHE A 497 -44.49 49.09 16.16
C PHE A 497 -45.43 49.48 17.29
N GLN A 498 -46.53 48.75 17.40
CA GLN A 498 -47.59 48.97 18.36
C GLN A 498 -47.70 47.74 19.23
N PRO A 499 -47.76 47.87 20.56
CA PRO A 499 -47.92 46.67 21.41
C PRO A 499 -49.27 45.98 21.25
N THR A 500 -50.26 46.65 20.65
CA THR A 500 -51.62 46.13 20.58
C THR A 500 -51.77 45.01 19.56
N ASN A 501 -50.99 45.03 18.47
CA ASN A 501 -51.24 44.15 17.33
C ASN A 501 -50.88 42.70 17.64
N GLY A 502 -51.20 41.81 16.71
CA GLY A 502 -51.01 40.38 16.90
C GLY A 502 -49.55 39.97 16.80
N VAL A 503 -49.34 38.66 16.98
CA VAL A 503 -47.98 38.11 17.08
C VAL A 503 -47.25 38.22 15.75
N GLY A 504 -47.98 38.08 14.64
CA GLY A 504 -47.37 38.26 13.32
C GLY A 504 -46.96 39.68 13.02
N TYR A 505 -47.56 40.66 13.70
CA TYR A 505 -47.17 42.06 13.55
C TYR A 505 -46.31 42.57 14.70
N GLN A 506 -45.86 41.69 15.59
CA GLN A 506 -45.04 42.06 16.72
C GLN A 506 -43.57 42.25 16.32
N PRO A 507 -42.81 43.06 17.04
CA PRO A 507 -41.37 43.14 16.80
C PRO A 507 -40.66 41.87 17.21
N TYR A 508 -39.62 41.52 16.47
CA TYR A 508 -38.80 40.34 16.73
C TYR A 508 -37.33 40.66 16.56
N ARG A 509 -36.53 40.35 17.58
CA ARG A 509 -35.09 40.53 17.56
C ARG A 509 -34.42 39.34 16.90
N VAL A 510 -33.74 39.58 15.77
CA VAL A 510 -33.17 38.53 14.95
C VAL A 510 -31.65 38.70 14.93
N VAL A 511 -30.93 37.62 15.25
CA VAL A 511 -29.48 37.60 15.21
C VAL A 511 -29.03 36.51 14.26
N VAL A 512 -28.19 36.87 13.29
CA VAL A 512 -27.76 35.97 12.23
C VAL A 512 -26.27 35.70 12.37
N LEU A 513 -25.93 34.44 12.66
CA LEU A 513 -24.55 34.00 12.69
C LEU A 513 -24.11 33.64 11.28
N SER A 514 -22.82 33.81 10.99
CA SER A 514 -22.26 33.51 9.68
C SER A 514 -20.87 32.88 9.82
N PHE A 515 -20.54 32.01 8.87
CA PHE A 515 -19.30 31.23 8.91
C PHE A 515 -18.94 30.87 7.48
N GLU A 516 -17.66 30.95 7.09
CA GLU A 516 -17.39 30.28 5.83
C GLU A 516 -16.36 29.12 5.86
N LEU A 517 -15.04 29.39 5.80
CA LEU A 517 -13.88 28.51 5.98
C LEU A 517 -12.64 29.28 5.54
N LEU A 518 -11.45 28.83 5.91
CA LEU A 518 -10.27 28.84 5.05
C LEU A 518 -9.67 30.21 4.73
N HIS A 519 -10.36 31.30 5.06
CA HIS A 519 -9.91 32.64 4.67
C HIS A 519 -8.69 33.06 5.49
N ALA A 520 -8.51 32.47 6.66
CA ALA A 520 -7.36 32.63 7.53
C ALA A 520 -7.14 31.29 8.22
N PRO A 521 -6.03 31.08 8.94
CA PRO A 521 -6.00 29.98 9.90
C PRO A 521 -7.08 30.12 10.96
N ALA A 522 -7.65 28.99 11.35
CA ALA A 522 -8.83 28.97 12.20
C ALA A 522 -8.51 29.44 13.61
N THR A 523 -9.47 30.13 14.22
CA THR A 523 -9.22 30.79 15.50
C THR A 523 -10.26 30.46 16.55
N VAL A 524 -11.51 30.23 16.13
CA VAL A 524 -12.65 30.15 17.04
C VAL A 524 -13.32 28.78 16.92
N CYS A 525 -13.52 28.14 18.06
CA CYS A 525 -14.41 26.99 18.30
C CYS A 525 -14.52 26.75 19.79
N GLY A 526 -15.15 25.63 20.14
CA GLY A 526 -15.55 25.35 21.50
C GLY A 526 -14.39 25.06 22.41
N PRO A 527 -14.64 25.05 23.71
CA PRO A 527 -13.56 24.84 24.67
C PRO A 527 -13.08 23.40 24.69
N LYS A 528 -11.80 23.25 25.00
CA LYS A 528 -11.21 21.94 25.21
C LYS A 528 -11.75 21.36 26.51
N LYS A 529 -12.13 20.08 26.46
CA LYS A 529 -12.70 19.41 27.62
C LYS A 529 -11.58 18.67 28.32
N SER A 530 -10.99 19.29 29.33
CA SER A 530 -9.87 18.71 30.05
C SER A 530 -10.34 18.14 31.39
N THR A 531 -9.73 17.02 31.76
CA THR A 531 -10.03 16.31 32.99
C THR A 531 -8.80 16.31 33.89
N ASN A 532 -8.87 15.55 34.98
CA ASN A 532 -7.70 15.37 35.81
C ASN A 532 -6.86 14.18 35.33
N LEU A 533 -5.57 14.24 35.61
CA LEU A 533 -4.64 13.21 35.21
C LEU A 533 -4.43 12.22 36.35
N VAL A 534 -3.73 11.13 36.04
CA VAL A 534 -3.41 10.10 37.01
C VAL A 534 -1.91 9.85 36.97
N LYS A 535 -1.43 9.09 37.96
CA LYS A 535 -0.03 8.72 38.07
C LYS A 535 0.11 7.21 38.08
N ASN A 536 1.20 6.74 37.47
CA ASN A 536 1.75 5.40 37.68
C ASN A 536 0.79 4.28 37.25
N LYS A 537 0.07 4.50 36.15
CA LYS A 537 -0.81 3.49 35.60
C LYS A 537 -0.97 3.69 34.10
N CYS A 538 -1.19 2.60 33.37
CA CYS A 538 -1.31 2.67 31.92
C CYS A 538 -2.63 3.32 31.54
N VAL A 539 -2.55 4.47 30.89
CA VAL A 539 -3.70 5.31 30.61
C VAL A 539 -3.59 5.86 29.19
N ASN A 540 -4.72 5.91 28.49
CA ASN A 540 -4.75 6.30 27.08
C ASN A 540 -4.94 7.82 27.00
N PHE A 541 -3.84 8.56 27.07
CA PHE A 541 -3.90 10.01 27.13
C PHE A 541 -4.09 10.59 25.74
N ASN A 542 -4.99 11.56 25.63
CA ASN A 542 -5.10 12.45 24.47
C ASN A 542 -4.63 13.79 24.98
N PHE A 543 -3.43 14.17 24.60
CA PHE A 543 -2.72 15.24 25.27
C PHE A 543 -2.55 16.36 24.24
N ASN A 544 -3.59 17.22 24.16
CA ASN A 544 -3.79 18.39 23.28
C ASN A 544 -3.20 18.24 21.87
N GLY A 545 -3.38 17.05 21.30
CA GLY A 545 -2.82 16.74 20.00
C GLY A 545 -2.02 15.45 20.02
N LEU A 546 -1.29 15.21 21.10
CA LEU A 546 -0.46 14.03 21.25
C LEU A 546 -1.30 12.92 21.88
N THR A 547 -1.46 11.82 21.16
CA THR A 547 -2.26 10.70 21.66
C THR A 547 -1.38 9.46 21.70
N GLY A 548 -1.14 8.97 22.92
CA GLY A 548 -0.40 7.74 23.11
C GLY A 548 -0.94 6.96 24.30
N THR A 549 -0.23 5.89 24.64
CA THR A 549 -0.52 5.10 25.83
C THR A 549 0.75 4.96 26.66
N GLY A 550 0.56 4.80 27.97
CA GLY A 550 1.69 4.55 28.84
C GLY A 550 1.41 5.05 30.23
N VAL A 551 2.35 4.76 31.12
CA VAL A 551 2.26 5.24 32.49
C VAL A 551 2.76 6.67 32.54
N LEU A 552 2.24 7.44 33.49
CA LEU A 552 2.61 8.84 33.66
C LEU A 552 3.27 8.99 35.02
N THR A 553 4.49 9.52 35.02
CA THR A 553 5.30 9.58 36.21
C THR A 553 5.92 10.97 36.31
N GLU A 554 6.07 11.45 37.55
CA GLU A 554 6.78 12.69 37.84
C GLU A 554 8.21 12.63 37.30
N SER A 555 8.57 13.57 36.44
CA SER A 555 9.84 13.48 35.74
C SER A 555 10.83 14.50 36.26
N ASN A 556 12.10 14.12 36.24
CA ASN A 556 13.18 14.93 36.80
C ASN A 556 13.79 15.91 35.80
N LYS A 557 13.58 15.69 34.50
CA LYS A 557 14.18 16.56 33.50
C LYS A 557 13.47 17.90 33.46
N LYS A 558 14.24 18.95 33.23
CA LYS A 558 13.72 20.32 33.24
C LYS A 558 13.65 20.83 31.81
N PHE A 559 12.49 21.37 31.45
CA PHE A 559 12.25 21.90 30.12
C PHE A 559 12.71 23.35 30.05
N LEU A 560 12.48 23.99 28.93
CA LEU A 560 12.50 25.42 28.73
C LEU A 560 11.06 25.91 28.76
N PRO A 561 10.79 27.15 29.21
CA PRO A 561 9.40 27.55 29.51
C PRO A 561 8.48 27.63 28.30
N PHE A 562 9.01 27.63 27.08
CA PHE A 562 8.16 27.53 25.90
C PHE A 562 8.01 26.10 25.40
N GLN A 563 8.95 25.21 25.73
CA GLN A 563 8.97 23.84 25.21
C GLN A 563 7.80 23.05 25.77
N GLN A 564 7.22 22.20 24.93
CA GLN A 564 5.98 21.53 25.32
C GLN A 564 6.18 20.05 25.58
N PHE A 565 6.75 19.32 24.63
CA PHE A 565 6.99 17.91 24.84
C PHE A 565 8.40 17.56 24.41
N GLY A 566 8.92 16.47 24.94
CA GLY A 566 10.27 16.03 24.67
C GLY A 566 10.27 14.79 23.79
N ARG A 567 11.45 14.49 23.27
CA ARG A 567 11.72 13.22 22.62
C ARG A 567 13.22 13.00 22.67
N ASP A 568 13.64 11.74 22.56
CA ASP A 568 15.05 11.42 22.58
C ASP A 568 15.54 10.88 21.25
N ILE A 569 14.92 9.82 20.71
CA ILE A 569 15.30 9.22 19.44
C ILE A 569 14.03 8.80 18.74
N ALA A 570 13.82 9.31 17.52
CA ALA A 570 12.82 8.83 16.57
C ALA A 570 11.40 8.99 17.08
N ASP A 571 11.04 10.24 17.42
CA ASP A 571 9.70 10.66 17.84
C ASP A 571 9.20 9.94 19.08
N THR A 572 10.07 9.29 19.85
CA THR A 572 9.66 8.63 21.07
C THR A 572 9.41 9.72 22.10
N THR A 573 8.15 10.13 22.20
CA THR A 573 7.75 11.25 23.03
C THR A 573 7.82 10.82 24.49
N ASP A 574 9.00 10.95 25.09
CA ASP A 574 9.22 10.44 26.43
C ASP A 574 8.62 11.33 27.49
N ALA A 575 8.51 12.63 27.25
CA ALA A 575 8.08 13.55 28.29
C ALA A 575 7.14 14.59 27.70
N VAL A 576 6.14 14.97 28.48
CA VAL A 576 5.18 16.00 28.11
C VAL A 576 4.98 16.95 29.28
N ARG A 577 4.53 18.16 28.98
CA ARG A 577 4.28 19.20 29.97
C ARG A 577 2.79 19.52 29.95
N ASP A 578 2.09 19.19 31.06
CA ASP A 578 0.63 19.31 31.03
C ASP A 578 0.19 20.77 31.09
N PRO A 579 -0.76 21.17 30.24
CA PRO A 579 -0.93 22.60 29.94
C PRO A 579 -1.64 23.41 31.02
N GLN A 580 -2.56 22.81 31.76
CA GLN A 580 -3.31 23.56 32.76
C GLN A 580 -2.62 23.57 34.12
N THR A 581 -1.43 22.99 34.22
CA THR A 581 -0.69 22.96 35.47
C THR A 581 0.78 23.34 35.30
N LEU A 582 1.33 23.19 34.09
CA LEU A 582 2.74 23.46 33.75
C LEU A 582 3.70 22.61 34.59
N GLU A 583 3.24 21.43 34.99
CA GLU A 583 4.11 20.41 35.55
C GLU A 583 4.81 19.67 34.42
N ILE A 584 5.80 18.88 34.77
CA ILE A 584 6.50 18.05 33.80
C ILE A 584 6.23 16.59 34.14
N LEU A 585 6.00 15.79 33.11
CA LEU A 585 5.64 14.38 33.28
C LEU A 585 6.57 13.53 32.44
N ASP A 586 6.42 12.22 32.59
CA ASP A 586 7.24 11.25 31.89
C ASP A 586 6.30 10.22 31.28
N ILE A 587 6.65 9.70 30.11
CA ILE A 587 5.85 8.69 29.45
C ILE A 587 6.71 7.46 29.24
N THR A 588 6.36 6.39 29.94
CA THR A 588 6.98 5.09 29.80
C THR A 588 5.89 4.13 29.35
N PRO A 589 6.11 3.33 28.30
CA PRO A 589 5.05 2.44 27.84
C PRO A 589 4.74 1.37 28.86
N CYS A 590 3.46 1.08 29.02
CA CYS A 590 3.07 0.08 29.99
C CYS A 590 3.41 -1.31 29.45
N SER A 591 3.43 -2.27 30.37
CA SER A 591 4.18 -3.51 30.18
C SER A 591 3.61 -4.38 29.07
N PHE A 592 4.50 -4.88 28.23
CA PHE A 592 4.18 -5.82 27.17
C PHE A 592 5.21 -6.94 27.21
N GLY A 593 5.12 -7.83 26.24
CA GLY A 593 6.09 -8.89 26.14
C GLY A 593 5.47 -10.19 25.67
N GLY A 594 6.32 -11.12 25.25
CA GLY A 594 5.84 -12.43 24.87
C GLY A 594 5.69 -13.33 26.06
N VAL A 595 4.70 -14.22 26.01
CA VAL A 595 4.58 -15.30 26.96
C VAL A 595 5.19 -16.53 26.31
N SER A 596 5.75 -17.41 27.13
CA SER A 596 6.41 -18.59 26.59
C SER A 596 6.32 -19.71 27.61
N VAL A 597 6.11 -20.91 27.11
CA VAL A 597 5.85 -22.04 27.97
C VAL A 597 7.14 -22.83 28.16
N ILE A 598 7.12 -23.72 29.14
CA ILE A 598 8.17 -24.69 29.37
C ILE A 598 7.50 -26.05 29.32
N THR A 599 7.72 -26.80 28.25
CA THR A 599 7.09 -28.10 28.26
C THR A 599 8.13 -29.21 28.13
N PRO A 600 8.00 -30.27 28.93
CA PRO A 600 8.92 -31.40 28.85
C PRO A 600 8.54 -32.46 27.82
N GLY A 601 7.64 -32.15 26.89
CA GLY A 601 7.13 -33.14 25.97
C GLY A 601 5.82 -33.68 26.48
N THR A 602 4.86 -33.93 25.58
CA THR A 602 3.57 -34.40 26.04
C THR A 602 3.60 -35.87 26.44
N ASN A 603 4.46 -36.66 25.80
CA ASN A 603 4.56 -38.08 26.15
C ASN A 603 5.30 -38.32 27.45
N THR A 604 5.92 -37.30 28.03
CA THR A 604 6.59 -37.42 29.32
C THR A 604 5.67 -36.97 30.46
N SER A 605 5.11 -35.77 30.35
CA SER A 605 4.21 -35.25 31.37
C SER A 605 3.29 -34.22 30.75
N ASN A 606 2.29 -33.79 31.52
CA ASN A 606 1.35 -32.78 31.06
C ASN A 606 1.51 -31.45 31.75
N GLN A 607 2.31 -31.38 32.83
CA GLN A 607 2.55 -30.12 33.50
C GLN A 607 3.45 -29.24 32.65
N VAL A 608 3.15 -27.93 32.64
CA VAL A 608 3.96 -26.95 31.95
C VAL A 608 4.23 -25.80 32.91
N ALA A 609 5.30 -25.06 32.63
CA ALA A 609 5.56 -23.80 33.28
C ALA A 609 5.39 -22.69 32.25
N VAL A 610 5.18 -21.47 32.72
CA VAL A 610 4.91 -20.34 31.84
C VAL A 610 5.85 -19.20 32.22
N LEU A 611 6.49 -18.59 31.23
CA LEU A 611 7.42 -17.50 31.44
C LEU A 611 6.87 -16.21 30.83
N TYR A 612 6.83 -15.14 31.62
CA TYR A 612 6.37 -13.83 31.16
C TYR A 612 7.58 -12.91 31.03
N GLN A 613 7.88 -12.49 29.80
CA GLN A 613 9.14 -11.84 29.51
C GLN A 613 9.17 -10.40 29.99
N ASP A 614 10.13 -10.10 30.88
CA ASP A 614 10.42 -8.78 31.44
C ASP A 614 9.17 -8.20 32.13
N VAL A 615 8.77 -8.89 33.20
CA VAL A 615 7.67 -8.43 34.04
C VAL A 615 8.10 -8.60 35.50
N ASN A 616 8.05 -7.51 36.26
CA ASN A 616 8.31 -7.52 37.69
C ASN A 616 7.00 -7.94 38.36
N CYS A 617 6.71 -9.24 38.28
CA CYS A 617 5.35 -9.75 38.53
C CYS A 617 5.04 -9.81 40.02
N THR A 618 4.84 -8.62 40.58
CA THR A 618 3.92 -8.51 41.70
C THR A 618 2.49 -8.77 41.26
N GLU A 619 2.18 -8.44 40.02
CA GLU A 619 0.86 -8.60 39.41
C GLU A 619 0.93 -9.72 38.38
N VAL A 620 -0.25 -10.12 37.88
CA VAL A 620 -0.40 -11.21 36.91
C VAL A 620 0.35 -10.99 35.60
N SER A 640 0.51 -19.42 42.66
CA SER A 640 1.30 -20.64 42.57
C SER A 640 2.74 -20.40 43.01
N ASN A 641 3.69 -21.07 42.37
CA ASN A 641 5.10 -20.81 42.62
C ASN A 641 5.63 -19.80 41.62
N VAL A 642 6.24 -18.74 42.13
CA VAL A 642 6.73 -17.62 41.33
C VAL A 642 8.25 -17.59 41.44
N PHE A 643 8.91 -17.25 40.34
CA PHE A 643 10.36 -17.10 40.33
C PHE A 643 10.70 -15.96 39.38
N GLN A 644 11.33 -14.91 39.90
CA GLN A 644 11.69 -13.74 39.12
C GLN A 644 13.15 -13.83 38.72
N THR A 645 13.41 -14.00 37.43
CA THR A 645 14.75 -14.00 36.88
C THR A 645 14.94 -12.76 36.01
N ARG A 646 16.17 -12.60 35.50
CA ARG A 646 16.45 -11.52 34.58
C ARG A 646 15.77 -11.74 33.24
N ALA A 647 15.46 -12.99 32.91
CA ALA A 647 14.81 -13.34 31.65
C ALA A 647 13.30 -13.32 31.75
N GLY A 648 12.74 -12.47 32.59
CA GLY A 648 11.33 -12.50 32.90
C GLY A 648 11.06 -13.36 34.11
N CYS A 649 9.80 -13.42 34.52
CA CYS A 649 9.48 -14.16 35.72
C CYS A 649 8.68 -15.42 35.38
N LEU A 650 9.00 -16.49 36.10
CA LEU A 650 8.60 -17.84 35.76
C LEU A 650 7.49 -18.30 36.69
N ILE A 651 6.38 -18.73 36.12
CA ILE A 651 5.21 -19.18 36.87
C ILE A 651 5.06 -20.69 36.63
N GLY A 652 5.00 -21.46 37.71
CA GLY A 652 4.76 -22.88 37.61
C GLY A 652 5.98 -23.76 37.69
N ALA A 653 7.14 -23.22 38.05
CA ALA A 653 8.35 -24.01 38.16
C ALA A 653 8.95 -23.88 39.55
N GLU A 654 9.47 -24.98 40.04
CA GLU A 654 9.99 -25.08 41.40
C GLU A 654 11.45 -24.64 41.45
N HIS A 655 11.75 -23.66 42.29
CA HIS A 655 13.13 -23.26 42.51
C HIS A 655 13.83 -24.31 43.36
N VAL A 656 15.07 -24.64 43.00
CA VAL A 656 15.90 -25.57 43.77
C VAL A 656 17.26 -24.94 43.96
N ASN A 657 18.11 -25.58 44.77
CA ASN A 657 19.41 -25.01 45.09
C ASN A 657 20.53 -25.67 44.31
N ASN A 658 20.54 -27.00 44.26
CA ASN A 658 21.62 -27.70 43.59
C ASN A 658 21.51 -27.52 42.07
N SER A 659 22.65 -27.61 41.41
CA SER A 659 22.75 -27.30 39.99
C SER A 659 22.93 -28.56 39.17
N TYR A 660 22.54 -28.48 37.91
CA TYR A 660 22.57 -29.62 37.00
C TYR A 660 23.03 -29.13 35.64
N GLU A 661 23.52 -30.06 34.82
CA GLU A 661 23.69 -29.76 33.40
C GLU A 661 22.31 -29.83 32.77
N CYS A 662 21.82 -28.69 32.31
CA CYS A 662 20.41 -28.58 32.01
C CYS A 662 20.11 -28.71 30.53
N ASP A 663 18.82 -28.73 30.22
CA ASP A 663 18.31 -29.08 28.90
C ASP A 663 17.32 -28.08 28.32
N ILE A 664 16.46 -27.48 29.14
CA ILE A 664 15.46 -26.53 28.66
C ILE A 664 15.95 -25.12 29.03
N PRO A 665 16.40 -24.32 28.07
CA PRO A 665 16.95 -23.00 28.41
C PRO A 665 15.87 -21.96 28.61
N ILE A 666 16.19 -20.98 29.45
CA ILE A 666 15.30 -19.84 29.70
C ILE A 666 16.07 -18.56 29.46
N GLY A 667 17.19 -18.40 30.14
CA GLY A 667 18.04 -17.24 29.93
C GLY A 667 18.74 -16.83 31.21
N ALA A 668 19.87 -16.14 31.02
CA ALA A 668 20.71 -15.60 32.08
C ALA A 668 21.18 -16.67 33.06
N GLY A 669 21.50 -17.84 32.53
CA GLY A 669 22.01 -18.92 33.34
C GLY A 669 20.97 -19.72 34.09
N ILE A 670 19.69 -19.38 33.97
CA ILE A 670 18.61 -20.13 34.59
C ILE A 670 17.98 -21.00 33.52
N CYS A 671 17.85 -22.29 33.79
CA CYS A 671 17.32 -23.20 32.79
C CYS A 671 16.62 -24.38 33.46
N ALA A 672 15.55 -24.84 32.84
CA ALA A 672 14.67 -25.83 33.45
C ALA A 672 14.92 -27.25 32.93
N VAL A 687 12.50 -31.35 33.93
CA VAL A 687 11.61 -32.02 34.86
C VAL A 687 12.35 -33.09 35.66
N ALA A 688 12.13 -33.08 36.98
CA ALA A 688 12.77 -34.02 37.88
C ALA A 688 11.83 -34.28 39.04
N SER A 689 11.57 -35.57 39.30
CA SER A 689 10.57 -36.05 40.26
C SER A 689 9.20 -35.46 39.96
N GLN A 690 8.71 -35.77 38.75
CA GLN A 690 7.44 -35.37 38.13
C GLN A 690 7.03 -33.91 38.36
N SER A 691 7.99 -33.00 38.32
CA SER A 691 7.72 -31.59 38.52
C SER A 691 8.72 -30.75 37.74
N ILE A 692 8.26 -29.63 37.21
CA ILE A 692 9.13 -28.73 36.47
C ILE A 692 9.95 -27.91 37.46
N ILE A 693 11.26 -27.96 37.34
CA ILE A 693 12.14 -27.27 38.26
C ILE A 693 13.04 -26.31 37.50
N ALA A 694 13.40 -25.21 38.13
CA ALA A 694 14.26 -24.19 37.54
C ALA A 694 15.44 -23.92 38.46
N TYR A 695 16.61 -23.69 37.87
CA TYR A 695 17.85 -23.63 38.64
C TYR A 695 18.91 -22.94 37.81
N THR A 696 20.02 -22.61 38.47
CA THR A 696 21.23 -22.18 37.78
C THR A 696 21.90 -23.38 37.15
N MET A 697 22.33 -23.24 35.89
CA MET A 697 23.00 -24.35 35.21
C MET A 697 24.32 -24.67 35.85
N SER A 698 24.63 -25.96 35.96
CA SER A 698 25.96 -26.35 36.41
C SER A 698 26.94 -26.24 35.27
N LEU A 699 28.21 -26.13 35.62
CA LEU A 699 29.27 -25.81 34.68
C LEU A 699 30.04 -27.03 34.23
N GLY A 700 29.70 -28.20 34.75
CA GLY A 700 30.54 -29.38 34.66
C GLY A 700 31.09 -29.78 36.01
N ALA A 701 31.65 -30.98 36.05
CA ALA A 701 32.20 -31.53 37.29
C ALA A 701 33.49 -30.80 37.62
N GLU A 702 33.43 -29.93 38.62
CA GLU A 702 34.58 -29.09 38.96
C GLU A 702 35.62 -29.91 39.72
N ASN A 703 36.81 -30.04 39.15
CA ASN A 703 37.88 -30.77 39.79
C ASN A 703 39.19 -30.01 39.66
N SER A 704 40.06 -30.22 40.62
CA SER A 704 41.40 -29.64 40.61
C SER A 704 42.41 -30.71 40.27
N VAL A 705 43.37 -30.35 39.45
CA VAL A 705 44.48 -31.25 39.12
C VAL A 705 45.62 -31.02 40.10
N ALA A 706 46.30 -32.11 40.45
CA ALA A 706 47.38 -32.05 41.42
C ALA A 706 48.67 -31.61 40.71
N TYR A 707 48.74 -30.32 40.43
CA TYR A 707 49.92 -29.77 39.79
C TYR A 707 51.06 -29.68 40.79
N SER A 708 52.21 -30.20 40.38
CA SER A 708 53.44 -30.06 41.15
C SER A 708 54.57 -29.86 40.17
N ASN A 709 55.64 -29.24 40.63
CA ASN A 709 56.76 -28.94 39.76
C ASN A 709 57.61 -30.16 39.43
N ASN A 710 57.36 -31.30 40.07
CA ASN A 710 58.12 -32.51 39.74
C ASN A 710 57.24 -33.75 39.70
N SER A 711 55.98 -33.61 39.28
CA SER A 711 55.08 -34.76 39.19
C SER A 711 54.41 -34.76 37.83
N ILE A 712 54.47 -35.89 37.14
CA ILE A 712 53.83 -36.06 35.85
C ILE A 712 52.88 -37.24 35.94
N ALA A 713 51.84 -37.22 35.11
CA ALA A 713 50.84 -38.27 35.06
C ALA A 713 50.86 -38.88 33.67
N ILE A 714 51.08 -40.19 33.59
CA ILE A 714 51.25 -40.90 32.33
C ILE A 714 50.23 -42.02 32.27
N PRO A 715 49.43 -42.11 31.20
CA PRO A 715 48.43 -43.17 31.12
C PRO A 715 49.06 -44.53 30.90
N THR A 716 48.38 -45.55 31.41
CA THR A 716 48.85 -46.93 31.31
C THR A 716 47.97 -47.77 30.41
N ASN A 717 46.94 -47.19 29.83
CA ASN A 717 45.92 -47.94 29.10
C ASN A 717 45.20 -46.97 28.18
N PHE A 718 44.42 -47.52 27.26
CA PHE A 718 43.67 -46.69 26.33
C PHE A 718 42.28 -47.26 26.13
N THR A 719 41.48 -46.52 25.37
CA THR A 719 40.11 -46.90 25.08
C THR A 719 39.76 -46.32 23.72
N ILE A 720 39.72 -47.16 22.70
CA ILE A 720 39.43 -46.68 21.36
C ILE A 720 37.94 -46.45 21.24
N SER A 721 37.57 -45.20 21.03
CA SER A 721 36.18 -44.78 20.97
C SER A 721 35.80 -44.46 19.54
N VAL A 722 34.50 -44.47 19.27
CA VAL A 722 33.95 -44.11 17.98
C VAL A 722 32.88 -43.04 18.21
N THR A 723 33.08 -41.87 17.65
CA THR A 723 32.18 -40.74 17.82
C THR A 723 31.58 -40.36 16.49
N THR A 724 30.25 -40.31 16.43
CA THR A 724 29.59 -39.92 15.20
C THR A 724 29.57 -38.41 15.05
N GLU A 725 29.32 -37.96 13.82
CA GLU A 725 29.25 -36.53 13.52
C GLU A 725 28.41 -36.34 12.26
N ILE A 726 27.22 -35.81 12.43
CA ILE A 726 26.25 -35.67 11.34
C ILE A 726 26.41 -34.28 10.74
N LEU A 727 26.50 -34.20 9.41
CA LEU A 727 26.50 -32.92 8.73
C LEU A 727 25.53 -32.96 7.57
N PRO A 728 24.87 -31.85 7.26
CA PRO A 728 24.06 -31.80 6.04
C PRO A 728 24.88 -31.31 4.86
N VAL A 729 24.62 -31.87 3.69
CA VAL A 729 25.37 -31.49 2.50
C VAL A 729 24.50 -30.89 1.42
N SER A 730 23.18 -31.02 1.48
CA SER A 730 22.34 -30.52 0.40
C SER A 730 20.94 -30.27 0.92
N MET A 731 20.14 -29.61 0.08
CA MET A 731 18.74 -29.37 0.32
C MET A 731 17.93 -30.13 -0.71
N THR A 732 16.62 -29.90 -0.72
CA THR A 732 15.81 -30.37 -1.84
C THR A 732 15.79 -29.32 -2.93
N LYS A 733 15.90 -29.77 -4.17
CA LYS A 733 15.96 -28.86 -5.31
C LYS A 733 14.54 -28.47 -5.68
N THR A 734 14.07 -27.38 -5.09
CA THR A 734 12.74 -26.86 -5.42
C THR A 734 12.87 -25.75 -6.45
N SER A 735 12.23 -25.95 -7.59
CA SER A 735 12.12 -24.93 -8.62
C SER A 735 10.66 -24.55 -8.74
N VAL A 736 10.38 -23.25 -8.68
CA VAL A 736 9.02 -22.76 -8.73
C VAL A 736 8.78 -22.17 -10.12
N ASP A 737 7.52 -21.89 -10.40
CA ASP A 737 7.15 -21.13 -11.58
C ASP A 737 6.61 -19.81 -11.06
N CYS A 738 6.72 -18.76 -11.86
CA CYS A 738 6.24 -17.46 -11.41
C CYS A 738 4.79 -17.24 -11.80
N THR A 739 4.48 -17.39 -13.09
CA THR A 739 3.13 -17.12 -13.55
C THR A 739 2.15 -18.19 -13.07
N MET A 740 2.62 -19.43 -12.90
CA MET A 740 1.76 -20.47 -12.36
C MET A 740 1.41 -20.21 -10.91
N TYR A 741 2.37 -19.76 -10.11
CA TYR A 741 2.08 -19.44 -8.71
C TYR A 741 1.22 -18.21 -8.60
N ILE A 742 1.59 -17.13 -9.31
CA ILE A 742 0.92 -15.86 -9.13
C ILE A 742 -0.45 -15.88 -9.77
N CYS A 743 -0.54 -16.30 -11.04
CA CYS A 743 -1.80 -16.24 -11.75
C CYS A 743 -2.37 -17.63 -12.03
N GLY A 744 -1.78 -18.39 -12.95
CA GLY A 744 -2.17 -19.78 -13.10
C GLY A 744 -3.39 -19.90 -13.99
N ASP A 745 -3.19 -20.27 -15.27
CA ASP A 745 -4.24 -20.36 -16.30
C ASP A 745 -5.10 -19.10 -16.34
N SER A 746 -4.43 -17.96 -16.42
CA SER A 746 -5.14 -16.69 -16.51
C SER A 746 -4.36 -15.75 -17.41
N THR A 747 -4.96 -15.39 -18.54
CA THR A 747 -4.30 -14.48 -19.46
C THR A 747 -4.26 -13.06 -18.95
N GLU A 748 -5.34 -12.62 -18.29
CA GLU A 748 -5.45 -11.24 -17.83
C GLU A 748 -4.48 -10.96 -16.69
N CYS A 749 -4.34 -11.90 -15.75
CA CYS A 749 -3.40 -11.74 -14.65
C CYS A 749 -1.96 -11.72 -15.16
N SER A 750 -1.63 -12.56 -16.14
CA SER A 750 -0.29 -12.57 -16.70
C SER A 750 -0.01 -11.29 -17.49
N ASN A 751 -1.02 -10.78 -18.19
CA ASN A 751 -0.83 -9.56 -18.97
C ASN A 751 -0.66 -8.34 -18.06
N LEU A 752 -1.25 -8.37 -16.88
CA LEU A 752 -0.90 -7.35 -15.88
C LEU A 752 0.42 -7.64 -15.20
N LEU A 753 0.83 -8.92 -15.12
CA LEU A 753 2.08 -9.26 -14.45
C LEU A 753 3.29 -8.82 -15.28
N LEU A 754 3.16 -8.80 -16.61
CA LEU A 754 4.31 -8.41 -17.43
C LEU A 754 4.66 -6.93 -17.31
N GLN A 755 3.76 -6.10 -16.75
CA GLN A 755 4.09 -4.71 -16.52
C GLN A 755 5.10 -4.55 -15.41
N TYR A 756 5.21 -5.52 -14.52
CA TYR A 756 6.18 -5.46 -13.45
C TYR A 756 7.60 -5.76 -13.91
N GLY A 757 7.76 -6.23 -15.14
CA GLY A 757 9.08 -6.33 -15.72
C GLY A 757 9.63 -7.73 -15.78
N SER A 758 10.94 -7.86 -15.59
CA SER A 758 11.64 -9.13 -15.66
C SER A 758 11.86 -9.72 -14.27
N PHE A 759 10.86 -9.56 -13.39
CA PHE A 759 11.01 -9.98 -12.00
C PHE A 759 11.09 -11.49 -11.86
N CYS A 760 10.19 -12.20 -12.51
CA CYS A 760 10.18 -13.62 -12.21
C CYS A 760 11.20 -14.39 -13.03
N THR A 761 11.77 -13.75 -14.07
CA THR A 761 13.00 -14.25 -14.66
C THR A 761 14.13 -14.26 -13.64
N GLN A 762 14.24 -13.18 -12.84
CA GLN A 762 15.24 -13.12 -11.77
C GLN A 762 14.97 -14.18 -10.71
N LEU A 763 13.71 -14.37 -10.34
CA LEU A 763 13.37 -15.34 -9.31
C LEU A 763 13.65 -16.77 -9.76
N ASN A 764 13.31 -17.08 -11.02
CA ASN A 764 13.62 -18.39 -11.58
C ASN A 764 15.12 -18.61 -11.68
N ARG A 765 15.87 -17.56 -12.02
CA ARG A 765 17.32 -17.67 -12.13
C ARG A 765 17.97 -17.94 -10.78
N ALA A 766 17.48 -17.28 -9.73
CA ALA A 766 18.02 -17.50 -8.38
C ALA A 766 17.75 -18.92 -7.91
N LEU A 767 16.53 -19.42 -8.12
CA LEU A 767 16.22 -20.77 -7.68
C LEU A 767 16.94 -21.83 -8.51
N THR A 768 17.14 -21.58 -9.81
CA THR A 768 17.93 -22.48 -10.64
C THR A 768 19.40 -22.49 -10.20
N GLY A 769 19.92 -21.33 -9.78
CA GLY A 769 21.29 -21.27 -9.30
C GLY A 769 21.49 -22.07 -8.03
N ILE A 770 20.57 -21.97 -7.07
CA ILE A 770 20.77 -22.76 -5.86
C ILE A 770 20.49 -24.24 -6.12
N ALA A 771 19.63 -24.55 -7.10
CA ALA A 771 19.37 -25.95 -7.42
C ALA A 771 20.57 -26.61 -8.09
N VAL A 772 21.36 -25.88 -8.87
CA VAL A 772 22.58 -26.50 -9.38
C VAL A 772 23.70 -26.47 -8.34
N GLU A 773 23.61 -25.54 -7.37
CA GLU A 773 24.57 -25.53 -6.27
C GLU A 773 24.44 -26.77 -5.39
N GLN A 774 23.23 -27.34 -5.29
CA GLN A 774 23.07 -28.59 -4.52
C GLN A 774 23.84 -29.75 -5.13
N ASP A 775 23.80 -29.89 -6.46
CA ASP A 775 24.56 -30.93 -7.13
C ASP A 775 26.06 -30.68 -7.00
N LYS A 776 26.47 -29.41 -7.06
CA LYS A 776 27.87 -29.06 -6.84
C LYS A 776 28.33 -29.47 -5.45
N ASN A 777 27.47 -29.28 -4.45
CA ASN A 777 27.78 -29.64 -3.07
C ASN A 777 27.99 -31.14 -2.92
N THR A 778 27.04 -31.93 -3.45
CA THR A 778 27.13 -33.38 -3.31
C THR A 778 28.34 -33.94 -4.06
N GLN A 779 28.64 -33.36 -5.24
CA GLN A 779 29.81 -33.79 -5.99
C GLN A 779 31.12 -33.48 -5.25
N GLU A 780 31.22 -32.31 -4.63
CA GLU A 780 32.47 -31.99 -3.94
C GLU A 780 32.61 -32.73 -2.63
N VAL A 781 31.50 -33.19 -2.03
CA VAL A 781 31.64 -33.98 -0.81
C VAL A 781 32.00 -35.41 -1.14
N PHE A 782 31.18 -36.09 -1.95
CA PHE A 782 31.32 -37.53 -2.11
C PHE A 782 32.27 -37.92 -3.22
N ALA A 783 32.17 -37.31 -4.40
CA ALA A 783 32.95 -37.72 -5.56
C ALA A 783 34.38 -37.21 -5.43
N GLN A 784 35.13 -37.83 -4.53
CA GLN A 784 36.54 -37.53 -4.36
C GLN A 784 37.44 -38.64 -4.88
N VAL A 785 36.90 -39.83 -5.12
CA VAL A 785 37.70 -40.95 -5.60
C VAL A 785 37.89 -40.87 -7.10
N LYS A 786 39.09 -41.20 -7.55
CA LYS A 786 39.32 -41.33 -8.97
C LYS A 786 38.67 -42.60 -9.52
N GLN A 787 38.82 -43.71 -8.80
CA GLN A 787 38.29 -44.99 -9.24
C GLN A 787 37.44 -45.59 -8.12
N ILE A 788 36.50 -46.45 -8.51
CA ILE A 788 35.63 -47.12 -7.57
C ILE A 788 36.31 -48.40 -7.09
N TYR A 789 36.55 -48.49 -5.79
CA TYR A 789 37.29 -49.62 -5.25
C TYR A 789 36.34 -50.70 -4.74
N LYS A 790 36.85 -51.93 -4.70
CA LYS A 790 36.03 -53.08 -4.37
C LYS A 790 36.62 -53.79 -3.16
N THR A 791 35.74 -54.19 -2.25
CA THR A 791 36.14 -54.93 -1.06
C THR A 791 36.63 -56.32 -1.47
N PRO A 792 37.68 -56.83 -0.84
CA PRO A 792 38.06 -58.22 -1.08
C PRO A 792 37.00 -59.17 -0.55
N PRO A 793 36.87 -60.35 -1.16
CA PRO A 793 35.85 -61.30 -0.69
C PRO A 793 36.16 -61.89 0.67
N ILE A 794 37.42 -62.05 1.01
CA ILE A 794 37.81 -62.51 2.35
C ILE A 794 37.93 -61.31 3.27
N LYS A 795 37.30 -61.39 4.43
CA LYS A 795 37.33 -60.32 5.42
C LYS A 795 38.05 -60.87 6.65
N ASP A 796 39.37 -60.78 6.63
CA ASP A 796 40.24 -61.27 7.70
C ASP A 796 41.18 -60.17 8.17
N PHE A 797 40.62 -59.00 8.45
CA PHE A 797 41.43 -57.81 8.77
C PHE A 797 42.00 -57.87 10.18
N GLY A 798 42.81 -58.89 10.43
CA GLY A 798 43.58 -59.04 11.67
C GLY A 798 42.77 -59.19 12.94
N GLY A 799 41.46 -59.39 12.85
CA GLY A 799 40.59 -59.39 14.00
C GLY A 799 39.55 -58.29 13.99
N PHE A 800 39.79 -57.23 13.24
CA PHE A 800 38.83 -56.14 13.14
C PHE A 800 37.62 -56.57 12.30
N ASN A 801 36.43 -56.24 12.79
CA ASN A 801 35.18 -56.63 12.17
C ASN A 801 34.54 -55.38 11.56
N PHE A 802 34.49 -55.34 10.23
CA PHE A 802 33.96 -54.21 9.51
C PHE A 802 32.61 -54.48 8.85
N SER A 803 32.02 -55.65 9.10
CA SER A 803 30.78 -56.02 8.42
C SER A 803 29.59 -55.18 8.85
N GLN A 804 29.72 -54.43 9.94
CA GLN A 804 28.68 -53.52 10.41
C GLN A 804 28.68 -52.19 9.67
N ILE A 805 29.70 -51.91 8.85
CA ILE A 805 29.73 -50.71 8.01
C ILE A 805 29.99 -51.01 6.56
N LEU A 806 30.47 -52.21 6.23
CA LEU A 806 30.60 -52.61 4.84
C LEU A 806 29.21 -52.80 4.23
N PRO A 807 29.03 -52.48 2.95
CA PRO A 807 27.73 -52.66 2.32
C PRO A 807 27.36 -54.12 2.16
N ASP A 808 26.07 -54.41 2.25
CA ASP A 808 25.55 -55.75 2.19
C ASP A 808 24.92 -56.05 0.83
N PRO A 809 25.04 -57.28 0.34
CA PRO A 809 24.45 -57.62 -0.97
C PRO A 809 22.93 -57.75 -0.94
N SER A 810 22.31 -57.76 0.25
CA SER A 810 20.86 -57.92 0.35
C SER A 810 20.12 -56.71 -0.20
N LYS A 811 20.52 -55.52 0.21
CA LYS A 811 19.81 -54.29 -0.19
C LYS A 811 20.76 -53.23 -0.74
N ARG A 815 23.36 -51.43 0.55
CA ARG A 815 23.74 -50.49 1.60
C ARG A 815 24.31 -51.20 2.81
N SER A 816 24.87 -50.43 3.72
CA SER A 816 25.36 -50.87 5.01
C SER A 816 24.22 -50.89 6.00
N PRO A 817 24.31 -51.67 7.09
CA PRO A 817 23.24 -51.63 8.11
C PRO A 817 23.08 -50.28 8.77
N ILE A 818 24.18 -49.57 9.04
CA ILE A 818 24.10 -48.26 9.69
C ILE A 818 23.39 -47.26 8.78
N GLU A 819 23.64 -47.35 7.47
CA GLU A 819 22.90 -46.54 6.52
C GLU A 819 21.42 -46.89 6.49
N ASP A 820 21.06 -48.16 6.75
CA ASP A 820 19.65 -48.51 6.85
C ASP A 820 18.99 -47.88 8.07
N LEU A 821 19.68 -47.89 9.23
CA LEU A 821 19.17 -47.20 10.41
C LEU A 821 19.01 -45.70 10.17
N LEU A 822 19.94 -45.12 9.42
CA LEU A 822 19.84 -43.69 9.11
C LEU A 822 18.69 -43.40 8.17
N PHE A 823 18.46 -44.27 7.19
CA PHE A 823 17.38 -44.03 6.24
C PHE A 823 16.02 -44.24 6.88
N ASN A 824 15.92 -45.17 7.83
CA ASN A 824 14.68 -45.30 8.57
C ASN A 824 14.46 -44.14 9.53
N LYS A 825 15.52 -43.68 10.19
CA LYS A 825 15.36 -42.77 11.32
C LYS A 825 15.00 -41.34 10.92
N VAL A 826 15.12 -40.98 9.64
CA VAL A 826 14.80 -39.64 9.17
C VAL A 826 13.41 -39.66 8.54
N THR A 827 12.56 -38.70 8.92
CA THR A 827 11.12 -38.79 8.70
C THR A 827 10.62 -37.78 7.67
N LEU A 828 11.29 -37.71 6.53
CA LEU A 828 10.80 -36.98 5.36
C LEU A 828 9.40 -37.42 4.93
N GLN A 853 4.51 -29.95 -1.43
CA GLN A 853 4.86 -31.02 -2.38
C GLN A 853 4.81 -30.49 -3.81
N LYS A 854 3.99 -31.12 -4.66
CA LYS A 854 3.83 -30.72 -6.06
C LYS A 854 2.37 -30.39 -6.30
N PHE A 855 2.00 -29.12 -6.12
CA PHE A 855 0.60 -28.73 -6.21
C PHE A 855 0.32 -27.70 -7.29
N ASN A 856 1.00 -26.55 -7.27
CA ASN A 856 0.76 -25.49 -8.25
C ASN A 856 2.00 -24.61 -8.43
N GLY A 857 2.79 -24.93 -9.44
CA GLY A 857 4.04 -24.23 -9.67
C GLY A 857 5.19 -24.83 -8.90
N LEU A 858 4.92 -25.28 -7.69
CA LEU A 858 5.95 -25.76 -6.78
C LEU A 858 6.34 -27.16 -7.19
N THR A 859 7.54 -27.34 -7.74
CA THR A 859 8.02 -28.65 -8.13
C THR A 859 9.30 -28.94 -7.38
N VAL A 860 9.56 -30.23 -7.18
CA VAL A 860 10.85 -30.70 -6.69
C VAL A 860 11.60 -31.31 -7.86
N LEU A 861 12.84 -31.00 -7.95
CA LEU A 861 13.60 -31.71 -8.97
C LEU A 861 14.37 -32.85 -8.30
N PRO A 862 14.58 -33.96 -8.99
CA PRO A 862 15.38 -35.03 -8.40
C PRO A 862 16.85 -34.62 -8.35
N PRO A 863 17.62 -35.17 -7.43
CA PRO A 863 19.06 -34.92 -7.43
C PRO A 863 19.72 -35.63 -8.61
N LEU A 864 20.92 -35.17 -8.95
CA LEU A 864 21.68 -35.85 -9.98
C LEU A 864 22.12 -37.24 -9.52
N LEU A 865 22.71 -37.33 -8.34
CA LEU A 865 23.20 -38.59 -7.83
C LEU A 865 22.07 -39.30 -7.10
N THR A 866 21.79 -40.53 -7.50
CA THR A 866 20.82 -41.34 -6.78
C THR A 866 21.42 -41.81 -5.46
N ASP A 867 20.54 -42.29 -4.58
CA ASP A 867 20.97 -42.71 -3.25
C ASP A 867 21.84 -43.96 -3.33
N GLU A 868 21.58 -44.84 -4.29
CA GLU A 868 22.47 -45.98 -4.51
C GLU A 868 23.82 -45.54 -5.07
N MET A 869 23.85 -44.48 -5.88
CA MET A 869 25.12 -44.03 -6.43
C MET A 869 25.98 -43.35 -5.36
N ILE A 870 25.34 -42.60 -4.45
CA ILE A 870 26.05 -42.05 -3.31
C ILE A 870 26.51 -43.16 -2.38
N ALA A 871 25.71 -44.23 -2.27
CA ALA A 871 26.14 -45.41 -1.53
C ALA A 871 27.35 -46.08 -2.19
N GLN A 872 27.45 -46.06 -3.51
CA GLN A 872 28.60 -46.64 -4.17
C GLN A 872 29.86 -45.79 -3.97
N TYR A 873 29.72 -44.46 -3.98
CA TYR A 873 30.81 -43.59 -3.54
C TYR A 873 31.27 -43.89 -2.11
N THR A 874 30.33 -44.03 -1.16
CA THR A 874 30.78 -44.28 0.21
C THR A 874 31.37 -45.68 0.37
N SER A 875 30.87 -46.65 -0.39
CA SER A 875 31.49 -47.97 -0.40
C SER A 875 32.89 -47.95 -0.95
N ALA A 876 33.13 -47.19 -2.02
CA ALA A 876 34.47 -47.05 -2.55
C ALA A 876 35.39 -46.33 -1.58
N LEU A 877 34.88 -45.29 -0.93
CA LEU A 877 35.68 -44.51 0.00
C LEU A 877 36.08 -45.32 1.22
N LEU A 878 35.18 -46.14 1.75
CA LEU A 878 35.53 -46.91 2.94
C LEU A 878 36.05 -48.31 2.61
N ALA A 879 36.10 -48.69 1.34
CA ALA A 879 36.82 -49.90 0.95
C ALA A 879 38.22 -49.60 0.46
N GLY A 880 38.49 -48.34 0.09
CA GLY A 880 39.87 -47.94 -0.11
C GLY A 880 40.61 -47.73 1.18
N THR A 881 39.94 -47.21 2.21
CA THR A 881 40.64 -46.86 3.44
C THR A 881 40.88 -48.05 4.36
N ILE A 882 40.30 -49.21 4.07
CA ILE A 882 40.60 -50.39 4.86
C ILE A 882 41.60 -51.30 4.15
N THR A 883 41.88 -51.06 2.87
CA THR A 883 42.85 -51.83 2.15
C THR A 883 44.03 -51.03 1.66
N SER A 884 43.97 -49.71 1.70
CA SER A 884 45.10 -48.89 1.30
C SER A 884 45.52 -47.89 2.37
N GLY A 885 44.57 -47.26 3.05
CA GLY A 885 44.91 -46.24 4.02
C GLY A 885 44.63 -44.86 3.48
N TRP A 886 45.69 -44.09 3.24
CA TRP A 886 45.55 -42.79 2.60
C TRP A 886 46.19 -42.74 1.24
N THR A 887 46.94 -43.78 0.87
CA THR A 887 47.72 -43.76 -0.35
C THR A 887 46.87 -43.82 -1.61
N PHE A 888 45.60 -44.20 -1.49
CA PHE A 888 44.68 -44.03 -2.60
C PHE A 888 44.15 -42.61 -2.72
N GLY A 889 44.42 -41.76 -1.72
CA GLY A 889 44.10 -40.36 -1.81
C GLY A 889 45.23 -39.48 -2.28
N ALA A 890 46.41 -40.06 -2.49
CA ALA A 890 47.55 -39.31 -3.01
C ALA A 890 47.95 -39.79 -4.40
N GLY A 891 48.25 -41.06 -4.56
CA GLY A 891 48.57 -41.61 -5.85
C GLY A 891 47.70 -42.80 -6.16
N PRO A 892 48.30 -43.87 -6.70
CA PRO A 892 47.55 -45.11 -6.86
C PRO A 892 47.40 -45.82 -5.53
N ALA A 893 46.38 -46.67 -5.44
CA ALA A 893 46.12 -47.39 -4.21
C ALA A 893 47.16 -48.50 -4.01
N LEU A 894 47.80 -48.49 -2.85
CA LEU A 894 48.84 -49.45 -2.52
C LEU A 894 48.36 -50.25 -1.33
N GLN A 895 48.34 -51.57 -1.46
CA GLN A 895 47.77 -52.41 -0.42
C GLN A 895 48.70 -52.51 0.78
N ILE A 896 48.09 -52.73 1.93
CA ILE A 896 48.80 -52.90 3.20
C ILE A 896 47.87 -53.68 4.12
N PRO A 897 48.38 -54.64 4.89
CA PRO A 897 47.52 -55.33 5.86
C PRO A 897 47.04 -54.38 6.94
N PHE A 898 45.83 -54.62 7.41
CA PHE A 898 45.17 -53.65 8.26
C PHE A 898 45.78 -53.48 9.65
N PRO A 899 46.32 -54.52 10.31
CA PRO A 899 47.17 -54.23 11.48
C PRO A 899 48.39 -53.39 11.18
N MET A 900 48.96 -53.47 9.97
CA MET A 900 50.11 -52.62 9.68
C MET A 900 49.70 -51.17 9.47
N GLN A 901 48.54 -50.97 8.84
CA GLN A 901 48.00 -49.62 8.69
C GLN A 901 47.65 -49.02 10.05
N MET A 902 47.05 -49.83 10.92
CA MET A 902 46.74 -49.33 12.26
C MET A 902 48.00 -49.11 13.08
N ALA A 903 49.06 -49.86 12.80
CA ALA A 903 50.34 -49.63 13.46
C ALA A 903 50.92 -48.30 13.06
N TYR A 904 50.85 -47.93 11.78
CA TYR A 904 51.42 -46.63 11.47
C TYR A 904 50.48 -45.51 11.88
N ARG A 905 49.17 -45.75 11.94
CA ARG A 905 48.28 -44.75 12.50
C ARG A 905 48.51 -44.54 13.99
N PHE A 906 48.92 -45.58 14.72
CA PHE A 906 49.41 -45.35 16.08
C PHE A 906 50.71 -44.58 16.09
N ASN A 907 51.60 -44.88 15.14
CA ASN A 907 52.89 -44.20 15.08
C ASN A 907 52.72 -42.72 14.77
N GLY A 908 51.65 -42.35 14.09
CA GLY A 908 51.38 -40.96 13.79
C GLY A 908 50.81 -40.14 14.93
N ILE A 909 50.44 -40.75 16.06
CA ILE A 909 49.92 -40.00 17.19
C ILE A 909 50.86 -40.06 18.38
N GLY A 910 52.08 -40.50 18.19
CA GLY A 910 53.08 -40.46 19.23
C GLY A 910 53.27 -41.74 20.01
N VAL A 911 52.43 -42.73 19.78
CA VAL A 911 52.57 -44.04 20.41
C VAL A 911 53.41 -44.90 19.49
N THR A 912 54.39 -45.61 20.04
CA THR A 912 55.21 -46.47 19.21
C THR A 912 54.40 -47.66 18.71
N GLN A 913 54.86 -48.23 17.60
CA GLN A 913 54.03 -49.18 16.86
C GLN A 913 53.98 -50.55 17.49
N ASN A 914 54.79 -50.84 18.50
CA ASN A 914 54.69 -52.13 19.16
C ASN A 914 53.39 -52.24 19.96
N VAL A 915 52.93 -51.12 20.51
CA VAL A 915 51.82 -51.07 21.48
C VAL A 915 50.54 -51.64 20.88
N LEU A 916 50.33 -51.45 19.57
CA LEU A 916 49.28 -52.20 18.89
C LEU A 916 49.58 -53.69 18.88
N TYR A 917 50.82 -54.06 18.55
CA TYR A 917 51.12 -55.44 18.26
C TYR A 917 51.15 -56.35 19.48
N GLU A 918 51.41 -55.82 20.68
CA GLU A 918 51.16 -56.67 21.84
C GLU A 918 49.72 -56.58 22.35
N ASN A 919 48.93 -55.64 21.85
CA ASN A 919 47.56 -55.46 22.32
C ASN A 919 46.55 -55.55 21.19
N GLN A 920 46.79 -56.42 20.21
CA GLN A 920 46.02 -56.40 18.98
C GLN A 920 44.60 -56.91 19.18
N LYS A 921 44.42 -57.98 19.96
CA LYS A 921 43.08 -58.51 20.17
C LYS A 921 42.26 -57.60 21.08
N LEU A 922 42.91 -56.92 22.02
CA LEU A 922 42.21 -55.99 22.90
C LEU A 922 41.71 -54.78 22.11
N ILE A 923 42.53 -54.28 21.19
CA ILE A 923 42.13 -53.19 20.30
C ILE A 923 41.03 -53.64 19.34
N ALA A 924 41.11 -54.87 18.85
CA ALA A 924 40.06 -55.38 17.98
C ALA A 924 38.72 -55.50 18.71
N ASN A 925 38.76 -55.99 19.95
CA ASN A 925 37.53 -56.11 20.74
C ASN A 925 36.96 -54.74 21.10
N GLN A 926 37.83 -53.78 21.43
CA GLN A 926 37.37 -52.43 21.74
C GLN A 926 36.75 -51.76 20.53
N PHE A 927 37.34 -51.98 19.35
CA PHE A 927 36.79 -51.46 18.10
C PHE A 927 35.41 -52.04 17.82
N ASN A 928 35.28 -53.37 17.92
CA ASN A 928 34.01 -54.02 17.63
C ASN A 928 32.93 -53.62 18.63
N SER A 929 33.29 -53.50 19.90
CA SER A 929 32.33 -53.08 20.92
C SER A 929 31.87 -51.64 20.69
N ALA A 930 32.79 -50.77 20.28
CA ALA A 930 32.40 -49.38 20.01
C ALA A 930 31.47 -49.28 18.81
N ILE A 931 31.74 -50.05 17.75
CA ILE A 931 30.87 -50.04 16.57
C ILE A 931 29.49 -50.60 16.92
N GLY A 932 29.45 -51.66 17.73
CA GLY A 932 28.18 -52.19 18.18
C GLY A 932 27.38 -51.21 19.04
N LYS A 933 28.08 -50.42 19.87
CA LYS A 933 27.37 -49.42 20.64
C LYS A 933 26.86 -48.28 19.77
N ILE A 934 27.56 -47.95 18.69
CA ILE A 934 27.03 -46.99 17.72
C ILE A 934 25.75 -47.51 17.09
N GLN A 935 25.74 -48.78 16.71
CA GLN A 935 24.52 -49.37 16.13
C GLN A 935 23.37 -49.40 17.13
N ASP A 936 23.67 -49.74 18.39
CA ASP A 936 22.63 -49.78 19.42
C ASP A 936 22.07 -48.39 19.71
N SER A 937 22.95 -47.38 19.81
CA SER A 937 22.49 -46.02 20.08
C SER A 937 21.71 -45.43 18.92
N LEU A 938 22.08 -45.77 17.69
CA LEU A 938 21.29 -45.27 16.58
C LEU A 938 19.99 -46.06 16.39
N SER A 939 19.95 -47.31 16.85
CA SER A 939 18.73 -48.10 16.76
C SER A 939 17.72 -47.73 17.82
N SER A 940 18.19 -47.37 19.02
CA SER A 940 17.31 -47.16 20.16
C SER A 940 17.07 -45.68 20.44
N THR A 941 18.13 -44.89 20.58
CA THR A 941 17.98 -43.49 20.98
C THR A 941 17.54 -42.64 19.80
N PRO A 942 16.39 -41.97 19.87
CA PRO A 942 15.97 -41.10 18.78
C PRO A 942 16.47 -39.67 18.95
N SER A 943 16.10 -38.81 17.99
CA SER A 943 16.41 -37.37 17.98
C SER A 943 17.91 -37.08 17.99
N ALA A 944 18.72 -38.02 17.49
CA ALA A 944 20.15 -37.77 17.37
C ALA A 944 20.51 -37.20 16.00
N LEU A 945 19.61 -37.28 15.04
CA LEU A 945 19.79 -36.69 13.72
C LEU A 945 19.05 -35.37 13.60
N GLY A 946 19.02 -34.59 14.69
CA GLY A 946 18.28 -33.35 14.69
C GLY A 946 18.85 -32.30 13.76
N LYS A 947 20.18 -32.30 13.58
CA LYS A 947 20.80 -31.38 12.63
C LYS A 947 20.38 -31.70 11.21
N LEU A 948 20.20 -32.98 10.91
CA LEU A 948 19.85 -33.41 9.57
C LEU A 948 18.34 -33.37 9.36
N GLN A 949 17.58 -33.12 10.42
CA GLN A 949 16.13 -32.98 10.33
C GLN A 949 15.70 -31.52 10.31
N ASP A 950 16.50 -30.62 10.88
CA ASP A 950 16.17 -29.20 10.86
C ASP A 950 16.15 -28.63 9.44
N VAL A 951 17.00 -29.13 8.54
CA VAL A 951 17.02 -28.60 7.19
C VAL A 951 15.76 -29.00 6.42
N VAL A 952 15.31 -30.24 6.61
CA VAL A 952 14.09 -30.71 5.96
C VAL A 952 12.87 -30.01 6.54
N ASN A 953 12.87 -29.82 7.86
CA ASN A 953 11.74 -29.15 8.51
C ASN A 953 11.68 -27.67 8.15
N GLN A 954 12.84 -27.01 8.00
CA GLN A 954 12.85 -25.62 7.59
C GLN A 954 12.38 -25.45 6.14
N ASN A 955 12.80 -26.37 5.27
CA ASN A 955 12.35 -26.30 3.88
C ASN A 955 10.86 -26.57 3.77
N ALA A 956 10.35 -27.54 4.53
CA ALA A 956 8.92 -27.82 4.55
C ALA A 956 8.13 -26.65 5.12
N GLN A 957 8.66 -25.99 6.15
CA GLN A 957 8.00 -24.82 6.73
C GLN A 957 7.91 -23.67 5.75
N ALA A 958 9.00 -23.41 5.02
CA ALA A 958 8.99 -22.33 4.04
C ALA A 958 8.06 -22.62 2.88
N LEU A 959 8.07 -23.86 2.37
CA LEU A 959 7.16 -24.21 1.28
C LEU A 959 5.70 -24.18 1.73
N ASN A 960 5.45 -24.60 2.97
CA ASN A 960 4.09 -24.60 3.50
C ASN A 960 3.56 -23.19 3.69
N THR A 961 4.39 -22.27 4.19
CA THR A 961 3.87 -20.91 4.32
C THR A 961 3.79 -20.20 2.96
N LEU A 962 4.60 -20.62 1.98
CA LEU A 962 4.41 -20.11 0.63
C LEU A 962 3.09 -20.58 0.04
N VAL A 963 2.66 -21.80 0.38
CA VAL A 963 1.33 -22.26 -0.01
C VAL A 963 0.25 -21.46 0.70
N LYS A 964 0.39 -21.26 2.01
CA LYS A 964 -0.64 -20.54 2.77
C LYS A 964 -0.73 -19.07 2.43
N GLN A 965 0.29 -18.49 1.79
CA GLN A 965 0.12 -17.12 1.29
C GLN A 965 -0.81 -17.03 0.08
N LEU A 966 -1.19 -18.15 -0.53
CA LEU A 966 -2.11 -18.10 -1.66
C LEU A 966 -3.55 -17.89 -1.23
N SER A 967 -3.85 -18.06 0.05
CA SER A 967 -5.22 -17.98 0.55
C SER A 967 -5.51 -16.68 1.26
N SER A 968 -4.73 -15.64 1.02
CA SER A 968 -4.90 -14.36 1.69
C SER A 968 -5.33 -13.31 0.68
N ASN A 969 -6.25 -12.44 1.11
CA ASN A 969 -6.89 -11.50 0.20
C ASN A 969 -5.93 -10.41 -0.23
N PHE A 970 -5.00 -10.02 0.64
CA PHE A 970 -4.09 -8.88 0.48
C PHE A 970 -4.85 -7.57 0.29
N GLY A 971 -6.08 -7.50 0.80
CA GLY A 971 -6.91 -6.35 0.61
C GLY A 971 -7.87 -6.43 -0.55
N ALA A 972 -7.73 -7.44 -1.42
CA ALA A 972 -8.69 -7.63 -2.50
C ALA A 972 -9.95 -8.28 -1.95
N ILE A 973 -11.01 -8.28 -2.78
CA ILE A 973 -12.30 -8.73 -2.29
C ILE A 973 -12.39 -10.25 -2.17
N SER A 974 -11.56 -11.01 -2.87
CA SER A 974 -11.51 -12.45 -2.67
C SER A 974 -10.12 -12.95 -3.03
N SER A 975 -9.68 -13.99 -2.32
CA SER A 975 -8.34 -14.54 -2.52
C SER A 975 -8.23 -15.29 -3.83
N VAL A 976 -9.26 -16.06 -4.19
CA VAL A 976 -9.19 -16.90 -5.38
C VAL A 976 -9.29 -16.02 -6.62
N LEU A 977 -8.47 -16.35 -7.62
CA LEU A 977 -8.27 -15.46 -8.76
C LEU A 977 -9.48 -15.50 -9.69
N ASN A 978 -10.01 -16.71 -9.92
CA ASN A 978 -11.04 -16.92 -10.92
C ASN A 978 -12.41 -16.39 -10.49
N ASP A 979 -12.68 -16.30 -9.19
CA ASP A 979 -13.95 -15.72 -8.76
C ASP A 979 -14.02 -14.23 -9.07
N ILE A 980 -12.96 -13.49 -8.74
CA ILE A 980 -12.97 -12.06 -9.05
C ILE A 980 -12.71 -11.82 -10.54
N LEU A 981 -12.18 -12.79 -11.26
CA LEU A 981 -12.23 -12.70 -12.71
C LEU A 981 -13.64 -12.93 -13.24
N SER A 982 -14.40 -13.80 -12.58
CA SER A 982 -15.74 -14.16 -13.03
C SER A 982 -16.76 -13.06 -12.75
N ARG A 983 -16.70 -12.43 -11.59
CA ARG A 983 -17.78 -11.56 -11.15
C ARG A 983 -17.48 -10.09 -11.36
N LEU A 984 -16.48 -9.73 -12.16
CA LEU A 984 -16.12 -8.32 -12.25
C LEU A 984 -15.81 -7.92 -13.68
N ASP A 985 -16.20 -6.69 -14.02
CA ASP A 985 -15.76 -6.06 -15.25
C ASP A 985 -14.26 -5.78 -15.19
N PRO A 986 -13.58 -5.75 -16.34
CA PRO A 986 -12.12 -5.49 -16.38
C PRO A 986 -11.63 -4.19 -15.74
N PRO A 987 -12.36 -3.04 -15.79
CA PRO A 987 -11.78 -1.82 -15.16
C PRO A 987 -11.55 -1.89 -13.65
N GLU A 988 -12.36 -2.63 -12.90
CA GLU A 988 -12.11 -2.75 -11.46
C GLU A 988 -11.49 -4.08 -11.10
N ALA A 989 -11.67 -5.10 -11.94
CA ALA A 989 -10.89 -6.31 -11.79
C ALA A 989 -9.42 -6.04 -12.02
N GLU A 990 -9.08 -5.05 -12.85
CA GLU A 990 -7.68 -4.66 -13.03
C GLU A 990 -7.06 -4.20 -11.70
N VAL A 991 -7.83 -3.44 -10.91
CA VAL A 991 -7.40 -3.03 -9.59
C VAL A 991 -7.24 -4.24 -8.66
N GLN A 992 -8.23 -5.12 -8.63
CA GLN A 992 -8.20 -6.26 -7.71
C GLN A 992 -7.06 -7.23 -8.04
N ILE A 993 -6.88 -7.53 -9.34
CA ILE A 993 -5.81 -8.41 -9.76
C ILE A 993 -4.46 -7.76 -9.49
N ASP A 994 -4.36 -6.43 -9.63
CA ASP A 994 -3.10 -5.73 -9.36
C ASP A 994 -2.72 -5.85 -7.89
N ARG A 995 -3.70 -5.73 -6.98
CA ARG A 995 -3.34 -5.83 -5.57
C ARG A 995 -2.98 -7.26 -5.17
N LEU A 996 -3.66 -8.24 -5.77
CA LEU A 996 -3.28 -9.64 -5.55
C LEU A 996 -1.88 -9.95 -6.07
N ILE A 997 -1.53 -9.43 -7.25
CA ILE A 997 -0.20 -9.65 -7.82
C ILE A 997 0.88 -9.02 -6.96
N THR A 998 0.61 -7.81 -6.43
CA THR A 998 1.58 -7.16 -5.55
C THR A 998 1.84 -7.99 -4.30
N GLY A 999 0.77 -8.50 -3.68
CA GLY A 999 0.95 -9.32 -2.49
C GLY A 999 1.67 -10.63 -2.76
N ARG A 1000 1.31 -11.31 -3.84
CA ARG A 1000 1.91 -12.61 -4.12
C ARG A 1000 3.36 -12.49 -4.57
N LEU A 1001 3.68 -11.42 -5.30
CA LEU A 1001 5.06 -11.16 -5.68
C LEU A 1001 5.92 -10.86 -4.47
N GLN A 1002 5.38 -10.12 -3.50
CA GLN A 1002 6.10 -9.87 -2.25
C GLN A 1002 6.35 -11.17 -1.49
N SER A 1003 5.36 -12.04 -1.42
CA SER A 1003 5.50 -13.31 -0.73
C SER A 1003 6.55 -14.21 -1.37
N LEU A 1004 6.54 -14.30 -2.70
CA LEU A 1004 7.49 -15.16 -3.38
C LEU A 1004 8.90 -14.61 -3.30
N GLN A 1005 9.06 -13.28 -3.32
CA GLN A 1005 10.39 -12.69 -3.18
C GLN A 1005 10.95 -12.93 -1.79
N THR A 1006 10.10 -12.87 -0.76
CA THR A 1006 10.53 -13.22 0.60
C THR A 1006 11.01 -14.66 0.68
N TYR A 1007 10.27 -15.58 0.04
CA TYR A 1007 10.67 -16.98 0.03
C TYR A 1007 12.01 -17.19 -0.66
N VAL A 1008 12.23 -16.53 -1.80
CA VAL A 1008 13.47 -16.72 -2.55
C VAL A 1008 14.66 -16.16 -1.80
N THR A 1009 14.49 -15.02 -1.13
CA THR A 1009 15.58 -14.44 -0.33
C THR A 1009 15.95 -15.35 0.85
N GLN A 1010 14.95 -15.92 1.52
CA GLN A 1010 15.27 -16.81 2.64
C GLN A 1010 15.89 -18.12 2.15
N GLN A 1011 15.49 -18.61 0.97
CA GLN A 1011 16.16 -19.78 0.40
C GLN A 1011 17.59 -19.49 0.01
N LEU A 1012 17.89 -18.27 -0.45
CA LEU A 1012 19.27 -17.92 -0.77
C LEU A 1012 20.16 -17.92 0.47
N ILE A 1013 19.66 -17.36 1.57
CA ILE A 1013 20.44 -17.36 2.81
C ILE A 1013 20.63 -18.78 3.35
N ARG A 1014 19.56 -19.59 3.29
CA ARG A 1014 19.65 -20.98 3.72
C ARG A 1014 20.59 -21.79 2.85
N ALA A 1015 20.62 -21.50 1.55
CA ALA A 1015 21.48 -22.24 0.64
C ALA A 1015 22.94 -21.86 0.85
N ALA A 1016 23.21 -20.61 1.21
CA ALA A 1016 24.58 -20.24 1.57
C ALA A 1016 25.03 -20.94 2.85
N GLU A 1017 24.11 -21.09 3.82
CA GLU A 1017 24.45 -21.83 5.03
C GLU A 1017 24.73 -23.31 4.75
N ILE A 1018 23.91 -23.91 3.88
CA ILE A 1018 24.10 -25.30 3.49
C ILE A 1018 25.41 -25.46 2.70
N ARG A 1019 25.76 -24.47 1.89
CA ARG A 1019 27.02 -24.52 1.15
C ARG A 1019 28.22 -24.45 2.08
N ALA A 1020 28.11 -23.64 3.14
CA ALA A 1020 29.19 -23.61 4.14
C ALA A 1020 29.33 -24.95 4.86
N SER A 1021 28.20 -25.57 5.21
CA SER A 1021 28.28 -26.87 5.87
C SER A 1021 28.77 -27.97 4.93
N ALA A 1022 28.44 -27.86 3.64
CA ALA A 1022 28.92 -28.84 2.67
C ALA A 1022 30.42 -28.67 2.41
N ASN A 1023 30.91 -27.44 2.41
CA ASN A 1023 32.35 -27.23 2.30
C ASN A 1023 33.09 -27.77 3.51
N LEU A 1024 32.49 -27.62 4.70
CA LEU A 1024 33.06 -28.23 5.89
C LEU A 1024 33.07 -29.75 5.80
N ALA A 1025 31.99 -30.33 5.27
CA ALA A 1025 31.93 -31.78 5.11
C ALA A 1025 32.94 -32.28 4.08
N ALA A 1026 33.15 -31.54 3.00
CA ALA A 1026 34.15 -31.92 2.01
C ALA A 1026 35.56 -31.83 2.57
N THR A 1027 35.82 -30.79 3.36
CA THR A 1027 37.10 -30.66 4.04
C THR A 1027 37.34 -31.80 5.01
N LYS A 1028 36.31 -32.16 5.77
CA LYS A 1028 36.41 -33.26 6.74
C LYS A 1028 36.58 -34.60 6.05
N MET A 1029 35.90 -34.81 4.92
CA MET A 1029 36.02 -36.05 4.17
C MET A 1029 37.40 -36.18 3.55
N SER A 1030 37.93 -35.09 3.01
CA SER A 1030 39.25 -35.17 2.39
C SER A 1030 40.36 -35.23 3.41
N GLU A 1031 40.15 -34.70 4.61
CA GLU A 1031 41.22 -34.59 5.59
C GLU A 1031 41.19 -35.66 6.67
N CYS A 1032 40.09 -36.36 6.84
CA CYS A 1032 39.99 -37.37 7.89
C CYS A 1032 39.70 -38.77 7.38
N VAL A 1033 39.03 -38.92 6.25
CA VAL A 1033 38.86 -40.23 5.64
C VAL A 1033 40.02 -40.56 4.73
N LEU A 1034 40.41 -39.63 3.87
CA LEU A 1034 41.53 -39.80 2.95
C LEU A 1034 42.88 -39.59 3.60
N GLY A 1035 42.96 -39.56 4.92
CA GLY A 1035 44.22 -39.32 5.58
C GLY A 1035 44.04 -39.38 7.08
N GLN A 1036 45.10 -39.01 7.79
CA GLN A 1036 45.04 -38.90 9.24
C GLN A 1036 45.24 -37.44 9.61
N SER A 1037 44.33 -36.91 10.42
CA SER A 1037 44.33 -35.50 10.77
C SER A 1037 45.09 -35.29 12.07
N LYS A 1038 45.86 -34.22 12.14
CA LYS A 1038 46.62 -33.90 13.34
C LYS A 1038 46.05 -32.71 14.10
N ARG A 1039 45.17 -31.92 13.50
CA ARG A 1039 44.61 -30.77 14.17
C ARG A 1039 43.58 -31.22 15.19
N VAL A 1040 43.79 -30.84 16.44
CA VAL A 1040 43.10 -31.44 17.56
C VAL A 1040 41.66 -30.96 17.63
N ASP A 1041 40.75 -31.91 17.89
CA ASP A 1041 39.30 -31.73 17.97
C ASP A 1041 38.81 -31.17 16.63
N PHE A 1042 39.22 -31.82 15.56
CA PHE A 1042 38.64 -31.63 14.25
C PHE A 1042 37.83 -32.83 13.81
N CYS A 1043 38.32 -34.03 14.13
CA CYS A 1043 37.63 -35.27 13.86
C CYS A 1043 37.60 -36.08 15.14
N GLY A 1044 36.63 -35.78 16.00
CA GLY A 1044 36.40 -36.56 17.20
C GLY A 1044 37.23 -36.09 18.37
N LYS A 1045 36.68 -36.31 19.57
CA LYS A 1045 37.41 -36.07 20.81
C LYS A 1045 38.49 -37.12 20.97
N GLY A 1046 39.71 -36.69 21.24
CA GLY A 1046 40.83 -37.59 21.36
C GLY A 1046 41.72 -37.51 20.15
N TYR A 1047 42.73 -38.37 20.14
CA TYR A 1047 43.69 -38.42 19.05
C TYR A 1047 43.09 -39.22 17.91
N HIS A 1048 42.93 -38.59 16.75
CA HIS A 1048 42.25 -39.20 15.63
C HIS A 1048 43.09 -40.29 15.00
N LEU A 1049 42.45 -41.41 14.69
CA LEU A 1049 43.11 -42.52 14.02
C LEU A 1049 42.63 -42.69 12.58
N MET A 1050 41.33 -42.89 12.40
CA MET A 1050 40.77 -43.05 11.07
C MET A 1050 39.29 -42.75 11.16
N SER A 1051 38.67 -42.53 9.99
CA SER A 1051 37.25 -42.23 9.96
C SER A 1051 36.61 -42.95 8.79
N PHE A 1052 35.35 -43.29 8.95
CA PHE A 1052 34.57 -43.99 7.94
C PHE A 1052 33.34 -43.18 7.61
N PRO A 1053 33.12 -42.82 6.35
CA PRO A 1053 31.90 -42.09 6.00
C PRO A 1053 30.73 -43.03 5.78
N GLN A 1054 29.56 -42.62 6.23
CA GLN A 1054 28.33 -43.31 5.90
C GLN A 1054 27.40 -42.32 5.24
N SER A 1055 26.68 -42.78 4.22
CA SER A 1055 25.73 -41.91 3.55
C SER A 1055 24.51 -41.70 4.45
N ALA A 1056 23.84 -40.58 4.23
CA ALA A 1056 22.67 -40.16 4.97
C ALA A 1056 21.67 -39.68 3.93
N PRO A 1057 20.37 -39.57 4.29
CA PRO A 1057 19.37 -39.17 3.28
C PRO A 1057 19.57 -37.80 2.65
N HIS A 1058 20.12 -36.83 3.38
CA HIS A 1058 20.43 -35.52 2.79
C HIS A 1058 21.78 -35.01 3.27
N GLY A 1059 22.63 -35.90 3.74
CA GLY A 1059 23.88 -35.46 4.31
C GLY A 1059 24.91 -36.56 4.37
N VAL A 1060 25.85 -36.44 5.31
CA VAL A 1060 26.85 -37.47 5.53
C VAL A 1060 27.10 -37.55 7.02
N VAL A 1061 27.41 -38.74 7.50
CA VAL A 1061 27.84 -38.95 8.88
C VAL A 1061 29.18 -39.64 8.85
N PHE A 1062 30.09 -39.18 9.70
CA PHE A 1062 31.40 -39.76 9.84
C PHE A 1062 31.47 -40.52 11.15
N LEU A 1063 32.22 -41.59 11.18
CA LEU A 1063 32.48 -42.33 12.40
C LEU A 1063 33.94 -42.12 12.75
N HIS A 1064 34.20 -41.27 13.74
CA HIS A 1064 35.56 -40.87 14.06
C HIS A 1064 36.14 -41.87 15.06
N VAL A 1065 37.04 -42.73 14.59
CA VAL A 1065 37.70 -43.69 15.45
C VAL A 1065 38.89 -43.01 16.11
N THR A 1066 38.81 -42.78 17.42
CA THR A 1066 39.83 -42.01 18.11
C THR A 1066 40.44 -42.81 19.25
N TYR A 1067 41.69 -42.46 19.54
CA TYR A 1067 42.44 -43.02 20.65
C TYR A 1067 42.21 -42.14 21.87
N VAL A 1068 41.77 -42.72 22.97
CA VAL A 1068 41.53 -41.98 24.20
C VAL A 1068 42.32 -42.65 25.31
N PRO A 1069 43.27 -41.97 25.94
CA PRO A 1069 44.04 -42.59 27.03
C PRO A 1069 43.22 -42.69 28.30
N ALA A 1070 43.59 -43.64 29.14
CA ALA A 1070 42.87 -43.88 30.38
C ALA A 1070 43.81 -44.52 31.39
N GLN A 1071 43.40 -44.48 32.66
CA GLN A 1071 44.07 -45.10 33.81
C GLN A 1071 45.50 -44.56 33.97
N GLU A 1072 45.58 -43.28 34.29
CA GLU A 1072 46.85 -42.61 34.51
C GLU A 1072 47.38 -42.90 35.91
N LYS A 1073 48.63 -42.50 36.15
CA LYS A 1073 49.31 -42.78 37.40
C LYS A 1073 50.25 -41.65 37.75
N ASN A 1074 50.45 -41.43 39.04
CA ASN A 1074 51.47 -40.50 39.51
C ASN A 1074 52.84 -41.01 39.10
N PHE A 1075 53.71 -40.10 38.66
CA PHE A 1075 55.14 -40.39 38.57
C PHE A 1075 55.92 -39.13 38.89
N THR A 1076 57.10 -39.33 39.46
CA THR A 1076 58.03 -38.23 39.75
C THR A 1076 58.96 -38.08 38.56
N THR A 1077 59.18 -36.84 38.14
CA THR A 1077 59.94 -36.57 36.93
C THR A 1077 61.06 -35.58 37.18
N ALA A 1078 61.97 -35.51 36.22
CA ALA A 1078 63.07 -34.56 36.19
C ALA A 1078 63.36 -34.21 34.75
N PRO A 1079 63.79 -32.96 34.47
CA PRO A 1079 64.06 -32.59 33.09
C PRO A 1079 65.26 -33.29 32.47
N ALA A 1080 66.27 -33.64 33.26
CA ALA A 1080 67.47 -34.27 32.73
C ALA A 1080 68.14 -35.03 33.87
N ILE A 1081 69.16 -35.80 33.53
CA ILE A 1081 69.97 -36.47 34.54
C ILE A 1081 71.44 -36.13 34.30
N CYS A 1082 72.16 -35.82 35.38
CA CYS A 1082 73.57 -35.51 35.31
C CYS A 1082 74.37 -36.78 35.55
N HIS A 1083 75.24 -37.12 34.59
CA HIS A 1083 76.05 -38.33 34.66
C HIS A 1083 77.39 -38.02 34.01
N ASP A 1084 78.47 -38.25 34.76
CA ASP A 1084 79.83 -37.77 34.44
C ASP A 1084 79.86 -36.26 34.21
N GLY A 1085 79.07 -35.54 34.99
CA GLY A 1085 79.09 -34.10 34.95
C GLY A 1085 78.39 -33.45 33.79
N LYS A 1086 77.75 -34.22 32.91
CA LYS A 1086 77.10 -33.68 31.74
C LYS A 1086 75.64 -34.10 31.70
N ALA A 1087 74.78 -33.16 31.29
CA ALA A 1087 73.34 -33.37 31.33
C ALA A 1087 72.89 -34.31 30.23
N HIS A 1088 71.92 -35.17 30.55
CA HIS A 1088 71.38 -36.14 29.60
C HIS A 1088 69.90 -35.88 29.43
N PHE A 1089 69.51 -35.55 28.22
CA PHE A 1089 68.11 -35.36 27.87
C PHE A 1089 67.63 -36.55 27.05
N PRO A 1090 66.36 -36.92 27.11
CA PRO A 1090 65.89 -38.02 26.26
C PRO A 1090 65.63 -37.56 24.85
N ARG A 1091 65.82 -38.47 23.89
CA ARG A 1091 65.53 -38.15 22.50
C ARG A 1091 64.04 -37.98 22.28
N GLU A 1092 63.27 -39.01 22.58
CA GLU A 1092 61.83 -38.90 22.63
C GLU A 1092 61.37 -39.30 24.02
N GLY A 1093 60.22 -38.80 24.42
CA GLY A 1093 59.66 -39.19 25.69
C GLY A 1093 60.15 -38.36 26.85
N VAL A 1094 60.10 -38.98 28.03
CA VAL A 1094 60.10 -38.24 29.29
C VAL A 1094 60.70 -39.11 30.38
N PHE A 1095 61.50 -38.50 31.25
CA PHE A 1095 62.06 -39.19 32.40
C PHE A 1095 61.02 -39.33 33.50
N VAL A 1096 60.89 -40.54 34.05
CA VAL A 1096 59.99 -40.79 35.17
C VAL A 1096 60.71 -41.61 36.21
N SER A 1097 60.10 -41.72 37.39
CA SER A 1097 60.69 -42.51 38.46
C SER A 1097 59.59 -42.99 39.39
N ASN A 1098 59.60 -44.29 39.69
CA ASN A 1098 58.72 -44.85 40.72
C ASN A 1098 59.43 -44.92 42.07
N GLY A 1099 60.02 -43.80 42.47
CA GLY A 1099 60.69 -43.74 43.76
C GLY A 1099 62.18 -44.03 43.72
N THR A 1100 62.55 -45.25 43.32
CA THR A 1100 63.94 -45.69 43.43
C THR A 1100 64.68 -45.77 42.11
N HIS A 1101 63.99 -46.00 40.99
CA HIS A 1101 64.62 -46.23 39.71
C HIS A 1101 64.08 -45.22 38.70
N TRP A 1102 64.91 -44.84 37.73
CA TRP A 1102 64.52 -43.88 36.72
C TRP A 1102 64.44 -44.55 35.34
N PHE A 1103 63.40 -44.22 34.60
CA PHE A 1103 63.15 -44.78 33.28
C PHE A 1103 62.79 -43.65 32.32
N VAL A 1104 62.86 -43.97 31.02
CA VAL A 1104 62.22 -43.17 29.98
C VAL A 1104 61.02 -43.94 29.45
N THR A 1105 59.92 -43.23 29.27
CA THR A 1105 58.72 -43.75 28.63
C THR A 1105 58.36 -42.79 27.52
N GLN A 1106 57.61 -43.26 26.54
CA GLN A 1106 57.00 -42.28 25.66
C GLN A 1106 55.88 -41.58 26.40
N ARG A 1107 55.55 -40.37 25.94
CA ARG A 1107 54.67 -39.50 26.69
C ARG A 1107 53.20 -39.90 26.62
N ASN A 1108 52.85 -40.90 25.81
CA ASN A 1108 51.46 -41.30 25.66
C ASN A 1108 51.17 -42.71 26.14
N PHE A 1109 52.16 -43.44 26.66
CA PHE A 1109 51.95 -44.79 27.13
C PHE A 1109 53.07 -45.13 28.11
N TYR A 1110 52.72 -45.80 29.19
CA TYR A 1110 53.73 -46.17 30.17
C TYR A 1110 54.43 -47.44 29.71
N GLU A 1111 55.63 -47.28 29.17
CA GLU A 1111 56.45 -48.40 28.72
C GLU A 1111 57.88 -48.11 29.13
N PRO A 1112 58.26 -48.43 30.36
CA PRO A 1112 59.57 -48.01 30.88
C PRO A 1112 60.72 -48.81 30.32
N GLN A 1113 61.83 -48.11 30.11
CA GLN A 1113 63.08 -48.73 29.69
C GLN A 1113 64.20 -48.15 30.52
N ILE A 1114 65.28 -48.92 30.65
CA ILE A 1114 66.44 -48.48 31.41
C ILE A 1114 67.17 -47.42 30.62
N ILE A 1115 67.85 -46.51 31.34
CA ILE A 1115 68.40 -45.30 30.75
C ILE A 1115 69.67 -45.71 29.98
N THR A 1116 69.63 -45.61 28.66
CA THR A 1116 70.79 -45.97 27.86
C THR A 1116 71.34 -44.74 27.15
N THR A 1117 72.44 -44.93 26.46
CA THR A 1117 72.98 -43.87 25.62
C THR A 1117 72.25 -43.84 24.28
N ASP A 1118 71.52 -44.90 23.95
CA ASP A 1118 70.81 -44.94 22.68
C ASP A 1118 69.54 -44.08 22.70
N ASN A 1119 68.85 -44.01 23.84
CA ASN A 1119 67.61 -43.25 23.93
C ASN A 1119 67.77 -41.94 24.67
N THR A 1120 69.01 -41.52 24.92
CA THR A 1120 69.30 -40.21 25.48
C THR A 1120 70.36 -39.52 24.65
N PHE A 1121 70.37 -38.20 24.69
CA PHE A 1121 71.40 -37.41 24.04
C PHE A 1121 71.94 -36.37 25.00
N VAL A 1122 73.21 -36.03 24.82
CA VAL A 1122 73.98 -35.26 25.80
C VAL A 1122 74.22 -33.87 25.23
N SER A 1123 74.08 -32.85 26.08
CA SER A 1123 74.42 -31.49 25.69
C SER A 1123 74.74 -30.68 26.94
N GLY A 1124 75.99 -30.22 27.05
CA GLY A 1124 76.37 -29.32 28.11
C GLY A 1124 76.58 -30.02 29.44
N ASN A 1125 76.88 -29.22 30.46
CA ASN A 1125 77.10 -29.71 31.80
C ASN A 1125 75.80 -29.62 32.60
N CYS A 1126 75.87 -29.97 33.88
CA CYS A 1126 74.69 -29.95 34.75
C CYS A 1126 74.78 -28.82 35.77
N ASP A 1127 75.24 -27.65 35.32
CA ASP A 1127 75.27 -26.47 36.17
C ASP A 1127 74.14 -25.49 35.89
N VAL A 1128 73.55 -25.53 34.70
CA VAL A 1128 72.64 -24.49 34.26
C VAL A 1128 71.18 -24.95 34.22
N VAL A 1129 70.91 -26.23 34.00
CA VAL A 1129 69.53 -26.70 33.95
C VAL A 1129 68.99 -26.84 35.36
N ILE A 1130 67.77 -26.36 35.58
CA ILE A 1130 67.16 -26.29 36.90
C ILE A 1130 66.36 -27.55 37.14
N GLY A 1131 66.69 -28.25 38.22
CA GLY A 1131 65.96 -29.44 38.61
C GLY A 1131 66.52 -30.75 38.11
N ILE A 1132 67.75 -30.76 37.64
CA ILE A 1132 68.38 -31.98 37.17
C ILE A 1132 68.71 -32.89 38.36
N VAL A 1133 68.48 -34.19 38.20
CA VAL A 1133 68.69 -35.15 39.26
C VAL A 1133 69.88 -36.00 38.83
N ASN A 1134 70.41 -36.85 39.71
CA ASN A 1134 71.56 -37.68 39.40
C ASN A 1134 71.15 -39.13 39.18
N ASN A 1135 71.73 -39.76 38.17
CA ASN A 1135 71.62 -41.20 37.95
C ASN A 1135 72.76 -41.63 37.02
N THR A 1136 72.68 -42.86 36.53
CA THR A 1136 73.63 -43.46 35.62
C THR A 1136 73.00 -43.62 34.24
N VAL A 1137 73.86 -43.89 33.25
CA VAL A 1137 73.43 -44.13 31.87
C VAL A 1137 74.15 -45.38 31.40
N TYR A 1138 73.39 -46.37 30.94
CA TYR A 1138 73.93 -47.70 30.63
C TYR A 1138 74.24 -47.80 29.15
N ASP A 1139 75.50 -47.63 28.79
CA ASP A 1139 75.91 -47.88 27.41
C ASP A 1139 76.24 -49.37 27.24
N PRO A 1140 75.74 -50.02 26.20
CA PRO A 1140 76.05 -51.45 26.01
C PRO A 1140 77.46 -51.72 25.56
N LEU A 1141 78.18 -50.70 25.08
CA LEU A 1141 79.50 -50.91 24.50
C LEU A 1141 80.51 -51.31 25.56
N GLN A 1142 80.39 -50.76 26.78
CA GLN A 1142 81.32 -51.13 27.85
C GLN A 1142 81.20 -52.58 28.31
N PRO A 1143 80.00 -53.16 28.57
CA PRO A 1143 79.97 -54.60 28.82
C PRO A 1143 80.20 -55.43 27.57
N GLU A 1144 80.00 -54.89 26.37
CA GLU A 1144 80.36 -55.63 25.17
C GLU A 1144 81.87 -55.79 25.06
N LEU A 1145 82.64 -54.75 25.34
CA LEU A 1145 84.09 -54.83 25.24
C LEU A 1145 84.72 -55.59 26.40
N ASP A 1146 84.01 -55.72 27.51
CA ASP A 1146 84.49 -56.52 28.65
C ASP A 1146 83.92 -57.93 28.61
N ALA B 27 27.71 49.07 4.19
CA ALA B 27 28.51 48.45 5.25
C ALA B 27 28.12 46.98 5.42
N TYR B 28 29.10 46.09 5.34
CA TYR B 28 28.86 44.65 5.35
C TYR B 28 29.54 44.01 6.55
N THR B 29 28.97 42.91 7.04
CA THR B 29 29.51 42.21 8.20
C THR B 29 29.35 40.71 7.95
N ASN B 30 30.34 39.94 8.41
CA ASN B 30 30.25 38.48 8.40
C ASN B 30 29.53 38.03 9.66
N SER B 31 28.31 37.52 9.50
CA SER B 31 27.57 36.94 10.62
C SER B 31 28.22 35.61 10.95
N PHE B 32 29.01 35.61 12.04
CA PHE B 32 29.95 34.52 12.35
C PHE B 32 29.28 33.18 12.53
N THR B 33 28.54 33.01 13.61
CA THR B 33 27.87 31.73 13.85
C THR B 33 26.48 31.93 14.43
N ARG B 34 25.79 32.99 14.06
CA ARG B 34 24.46 33.31 14.57
C ARG B 34 23.44 33.29 13.44
N GLY B 35 22.18 33.27 13.84
CA GLY B 35 21.09 33.04 12.93
C GLY B 35 20.41 31.70 13.11
N VAL B 36 20.63 31.02 14.24
CA VAL B 36 20.00 29.75 14.54
C VAL B 36 18.90 29.98 15.57
N TYR B 37 17.74 29.41 15.32
CA TYR B 37 16.63 29.51 16.24
C TYR B 37 16.09 28.12 16.52
N TYR B 38 15.25 28.02 17.53
CA TYR B 38 14.64 26.75 17.88
C TYR B 38 13.52 26.44 16.88
N PRO B 39 13.66 25.40 16.06
CA PRO B 39 12.73 25.23 14.94
C PRO B 39 11.38 24.70 15.34
N ASP B 40 11.32 23.86 16.37
CA ASP B 40 10.08 23.34 16.90
C ASP B 40 10.00 23.70 18.38
N LYS B 41 8.91 23.28 19.02
CA LYS B 41 8.76 23.44 20.44
C LYS B 41 9.26 22.20 21.21
N VAL B 42 9.89 21.25 20.52
CA VAL B 42 10.24 19.99 21.16
C VAL B 42 11.48 20.17 22.03
N PHE B 43 11.67 19.21 22.92
CA PHE B 43 12.78 19.17 23.86
C PHE B 43 13.67 17.99 23.50
N ARG B 44 14.97 18.25 23.40
CA ARG B 44 15.93 17.20 23.08
C ARG B 44 17.12 17.32 24.00
N SER B 45 17.63 16.18 24.44
CA SER B 45 18.71 16.15 25.43
C SER B 45 19.90 15.44 24.83
N SER B 46 21.01 16.19 24.67
CA SER B 46 22.34 15.67 24.36
C SER B 46 22.39 14.90 23.03
N VAL B 47 21.56 15.32 22.07
CA VAL B 47 21.45 14.61 20.80
C VAL B 47 21.83 15.57 19.68
N LEU B 48 22.39 15.00 18.62
CA LEU B 48 22.85 15.73 17.44
C LEU B 48 21.75 15.66 16.38
N HIS B 49 20.75 16.51 16.52
CA HIS B 49 19.58 16.46 15.66
C HIS B 49 19.77 17.35 14.44
N SER B 50 19.46 16.81 13.27
CA SER B 50 19.61 17.51 12.00
C SER B 50 18.24 17.88 11.46
N THR B 51 18.00 19.18 11.28
CA THR B 51 16.72 19.68 10.82
C THR B 51 16.87 20.32 9.46
N GLN B 52 15.72 20.60 8.85
CA GLN B 52 15.61 21.26 7.55
C GLN B 52 14.61 22.37 7.80
N ASP B 53 15.08 23.61 7.82
CA ASP B 53 14.22 24.75 8.08
C ASP B 53 14.86 25.98 7.46
N LEU B 54 14.07 27.03 7.30
CA LEU B 54 14.57 28.27 6.73
C LEU B 54 15.47 28.96 7.74
N PHE B 55 16.77 28.95 7.49
CA PHE B 55 17.77 29.56 8.36
C PHE B 55 18.54 30.63 7.60
N LEU B 56 19.36 31.36 8.33
CA LEU B 56 20.38 32.22 7.76
C LEU B 56 21.71 31.48 7.73
N PRO B 57 22.37 31.41 6.57
CA PRO B 57 23.62 30.66 6.46
C PRO B 57 24.75 31.25 7.28
N PHE B 58 25.60 30.37 7.79
CA PHE B 58 26.75 30.80 8.57
C PHE B 58 27.75 31.51 7.68
N PHE B 59 28.45 32.49 8.27
CA PHE B 59 29.51 33.27 7.62
C PHE B 59 29.01 33.97 6.35
N SER B 60 27.77 34.43 6.39
CA SER B 60 27.16 35.14 5.28
C SER B 60 27.32 36.64 5.47
N ASN B 61 26.86 37.39 4.48
CA ASN B 61 27.02 38.84 4.45
C ASN B 61 25.73 39.50 4.92
N VAL B 62 25.76 40.05 6.12
CA VAL B 62 24.65 40.80 6.70
C VAL B 62 24.90 42.29 6.49
N THR B 63 23.89 42.99 5.99
CA THR B 63 24.01 44.42 5.73
C THR B 63 23.99 45.18 7.05
N TRP B 64 24.77 46.26 7.13
CA TRP B 64 24.89 47.04 8.35
C TRP B 64 24.38 48.43 8.03
N PHE B 65 23.12 48.67 8.39
CA PHE B 65 22.49 49.97 8.31
C PHE B 65 22.76 50.74 9.59
N HIS B 66 22.71 52.07 9.50
CA HIS B 66 22.87 52.88 10.70
C HIS B 66 21.98 54.12 10.66
N ASN B 81 15.83 55.01 6.95
CA ASN B 81 15.29 53.65 7.02
C ASN B 81 14.55 53.26 5.74
N PRO B 82 15.28 52.74 4.75
CA PRO B 82 14.66 52.37 3.47
C PRO B 82 13.80 51.12 3.59
N VAL B 83 13.20 50.74 2.48
CA VAL B 83 12.30 49.61 2.39
C VAL B 83 13.04 48.39 1.83
N LEU B 84 12.84 47.23 2.45
CA LEU B 84 13.53 46.00 2.09
C LEU B 84 12.52 44.88 1.90
N PRO B 85 12.72 44.02 0.90
CA PRO B 85 11.77 42.92 0.67
C PRO B 85 11.91 41.80 1.69
N PHE B 86 10.82 41.05 1.86
CA PHE B 86 10.80 39.96 2.84
C PHE B 86 11.58 38.75 2.33
N ASN B 87 11.10 38.15 1.24
CA ASN B 87 11.71 36.98 0.58
C ASN B 87 11.87 35.79 1.54
N ASP B 88 10.74 35.34 2.07
CA ASP B 88 10.61 34.16 2.92
C ASP B 88 11.50 34.27 4.18
N GLY B 89 11.19 35.29 4.96
CA GLY B 89 11.84 35.41 6.25
C GLY B 89 13.08 36.28 6.26
N VAL B 90 13.25 37.08 7.32
CA VAL B 90 14.37 37.98 7.46
C VAL B 90 14.98 37.80 8.85
N TYR B 91 16.16 38.36 9.02
CA TYR B 91 16.86 38.38 10.30
C TYR B 91 17.20 39.80 10.67
N PHE B 92 17.03 40.13 11.94
CA PHE B 92 17.21 41.49 12.43
C PHE B 92 18.12 41.44 13.64
N ALA B 93 18.95 42.46 13.81
CA ALA B 93 19.75 42.58 15.01
C ALA B 93 19.92 44.05 15.34
N SER B 94 20.27 44.34 16.59
CA SER B 94 20.61 45.69 17.02
C SER B 94 21.46 45.62 18.28
N THR B 95 22.34 46.60 18.44
CA THR B 95 23.16 46.75 19.63
C THR B 95 22.90 48.08 20.33
N GLU B 96 21.76 48.72 20.06
CA GLU B 96 21.46 50.03 20.61
C GLU B 96 21.16 49.93 22.11
N LYS B 97 21.56 50.98 22.83
CA LYS B 97 21.46 51.02 24.29
C LYS B 97 20.28 51.83 24.78
N SER B 98 19.20 51.90 24.00
CA SER B 98 18.01 52.64 24.36
C SER B 98 16.84 52.05 23.57
N ASN B 99 15.74 52.79 23.51
CA ASN B 99 14.60 52.46 22.64
C ASN B 99 14.62 53.32 21.39
N ILE B 100 15.83 53.60 20.86
CA ILE B 100 15.96 54.37 19.63
C ILE B 100 15.34 53.62 18.45
N ILE B 101 15.63 52.32 18.35
CA ILE B 101 14.89 51.42 17.46
C ILE B 101 13.76 50.81 18.27
N ARG B 102 12.54 51.03 17.81
CA ARG B 102 11.42 50.58 18.62
C ARG B 102 10.38 49.77 17.85
N GLY B 103 10.09 50.13 16.60
CA GLY B 103 8.93 49.58 15.95
C GLY B 103 9.15 48.92 14.61
N TRP B 104 8.14 48.17 14.17
CA TRP B 104 8.15 47.51 12.88
C TRP B 104 6.86 47.82 12.14
N ILE B 105 6.95 47.96 10.82
CA ILE B 105 5.79 48.01 9.97
C ILE B 105 5.94 46.90 8.94
N PHE B 106 4.88 46.12 8.76
CA PHE B 106 4.86 45.04 7.79
C PHE B 106 3.70 45.27 6.83
N GLY B 107 3.63 44.45 5.80
CA GLY B 107 2.49 44.49 4.90
C GLY B 107 2.92 44.19 3.48
N THR B 108 1.94 44.22 2.59
CA THR B 108 2.18 43.97 1.16
C THR B 108 2.41 45.27 0.40
N THR B 109 1.41 46.15 0.38
CA THR B 109 1.52 47.43 -0.29
C THR B 109 1.84 48.58 0.67
N LEU B 110 1.79 48.33 1.98
CA LEU B 110 1.96 49.32 3.04
C LEU B 110 1.02 50.52 2.86
N ASP B 111 -0.23 50.22 2.51
CA ASP B 111 -1.26 51.23 2.36
C ASP B 111 -2.58 50.64 2.83
N SER B 112 -3.68 51.34 2.57
CA SER B 112 -4.97 51.02 3.15
C SER B 112 -5.74 49.94 2.40
N LYS B 113 -5.19 49.41 1.30
CA LYS B 113 -5.89 48.36 0.59
C LYS B 113 -5.62 46.98 1.18
N THR B 114 -4.41 46.74 1.69
CA THR B 114 -4.03 45.45 2.26
C THR B 114 -3.58 45.65 3.70
N GLN B 115 -3.60 44.56 4.46
CA GLN B 115 -3.35 44.62 5.89
C GLN B 115 -1.87 44.94 6.18
N SER B 116 -1.65 45.48 7.38
CA SER B 116 -0.33 45.97 7.76
C SER B 116 -0.09 45.66 9.24
N LEU B 117 0.91 44.84 9.53
CA LEU B 117 1.29 44.60 10.92
C LEU B 117 2.07 45.80 11.45
N LEU B 118 1.81 46.16 12.70
CA LEU B 118 2.41 47.33 13.33
C LEU B 118 2.85 46.89 14.71
N ILE B 119 4.14 46.59 14.86
CA ILE B 119 4.67 46.02 16.10
C ILE B 119 5.51 47.09 16.77
N VAL B 120 4.91 47.83 17.69
CA VAL B 120 5.53 49.02 18.28
C VAL B 120 5.62 48.85 19.79
N ASN B 121 6.83 48.97 20.32
CA ASN B 121 7.01 49.15 21.75
C ASN B 121 6.62 50.57 22.14
N ASN B 122 5.68 50.69 23.07
CA ASN B 122 5.27 51.97 23.62
C ASN B 122 6.12 52.39 24.82
N ALA B 123 7.15 51.61 25.14
CA ALA B 123 7.99 51.62 26.35
C ALA B 123 7.22 51.24 27.61
N THR B 124 5.97 50.81 27.48
CA THR B 124 5.18 50.26 28.58
C THR B 124 4.51 48.94 28.22
N ASN B 125 4.27 48.69 26.93
CA ASN B 125 3.69 47.45 26.44
C ASN B 125 4.05 47.31 24.98
N VAL B 126 3.90 46.08 24.48
CA VAL B 126 4.17 45.78 23.08
C VAL B 126 2.83 45.59 22.38
N VAL B 127 2.58 46.40 21.34
CA VAL B 127 1.28 46.46 20.70
C VAL B 127 1.40 45.97 19.26
N ILE B 128 0.57 45.01 18.88
CA ILE B 128 0.51 44.47 17.53
C ILE B 128 -0.90 44.71 17.00
N LYS B 129 -1.01 45.36 15.84
CA LYS B 129 -2.28 45.53 15.15
C LYS B 129 -2.13 45.08 13.72
N VAL B 130 -3.25 44.77 13.07
CA VAL B 130 -3.23 44.44 11.64
C VAL B 130 -4.22 45.32 10.89
N CYS B 131 -4.45 46.54 11.41
CA CYS B 131 -5.30 47.49 10.72
C CYS B 131 -4.64 47.92 9.41
N GLU B 132 -5.46 48.34 8.45
CA GLU B 132 -4.96 48.75 7.13
C GLU B 132 -4.56 50.21 7.19
N PHE B 133 -3.38 50.46 7.75
CA PHE B 133 -2.93 51.82 7.99
C PHE B 133 -2.51 52.47 6.67
N GLN B 134 -2.51 53.79 6.65
CA GLN B 134 -1.97 54.49 5.50
C GLN B 134 -0.44 54.51 5.56
N PHE B 135 0.16 54.82 4.43
CA PHE B 135 1.62 54.86 4.34
C PHE B 135 2.16 56.06 5.10
N CYS B 136 3.22 55.83 5.87
CA CYS B 136 3.91 56.89 6.60
C CYS B 136 5.32 56.98 6.02
N ASN B 137 5.58 58.05 5.28
CA ASN B 137 6.85 58.19 4.59
C ASN B 137 7.99 58.56 5.53
N ASP B 138 7.68 59.19 6.67
CA ASP B 138 8.67 59.44 7.72
C ASP B 138 8.11 59.01 9.08
N PRO B 139 7.99 57.69 9.31
CA PRO B 139 7.45 57.21 10.59
C PRO B 139 8.51 57.25 11.68
N PHE B 140 8.39 58.23 12.57
CA PHE B 140 9.36 58.46 13.62
C PHE B 140 8.71 58.25 14.98
N LEU B 141 9.53 57.95 15.98
CA LEU B 141 9.06 57.74 17.34
C LEU B 141 10.13 58.06 18.36
N SER B 155 9.63 61.33 21.69
CA SER B 155 8.35 60.87 22.24
C SER B 155 7.18 61.38 21.41
N GLU B 156 7.18 61.06 20.11
CA GLU B 156 6.12 61.52 19.21
C GLU B 156 6.05 60.58 18.03
N PHE B 157 4.93 59.87 17.89
CA PHE B 157 4.68 59.03 16.73
C PHE B 157 3.28 59.29 16.20
N ARG B 158 3.17 59.39 14.88
CA ARG B 158 1.90 59.52 14.18
C ARG B 158 1.80 58.48 13.08
N VAL B 159 2.37 57.30 13.34
CA VAL B 159 2.30 56.21 12.37
C VAL B 159 0.89 55.65 12.31
N TYR B 160 0.16 55.69 13.42
CA TYR B 160 -1.18 55.12 13.49
C TYR B 160 -2.18 56.02 12.76
N SER B 161 -2.37 55.79 11.46
CA SER B 161 -3.11 56.72 10.61
C SER B 161 -4.59 56.37 10.46
N SER B 162 -4.92 55.10 10.19
CA SER B 162 -6.30 54.72 9.90
C SER B 162 -6.71 53.53 10.75
N ALA B 163 -8.01 53.21 10.72
CA ALA B 163 -8.55 52.18 11.60
C ALA B 163 -9.60 51.29 10.93
N ASN B 164 -9.65 51.25 9.60
CA ASN B 164 -10.72 50.54 8.91
C ASN B 164 -10.41 49.06 8.78
N ASN B 165 -11.45 48.24 9.02
CA ASN B 165 -11.44 46.77 8.82
C ASN B 165 -10.35 46.07 9.62
N CYS B 166 -10.15 46.52 10.86
CA CYS B 166 -9.08 45.97 11.68
C CYS B 166 -9.56 44.68 12.33
N THR B 167 -8.79 43.61 12.14
CA THR B 167 -9.24 42.28 12.56
C THR B 167 -8.53 41.76 13.81
N PHE B 168 -7.40 42.33 14.20
CA PHE B 168 -6.68 41.81 15.36
C PHE B 168 -5.82 42.89 15.99
N GLU B 169 -5.87 42.94 17.32
CA GLU B 169 -5.08 43.82 18.16
C GLU B 169 -4.54 42.99 19.31
N TYR B 170 -3.35 43.34 19.81
CA TYR B 170 -2.73 42.49 20.83
C TYR B 170 -1.80 43.34 21.68
N VAL B 171 -1.86 43.13 23.00
CA VAL B 171 -1.03 43.86 23.96
C VAL B 171 -0.27 42.82 24.77
N SER B 172 1.05 42.92 24.74
CA SER B 172 1.92 41.98 25.45
C SER B 172 2.83 42.74 26.41
N GLN B 173 3.69 41.97 27.07
CA GLN B 173 4.67 42.56 27.97
C GLN B 173 5.76 43.27 27.18
N PRO B 174 6.25 44.40 27.67
CA PRO B 174 7.35 45.10 27.00
C PRO B 174 8.65 44.31 27.10
N PHE B 175 9.50 44.51 26.09
CA PHE B 175 10.66 43.63 25.88
C PHE B 175 11.77 43.86 26.91
N LEU B 176 12.04 45.13 27.24
CA LEU B 176 13.10 45.56 28.18
C LEU B 176 14.48 45.01 27.84
N LYS B 187 26.16 47.41 24.90
CA LYS B 187 26.36 46.29 25.81
C LYS B 187 25.11 45.44 25.91
N ASN B 188 24.19 45.64 24.97
CA ASN B 188 22.94 44.89 24.93
C ASN B 188 22.63 44.61 23.46
N LEU B 189 22.59 43.33 23.10
CA LEU B 189 22.28 42.89 21.75
C LEU B 189 20.92 42.20 21.74
N ARG B 190 20.07 42.60 20.79
CA ARG B 190 18.77 41.96 20.61
C ARG B 190 18.66 41.49 19.17
N GLU B 191 18.23 40.24 19.00
CA GLU B 191 18.17 39.58 17.71
C GLU B 191 16.74 39.14 17.47
N PHE B 192 16.25 39.30 16.25
CA PHE B 192 14.90 38.89 15.89
C PHE B 192 14.92 38.14 14.57
N VAL B 193 14.03 37.17 14.44
CA VAL B 193 13.77 36.47 13.18
C VAL B 193 12.27 36.49 12.95
N PHE B 194 11.85 36.93 11.77
CA PHE B 194 10.44 36.95 11.41
C PHE B 194 10.21 36.00 10.25
N LYS B 195 9.30 35.06 10.42
CA LYS B 195 8.99 34.10 9.36
C LYS B 195 7.48 33.96 9.24
N ASN B 196 7.03 33.59 8.06
CA ASN B 196 5.60 33.45 7.79
C ASN B 196 5.36 32.24 6.92
N ILE B 197 4.88 31.16 7.53
CA ILE B 197 4.68 29.88 6.85
C ILE B 197 3.32 29.32 7.25
N ASP B 198 2.57 28.86 6.24
CA ASP B 198 1.24 28.25 6.39
C ASP B 198 0.26 29.17 7.11
N GLY B 199 0.24 30.44 6.70
CA GLY B 199 -0.68 31.43 7.25
C GLY B 199 -0.24 32.08 8.55
N TYR B 200 0.23 31.28 9.50
CA TYR B 200 0.66 31.82 10.78
C TYR B 200 1.96 32.59 10.64
N PHE B 201 2.16 33.55 11.54
CA PHE B 201 3.31 34.44 11.53
C PHE B 201 4.09 34.24 12.82
N LYS B 202 5.39 33.98 12.70
CA LYS B 202 6.21 33.58 13.84
C LYS B 202 7.34 34.56 14.07
N ILE B 203 7.67 34.77 15.35
CA ILE B 203 8.73 35.68 15.76
C ILE B 203 9.63 34.95 16.76
N TYR B 204 10.94 35.03 16.54
CA TYR B 204 11.92 34.43 17.43
C TYR B 204 12.83 35.52 17.95
N SER B 205 13.41 35.31 19.12
CA SER B 205 14.22 36.36 19.73
C SER B 205 15.20 35.80 20.75
N LYS B 206 16.23 36.59 21.03
CA LYS B 206 17.07 36.40 22.21
C LYS B 206 17.74 37.72 22.57
N HIS B 207 17.50 38.17 23.79
CA HIS B 207 18.19 39.31 24.37
C HIS B 207 19.41 38.80 25.12
N THR B 208 20.55 39.42 24.88
CA THR B 208 21.78 39.05 25.57
C THR B 208 22.56 40.30 25.91
N PRO B 209 23.40 40.25 26.95
CA PRO B 209 24.30 41.38 27.20
C PRO B 209 25.43 41.44 26.16
N PRO B 217 30.29 41.00 17.00
CA PRO B 217 29.36 39.97 17.46
C PRO B 217 29.92 38.56 17.34
N GLN B 218 30.71 38.14 18.33
CA GLN B 218 31.21 36.77 18.40
C GLN B 218 30.53 36.07 19.55
N GLY B 219 30.09 34.84 19.31
CA GLY B 219 29.33 34.07 20.26
C GLY B 219 28.21 33.31 19.57
N PHE B 220 27.56 32.46 20.35
CA PHE B 220 26.52 31.57 19.85
C PHE B 220 25.26 31.76 20.69
N SER B 221 24.12 31.92 20.01
CA SER B 221 22.90 32.34 20.69
C SER B 221 21.77 31.35 20.42
N ALA B 222 20.88 31.24 21.39
CA ALA B 222 19.71 30.37 21.34
C ALA B 222 18.48 31.24 21.19
N LEU B 223 17.99 31.39 19.98
CA LEU B 223 16.81 32.23 19.76
C LEU B 223 15.55 31.46 20.17
N GLU B 224 14.78 32.03 21.08
CA GLU B 224 13.54 31.41 21.52
C GLU B 224 12.35 32.07 20.85
N PRO B 225 11.26 31.35 20.61
CA PRO B 225 10.06 31.98 20.06
C PRO B 225 9.38 32.88 21.07
N LEU B 226 8.60 33.82 20.55
CA LEU B 226 7.83 34.74 21.38
C LEU B 226 6.34 34.49 21.27
N VAL B 227 5.78 34.58 20.07
CA VAL B 227 4.35 34.33 19.87
C VAL B 227 4.16 33.95 18.40
N ASP B 228 3.16 33.11 18.15
CA ASP B 228 2.74 32.77 16.80
C ASP B 228 1.43 33.48 16.52
N LEU B 229 1.39 34.26 15.44
CA LEU B 229 0.21 35.03 15.12
C LEU B 229 -0.48 34.43 13.90
N PRO B 230 -1.66 33.85 14.05
CA PRO B 230 -2.37 33.26 12.90
C PRO B 230 -3.13 34.30 12.09
N ILE B 231 -2.37 35.18 11.44
CA ILE B 231 -2.95 36.33 10.75
C ILE B 231 -3.49 35.90 9.40
N GLY B 232 -2.61 35.36 8.55
CA GLY B 232 -3.03 34.95 7.22
C GLY B 232 -2.93 36.09 6.23
N ILE B 233 -1.73 36.64 6.08
CA ILE B 233 -1.48 37.81 5.25
C ILE B 233 -0.34 37.50 4.29
N ASN B 234 -0.51 37.87 3.02
CA ASN B 234 0.61 37.87 2.10
C ASN B 234 1.56 39.00 2.50
N ILE B 235 2.83 38.67 2.70
CA ILE B 235 3.77 39.54 3.38
C ILE B 235 5.00 39.75 2.50
N THR B 236 5.37 41.03 2.29
CA THR B 236 6.49 41.37 1.42
C THR B 236 7.47 42.40 1.97
N ARG B 237 7.05 43.39 2.76
CA ARG B 237 7.90 44.51 3.11
C ARG B 237 7.95 44.67 4.61
N PHE B 238 9.10 45.10 5.13
CA PHE B 238 9.31 45.16 6.58
C PHE B 238 9.99 46.49 6.96
N GLN B 239 9.41 47.61 6.48
CA GLN B 239 9.88 48.96 6.79
C GLN B 239 9.93 49.24 8.29
N THR B 240 11.13 49.42 8.83
CA THR B 240 11.30 49.55 10.26
C THR B 240 10.91 50.94 10.73
N LEU B 241 10.76 51.09 12.04
CA LEU B 241 10.31 52.33 12.66
C LEU B 241 11.30 52.74 13.73
N LEU B 242 11.80 53.97 13.64
CA LEU B 242 12.72 54.50 14.64
C LEU B 242 11.97 55.37 15.63
N ALA B 263 23.15 51.93 18.26
CA ALA B 263 22.42 52.92 17.47
C ALA B 263 22.38 52.52 16.00
N ALA B 264 22.77 51.28 15.72
CA ALA B 264 22.81 50.76 14.37
C ALA B 264 22.22 49.35 14.36
N TYR B 265 21.71 48.94 13.21
CA TYR B 265 21.01 47.66 13.11
C TYR B 265 21.48 46.88 11.90
N TYR B 266 21.28 45.56 11.95
CA TYR B 266 21.75 44.61 10.95
C TYR B 266 20.53 43.95 10.32
N VAL B 267 20.60 43.66 9.02
CA VAL B 267 19.50 43.03 8.30
C VAL B 267 20.03 41.83 7.52
N GLY B 268 19.52 40.63 7.85
CA GLY B 268 19.87 39.43 7.14
C GLY B 268 18.63 38.70 6.65
N TYR B 269 18.85 37.67 5.83
CA TYR B 269 17.77 36.99 5.13
C TYR B 269 17.76 35.50 5.48
N LEU B 270 16.78 34.79 4.94
CA LEU B 270 16.57 33.38 5.25
C LEU B 270 16.54 32.56 3.98
N GLN B 271 17.07 31.34 4.05
CA GLN B 271 17.16 30.42 2.95
C GLN B 271 16.88 29.00 3.41
N PRO B 272 16.39 28.13 2.53
CA PRO B 272 16.14 26.74 2.92
C PRO B 272 17.41 25.90 3.07
N ARG B 273 18.02 25.94 4.25
CA ARG B 273 19.25 25.20 4.51
C ARG B 273 18.99 24.10 5.53
N THR B 274 19.67 22.97 5.36
CA THR B 274 19.67 21.92 6.38
C THR B 274 20.81 22.20 7.34
N PHE B 275 20.51 22.15 8.63
CA PHE B 275 21.51 22.36 9.67
C PHE B 275 21.68 21.09 10.48
N LEU B 276 22.65 21.10 11.38
CA LEU B 276 22.82 20.04 12.35
C LEU B 276 23.06 20.70 13.71
N LEU B 277 22.16 20.45 14.64
CA LEU B 277 22.12 21.14 15.91
C LEU B 277 22.46 20.16 17.01
N LYS B 278 23.21 20.62 18.01
CA LYS B 278 23.48 19.81 19.18
C LYS B 278 22.78 20.42 20.39
N TYR B 279 22.29 19.57 21.27
CA TYR B 279 21.58 20.00 22.45
C TYR B 279 22.37 19.59 23.69
N ASN B 280 21.97 20.13 24.83
CA ASN B 280 22.68 19.88 26.07
C ASN B 280 21.74 19.17 27.05
N GLU B 281 22.25 18.93 28.25
CA GLU B 281 21.45 18.24 29.27
C GLU B 281 20.35 19.12 29.83
N ASN B 282 20.47 20.44 29.67
CA ASN B 282 19.34 21.31 29.98
C ASN B 282 18.41 21.45 28.80
N GLY B 283 18.77 20.87 27.66
CA GLY B 283 17.96 20.94 26.46
C GLY B 283 18.18 22.17 25.62
N THR B 284 19.12 23.03 25.98
CA THR B 284 19.44 24.19 25.19
C THR B 284 20.42 23.84 24.09
N ILE B 285 20.41 24.62 23.02
CA ILE B 285 21.42 24.48 21.98
C ILE B 285 22.73 25.05 22.52
N THR B 286 23.84 24.52 22.02
CA THR B 286 25.14 25.06 22.38
C THR B 286 26.08 25.26 21.19
N ASP B 287 25.86 24.56 20.07
CA ASP B 287 26.66 24.74 18.87
C ASP B 287 25.87 24.21 17.70
N ALA B 288 26.20 24.68 16.50
CA ALA B 288 25.51 24.21 15.30
C ALA B 288 26.47 24.27 14.13
N VAL B 289 26.24 23.38 13.16
CA VAL B 289 27.02 23.36 11.92
C VAL B 289 26.06 23.34 10.74
N ASP B 290 26.53 23.89 9.62
CA ASP B 290 25.82 23.87 8.37
C ASP B 290 26.15 22.58 7.62
N CYS B 291 25.46 22.35 6.52
CA CYS B 291 25.76 21.22 5.64
C CYS B 291 26.34 21.65 4.29
N ALA B 292 26.31 22.93 3.97
CA ALA B 292 26.69 23.41 2.64
C ALA B 292 27.59 24.64 2.75
N LEU B 293 28.68 24.51 3.51
CA LEU B 293 29.40 25.68 4.01
C LEU B 293 30.76 25.93 3.37
N ASP B 294 31.28 25.05 2.49
CA ASP B 294 32.53 24.29 2.69
C ASP B 294 32.27 22.88 3.21
N PRO B 295 32.12 21.91 2.27
CA PRO B 295 31.72 20.53 2.59
C PRO B 295 32.57 19.72 3.56
N LEU B 296 33.61 20.28 4.18
CA LEU B 296 34.07 19.72 5.46
C LEU B 296 32.90 19.57 6.43
N SER B 297 32.06 20.60 6.52
CA SER B 297 30.86 20.53 7.36
C SER B 297 29.84 19.53 6.82
N GLU B 298 29.88 19.23 5.52
CA GLU B 298 28.94 18.25 4.97
C GLU B 298 29.24 16.85 5.49
N THR B 299 30.49 16.54 5.81
CA THR B 299 30.80 15.28 6.45
C THR B 299 30.30 15.25 7.88
N LYS B 300 30.31 16.39 8.56
CA LYS B 300 29.68 16.48 9.87
C LYS B 300 28.18 16.28 9.76
N CYS B 301 27.56 16.69 8.65
CA CYS B 301 26.12 16.46 8.49
C CYS B 301 25.82 15.02 8.12
N THR B 302 26.65 14.38 7.30
CA THR B 302 26.38 13.00 6.90
C THR B 302 26.72 12.01 7.99
N LEU B 303 27.77 12.27 8.77
CA LEU B 303 28.16 11.35 9.83
C LEU B 303 27.37 11.56 11.12
N LYS B 304 26.59 12.64 11.20
CA LYS B 304 25.88 13.07 12.42
C LYS B 304 26.83 13.18 13.59
N SER B 305 27.92 13.91 13.38
CA SER B 305 28.93 14.09 14.41
C SER B 305 29.51 15.49 14.28
N PHE B 306 30.22 15.91 15.31
CA PHE B 306 30.93 17.19 15.26
C PHE B 306 32.43 17.02 15.13
N THR B 307 32.93 15.81 15.33
CA THR B 307 34.32 15.46 15.05
C THR B 307 34.32 14.27 14.12
N VAL B 308 35.09 14.35 13.05
CA VAL B 308 35.24 13.23 12.13
C VAL B 308 36.65 12.70 12.26
N GLU B 309 36.81 11.40 11.99
CA GLU B 309 38.10 10.76 12.10
C GLU B 309 38.77 10.72 10.73
N LYS B 310 40.00 10.19 10.71
CA LYS B 310 40.80 10.17 9.49
C LYS B 310 40.24 9.16 8.50
N GLY B 311 39.90 9.63 7.31
CA GLY B 311 39.40 8.74 6.29
C GLY B 311 38.79 9.51 5.13
N ILE B 312 38.07 8.76 4.30
CA ILE B 312 37.37 9.28 3.14
C ILE B 312 35.89 9.01 3.31
N TYR B 313 35.06 10.00 3.01
CA TYR B 313 33.63 9.92 3.28
C TYR B 313 32.85 10.39 2.06
N GLN B 314 32.06 9.51 1.47
CA GLN B 314 31.25 9.87 0.31
C GLN B 314 30.06 10.67 0.79
N THR B 315 30.07 11.98 0.52
CA THR B 315 29.03 12.85 1.04
C THR B 315 27.81 12.86 0.14
N SER B 316 27.97 13.30 -1.10
CA SER B 316 26.83 13.53 -1.97
C SER B 316 27.28 13.38 -3.43
N ASN B 317 26.42 13.78 -4.34
CA ASN B 317 26.73 13.78 -5.77
C ASN B 317 26.60 15.20 -6.30
N PHE B 318 27.54 15.59 -7.16
CA PHE B 318 27.44 16.85 -7.87
C PHE B 318 26.93 16.60 -9.27
N ARG B 319 26.07 17.48 -9.74
CA ARG B 319 25.54 17.39 -11.10
C ARG B 319 25.77 18.72 -11.79
N VAL B 320 26.20 18.65 -13.05
CA VAL B 320 26.35 19.85 -13.85
C VAL B 320 24.97 20.33 -14.25
N GLN B 321 24.49 21.37 -13.58
CA GLN B 321 23.18 21.91 -13.90
C GLN B 321 23.22 22.60 -15.25
N PRO B 322 22.24 22.38 -16.11
CA PRO B 322 22.29 22.97 -17.45
C PRO B 322 21.74 24.38 -17.47
N THR B 323 22.22 25.14 -18.45
CA THR B 323 21.67 26.44 -18.77
C THR B 323 21.01 26.37 -20.14
N GLU B 324 20.45 27.51 -20.56
CA GLU B 324 20.04 27.85 -21.93
C GLU B 324 19.18 26.76 -22.59
N SER B 325 17.97 26.65 -22.06
CA SER B 325 16.97 25.72 -22.56
C SER B 325 16.62 26.00 -24.02
N ILE B 326 16.56 24.92 -24.81
CA ILE B 326 16.28 25.01 -26.25
C ILE B 326 15.03 24.21 -26.57
N VAL B 327 14.26 24.70 -27.54
CA VAL B 327 13.00 24.10 -27.95
C VAL B 327 13.03 23.93 -29.46
N ARG B 328 12.75 22.73 -29.93
CA ARG B 328 12.74 22.42 -31.36
C ARG B 328 11.44 21.74 -31.72
N PHE B 329 10.61 22.43 -32.50
CA PHE B 329 9.32 21.94 -32.97
C PHE B 329 9.33 21.90 -34.50
N PRO B 330 8.37 21.23 -35.13
CA PRO B 330 8.35 21.19 -36.60
C PRO B 330 8.11 22.57 -37.22
N ASN B 331 8.31 22.61 -38.54
CA ASN B 331 8.52 23.85 -39.27
C ASN B 331 7.22 24.61 -39.55
N ILE B 332 6.23 23.93 -40.12
CA ILE B 332 5.09 24.60 -40.74
C ILE B 332 4.20 25.22 -39.68
N THR B 333 3.77 26.46 -39.94
CA THR B 333 2.83 27.18 -39.09
C THR B 333 1.40 27.04 -39.61
N ASN B 334 1.09 25.90 -40.20
CA ASN B 334 -0.28 25.59 -40.60
C ASN B 334 -1.16 25.43 -39.37
N LEU B 335 -2.28 26.11 -39.35
CA LEU B 335 -3.21 26.02 -38.23
C LEU B 335 -4.02 24.74 -38.36
N CYS B 336 -4.11 23.98 -37.27
CA CYS B 336 -4.94 22.78 -37.28
C CYS B 336 -6.40 23.17 -37.30
N PRO B 337 -7.21 22.57 -38.17
CA PRO B 337 -8.58 23.05 -38.42
C PRO B 337 -9.57 22.66 -37.33
N PHE B 338 -9.41 23.26 -36.15
CA PHE B 338 -10.37 23.07 -35.07
C PHE B 338 -11.68 23.79 -35.31
N GLY B 339 -11.68 24.84 -36.15
CA GLY B 339 -12.92 25.53 -36.44
C GLY B 339 -13.87 24.72 -37.28
N GLU B 340 -13.33 23.80 -38.08
CA GLU B 340 -14.16 22.88 -38.85
C GLU B 340 -14.90 21.91 -37.92
N VAL B 341 -14.22 21.42 -36.88
CA VAL B 341 -14.80 20.41 -36.01
C VAL B 341 -15.72 21.05 -34.98
N PHE B 342 -15.24 22.11 -34.31
CA PHE B 342 -16.03 22.74 -33.26
C PHE B 342 -17.17 23.57 -33.83
N ASN B 343 -16.86 24.48 -34.75
CA ASN B 343 -17.89 25.33 -35.35
C ASN B 343 -18.48 24.69 -36.61
N ALA B 344 -18.88 23.44 -36.50
CA ALA B 344 -19.56 22.76 -37.59
C ALA B 344 -21.05 23.09 -37.54
N THR B 345 -21.66 23.21 -38.73
CA THR B 345 -23.08 23.55 -38.79
C THR B 345 -23.94 22.40 -38.30
N ARG B 346 -23.69 21.20 -38.79
CA ARG B 346 -24.43 20.01 -38.39
C ARG B 346 -23.51 19.06 -37.65
N PHE B 347 -24.01 18.52 -36.55
CA PHE B 347 -23.30 17.50 -35.79
C PHE B 347 -24.04 16.18 -35.92
N ALA B 348 -23.29 15.10 -35.86
CA ALA B 348 -23.86 13.79 -36.16
C ALA B 348 -24.50 13.18 -34.92
N SER B 349 -25.38 12.21 -35.17
CA SER B 349 -25.98 11.43 -34.10
C SER B 349 -24.96 10.47 -33.51
N VAL B 350 -25.28 9.92 -32.34
CA VAL B 350 -24.30 9.17 -31.58
C VAL B 350 -24.03 7.79 -32.18
N TYR B 351 -24.90 7.29 -33.05
CA TYR B 351 -24.56 6.06 -33.77
C TYR B 351 -23.90 6.34 -35.10
N ALA B 352 -24.01 7.56 -35.61
CA ALA B 352 -23.40 7.94 -36.88
C ALA B 352 -22.32 9.00 -36.71
N TRP B 353 -21.67 8.99 -35.54
CA TRP B 353 -20.63 9.95 -35.19
C TRP B 353 -19.44 9.86 -36.14
N ASN B 354 -18.77 10.98 -36.32
CA ASN B 354 -17.71 11.09 -37.32
C ASN B 354 -16.35 11.26 -36.66
N ARG B 355 -15.32 10.96 -37.44
CA ARG B 355 -13.93 11.23 -37.08
C ARG B 355 -13.37 12.31 -37.96
N LYS B 356 -12.26 12.89 -37.52
CA LYS B 356 -11.43 13.72 -38.39
C LYS B 356 -9.98 13.53 -37.99
N ARG B 357 -9.21 12.86 -38.84
CA ARG B 357 -7.78 12.71 -38.57
C ARG B 357 -7.09 14.04 -38.85
N ILE B 358 -6.31 14.50 -37.87
CA ILE B 358 -5.64 15.79 -37.93
C ILE B 358 -4.14 15.54 -37.94
N SER B 359 -3.44 16.18 -38.87
CA SER B 359 -2.01 15.96 -39.01
C SER B 359 -1.36 17.17 -39.69
N ASN B 360 -0.03 17.17 -39.61
CA ASN B 360 0.94 18.13 -40.19
C ASN B 360 0.47 19.59 -40.12
N CYS B 361 0.09 20.00 -38.92
CA CYS B 361 -0.31 21.38 -38.68
C CYS B 361 0.11 21.78 -37.26
N VAL B 362 -0.38 22.93 -36.81
CA VAL B 362 -0.09 23.44 -35.47
C VAL B 362 -1.41 23.82 -34.82
N ALA B 363 -1.69 23.23 -33.66
CA ALA B 363 -2.97 23.39 -32.99
C ALA B 363 -2.83 24.30 -31.79
N ASP B 364 -3.77 25.23 -31.64
CA ASP B 364 -3.78 26.15 -30.51
C ASP B 364 -4.81 25.67 -29.50
N TYR B 365 -4.35 24.94 -28.49
CA TYR B 365 -5.21 24.43 -27.43
C TYR B 365 -5.49 25.46 -26.34
N SER B 366 -4.90 26.65 -26.43
CA SER B 366 -5.04 27.64 -25.37
C SER B 366 -6.43 28.26 -25.36
N VAL B 367 -6.96 28.62 -26.53
CA VAL B 367 -8.25 29.30 -26.59
C VAL B 367 -9.41 28.39 -26.23
N LEU B 368 -9.23 27.08 -26.38
CA LEU B 368 -10.27 26.13 -25.98
C LEU B 368 -10.42 26.10 -24.47
N TYR B 369 -9.32 26.00 -23.75
CA TYR B 369 -9.39 26.07 -22.29
C TYR B 369 -9.74 27.47 -21.81
N ASN B 370 -9.38 28.49 -22.58
CA ASN B 370 -9.75 29.87 -22.25
C ASN B 370 -11.07 30.25 -22.93
N SER B 371 -12.08 29.41 -22.70
CA SER B 371 -13.41 29.64 -23.21
C SER B 371 -14.41 29.20 -22.16
N ALA B 372 -15.28 30.13 -21.76
CA ALA B 372 -16.24 29.84 -20.70
C ALA B 372 -17.47 29.10 -21.21
N SER B 373 -17.61 28.90 -22.52
CA SER B 373 -18.79 28.24 -23.06
C SER B 373 -18.78 26.74 -22.80
N PHE B 374 -17.62 26.12 -22.72
CA PHE B 374 -17.52 24.68 -22.54
C PHE B 374 -17.86 24.34 -21.09
N SER B 375 -18.95 23.58 -20.91
CA SER B 375 -19.43 23.31 -19.56
C SER B 375 -18.51 22.36 -18.80
N THR B 376 -18.11 21.26 -19.44
CA THR B 376 -17.19 20.31 -18.82
C THR B 376 -15.91 20.22 -19.64
N PHE B 377 -14.80 19.97 -18.95
CA PHE B 377 -13.51 19.90 -19.61
C PHE B 377 -12.67 18.93 -18.78
N LYS B 378 -12.73 17.65 -19.15
CA LYS B 378 -12.05 16.59 -18.40
C LYS B 378 -11.07 15.89 -19.33
N CYS B 379 -9.81 15.85 -18.92
CA CYS B 379 -8.75 15.26 -19.73
C CYS B 379 -8.19 14.05 -19.00
N TYR B 380 -8.11 12.92 -19.70
CA TYR B 380 -7.64 11.68 -19.11
C TYR B 380 -6.26 11.34 -19.68
N GLY B 381 -5.25 11.30 -18.81
CA GLY B 381 -3.90 11.00 -19.24
C GLY B 381 -3.09 12.20 -19.70
N VAL B 382 -3.66 13.40 -19.69
CA VAL B 382 -2.97 14.59 -20.15
C VAL B 382 -3.52 15.77 -19.35
N SER B 383 -2.70 16.80 -19.21
CA SER B 383 -2.99 18.02 -18.48
C SER B 383 -3.42 19.14 -19.42
N PRO B 384 -4.36 20.00 -19.00
CA PRO B 384 -4.87 21.06 -19.89
C PRO B 384 -3.88 22.15 -20.23
N THR B 385 -3.14 22.66 -19.25
CA THR B 385 -2.29 23.82 -19.46
C THR B 385 -1.07 23.53 -20.33
N LYS B 386 -0.66 22.27 -20.43
CA LYS B 386 0.51 21.91 -21.22
C LYS B 386 0.12 21.14 -22.48
N LEU B 387 -1.14 21.23 -22.90
CA LEU B 387 -1.52 20.73 -24.22
C LEU B 387 -0.91 21.55 -25.34
N ASN B 388 -0.51 22.79 -25.06
CA ASN B 388 0.28 23.58 -26.00
C ASN B 388 1.72 23.11 -26.09
N ASP B 389 2.18 22.26 -25.17
CA ASP B 389 3.59 21.89 -25.12
C ASP B 389 3.88 20.50 -25.68
N LEU B 390 2.86 19.69 -25.95
CA LEU B 390 3.04 18.27 -26.26
C LEU B 390 2.70 18.01 -27.72
N CYS B 391 3.57 17.27 -28.40
CA CYS B 391 3.35 16.93 -29.79
C CYS B 391 2.99 15.46 -29.96
N PHE B 392 2.11 15.20 -30.92
CA PHE B 392 1.48 13.91 -31.08
C PHE B 392 1.66 13.42 -32.51
N THR B 393 1.75 12.10 -32.65
CA THR B 393 1.86 11.50 -33.98
C THR B 393 0.56 11.64 -34.75
N ASN B 394 -0.57 11.45 -34.07
CA ASN B 394 -1.87 11.54 -34.72
C ASN B 394 -2.89 11.99 -33.68
N VAL B 395 -3.73 12.94 -34.08
CA VAL B 395 -4.76 13.50 -33.21
C VAL B 395 -6.10 13.27 -33.90
N TYR B 396 -7.02 12.62 -33.20
CA TYR B 396 -8.35 12.32 -33.71
C TYR B 396 -9.37 13.19 -32.98
N ALA B 397 -10.41 13.61 -33.70
CA ALA B 397 -11.52 14.33 -33.11
C ALA B 397 -12.81 13.59 -33.46
N ASP B 398 -13.63 13.34 -32.45
CA ASP B 398 -14.89 12.62 -32.63
C ASP B 398 -16.02 13.45 -32.04
N SER B 399 -17.08 13.65 -32.82
CA SER B 399 -18.15 14.57 -32.46
C SER B 399 -19.51 13.90 -32.59
N PHE B 400 -20.37 14.12 -31.59
CA PHE B 400 -21.72 13.58 -31.55
C PHE B 400 -22.55 14.42 -30.58
N VAL B 401 -23.86 14.16 -30.54
CA VAL B 401 -24.79 14.88 -29.67
C VAL B 401 -25.54 13.89 -28.81
N ILE B 402 -25.39 14.03 -27.48
CA ILE B 402 -26.12 13.23 -26.52
C ILE B 402 -26.84 14.17 -25.56
N ARG B 403 -27.43 13.57 -24.53
CA ARG B 403 -28.22 14.29 -23.53
C ARG B 403 -27.31 14.86 -22.46
N GLY B 404 -27.81 15.87 -21.75
CA GLY B 404 -27.04 16.50 -20.69
C GLY B 404 -26.82 15.65 -19.46
N ASP B 405 -27.63 14.59 -19.28
CA ASP B 405 -27.31 13.56 -18.32
C ASP B 405 -26.13 12.69 -18.74
N GLU B 406 -26.11 12.21 -19.98
CA GLU B 406 -25.18 11.17 -20.41
C GLU B 406 -23.79 11.68 -20.70
N VAL B 407 -23.45 12.91 -20.28
CA VAL B 407 -22.08 13.39 -20.35
C VAL B 407 -21.18 12.59 -19.43
N ARG B 408 -21.71 12.05 -18.32
CA ARG B 408 -20.88 11.29 -17.39
C ARG B 408 -20.43 9.96 -17.95
N GLN B 409 -21.12 9.42 -18.96
CA GLN B 409 -20.69 8.15 -19.52
C GLN B 409 -19.47 8.29 -20.41
N ILE B 410 -19.23 9.48 -20.96
CA ILE B 410 -18.14 9.66 -21.93
C ILE B 410 -16.87 9.85 -21.10
N ALA B 411 -16.27 8.73 -20.74
CA ALA B 411 -15.13 8.61 -19.84
C ALA B 411 -14.59 7.19 -19.97
N PRO B 412 -13.31 6.96 -19.70
CA PRO B 412 -12.82 5.58 -19.66
C PRO B 412 -13.39 4.81 -18.49
N GLY B 413 -13.62 3.51 -18.69
CA GLY B 413 -14.08 2.64 -17.63
C GLY B 413 -15.47 2.93 -17.11
N GLN B 414 -16.43 3.18 -17.99
CA GLN B 414 -17.77 3.56 -17.61
C GLN B 414 -18.79 2.68 -18.31
N THR B 415 -19.96 2.55 -17.68
CA THR B 415 -21.04 1.75 -18.21
C THR B 415 -22.29 2.61 -18.40
N GLY B 416 -23.21 2.10 -19.19
CA GLY B 416 -24.44 2.77 -19.50
C GLY B 416 -24.87 2.44 -20.91
N LYS B 417 -25.90 3.13 -21.38
CA LYS B 417 -26.37 2.89 -22.74
C LYS B 417 -25.44 3.53 -23.76
N ILE B 418 -25.04 4.77 -23.53
CA ILE B 418 -24.09 5.43 -24.43
C ILE B 418 -22.71 4.82 -24.28
N ALA B 419 -22.33 4.49 -23.04
CA ALA B 419 -20.98 4.03 -22.76
C ALA B 419 -20.73 2.64 -23.32
N ASP B 420 -21.77 1.83 -23.47
CA ASP B 420 -21.59 0.47 -23.99
C ASP B 420 -22.13 0.26 -25.38
N TYR B 421 -23.21 0.93 -25.76
CA TYR B 421 -23.88 0.65 -27.03
C TYR B 421 -23.80 1.79 -28.03
N ASN B 422 -23.27 2.95 -27.66
CA ASN B 422 -23.14 4.05 -28.60
C ASN B 422 -21.72 4.59 -28.72
N TYR B 423 -21.00 4.73 -27.62
CA TYR B 423 -19.64 5.27 -27.65
C TYR B 423 -18.88 4.75 -26.44
N LYS B 424 -17.91 3.86 -26.69
CA LYS B 424 -17.13 3.25 -25.62
C LYS B 424 -15.72 3.80 -25.64
N LEU B 425 -15.33 4.39 -24.57
CA LEU B 425 -13.95 4.82 -24.54
C LEU B 425 -13.05 3.70 -24.04
N PRO B 426 -11.83 3.57 -24.56
CA PRO B 426 -10.92 2.57 -24.03
C PRO B 426 -10.38 2.97 -22.68
N ASP B 427 -9.90 1.97 -21.93
CA ASP B 427 -9.40 2.20 -20.59
C ASP B 427 -8.09 2.99 -20.59
N ASP B 428 -7.27 2.82 -21.62
CA ASP B 428 -5.98 3.50 -21.73
C ASP B 428 -6.09 4.77 -22.56
N PHE B 429 -7.23 5.45 -22.45
CA PHE B 429 -7.50 6.65 -23.22
C PHE B 429 -6.57 7.79 -22.81
N THR B 430 -5.77 8.25 -23.76
CA THR B 430 -4.86 9.37 -23.56
C THR B 430 -5.43 10.51 -24.40
N GLY B 431 -6.32 11.27 -23.81
CA GLY B 431 -7.02 12.30 -24.55
C GLY B 431 -7.87 13.14 -23.62
N CYS B 432 -8.72 13.97 -24.21
CA CYS B 432 -9.52 14.88 -23.42
C CYS B 432 -10.87 15.09 -24.10
N VAL B 433 -11.90 15.31 -23.29
CA VAL B 433 -13.28 15.38 -23.78
C VAL B 433 -13.88 16.74 -23.39
N ILE B 434 -14.59 17.34 -24.34
CA ILE B 434 -15.18 18.67 -24.19
C ILE B 434 -16.65 18.60 -24.57
N ALA B 435 -17.51 19.18 -23.74
CA ALA B 435 -18.93 19.28 -24.06
C ALA B 435 -19.48 20.62 -23.59
N TRP B 436 -20.56 21.06 -24.23
CA TRP B 436 -21.19 22.33 -23.89
C TRP B 436 -22.68 22.24 -24.19
N ASN B 437 -23.44 23.13 -23.55
CA ASN B 437 -24.88 23.15 -23.69
C ASN B 437 -25.27 23.63 -25.10
N SER B 438 -26.18 22.90 -25.73
CA SER B 438 -26.53 23.13 -27.12
C SER B 438 -28.04 23.21 -27.28
N ASN B 439 -28.68 23.95 -26.38
CA ASN B 439 -30.12 24.18 -26.46
C ASN B 439 -30.50 25.04 -27.65
N ASN B 440 -29.62 25.96 -28.02
CA ASN B 440 -29.91 27.03 -28.98
C ASN B 440 -30.01 26.54 -30.43
N LEU B 441 -29.03 25.82 -30.95
CA LEU B 441 -29.06 25.40 -32.36
C LEU B 441 -29.42 23.94 -32.59
N ASP B 442 -29.82 23.21 -31.56
CA ASP B 442 -30.16 21.80 -31.74
C ASP B 442 -31.53 21.39 -31.21
N SER B 443 -32.15 22.18 -30.33
CA SER B 443 -33.41 21.81 -29.70
C SER B 443 -34.51 22.76 -30.16
N LYS B 444 -35.49 22.21 -30.87
CA LYS B 444 -36.61 23.00 -31.36
C LYS B 444 -37.89 22.49 -30.71
N VAL B 445 -38.94 23.32 -30.79
CA VAL B 445 -40.16 23.09 -30.05
C VAL B 445 -40.93 21.93 -30.69
N GLY B 446 -41.43 21.02 -29.84
CA GLY B 446 -42.20 19.88 -30.27
C GLY B 446 -41.40 18.60 -30.42
N GLY B 447 -40.09 18.71 -30.55
CA GLY B 447 -39.24 17.54 -30.70
C GLY B 447 -38.34 17.61 -31.92
N ASN B 448 -37.03 17.52 -31.70
CA ASN B 448 -36.07 17.40 -32.79
C ASN B 448 -35.65 15.94 -32.86
N TYR B 449 -35.88 15.32 -34.02
CA TYR B 449 -35.84 13.87 -34.14
C TYR B 449 -34.63 13.39 -34.95
N ASN B 450 -33.76 14.29 -35.38
CA ASN B 450 -32.64 13.90 -36.23
C ASN B 450 -31.57 13.17 -35.44
N TYR B 451 -31.54 13.37 -34.12
CA TYR B 451 -30.48 12.84 -33.28
C TYR B 451 -30.98 11.61 -32.54
N LEU B 452 -30.33 10.47 -32.80
CA LEU B 452 -30.79 9.16 -32.41
C LEU B 452 -29.82 8.55 -31.40
N TYR B 453 -30.18 7.36 -30.91
CA TYR B 453 -29.28 6.53 -30.12
C TYR B 453 -29.74 5.09 -30.17
N ARG B 454 -28.80 4.17 -29.99
CA ARG B 454 -29.07 2.75 -30.04
C ARG B 454 -29.38 2.25 -28.63
N LEU B 455 -30.62 1.83 -28.40
CA LEU B 455 -31.02 1.19 -27.16
C LEU B 455 -30.76 -0.31 -27.17
N PHE B 456 -30.77 -0.92 -28.35
CA PHE B 456 -30.74 -2.37 -28.50
C PHE B 456 -29.48 -2.79 -29.23
N ARG B 457 -28.57 -3.42 -28.51
CA ARG B 457 -27.52 -4.21 -29.14
C ARG B 457 -27.32 -5.45 -28.29
N LYS B 458 -27.09 -6.58 -28.97
CA LYS B 458 -26.96 -7.84 -28.26
C LYS B 458 -25.68 -7.96 -27.47
N SER B 459 -24.65 -7.19 -27.83
CA SER B 459 -23.37 -7.26 -27.16
C SER B 459 -22.88 -5.86 -26.84
N ASN B 460 -21.94 -5.78 -25.91
CA ASN B 460 -21.19 -4.55 -25.72
C ASN B 460 -20.28 -4.30 -26.92
N LEU B 461 -19.76 -3.08 -27.00
CA LEU B 461 -19.11 -2.61 -28.21
C LEU B 461 -17.64 -2.38 -27.91
N LYS B 462 -16.78 -2.79 -28.85
CA LYS B 462 -15.36 -2.54 -28.70
C LYS B 462 -15.11 -1.03 -28.82
N PRO B 463 -14.20 -0.48 -28.01
CA PRO B 463 -13.87 0.95 -28.15
C PRO B 463 -13.33 1.31 -29.52
N PHE B 464 -13.82 2.44 -30.04
CA PHE B 464 -13.48 3.03 -31.34
C PHE B 464 -13.80 2.13 -32.53
N GLU B 465 -14.68 1.14 -32.36
CA GLU B 465 -15.13 0.26 -33.45
C GLU B 465 -16.65 0.21 -33.33
N ARG B 466 -17.34 1.18 -33.93
CA ARG B 466 -18.74 1.42 -33.64
C ARG B 466 -19.58 1.34 -34.89
N ASP B 467 -20.74 0.69 -34.76
CA ASP B 467 -21.53 0.20 -35.88
C ASP B 467 -22.53 1.23 -36.38
N ILE B 468 -22.86 1.10 -37.66
CA ILE B 468 -23.82 1.93 -38.36
C ILE B 468 -25.10 1.14 -38.67
N SER B 469 -25.28 -0.01 -38.02
CA SER B 469 -26.22 -1.04 -38.46
C SER B 469 -27.67 -0.58 -38.34
N THR B 470 -28.44 -0.92 -39.37
CA THR B 470 -29.85 -0.58 -39.48
C THR B 470 -30.73 -1.79 -39.15
N GLU B 471 -30.16 -3.00 -39.17
CA GLU B 471 -30.88 -4.24 -38.93
C GLU B 471 -31.50 -4.29 -37.53
N ILE B 472 -32.78 -4.67 -37.48
CA ILE B 472 -33.54 -4.61 -36.24
C ILE B 472 -33.11 -5.71 -35.28
N TYR B 473 -33.36 -5.47 -34.00
CA TYR B 473 -32.96 -6.38 -32.94
C TYR B 473 -33.99 -7.49 -32.80
N GLN B 474 -33.52 -8.73 -32.75
CA GLN B 474 -34.39 -9.86 -32.46
C GLN B 474 -34.54 -10.00 -30.96
N ALA B 475 -35.66 -9.50 -30.42
CA ALA B 475 -36.00 -9.66 -29.02
C ALA B 475 -36.96 -10.80 -28.77
N GLY B 476 -36.90 -11.86 -29.58
CA GLY B 476 -37.75 -13.01 -29.41
C GLY B 476 -37.20 -14.22 -30.13
N SER B 477 -37.84 -15.37 -29.88
CA SER B 477 -37.41 -16.61 -30.52
C SER B 477 -37.80 -16.65 -31.98
N THR B 478 -38.94 -16.08 -32.33
CA THR B 478 -39.38 -16.05 -33.72
C THR B 478 -38.50 -15.09 -34.51
N PRO B 479 -37.99 -15.51 -35.68
CA PRO B 479 -37.13 -14.62 -36.48
C PRO B 479 -37.89 -13.42 -37.03
N CYS B 480 -37.15 -12.32 -37.18
CA CYS B 480 -37.77 -11.06 -37.58
C CYS B 480 -37.95 -10.98 -39.09
N ASN B 481 -36.98 -11.53 -39.84
CA ASN B 481 -36.94 -11.53 -41.31
C ASN B 481 -36.99 -10.12 -41.89
N GLY B 482 -36.39 -9.16 -41.19
CA GLY B 482 -36.45 -7.77 -41.60
C GLY B 482 -37.83 -7.17 -41.64
N VAL B 483 -38.64 -7.40 -40.60
CA VAL B 483 -39.97 -6.81 -40.49
C VAL B 483 -40.14 -6.28 -39.06
N GLU B 484 -40.39 -4.98 -38.96
CA GLU B 484 -40.60 -4.35 -37.66
C GLU B 484 -41.95 -4.75 -37.07
N GLY B 485 -41.99 -4.95 -35.76
CA GLY B 485 -43.22 -5.30 -35.08
C GLY B 485 -43.05 -5.76 -33.66
N PHE B 486 -43.81 -6.78 -33.26
CA PHE B 486 -43.73 -7.29 -31.89
C PHE B 486 -42.47 -8.11 -31.71
N ASN B 487 -41.70 -7.78 -30.66
CA ASN B 487 -40.42 -8.41 -30.28
C ASN B 487 -39.36 -8.33 -31.37
N CYS B 488 -39.54 -7.45 -32.36
CA CYS B 488 -38.57 -7.16 -33.41
C CYS B 488 -38.55 -5.65 -33.53
N TYR B 489 -37.75 -5.01 -32.69
CA TYR B 489 -37.79 -3.56 -32.56
C TYR B 489 -36.69 -2.94 -33.38
N PHE B 490 -36.97 -1.76 -33.92
CA PHE B 490 -35.95 -0.95 -34.56
C PHE B 490 -34.91 -0.58 -33.50
N PRO B 491 -33.62 -0.60 -33.83
CA PRO B 491 -32.60 -0.34 -32.80
C PRO B 491 -32.46 1.13 -32.44
N LEU B 492 -32.96 2.05 -33.26
CA LEU B 492 -32.66 3.47 -33.11
C LEU B 492 -33.87 4.21 -32.56
N GLN B 493 -33.64 4.95 -31.47
CA GLN B 493 -34.67 5.62 -30.69
C GLN B 493 -34.40 7.10 -30.58
N SER B 494 -35.45 7.89 -30.81
CA SER B 494 -35.31 9.34 -30.90
C SER B 494 -35.15 9.96 -29.53
N TYR B 495 -34.31 10.99 -29.46
CA TYR B 495 -34.16 11.76 -28.23
C TYR B 495 -35.39 12.63 -27.98
N GLY B 496 -35.83 13.35 -29.01
CA GLY B 496 -36.98 14.23 -28.89
C GLY B 496 -36.72 15.45 -28.03
N PHE B 497 -35.90 16.38 -28.52
CA PHE B 497 -35.52 17.54 -27.72
C PHE B 497 -36.67 18.54 -27.63
N GLN B 498 -37.08 18.84 -26.41
CA GLN B 498 -37.96 19.96 -26.13
C GLN B 498 -37.15 21.03 -25.41
N PRO B 499 -37.27 22.30 -25.81
CA PRO B 499 -36.46 23.36 -25.17
C PRO B 499 -36.86 23.66 -23.74
N THR B 500 -37.99 23.17 -23.27
CA THR B 500 -38.49 23.52 -21.95
C THR B 500 -37.80 22.71 -20.85
N ASN B 501 -37.28 21.52 -21.19
CA ASN B 501 -36.90 20.51 -20.21
C ASN B 501 -35.71 20.94 -19.36
N GLY B 502 -35.41 20.12 -18.36
CA GLY B 502 -34.44 20.45 -17.33
C GLY B 502 -33.00 20.44 -17.82
N VAL B 503 -32.11 20.77 -16.89
CA VAL B 503 -30.68 20.97 -17.15
C VAL B 503 -30.01 19.70 -17.66
N GLY B 504 -30.51 18.53 -17.25
CA GLY B 504 -29.94 17.31 -17.77
C GLY B 504 -30.47 16.84 -19.11
N TYR B 505 -31.41 17.56 -19.73
CA TYR B 505 -32.09 17.05 -20.91
C TYR B 505 -31.85 17.84 -22.17
N GLN B 506 -31.06 18.92 -22.13
CA GLN B 506 -30.76 19.65 -23.34
C GLN B 506 -29.77 18.88 -24.20
N PRO B 507 -29.72 19.17 -25.50
CA PRO B 507 -28.64 18.65 -26.34
C PRO B 507 -27.29 19.15 -25.84
N TYR B 508 -26.31 18.25 -25.83
CA TYR B 508 -24.94 18.59 -25.47
C TYR B 508 -24.03 18.07 -26.58
N ARG B 509 -23.39 18.99 -27.30
CA ARG B 509 -22.44 18.57 -28.32
C ARG B 509 -21.14 18.16 -27.65
N VAL B 510 -20.79 16.88 -27.80
CA VAL B 510 -19.59 16.31 -27.19
C VAL B 510 -18.54 16.14 -28.27
N VAL B 511 -17.36 16.70 -28.05
CA VAL B 511 -16.20 16.47 -28.90
C VAL B 511 -15.14 15.76 -28.08
N VAL B 512 -14.61 14.67 -28.63
CA VAL B 512 -13.61 13.84 -27.98
C VAL B 512 -12.31 13.97 -28.74
N LEU B 513 -11.27 14.42 -28.08
CA LEU B 513 -9.94 14.50 -28.68
C LEU B 513 -9.10 13.33 -28.19
N SER B 514 -8.40 12.67 -29.12
CA SER B 514 -7.57 11.52 -28.81
C SER B 514 -6.16 11.79 -29.27
N PHE B 515 -5.19 11.19 -28.59
CA PHE B 515 -3.78 11.44 -28.88
C PHE B 515 -3.02 10.13 -29.01
N GLU B 516 -2.04 10.12 -29.90
CA GLU B 516 -1.15 8.98 -30.05
C GLU B 516 0.19 9.42 -30.60
N PRO B 521 6.89 10.12 -36.33
CA PRO B 521 7.17 11.54 -36.12
C PRO B 521 5.99 12.25 -35.48
N ALA B 522 6.16 13.52 -35.13
CA ALA B 522 5.11 14.29 -34.47
C ALA B 522 4.56 15.33 -35.42
N THR B 523 3.23 15.38 -35.53
CA THR B 523 2.57 16.15 -36.56
C THR B 523 1.74 17.32 -36.06
N VAL B 524 1.27 17.30 -34.82
CA VAL B 524 0.36 18.31 -34.28
C VAL B 524 0.84 18.72 -32.89
N CYS B 525 1.11 20.01 -32.70
CA CYS B 525 1.28 20.60 -31.36
C CYS B 525 1.12 22.12 -31.38
N GLY B 526 1.48 22.74 -30.26
CA GLY B 526 1.18 24.11 -30.00
C GLY B 526 2.20 25.06 -30.59
N PRO B 527 1.86 26.34 -30.56
CA PRO B 527 2.70 27.37 -31.21
C PRO B 527 3.76 27.95 -30.29
N LYS B 528 4.82 27.20 -30.03
CA LYS B 528 5.94 27.70 -29.27
C LYS B 528 6.87 28.49 -30.19
N LYS B 529 7.91 29.09 -29.61
CA LYS B 529 8.83 29.92 -30.39
C LYS B 529 9.76 29.08 -31.25
N SER B 530 10.13 27.88 -30.79
CA SER B 530 11.02 26.94 -31.48
C SER B 530 12.38 27.58 -31.78
N THR B 531 13.09 27.87 -30.70
CA THR B 531 14.35 28.62 -30.77
C THR B 531 15.46 27.78 -31.40
N ASN B 532 16.58 28.43 -31.68
CA ASN B 532 17.74 27.78 -32.24
C ASN B 532 18.41 26.87 -31.21
N LEU B 533 19.35 26.08 -31.68
CA LEU B 533 19.94 25.00 -30.91
C LEU B 533 21.37 25.33 -30.51
N VAL B 534 21.78 24.79 -29.36
CA VAL B 534 23.13 24.98 -28.82
C VAL B 534 23.82 23.62 -28.82
N LYS B 535 25.05 23.58 -29.32
CA LYS B 535 25.80 22.35 -29.47
C LYS B 535 27.00 22.36 -28.55
N ASN B 536 27.32 21.16 -28.02
CA ASN B 536 28.46 20.79 -27.18
C ASN B 536 28.44 21.37 -25.77
N LYS B 537 27.41 22.10 -25.37
CA LYS B 537 27.25 22.52 -23.99
C LYS B 537 25.89 22.02 -23.50
N CYS B 538 25.87 21.37 -22.34
CA CYS B 538 24.73 20.56 -21.99
C CYS B 538 23.57 21.42 -21.53
N VAL B 539 22.41 21.21 -22.17
CA VAL B 539 21.23 22.01 -21.98
C VAL B 539 20.11 21.07 -21.55
N ASN B 540 18.98 21.63 -21.20
CA ASN B 540 17.76 20.86 -21.08
C ASN B 540 16.80 21.27 -22.20
N PHE B 541 16.34 20.28 -22.94
CA PHE B 541 15.59 20.55 -24.16
C PHE B 541 14.12 20.23 -24.00
N ASN B 542 13.32 20.79 -24.90
CA ASN B 542 11.95 20.39 -25.12
C ASN B 542 11.91 19.89 -26.55
N PHE B 543 12.86 19.02 -26.86
CA PHE B 543 13.24 18.63 -28.21
C PHE B 543 12.13 17.78 -28.82
N ASN B 544 11.09 18.48 -29.29
CA ASN B 544 9.90 17.91 -29.94
C ASN B 544 9.17 16.94 -29.01
N GLY B 545 8.70 17.48 -27.89
CA GLY B 545 7.86 16.71 -26.98
C GLY B 545 8.63 15.95 -25.92
N LEU B 546 9.76 15.36 -26.29
CA LEU B 546 10.59 14.62 -25.35
C LEU B 546 11.39 15.65 -24.56
N THR B 547 11.04 15.80 -23.29
CA THR B 547 11.76 16.71 -22.41
C THR B 547 12.88 15.95 -21.74
N GLY B 548 14.06 16.57 -21.71
CA GLY B 548 15.18 15.95 -21.04
C GLY B 548 16.38 16.87 -21.11
N THR B 549 17.44 16.47 -20.43
CA THR B 549 18.68 17.23 -20.42
C THR B 549 19.81 16.40 -21.01
N GLY B 550 20.87 17.08 -21.41
CA GLY B 550 22.03 16.41 -21.96
C GLY B 550 22.81 17.31 -22.88
N VAL B 551 24.00 16.84 -23.26
CA VAL B 551 24.87 17.55 -24.17
C VAL B 551 24.61 17.04 -25.58
N LEU B 552 24.66 17.94 -26.55
CA LEU B 552 24.22 17.64 -27.91
C LEU B 552 25.41 17.69 -28.85
N THR B 553 25.58 16.62 -29.63
CA THR B 553 26.71 16.47 -30.54
C THR B 553 26.19 15.78 -31.80
N GLU B 554 26.82 16.03 -32.94
CA GLU B 554 26.38 15.40 -34.18
C GLU B 554 26.80 13.93 -34.21
N SER B 555 25.82 13.06 -34.47
CA SER B 555 26.04 11.62 -34.50
C SER B 555 26.33 11.15 -35.91
N ASN B 556 26.48 9.83 -36.08
CA ASN B 556 26.98 9.26 -37.32
C ASN B 556 26.04 8.23 -37.95
N LYS B 557 24.78 8.15 -37.52
CA LYS B 557 23.94 7.01 -37.90
C LYS B 557 22.77 7.45 -38.77
N LYS B 558 21.93 6.50 -39.14
CA LYS B 558 20.89 6.75 -40.12
C LYS B 558 19.53 6.35 -39.57
N PHE B 559 18.71 7.34 -39.25
CA PHE B 559 17.28 7.10 -39.05
C PHE B 559 16.63 6.81 -40.39
N LEU B 560 15.51 6.14 -40.35
CA LEU B 560 14.78 6.08 -41.61
C LEU B 560 13.63 7.09 -41.59
N PRO B 561 13.24 7.65 -42.76
CA PRO B 561 12.57 8.97 -42.77
C PRO B 561 11.21 9.14 -42.10
N PHE B 562 10.66 8.14 -41.39
CA PHE B 562 9.53 8.41 -40.52
C PHE B 562 9.85 8.12 -39.05
N GLN B 563 11.09 8.34 -38.66
CA GLN B 563 11.41 8.22 -37.25
C GLN B 563 11.78 9.60 -36.68
N GLN B 564 11.57 9.77 -35.38
CA GLN B 564 11.77 11.04 -34.71
C GLN B 564 12.81 10.91 -33.60
N PHE B 565 12.85 9.75 -32.95
CA PHE B 565 13.64 9.56 -31.73
C PHE B 565 14.29 8.19 -31.74
N GLY B 566 15.35 8.05 -30.93
CA GLY B 566 16.02 6.78 -30.80
C GLY B 566 16.22 6.31 -29.36
N ARG B 567 15.59 5.20 -28.99
CA ARG B 567 15.65 4.63 -27.64
C ARG B 567 16.62 3.46 -27.64
N ASP B 568 17.79 3.66 -27.03
CA ASP B 568 18.80 2.61 -27.02
C ASP B 568 18.42 1.47 -26.09
N ILE B 569 18.34 1.74 -24.79
CA ILE B 569 17.99 0.74 -23.78
C ILE B 569 17.51 1.51 -22.57
N ALA B 570 16.62 0.88 -21.79
CA ALA B 570 15.99 1.44 -20.58
C ALA B 570 15.22 2.72 -20.88
N ASP B 571 14.65 2.79 -22.08
CA ASP B 571 13.73 3.86 -22.53
C ASP B 571 14.42 5.23 -22.46
N THR B 572 15.66 5.27 -22.96
CA THR B 572 16.49 6.47 -22.93
C THR B 572 16.72 6.96 -24.34
N THR B 573 16.38 8.22 -24.59
CA THR B 573 16.59 8.82 -25.90
C THR B 573 18.07 9.05 -26.10
N ASP B 574 18.67 8.33 -27.05
CA ASP B 574 20.11 8.36 -27.26
C ASP B 574 20.53 9.25 -28.42
N ALA B 575 19.82 9.17 -29.54
CA ALA B 575 20.03 10.07 -30.66
C ALA B 575 18.68 10.56 -31.14
N VAL B 576 18.65 11.72 -31.79
CA VAL B 576 17.40 12.34 -32.17
C VAL B 576 17.62 13.13 -33.47
N ARG B 577 16.60 13.14 -34.32
CA ARG B 577 16.59 13.92 -35.55
C ARG B 577 15.81 15.20 -35.31
N ASP B 578 16.44 16.34 -35.58
CA ASP B 578 15.81 17.61 -35.23
C ASP B 578 14.69 17.92 -36.22
N PRO B 579 13.61 18.54 -35.76
CA PRO B 579 12.46 18.75 -36.64
C PRO B 579 12.63 19.84 -37.68
N GLN B 580 13.38 20.88 -37.33
CA GLN B 580 13.46 22.06 -38.20
C GLN B 580 14.34 21.84 -39.41
N THR B 581 15.39 21.03 -39.29
CA THR B 581 16.40 20.95 -40.34
C THR B 581 16.71 19.51 -40.76
N LEU B 582 16.33 18.51 -39.94
CA LEU B 582 16.44 17.08 -40.24
C LEU B 582 17.90 16.62 -40.39
N GLU B 583 18.75 17.02 -39.43
CA GLU B 583 19.99 16.32 -39.14
C GLU B 583 19.82 15.53 -37.84
N ILE B 584 20.84 14.77 -37.48
CA ILE B 584 20.78 13.95 -36.28
C ILE B 584 21.71 14.52 -35.22
N LEU B 585 21.37 14.28 -33.97
CA LEU B 585 22.14 14.70 -32.81
C LEU B 585 22.03 13.63 -31.75
N ASP B 586 23.15 13.25 -31.13
CA ASP B 586 23.06 12.26 -30.07
C ASP B 586 22.97 12.96 -28.70
N ILE B 587 22.38 12.26 -27.74
CA ILE B 587 22.08 12.82 -26.43
C ILE B 587 22.84 12.01 -25.39
N THR B 588 24.02 12.45 -25.07
CA THR B 588 24.60 11.84 -23.88
C THR B 588 24.42 12.76 -22.69
N PRO B 589 24.22 12.23 -21.48
CA PRO B 589 24.05 13.11 -20.33
C PRO B 589 25.39 13.72 -19.92
N CYS B 590 25.35 15.00 -19.55
CA CYS B 590 26.58 15.65 -19.15
C CYS B 590 26.96 15.21 -17.75
N SER B 591 28.21 15.50 -17.38
CA SER B 591 28.93 14.74 -16.37
C SER B 591 28.32 14.86 -14.97
N PHE B 592 28.38 13.75 -14.24
CA PHE B 592 27.97 13.72 -12.85
C PHE B 592 28.81 12.67 -12.15
N GLY B 593 28.88 12.77 -10.83
CA GLY B 593 29.61 11.78 -10.06
C GLY B 593 29.51 12.11 -8.59
N GLY B 594 29.95 11.16 -7.79
CA GLY B 594 29.98 11.38 -6.36
C GLY B 594 31.10 12.32 -5.96
N VAL B 595 30.95 12.91 -4.78
CA VAL B 595 32.00 13.72 -4.19
C VAL B 595 32.33 13.12 -2.83
N SER B 596 33.62 12.91 -2.58
CA SER B 596 34.09 12.36 -1.33
C SER B 596 35.34 13.12 -0.93
N VAL B 597 35.43 13.47 0.34
CA VAL B 597 36.47 14.35 0.79
C VAL B 597 37.59 13.52 1.41
N ILE B 598 38.73 14.14 1.64
CA ILE B 598 39.81 13.54 2.41
C ILE B 598 40.00 14.43 3.63
N THR B 599 39.96 13.83 4.80
CA THR B 599 40.22 14.61 5.99
C THR B 599 41.30 13.95 6.83
N PRO B 600 42.09 14.74 7.55
CA PRO B 600 43.09 14.14 8.44
C PRO B 600 42.53 13.93 9.84
N GLY B 601 41.23 14.09 9.98
CA GLY B 601 40.60 14.09 11.29
C GLY B 601 40.31 15.50 11.74
N THR B 602 39.20 15.70 12.44
CA THR B 602 38.90 17.01 13.02
C THR B 602 39.92 17.38 14.09
N ASN B 603 40.34 16.38 14.88
CA ASN B 603 41.21 16.64 16.02
C ASN B 603 42.60 17.10 15.59
N THR B 604 43.11 16.60 14.46
CA THR B 604 44.41 17.05 14.00
C THR B 604 44.33 18.42 13.35
N SER B 605 43.54 18.55 12.28
CA SER B 605 43.48 19.79 11.52
C SER B 605 42.06 20.01 11.03
N ASN B 606 41.89 21.01 10.18
CA ASN B 606 40.60 21.34 9.60
C ASN B 606 40.61 21.46 8.09
N GLN B 607 41.77 21.55 7.46
CA GLN B 607 41.81 21.61 6.00
C GLN B 607 41.52 20.24 5.42
N VAL B 608 40.84 20.22 4.27
CA VAL B 608 40.43 18.98 3.62
C VAL B 608 40.78 19.04 2.15
N ALA B 609 40.98 17.87 1.57
CA ALA B 609 41.02 17.71 0.12
C ALA B 609 39.70 17.12 -0.33
N VAL B 610 39.35 17.37 -1.58
CA VAL B 610 38.07 16.97 -2.14
C VAL B 610 38.34 16.14 -3.39
N LEU B 611 37.74 14.97 -3.46
CA LEU B 611 37.84 14.13 -4.65
C LEU B 611 36.49 14.07 -5.34
N TYR B 612 36.48 14.41 -6.62
CA TYR B 612 35.32 14.23 -7.46
C TYR B 612 35.44 12.90 -8.18
N GLN B 613 34.43 12.05 -8.03
CA GLN B 613 34.50 10.71 -8.59
C GLN B 613 34.35 10.75 -10.11
N ASP B 614 35.26 10.06 -10.79
CA ASP B 614 35.23 9.68 -12.22
C ASP B 614 34.83 10.82 -13.16
N VAL B 615 35.42 11.99 -12.96
CA VAL B 615 35.27 13.10 -13.90
C VAL B 615 36.65 13.66 -14.21
N ASN B 616 36.74 14.33 -15.37
CA ASN B 616 37.88 15.20 -15.61
C ASN B 616 37.86 16.41 -14.68
N CYS B 617 39.03 17.06 -14.62
CA CYS B 617 39.16 18.36 -14.00
C CYS B 617 38.89 19.49 -14.98
N THR B 618 38.34 19.17 -16.15
CA THR B 618 37.98 20.20 -17.12
C THR B 618 36.75 20.98 -16.70
N GLU B 619 36.00 20.51 -15.71
CA GLU B 619 34.91 21.25 -15.11
C GLU B 619 35.34 21.79 -13.75
N VAL B 620 34.40 22.40 -13.05
CA VAL B 620 34.67 22.94 -11.73
C VAL B 620 34.62 21.83 -10.69
N THR B 638 39.57 25.93 -1.44
CA THR B 638 38.83 25.40 -2.57
C THR B 638 39.44 25.85 -3.90
N GLY B 639 39.94 24.90 -4.66
CA GLY B 639 40.55 25.21 -5.94
C GLY B 639 41.96 25.73 -5.86
N SER B 640 42.72 25.35 -4.83
CA SER B 640 44.12 25.77 -4.76
C SER B 640 44.97 24.98 -5.75
N ASN B 641 45.04 23.65 -5.57
CA ASN B 641 45.80 22.78 -6.44
C ASN B 641 44.89 21.68 -6.96
N VAL B 642 45.09 21.30 -8.22
CA VAL B 642 44.21 20.38 -8.92
C VAL B 642 45.06 19.28 -9.54
N PHE B 643 44.74 18.03 -9.22
CA PHE B 643 45.47 16.88 -9.74
C PHE B 643 44.47 15.83 -10.17
N GLN B 644 44.69 15.26 -11.35
CA GLN B 644 43.77 14.26 -11.92
C GLN B 644 44.36 12.87 -11.74
N THR B 645 43.59 11.99 -11.14
CA THR B 645 43.95 10.60 -10.94
C THR B 645 43.01 9.69 -11.71
N ARG B 646 43.26 8.39 -11.63
CA ARG B 646 42.38 7.43 -12.29
C ARG B 646 41.04 7.32 -11.56
N ALA B 647 41.02 7.61 -10.26
CA ALA B 647 39.76 7.60 -9.51
C ALA B 647 38.91 8.80 -9.81
N GLY B 648 39.47 9.88 -10.31
CA GLY B 648 38.71 11.06 -10.61
C GLY B 648 39.58 12.31 -10.53
N CYS B 649 38.97 13.41 -10.10
CA CYS B 649 39.63 14.69 -10.00
C CYS B 649 39.85 15.05 -8.54
N LEU B 650 41.10 15.32 -8.18
CA LEU B 650 41.49 15.56 -6.80
C LEU B 650 41.86 17.03 -6.64
N ILE B 651 41.22 17.71 -5.70
CA ILE B 651 41.38 19.15 -5.50
C ILE B 651 41.79 19.40 -4.07
N GLY B 652 42.90 20.12 -3.88
CA GLY B 652 43.30 20.53 -2.56
C GLY B 652 44.44 19.75 -1.95
N ALA B 653 44.97 18.76 -2.66
CA ALA B 653 46.15 18.03 -2.24
C ALA B 653 47.18 18.08 -3.35
N GLU B 654 48.45 17.94 -2.97
CA GLU B 654 49.55 18.09 -3.92
C GLU B 654 50.23 16.76 -4.16
N HIS B 655 50.63 16.53 -5.41
CA HIS B 655 51.36 15.33 -5.77
C HIS B 655 52.78 15.38 -5.23
N VAL B 656 53.22 14.26 -4.67
CA VAL B 656 54.57 14.09 -4.14
C VAL B 656 55.15 12.83 -4.75
N ASN B 657 56.38 12.91 -5.28
CA ASN B 657 56.95 11.76 -5.98
C ASN B 657 57.38 10.66 -5.01
N ASN B 658 57.92 11.02 -3.85
CA ASN B 658 58.37 9.99 -2.92
C ASN B 658 57.17 9.31 -2.29
N SER B 659 57.35 8.05 -1.91
CA SER B 659 56.23 7.19 -1.58
C SER B 659 56.39 6.59 -0.19
N TYR B 660 55.26 6.41 0.49
CA TYR B 660 55.21 5.83 1.83
C TYR B 660 54.09 4.79 1.88
N GLU B 661 54.11 3.97 2.92
CA GLU B 661 52.96 3.15 3.24
C GLU B 661 51.83 4.07 3.70
N CYS B 662 50.70 3.99 3.04
CA CYS B 662 49.75 5.10 3.05
C CYS B 662 48.66 4.91 4.09
N ASP B 663 48.07 6.05 4.48
CA ASP B 663 47.02 6.10 5.49
C ASP B 663 45.62 6.09 4.90
N ILE B 664 45.28 7.08 4.08
CA ILE B 664 43.93 7.25 3.57
C ILE B 664 43.88 6.65 2.17
N PRO B 665 43.09 5.60 1.93
CA PRO B 665 42.93 5.07 0.58
C PRO B 665 42.22 6.03 -0.35
N ILE B 666 42.55 5.93 -1.64
CA ILE B 666 41.90 6.73 -2.67
C ILE B 666 41.39 5.83 -3.77
N GLY B 667 42.28 5.02 -4.34
CA GLY B 667 41.95 4.21 -5.50
C GLY B 667 43.08 4.29 -6.50
N ALA B 668 43.32 3.18 -7.19
CA ALA B 668 44.35 3.00 -8.21
C ALA B 668 45.76 3.27 -7.68
N GLY B 669 45.98 3.04 -6.38
CA GLY B 669 47.27 3.15 -5.78
C GLY B 669 47.60 4.51 -5.19
N ILE B 670 46.83 5.54 -5.55
CA ILE B 670 47.00 6.84 -4.91
C ILE B 670 46.50 6.76 -3.48
N CYS B 671 47.14 7.51 -2.58
CA CYS B 671 46.72 7.56 -1.19
C CYS B 671 46.79 8.99 -0.70
N ALA B 672 46.66 9.17 0.61
CA ALA B 672 46.74 10.49 1.22
C ALA B 672 47.21 10.42 2.66
N VAL B 687 47.85 13.52 6.41
CA VAL B 687 48.51 14.82 6.42
C VAL B 687 50.00 14.59 6.69
N ALA B 688 50.84 15.46 6.14
CA ALA B 688 52.28 15.43 6.37
C ALA B 688 52.84 16.80 6.05
N SER B 689 53.59 17.37 6.99
CA SER B 689 54.23 18.69 6.89
C SER B 689 53.19 19.78 6.63
N GLN B 690 52.25 19.89 7.58
CA GLN B 690 51.14 20.87 7.66
C GLN B 690 50.28 20.96 6.39
N SER B 691 50.28 19.93 5.54
CA SER B 691 49.45 19.97 4.34
C SER B 691 49.07 18.54 3.96
N ILE B 692 47.94 18.42 3.26
CA ILE B 692 47.43 17.13 2.83
C ILE B 692 48.08 16.77 1.50
N ILE B 693 48.75 15.62 1.44
CA ILE B 693 49.50 15.22 0.28
C ILE B 693 48.84 14.02 -0.37
N ALA B 694 49.27 13.73 -1.59
CA ALA B 694 48.79 12.59 -2.36
C ALA B 694 49.95 11.99 -3.13
N TYR B 695 50.01 10.66 -3.13
CA TYR B 695 51.18 9.95 -3.64
C TYR B 695 50.77 8.55 -4.02
N THR B 696 51.60 7.91 -4.84
CA THR B 696 51.44 6.48 -5.06
C THR B 696 51.91 5.73 -3.83
N MET B 697 51.26 4.61 -3.54
CA MET B 697 51.52 3.89 -2.30
C MET B 697 52.81 3.08 -2.43
N SER B 698 53.64 3.14 -1.39
CA SER B 698 54.84 2.30 -1.35
C SER B 698 54.45 0.91 -0.88
N LEU B 699 54.86 -0.09 -1.64
CA LEU B 699 54.26 -1.41 -1.50
C LEU B 699 54.84 -2.15 -0.31
N GLY B 700 56.09 -1.85 0.03
CA GLY B 700 56.76 -2.42 1.18
C GLY B 700 58.18 -1.92 1.21
N ALA B 701 58.88 -2.24 2.31
CA ALA B 701 60.28 -1.88 2.42
C ALA B 701 61.10 -2.76 1.48
N GLU B 702 61.61 -2.18 0.42
CA GLU B 702 62.18 -2.94 -0.69
C GLU B 702 63.59 -3.40 -0.35
N ASN B 703 63.78 -4.71 -0.23
CA ASN B 703 65.11 -5.26 0.02
C ASN B 703 65.18 -6.72 -0.45
N SER B 704 66.29 -7.05 -1.09
CA SER B 704 66.57 -8.41 -1.54
C SER B 704 67.43 -9.14 -0.52
N VAL B 705 67.57 -10.45 -0.71
CA VAL B 705 68.27 -11.31 0.22
C VAL B 705 69.43 -11.99 -0.52
N ALA B 706 70.59 -12.04 0.14
CA ALA B 706 71.80 -12.57 -0.49
C ALA B 706 71.70 -14.08 -0.64
N TYR B 707 71.73 -14.54 -1.88
CA TYR B 707 71.52 -15.95 -2.17
C TYR B 707 72.70 -16.52 -2.94
N SER B 708 73.17 -17.68 -2.50
CA SER B 708 74.21 -18.43 -3.18
C SER B 708 73.89 -19.91 -3.02
N ASN B 709 74.49 -20.73 -3.87
CA ASN B 709 74.14 -22.15 -3.86
C ASN B 709 74.75 -22.93 -2.70
N ASN B 710 75.57 -22.30 -1.87
CA ASN B 710 76.09 -23.02 -0.71
C ASN B 710 76.17 -22.16 0.52
N SER B 711 75.32 -21.14 0.64
CA SER B 711 75.28 -20.30 1.83
C SER B 711 73.92 -20.42 2.49
N ILE B 712 73.92 -20.83 3.76
CA ILE B 712 72.71 -20.95 4.55
C ILE B 712 72.81 -19.93 5.68
N ALA B 713 71.68 -19.38 6.10
CA ALA B 713 71.60 -18.47 7.22
C ALA B 713 70.82 -19.12 8.35
N ILE B 714 71.43 -19.17 9.53
CA ILE B 714 70.85 -19.87 10.68
C ILE B 714 70.77 -18.91 11.86
N PRO B 715 69.61 -18.76 12.49
CA PRO B 715 69.51 -17.87 13.65
C PRO B 715 70.23 -18.43 14.86
N THR B 716 70.80 -17.52 15.65
CA THR B 716 71.44 -17.88 16.90
C THR B 716 70.64 -17.48 18.13
N ASN B 717 69.65 -16.62 17.97
CA ASN B 717 68.83 -16.14 19.06
C ASN B 717 67.36 -16.26 18.67
N PHE B 718 66.49 -15.86 19.59
CA PHE B 718 65.06 -15.95 19.34
C PHE B 718 64.34 -15.04 20.33
N THR B 719 63.21 -14.53 19.90
CA THR B 719 62.30 -13.85 20.80
C THR B 719 60.95 -14.57 20.76
N ILE B 720 60.28 -14.60 21.89
CA ILE B 720 58.90 -15.07 21.96
C ILE B 720 58.02 -13.85 22.06
N SER B 721 57.05 -13.74 21.17
CA SER B 721 56.22 -12.56 21.05
C SER B 721 54.77 -12.98 21.16
N VAL B 722 54.05 -12.42 22.11
CA VAL B 722 52.66 -12.78 22.34
C VAL B 722 51.80 -11.71 21.69
N THR B 723 50.95 -12.11 20.77
CA THR B 723 50.17 -11.18 19.97
C THR B 723 48.69 -11.51 20.07
N THR B 724 47.87 -10.47 20.16
CA THR B 724 46.44 -10.67 20.33
C THR B 724 45.77 -10.92 19.00
N GLU B 725 44.52 -11.37 19.09
CA GLU B 725 43.69 -11.65 17.91
C GLU B 725 42.25 -11.69 18.38
N ILE B 726 41.40 -10.83 17.82
CA ILE B 726 40.08 -10.55 18.36
C ILE B 726 39.02 -11.01 17.37
N LEU B 727 38.06 -11.78 17.86
CA LEU B 727 36.99 -12.33 17.04
C LEU B 727 35.64 -12.14 17.73
N PRO B 728 34.64 -11.63 17.02
CA PRO B 728 33.29 -11.61 17.59
C PRO B 728 32.57 -12.94 17.41
N VAL B 729 31.95 -13.41 18.49
CA VAL B 729 31.27 -14.70 18.46
C VAL B 729 29.75 -14.58 18.53
N SER B 730 29.20 -13.45 18.96
CA SER B 730 27.76 -13.35 19.07
C SER B 730 27.34 -11.89 18.97
N MET B 731 26.10 -11.69 18.59
CA MET B 731 25.47 -10.38 18.61
C MET B 731 24.27 -10.44 19.52
N THR B 732 23.60 -9.31 19.71
CA THR B 732 22.51 -9.24 20.67
C THR B 732 21.28 -9.95 20.16
N LYS B 733 20.66 -10.76 21.01
CA LYS B 733 19.44 -11.49 20.65
C LYS B 733 18.27 -10.54 20.81
N THR B 734 17.79 -10.01 19.68
CA THR B 734 16.66 -9.10 19.67
C THR B 734 15.42 -9.81 19.12
N SER B 735 14.28 -9.16 19.27
CA SER B 735 13.04 -9.64 18.68
C SER B 735 12.10 -8.45 18.48
N VAL B 736 11.37 -8.46 17.37
CA VAL B 736 10.33 -7.48 17.09
C VAL B 736 9.11 -8.23 16.58
N ASP B 737 7.97 -8.03 17.22
CA ASP B 737 6.69 -8.52 16.72
C ASP B 737 6.02 -7.43 15.89
N CYS B 738 5.20 -7.85 14.93
CA CYS B 738 4.55 -6.88 14.04
C CYS B 738 3.53 -6.04 14.77
N THR B 739 2.51 -6.67 15.34
CA THR B 739 1.24 -6.04 15.70
C THR B 739 1.38 -4.92 16.72
N MET B 740 2.48 -4.87 17.45
CA MET B 740 2.82 -3.70 18.24
C MET B 740 3.71 -2.72 17.49
N TYR B 741 4.47 -3.18 16.50
CA TYR B 741 5.37 -2.29 15.79
C TYR B 741 4.63 -1.50 14.71
N ILE B 742 4.05 -2.20 13.75
CA ILE B 742 3.42 -1.53 12.61
C ILE B 742 2.02 -1.04 12.94
N CYS B 743 1.46 -1.38 14.10
CA CYS B 743 0.18 -0.84 14.51
C CYS B 743 0.27 -0.03 15.79
N GLY B 744 0.81 -0.59 16.86
CA GLY B 744 0.88 0.14 18.10
C GLY B 744 -0.42 0.16 18.85
N ASP B 745 -0.99 -1.03 19.06
CA ASP B 745 -2.20 -1.26 19.86
C ASP B 745 -3.39 -0.47 19.32
N SER B 746 -3.64 -0.62 18.03
CA SER B 746 -4.87 -0.19 17.40
C SER B 746 -5.62 -1.41 16.89
N THR B 747 -6.91 -1.48 17.20
CA THR B 747 -7.70 -2.65 16.79
C THR B 747 -7.90 -2.69 15.29
N GLU B 748 -8.30 -1.57 14.71
CA GLU B 748 -8.58 -1.50 13.28
C GLU B 748 -7.35 -1.70 12.42
N CYS B 749 -6.19 -1.24 12.92
CA CYS B 749 -4.93 -1.52 12.23
C CYS B 749 -4.63 -3.00 12.19
N SER B 750 -4.90 -3.72 13.28
CA SER B 750 -4.66 -5.15 13.31
C SER B 750 -5.66 -5.90 12.44
N ASN B 751 -6.90 -5.44 12.40
CA ASN B 751 -7.89 -6.08 11.54
C ASN B 751 -7.62 -5.80 10.06
N LEU B 752 -6.87 -4.75 9.76
CA LEU B 752 -6.48 -4.55 8.37
C LEU B 752 -5.16 -5.27 8.07
N LEU B 753 -4.34 -5.51 9.09
CA LEU B 753 -3.10 -6.24 8.90
C LEU B 753 -3.34 -7.74 8.72
N LEU B 754 -4.44 -8.26 9.29
CA LEU B 754 -4.76 -9.69 9.19
C LEU B 754 -5.00 -10.17 7.76
N GLN B 755 -5.26 -9.26 6.83
CA GLN B 755 -5.43 -9.62 5.43
C GLN B 755 -4.12 -9.96 4.75
N TYR B 756 -2.98 -9.63 5.35
CA TYR B 756 -1.69 -9.86 4.71
C TYR B 756 -1.14 -11.25 4.97
N GLY B 757 -1.85 -12.10 5.68
CA GLY B 757 -1.43 -13.47 5.85
C GLY B 757 -0.50 -13.62 7.03
N SER B 758 0.55 -14.42 6.86
CA SER B 758 1.44 -14.78 7.94
C SER B 758 2.84 -14.28 7.65
N PHE B 759 2.94 -13.01 7.23
CA PHE B 759 4.23 -12.33 7.17
C PHE B 759 4.85 -12.23 8.55
N CYS B 760 4.03 -11.94 9.55
CA CYS B 760 4.50 -11.71 10.90
C CYS B 760 4.99 -12.98 11.57
N THR B 761 4.37 -14.11 11.25
CA THR B 761 4.88 -15.40 11.69
C THR B 761 6.27 -15.65 11.13
N GLN B 762 6.48 -15.31 9.85
CA GLN B 762 7.79 -15.45 9.21
C GLN B 762 8.84 -14.59 9.89
N LEU B 763 8.48 -13.32 10.19
CA LEU B 763 9.45 -12.40 10.77
C LEU B 763 9.82 -12.81 12.20
N ASN B 764 8.81 -13.14 13.02
CA ASN B 764 9.09 -13.56 14.39
C ASN B 764 9.86 -14.87 14.43
N ARG B 765 9.58 -15.78 13.49
CA ARG B 765 10.31 -17.04 13.45
C ARG B 765 11.76 -16.82 13.01
N ALA B 766 11.99 -15.87 12.09
CA ALA B 766 13.36 -15.58 11.67
C ALA B 766 14.19 -14.98 12.81
N LEU B 767 13.61 -14.03 13.56
CA LEU B 767 14.33 -13.48 14.71
C LEU B 767 14.57 -14.53 15.79
N THR B 768 13.61 -15.43 16.02
CA THR B 768 13.82 -16.49 17.00
C THR B 768 14.92 -17.44 16.56
N GLY B 769 14.98 -17.73 15.25
CA GLY B 769 16.04 -18.59 14.73
C GLY B 769 17.42 -17.99 14.91
N ILE B 770 17.57 -16.68 14.63
CA ILE B 770 18.89 -16.11 14.81
C ILE B 770 19.24 -15.93 16.29
N ALA B 771 18.25 -15.78 17.18
CA ALA B 771 18.56 -15.68 18.61
C ALA B 771 19.04 -17.01 19.18
N VAL B 772 18.38 -18.11 18.77
CA VAL B 772 18.86 -19.44 19.13
C VAL B 772 20.25 -19.70 18.56
N GLU B 773 20.52 -19.16 17.37
CA GLU B 773 21.83 -19.30 16.77
C GLU B 773 22.91 -18.58 17.58
N GLN B 774 22.63 -17.37 18.09
CA GLN B 774 23.67 -16.71 18.90
C GLN B 774 23.82 -17.34 20.28
N ASP B 775 22.83 -18.07 20.77
CA ASP B 775 23.10 -18.89 21.95
C ASP B 775 24.05 -20.03 21.60
N LYS B 776 23.80 -20.68 20.46
CA LYS B 776 24.57 -21.87 20.09
C LYS B 776 25.99 -21.52 19.67
N ASN B 777 26.22 -20.30 19.20
CA ASN B 777 27.56 -19.84 18.82
C ASN B 777 28.45 -19.72 20.04
N THR B 778 27.96 -19.07 21.10
CA THR B 778 28.71 -18.95 22.34
C THR B 778 28.91 -20.31 22.98
N GLN B 779 27.89 -21.18 22.88
CA GLN B 779 28.00 -22.52 23.43
C GLN B 779 29.09 -23.33 22.75
N GLU B 780 29.19 -23.26 21.42
CA GLU B 780 30.22 -24.03 20.73
C GLU B 780 31.59 -23.40 20.79
N VAL B 781 31.71 -22.09 21.02
CA VAL B 781 33.05 -21.52 21.16
C VAL B 781 33.60 -21.82 22.54
N PHE B 782 32.85 -21.49 23.59
CA PHE B 782 33.47 -21.48 24.92
C PHE B 782 33.41 -22.81 25.64
N ALA B 783 32.36 -23.61 25.43
CA ALA B 783 32.17 -24.83 26.22
C ALA B 783 32.88 -26.02 25.58
N GLN B 784 34.19 -25.85 25.38
CA GLN B 784 35.00 -26.91 24.80
C GLN B 784 35.52 -27.89 25.84
N VAL B 785 35.34 -27.59 27.11
CA VAL B 785 35.79 -28.48 28.17
C VAL B 785 34.57 -28.83 29.03
N LYS B 786 34.55 -30.06 29.53
CA LYS B 786 33.41 -30.55 30.29
C LYS B 786 33.66 -30.61 31.79
N GLN B 787 34.88 -30.35 32.23
CA GLN B 787 35.19 -30.20 33.63
C GLN B 787 35.65 -28.76 33.87
N ILE B 788 35.64 -28.36 35.13
CA ILE B 788 36.02 -27.01 35.51
C ILE B 788 37.29 -27.12 36.33
N TYR B 789 38.42 -26.85 35.69
CA TYR B 789 39.72 -26.95 36.33
C TYR B 789 40.04 -25.67 37.06
N LYS B 790 40.77 -25.80 38.16
CA LYS B 790 41.26 -24.66 38.92
C LYS B 790 42.76 -24.76 39.06
N THR B 791 43.43 -23.62 38.93
CA THR B 791 44.87 -23.56 39.10
C THR B 791 45.22 -23.79 40.57
N PRO B 792 46.39 -24.39 40.83
CA PRO B 792 46.81 -24.56 42.22
C PRO B 792 47.17 -23.22 42.85
N PRO B 793 47.05 -23.09 44.17
CA PRO B 793 47.36 -21.80 44.81
C PRO B 793 48.84 -21.44 44.78
N ILE B 794 49.74 -22.39 44.62
CA ILE B 794 51.14 -22.06 44.41
C ILE B 794 51.33 -21.59 42.97
N LYS B 795 52.01 -20.47 42.80
CA LYS B 795 52.30 -19.93 41.48
C LYS B 795 53.81 -20.01 41.29
N ASP B 796 54.26 -21.20 40.89
CA ASP B 796 55.68 -21.49 40.73
C ASP B 796 55.90 -22.24 39.42
N PHE B 797 55.35 -21.69 38.34
CA PHE B 797 55.39 -22.34 37.04
C PHE B 797 56.75 -22.15 36.34
N GLY B 798 57.82 -22.51 37.04
CA GLY B 798 59.15 -22.41 36.51
C GLY B 798 59.65 -21.00 36.29
N GLY B 799 58.98 -20.00 36.84
CA GLY B 799 59.36 -18.62 36.62
C GLY B 799 58.50 -17.88 35.63
N PHE B 800 57.49 -18.52 35.06
CA PHE B 800 56.56 -17.86 34.16
C PHE B 800 55.51 -17.15 35.01
N ASN B 801 55.24 -15.89 34.70
CA ASN B 801 54.24 -15.14 35.46
C ASN B 801 52.92 -15.13 34.72
N PHE B 802 51.88 -15.63 35.38
CA PHE B 802 50.54 -15.71 34.81
C PHE B 802 49.54 -14.85 35.56
N SER B 803 50.01 -13.93 36.41
CA SER B 803 49.08 -13.19 37.24
C SER B 803 48.36 -12.10 36.48
N GLN B 804 48.86 -11.71 35.32
CA GLN B 804 48.15 -10.78 34.47
C GLN B 804 47.09 -11.46 33.61
N ILE B 805 46.99 -12.78 33.68
CA ILE B 805 46.06 -13.49 32.80
C ILE B 805 45.17 -14.48 33.57
N LEU B 806 45.52 -14.90 34.76
CA LEU B 806 44.64 -15.72 35.58
C LEU B 806 43.66 -14.83 36.36
N PRO B 807 42.44 -15.31 36.60
CA PRO B 807 41.44 -14.47 37.29
C PRO B 807 41.76 -14.25 38.75
N ASP B 808 41.61 -13.01 39.20
CA ASP B 808 41.80 -12.60 40.58
C ASP B 808 40.47 -12.57 41.32
N PRO B 809 40.44 -13.00 42.58
CA PRO B 809 39.17 -13.07 43.31
C PRO B 809 38.65 -11.73 43.81
N SER B 810 39.39 -10.64 43.61
CA SER B 810 38.96 -9.35 44.12
C SER B 810 37.82 -8.76 43.31
N LYS B 811 37.74 -9.09 42.02
CA LYS B 811 36.79 -8.44 41.12
C LYS B 811 35.83 -9.46 40.49
N ARG B 815 37.68 -12.32 37.83
CA ARG B 815 37.85 -11.94 36.43
C ARG B 815 39.16 -11.18 36.26
N SER B 816 40.00 -11.69 35.36
CA SER B 816 41.40 -11.30 35.23
C SER B 816 41.55 -9.88 34.72
N PRO B 817 42.70 -9.22 34.97
CA PRO B 817 42.89 -7.83 34.50
C PRO B 817 42.73 -7.58 33.01
N ILE B 818 43.08 -8.55 32.15
CA ILE B 818 42.89 -8.34 30.71
C ILE B 818 41.42 -8.27 30.37
N GLU B 819 40.59 -9.13 30.96
CA GLU B 819 39.14 -9.04 30.69
C GLU B 819 38.52 -7.78 31.28
N ASP B 820 39.06 -7.27 32.38
CA ASP B 820 38.53 -6.01 32.91
C ASP B 820 38.88 -4.85 32.00
N LEU B 821 40.11 -4.85 31.48
CA LEU B 821 40.50 -3.87 30.48
C LEU B 821 39.65 -3.98 29.22
N LEU B 822 39.35 -5.20 28.79
CA LEU B 822 38.53 -5.40 27.60
C LEU B 822 37.07 -5.02 27.83
N PHE B 823 36.58 -5.19 29.06
CA PHE B 823 35.20 -4.81 29.34
C PHE B 823 35.05 -3.31 29.45
N ASN B 824 36.09 -2.58 29.87
CA ASN B 824 35.97 -1.14 30.01
C ASN B 824 36.28 -0.39 28.71
N LYS B 825 36.34 -1.08 27.57
CA LYS B 825 36.64 -0.43 26.29
C LYS B 825 35.55 -0.64 25.26
N VAL B 826 34.29 -0.74 25.70
CA VAL B 826 33.16 -0.86 24.79
C VAL B 826 32.08 0.14 25.18
N THR B 827 31.19 0.42 24.24
CA THR B 827 30.15 1.43 24.36
C THR B 827 28.79 0.82 24.08
N LEU B 828 28.49 -0.28 24.78
CA LEU B 828 27.25 -1.04 24.61
C LEU B 828 25.98 -0.23 24.87
N GLN B 853 16.83 1.61 25.01
CA GLN B 853 15.84 0.81 25.71
C GLN B 853 14.56 0.70 24.88
N LYS B 854 13.69 -0.23 25.27
CA LYS B 854 12.54 -0.62 24.47
C LYS B 854 11.44 0.44 24.49
N PHE B 855 10.78 0.61 23.34
CA PHE B 855 9.54 1.37 23.32
C PHE B 855 8.38 0.56 22.77
N ASN B 856 8.50 0.03 21.56
CA ASN B 856 7.36 -0.55 20.84
C ASN B 856 7.70 -1.88 20.17
N GLY B 857 7.55 -2.97 20.92
CA GLY B 857 7.72 -4.28 20.34
C GLY B 857 9.14 -4.77 20.37
N LEU B 858 10.08 -3.85 20.58
CA LEU B 858 11.48 -4.21 20.64
C LEU B 858 11.77 -4.91 21.96
N THR B 859 12.39 -6.07 21.88
CA THR B 859 12.73 -6.84 23.06
C THR B 859 14.15 -7.35 22.91
N VAL B 860 14.95 -7.18 23.95
CA VAL B 860 16.34 -7.63 23.96
C VAL B 860 16.39 -8.79 24.94
N LEU B 861 16.39 -10.00 24.40
CA LEU B 861 16.46 -11.19 25.24
C LEU B 861 17.86 -11.33 25.83
N PRO B 862 17.98 -11.70 27.11
CA PRO B 862 19.29 -11.86 27.70
C PRO B 862 19.97 -13.10 27.16
N PRO B 863 21.30 -13.13 27.13
CA PRO B 863 22.00 -14.33 26.67
C PRO B 863 21.81 -15.48 27.64
N LEU B 864 21.88 -16.69 27.11
CA LEU B 864 21.72 -17.88 27.93
C LEU B 864 22.90 -18.05 28.88
N LEU B 865 24.09 -17.71 28.43
CA LEU B 865 25.29 -17.77 29.26
C LEU B 865 25.61 -16.36 29.73
N THR B 866 25.63 -16.16 31.04
CA THR B 866 25.97 -14.84 31.54
C THR B 866 27.49 -14.66 31.52
N ASP B 867 27.92 -13.42 31.76
CA ASP B 867 29.31 -13.05 31.51
C ASP B 867 30.26 -13.69 32.51
N GLU B 868 29.83 -13.82 33.78
CA GLU B 868 30.70 -14.48 34.76
C GLU B 868 30.76 -15.99 34.50
N MET B 869 29.73 -16.55 33.89
CA MET B 869 29.77 -17.95 33.48
C MET B 869 30.78 -18.18 32.36
N ILE B 870 30.81 -17.26 31.39
CA ILE B 870 31.80 -17.32 30.31
C ILE B 870 33.20 -17.13 30.87
N ALA B 871 33.34 -16.28 31.90
CA ALA B 871 34.62 -16.14 32.57
C ALA B 871 35.03 -17.42 33.30
N GLN B 872 34.05 -18.18 33.81
CA GLN B 872 34.36 -19.47 34.42
C GLN B 872 34.83 -20.48 33.37
N TYR B 873 34.20 -20.49 32.19
CA TYR B 873 34.73 -21.25 31.05
C TYR B 873 36.16 -20.90 30.71
N THR B 874 36.46 -19.60 30.58
CA THR B 874 37.81 -19.22 30.17
C THR B 874 38.84 -19.49 31.26
N SER B 875 38.45 -19.35 32.53
CA SER B 875 39.34 -19.72 33.63
C SER B 875 39.60 -21.21 33.67
N ALA B 876 38.57 -22.03 33.39
CA ALA B 876 38.76 -23.47 33.37
C ALA B 876 39.66 -23.90 32.22
N LEU B 877 39.45 -23.32 31.03
CA LEU B 877 40.30 -23.61 29.88
C LEU B 877 41.73 -23.19 30.13
N LEU B 878 41.91 -22.04 30.77
CA LEU B 878 43.24 -21.51 31.02
C LEU B 878 43.98 -22.31 32.08
N ALA B 879 43.27 -22.76 33.13
CA ALA B 879 43.91 -23.60 34.13
C ALA B 879 44.26 -24.98 33.57
N GLY B 880 43.40 -25.50 32.68
CA GLY B 880 43.69 -26.76 32.03
C GLY B 880 44.90 -26.68 31.13
N THR B 881 45.04 -25.57 30.38
CA THR B 881 46.20 -25.45 29.51
C THR B 881 47.44 -24.99 30.25
N ILE B 882 47.33 -24.50 31.48
CA ILE B 882 48.52 -24.19 32.25
C ILE B 882 49.07 -25.45 32.91
N THR B 883 48.22 -26.20 33.61
CA THR B 883 48.70 -27.36 34.34
C THR B 883 48.90 -28.56 33.42
N SER B 884 47.82 -29.07 32.85
CA SER B 884 47.86 -30.29 32.07
C SER B 884 48.41 -30.10 30.68
N GLY B 885 48.34 -28.91 30.12
CA GLY B 885 48.86 -28.69 28.79
C GLY B 885 47.82 -28.79 27.70
N TRP B 886 47.76 -29.94 27.06
CA TRP B 886 46.86 -30.17 25.94
C TRP B 886 46.22 -31.53 26.08
N THR B 887 46.58 -32.31 27.09
CA THR B 887 46.06 -33.64 27.28
C THR B 887 44.62 -33.63 27.77
N PHE B 888 44.16 -32.50 28.29
CA PHE B 888 42.77 -32.39 28.72
C PHE B 888 41.84 -32.12 27.56
N GLY B 889 42.36 -31.86 26.37
CA GLY B 889 41.56 -31.79 25.18
C GLY B 889 41.38 -33.10 24.47
N ALA B 890 41.96 -34.17 25.00
CA ALA B 890 41.83 -35.51 24.43
C ALA B 890 41.18 -36.48 25.39
N GLY B 891 41.68 -36.58 26.61
CA GLY B 891 41.10 -37.46 27.60
C GLY B 891 41.11 -36.81 28.97
N PRO B 892 41.44 -37.60 30.00
CA PRO B 892 41.62 -37.01 31.33
C PRO B 892 42.83 -36.10 31.37
N ALA B 893 42.76 -35.09 32.22
CA ALA B 893 43.82 -34.11 32.33
C ALA B 893 45.01 -34.74 33.04
N LEU B 894 46.15 -34.78 32.37
CA LEU B 894 47.37 -35.36 32.90
C LEU B 894 48.32 -34.22 33.21
N GLN B 895 48.62 -34.01 34.48
CA GLN B 895 49.43 -32.87 34.86
C GLN B 895 50.89 -33.10 34.51
N ILE B 896 51.59 -32.00 34.26
CA ILE B 896 53.00 -32.00 33.89
C ILE B 896 53.53 -30.62 34.23
N PRO B 897 54.72 -30.49 34.82
CA PRO B 897 55.25 -29.16 35.15
C PRO B 897 55.50 -28.32 33.91
N PHE B 898 55.13 -27.05 34.02
CA PHE B 898 55.08 -26.11 32.90
C PHE B 898 56.39 -25.90 32.14
N PRO B 899 57.59 -25.91 32.76
CA PRO B 899 58.79 -26.00 31.93
C PRO B 899 58.86 -27.24 31.07
N MET B 900 58.36 -28.39 31.52
CA MET B 900 58.42 -29.56 30.66
C MET B 900 57.39 -29.49 29.54
N GLN B 901 56.25 -28.85 29.79
CA GLN B 901 55.29 -28.59 28.72
C GLN B 901 55.86 -27.65 27.68
N MET B 902 56.58 -26.62 28.12
CA MET B 902 57.28 -25.76 27.18
C MET B 902 58.38 -26.50 26.44
N ALA B 903 59.00 -27.48 27.06
CA ALA B 903 60.02 -28.28 26.37
C ALA B 903 59.39 -29.13 25.29
N TYR B 904 58.21 -29.70 25.54
CA TYR B 904 57.52 -30.42 24.48
C TYR B 904 57.08 -29.50 23.36
N ARG B 905 56.64 -28.28 23.69
CA ARG B 905 56.20 -27.37 22.63
C ARG B 905 57.37 -26.89 21.78
N PHE B 906 58.52 -26.68 22.42
CA PHE B 906 59.75 -26.37 21.69
C PHE B 906 60.16 -27.53 20.81
N ASN B 907 59.98 -28.76 21.30
CA ASN B 907 60.23 -29.94 20.47
C ASN B 907 59.25 -30.02 19.31
N GLY B 908 58.03 -29.55 19.53
CA GLY B 908 57.04 -29.53 18.47
C GLY B 908 57.36 -28.58 17.34
N ILE B 909 57.88 -27.38 17.66
CA ILE B 909 58.22 -26.46 16.57
C ILE B 909 59.53 -26.80 15.89
N GLY B 910 60.29 -27.77 16.38
CA GLY B 910 61.48 -28.21 15.68
C GLY B 910 62.79 -27.78 16.33
N VAL B 911 62.75 -27.49 17.62
CA VAL B 911 63.91 -27.09 18.40
C VAL B 911 64.12 -28.13 19.49
N THR B 912 65.35 -28.62 19.63
CA THR B 912 65.61 -29.62 20.66
C THR B 912 65.49 -29.01 22.05
N GLN B 913 65.01 -29.82 22.99
CA GLN B 913 64.52 -29.35 24.28
C GLN B 913 65.60 -28.86 25.23
N ASN B 914 66.88 -29.09 24.91
CA ASN B 914 67.96 -28.51 25.70
C ASN B 914 67.98 -26.99 25.60
N VAL B 915 67.51 -26.46 24.46
CA VAL B 915 67.52 -25.03 24.19
C VAL B 915 66.62 -24.29 25.18
N LEU B 916 65.47 -24.87 25.51
CA LEU B 916 64.62 -24.29 26.55
C LEU B 916 65.31 -24.30 27.91
N TYR B 917 65.84 -25.45 28.33
CA TYR B 917 66.33 -25.60 29.69
C TYR B 917 67.59 -24.79 29.95
N GLU B 918 68.43 -24.59 28.94
CA GLU B 918 69.57 -23.72 29.14
C GLU B 918 69.22 -22.24 28.97
N ASN B 919 68.04 -21.92 28.46
CA ASN B 919 67.62 -20.53 28.29
C ASN B 919 66.31 -20.25 29.02
N GLN B 920 66.11 -20.88 30.18
CA GLN B 920 64.79 -20.90 30.79
C GLN B 920 64.43 -19.56 31.42
N LYS B 921 65.37 -18.94 32.13
CA LYS B 921 65.08 -17.67 32.80
C LYS B 921 64.90 -16.55 31.80
N LEU B 922 65.68 -16.58 30.72
CA LEU B 922 65.54 -15.60 29.64
C LEU B 922 64.18 -15.72 28.96
N ILE B 923 63.73 -16.95 28.74
CA ILE B 923 62.44 -17.18 28.09
C ILE B 923 61.30 -16.76 29.00
N ALA B 924 61.42 -17.04 30.30
CA ALA B 924 60.42 -16.59 31.26
C ALA B 924 60.35 -15.07 31.32
N ASN B 925 61.50 -14.40 31.28
CA ASN B 925 61.53 -12.93 31.28
C ASN B 925 60.90 -12.37 30.02
N GLN B 926 61.15 -12.98 28.87
CA GLN B 926 60.54 -12.52 27.62
C GLN B 926 59.03 -12.73 27.64
N PHE B 927 58.58 -13.83 28.24
CA PHE B 927 57.15 -14.08 28.36
C PHE B 927 56.46 -13.01 29.20
N ASN B 928 57.02 -12.70 30.39
CA ASN B 928 56.41 -11.69 31.24
C ASN B 928 56.46 -10.31 30.62
N SER B 929 57.55 -9.99 29.93
CA SER B 929 57.66 -8.70 29.25
C SER B 929 56.64 -8.58 28.12
N ALA B 930 56.41 -9.66 27.38
CA ALA B 930 55.42 -9.60 26.30
C ALA B 930 54.00 -9.47 26.83
N ILE B 931 53.69 -10.16 27.94
CA ILE B 931 52.37 -10.04 28.54
C ILE B 931 52.12 -8.62 29.05
N GLY B 932 53.12 -8.04 29.73
CA GLY B 932 53.00 -6.65 30.16
C GLY B 932 52.90 -5.68 29.00
N LYS B 933 53.58 -5.98 27.89
CA LYS B 933 53.47 -5.14 26.71
C LYS B 933 52.09 -5.21 26.09
N ILE B 934 51.42 -6.37 26.17
CA ILE B 934 50.03 -6.46 25.70
C ILE B 934 49.11 -5.62 26.57
N GLN B 935 49.29 -5.71 27.90
CA GLN B 935 48.53 -4.86 28.82
C GLN B 935 48.70 -3.39 28.50
N ASP B 936 49.95 -2.96 28.29
CA ASP B 936 50.24 -1.56 27.94
C ASP B 936 49.66 -1.18 26.58
N SER B 937 49.78 -2.07 25.59
CA SER B 937 49.37 -1.78 24.22
C SER B 937 47.87 -1.62 24.12
N LEU B 938 47.11 -2.53 24.71
CA LEU B 938 45.66 -2.41 24.67
C LEU B 938 45.17 -1.33 25.62
N SER B 939 45.89 -1.02 26.69
CA SER B 939 45.43 0.01 27.60
C SER B 939 45.61 1.41 27.01
N SER B 940 46.71 1.62 26.27
CA SER B 940 47.00 2.95 25.75
C SER B 940 46.36 3.16 24.37
N THR B 941 46.70 2.31 23.42
CA THR B 941 46.24 2.49 22.04
C THR B 941 44.78 2.07 21.92
N PRO B 942 43.89 2.95 21.48
CA PRO B 942 42.50 2.54 21.23
C PRO B 942 42.29 2.07 19.80
N SER B 943 41.06 1.65 19.51
CA SER B 943 40.60 1.08 18.25
C SER B 943 41.35 -0.20 17.85
N ALA B 944 41.95 -0.87 18.84
CA ALA B 944 42.38 -2.25 18.61
C ALA B 944 41.25 -3.23 18.79
N LEU B 945 40.16 -2.80 19.42
CA LEU B 945 38.94 -3.56 19.58
C LEU B 945 37.87 -3.13 18.58
N GLY B 946 38.31 -2.83 17.35
CA GLY B 946 37.37 -2.37 16.34
C GLY B 946 36.38 -3.45 15.92
N LYS B 947 36.79 -4.71 15.95
CA LYS B 947 35.98 -5.80 15.47
C LYS B 947 34.79 -6.12 16.36
N LEU B 948 34.81 -5.72 17.62
CA LEU B 948 33.66 -5.87 18.51
C LEU B 948 32.80 -4.63 18.55
N GLN B 949 33.47 -3.47 18.60
CA GLN B 949 32.81 -2.19 18.66
C GLN B 949 31.99 -1.91 17.40
N ASP B 950 32.49 -2.35 16.24
CA ASP B 950 31.73 -2.11 15.02
C ASP B 950 30.53 -3.04 14.91
N VAL B 951 30.62 -4.24 15.49
CA VAL B 951 29.47 -5.14 15.57
C VAL B 951 28.37 -4.51 16.41
N VAL B 952 28.74 -3.99 17.58
CA VAL B 952 27.78 -3.35 18.47
C VAL B 952 27.18 -2.10 17.82
N ASN B 953 28.03 -1.30 17.19
CA ASN B 953 27.57 -0.07 16.53
C ASN B 953 26.68 -0.36 15.33
N GLN B 954 26.98 -1.40 14.57
CA GLN B 954 26.18 -1.70 13.38
C GLN B 954 24.82 -2.24 13.77
N ASN B 955 24.76 -3.07 14.82
CA ASN B 955 23.48 -3.55 15.32
C ASN B 955 22.64 -2.41 15.87
N ALA B 956 23.27 -1.50 16.63
CA ALA B 956 22.52 -0.40 17.22
C ALA B 956 22.07 0.60 16.17
N GLN B 957 22.87 0.79 15.11
CA GLN B 957 22.47 1.65 14.01
C GLN B 957 21.28 1.08 13.26
N ALA B 958 21.28 -0.24 13.04
CA ALA B 958 20.15 -0.88 12.37
C ALA B 958 18.87 -0.77 13.20
N LEU B 959 18.96 -1.01 14.51
CA LEU B 959 17.77 -0.88 15.34
C LEU B 959 17.30 0.56 15.44
N ASN B 960 18.24 1.51 15.47
CA ASN B 960 17.90 2.93 15.53
C ASN B 960 17.19 3.38 14.25
N THR B 961 17.67 2.97 13.08
CA THR B 961 16.95 3.36 11.88
C THR B 961 15.65 2.60 11.70
N LEU B 962 15.52 1.42 12.31
CA LEU B 962 14.23 0.74 12.33
C LEU B 962 13.19 1.54 13.11
N VAL B 963 13.58 2.10 14.24
CA VAL B 963 12.63 2.96 14.95
C VAL B 963 12.48 4.31 14.24
N LYS B 964 13.52 4.76 13.52
CA LYS B 964 13.43 6.01 12.77
C LYS B 964 12.44 5.91 11.62
N GLN B 965 12.19 4.71 11.12
CA GLN B 965 11.26 4.52 10.02
C GLN B 965 9.80 4.79 10.39
N LEU B 966 9.45 4.92 11.67
CA LEU B 966 8.05 5.14 12.01
C LEU B 966 7.60 6.57 11.76
N SER B 967 8.54 7.51 11.70
CA SER B 967 8.19 8.91 11.49
C SER B 967 7.81 9.21 10.05
N SER B 968 8.08 8.29 9.13
CA SER B 968 7.89 8.57 7.71
C SER B 968 6.44 8.34 7.30
N ASN B 969 5.94 9.22 6.43
CA ASN B 969 4.56 9.13 5.97
C ASN B 969 4.34 7.96 5.03
N PHE B 970 5.38 7.60 4.27
CA PHE B 970 5.33 6.67 3.13
C PHE B 970 4.29 7.11 2.11
N GLY B 971 4.19 8.41 1.91
CA GLY B 971 3.24 8.95 0.94
C GLY B 971 1.82 9.09 1.44
N ALA B 972 1.56 8.83 2.71
CA ALA B 972 0.22 8.96 3.26
C ALA B 972 -0.03 10.39 3.71
N ILE B 973 -1.12 10.62 4.44
CA ILE B 973 -1.45 11.96 4.90
C ILE B 973 -0.61 12.34 6.10
N SER B 974 -0.56 11.47 7.11
CA SER B 974 0.22 11.75 8.30
C SER B 974 0.73 10.44 8.87
N SER B 975 1.95 10.48 9.40
CA SER B 975 2.62 9.27 9.86
C SER B 975 1.97 8.72 11.12
N VAL B 976 1.53 9.60 12.02
CA VAL B 976 0.89 9.14 13.25
C VAL B 976 -0.49 8.58 12.91
N LEU B 977 -0.80 7.43 13.52
CA LEU B 977 -1.93 6.60 13.12
C LEU B 977 -3.26 7.18 13.58
N ASN B 978 -3.30 7.69 14.81
CA ASN B 978 -4.56 8.05 15.43
C ASN B 978 -5.16 9.32 14.84
N ASP B 979 -4.33 10.26 14.39
CA ASP B 979 -4.88 11.47 13.78
C ASP B 979 -5.58 11.18 12.47
N ILE B 980 -4.99 10.36 11.60
CA ILE B 980 -5.70 10.03 10.36
C ILE B 980 -6.84 9.04 10.60
N LEU B 981 -6.82 8.29 11.71
CA LEU B 981 -8.01 7.54 12.05
C LEU B 981 -9.11 8.43 12.61
N SER B 982 -8.75 9.59 13.18
CA SER B 982 -9.71 10.48 13.79
C SER B 982 -10.36 11.41 12.77
N ARG B 983 -9.56 12.19 12.04
CA ARG B 983 -10.08 13.27 11.22
C ARG B 983 -10.53 12.82 9.83
N LEU B 984 -10.71 11.52 9.61
CA LEU B 984 -11.10 11.00 8.32
C LEU B 984 -12.21 9.98 8.48
N ASP B 985 -13.03 9.87 7.43
CA ASP B 985 -14.01 8.80 7.37
C ASP B 985 -13.30 7.46 7.22
N PRO B 986 -13.91 6.36 7.66
CA PRO B 986 -13.29 5.03 7.51
C PRO B 986 -12.96 4.62 6.07
N PRO B 987 -13.75 4.92 5.02
CA PRO B 987 -13.34 4.42 3.69
C PRO B 987 -12.05 5.00 3.12
N GLU B 988 -11.77 6.29 3.34
CA GLU B 988 -10.47 6.82 2.95
C GLU B 988 -9.38 6.39 3.91
N ALA B 989 -9.76 6.22 5.19
CA ALA B 989 -8.81 5.82 6.20
C ALA B 989 -8.26 4.42 5.96
N GLU B 990 -9.04 3.52 5.34
CA GLU B 990 -8.49 2.19 5.02
C GLU B 990 -7.35 2.29 4.02
N VAL B 991 -7.47 3.17 3.02
CA VAL B 991 -6.41 3.36 2.04
C VAL B 991 -5.18 3.99 2.70
N GLN B 992 -5.39 4.97 3.58
CA GLN B 992 -4.25 5.60 4.24
C GLN B 992 -3.54 4.63 5.21
N ILE B 993 -4.31 3.84 5.96
CA ILE B 993 -3.73 2.83 6.84
C ILE B 993 -3.00 1.78 6.02
N ASP B 994 -3.56 1.39 4.87
CA ASP B 994 -2.93 0.40 3.99
C ASP B 994 -1.57 0.88 3.49
N ARG B 995 -1.50 2.17 3.14
CA ARG B 995 -0.23 2.75 2.71
C ARG B 995 0.80 2.74 3.84
N LEU B 996 0.37 3.07 5.06
CA LEU B 996 1.26 3.03 6.22
C LEU B 996 1.72 1.62 6.53
N ILE B 997 0.83 0.63 6.41
CA ILE B 997 1.20 -0.78 6.64
C ILE B 997 2.20 -1.26 5.62
N THR B 998 2.02 -0.91 4.34
CA THR B 998 2.98 -1.35 3.33
C THR B 998 4.36 -0.76 3.58
N GLY B 999 4.41 0.53 3.93
CA GLY B 999 5.70 1.13 4.23
C GLY B 999 6.38 0.56 5.46
N ARG B 1000 5.63 0.40 6.55
CA ARG B 1000 6.21 -0.09 7.80
C ARG B 1000 6.60 -1.55 7.70
N LEU B 1001 5.79 -2.34 7.00
CA LEU B 1001 6.08 -3.75 6.79
C LEU B 1001 7.32 -3.93 5.94
N GLN B 1002 7.48 -3.11 4.88
CA GLN B 1002 8.65 -3.27 4.03
C GLN B 1002 9.92 -2.82 4.74
N SER B 1003 9.81 -1.80 5.60
CA SER B 1003 10.93 -1.41 6.44
C SER B 1003 11.34 -2.51 7.41
N LEU B 1004 10.36 -3.17 8.02
CA LEU B 1004 10.65 -4.27 8.94
C LEU B 1004 11.28 -5.46 8.22
N GLN B 1005 10.80 -5.78 7.01
CA GLN B 1005 11.40 -6.87 6.24
C GLN B 1005 12.83 -6.55 5.82
N THR B 1006 13.12 -5.29 5.51
CA THR B 1006 14.49 -4.89 5.21
C THR B 1006 15.39 -5.08 6.42
N TYR B 1007 14.90 -4.70 7.61
CA TYR B 1007 15.67 -4.90 8.84
C TYR B 1007 15.94 -6.38 9.11
N VAL B 1008 14.94 -7.23 8.91
CA VAL B 1008 15.10 -8.66 9.20
C VAL B 1008 16.07 -9.29 8.20
N THR B 1009 16.01 -8.91 6.93
CA THR B 1009 16.93 -9.48 5.95
C THR B 1009 18.37 -9.06 6.20
N GLN B 1010 18.59 -7.79 6.54
CA GLN B 1010 19.93 -7.34 6.90
C GLN B 1010 20.44 -8.05 8.14
N GLN B 1011 19.56 -8.28 9.11
CA GLN B 1011 19.95 -8.98 10.32
C GLN B 1011 20.28 -10.44 10.05
N LEU B 1012 19.58 -11.07 9.11
CA LEU B 1012 19.88 -12.45 8.74
C LEU B 1012 21.24 -12.57 8.09
N ILE B 1013 21.58 -11.63 7.20
CA ILE B 1013 22.89 -11.67 6.54
C ILE B 1013 24.01 -11.39 7.56
N ARG B 1014 23.79 -10.43 8.46
CA ARG B 1014 24.77 -10.12 9.48
C ARG B 1014 24.96 -11.28 10.45
N ALA B 1015 23.88 -12.00 10.76
CA ALA B 1015 23.98 -13.18 11.61
C ALA B 1015 24.73 -14.30 10.92
N ALA B 1016 24.61 -14.43 9.59
CA ALA B 1016 25.43 -15.40 8.88
C ALA B 1016 26.91 -15.06 8.96
N GLU B 1017 27.24 -13.77 8.83
CA GLU B 1017 28.64 -13.34 8.96
C GLU B 1017 29.19 -13.60 10.36
N ILE B 1018 28.39 -13.30 11.39
CA ILE B 1018 28.79 -13.56 12.77
C ILE B 1018 28.93 -15.06 13.02
N ARG B 1019 28.10 -15.88 12.37
CA ARG B 1019 28.20 -17.33 12.52
C ARG B 1019 29.48 -17.86 11.91
N ALA B 1020 29.91 -17.30 10.76
CA ALA B 1020 31.20 -17.69 10.20
C ALA B 1020 32.34 -17.29 11.10
N SER B 1021 32.25 -16.10 11.72
CA SER B 1021 33.30 -15.66 12.64
C SER B 1021 33.34 -16.52 13.89
N ALA B 1022 32.17 -16.96 14.38
CA ALA B 1022 32.14 -17.82 15.56
C ALA B 1022 32.61 -19.23 15.25
N ASN B 1023 32.34 -19.73 14.04
CA ASN B 1023 32.90 -21.00 13.61
C ASN B 1023 34.42 -20.95 13.56
N LEU B 1024 34.96 -19.85 13.02
CA LEU B 1024 36.41 -19.68 13.00
C LEU B 1024 36.99 -19.55 14.39
N ALA B 1025 36.27 -18.89 15.30
CA ALA B 1025 36.73 -18.77 16.68
C ALA B 1025 36.71 -20.10 17.40
N ALA B 1026 35.70 -20.92 17.16
CA ALA B 1026 35.65 -22.25 17.76
C ALA B 1026 36.74 -23.15 17.22
N THR B 1027 37.03 -23.02 15.92
CA THR B 1027 38.15 -23.74 15.33
C THR B 1027 39.48 -23.30 15.95
N LYS B 1028 39.65 -22.00 16.16
CA LYS B 1028 40.89 -21.51 16.75
C LYS B 1028 41.03 -21.93 18.20
N MET B 1029 39.90 -21.98 18.93
CA MET B 1029 39.92 -22.43 20.32
C MET B 1029 40.23 -23.91 20.42
N SER B 1030 39.71 -24.73 19.50
CA SER B 1030 40.05 -26.15 19.52
C SER B 1030 41.51 -26.36 19.13
N GLU B 1031 41.97 -25.75 18.05
CA GLU B 1031 43.24 -26.12 17.48
C GLU B 1031 44.42 -25.33 18.01
N CYS B 1032 44.21 -24.31 18.84
CA CYS B 1032 45.34 -23.56 19.34
C CYS B 1032 45.37 -23.35 20.84
N VAL B 1033 44.24 -23.40 21.52
CA VAL B 1033 44.20 -23.44 22.98
C VAL B 1033 44.31 -24.87 23.49
N LEU B 1034 43.52 -25.79 22.93
CA LEU B 1034 43.53 -27.18 23.35
C LEU B 1034 44.66 -27.97 22.74
N GLY B 1035 45.50 -27.36 21.91
CA GLY B 1035 46.58 -28.06 21.28
C GLY B 1035 47.53 -27.06 20.64
N GLN B 1036 48.57 -27.59 20.01
CA GLN B 1036 49.54 -26.77 19.31
C GLN B 1036 49.40 -27.02 17.82
N SER B 1037 49.18 -25.96 17.07
CA SER B 1037 48.89 -26.07 15.65
C SER B 1037 50.13 -25.81 14.83
N LYS B 1038 50.44 -26.73 13.92
CA LYS B 1038 51.59 -26.59 13.04
C LYS B 1038 51.18 -26.13 11.64
N ARG B 1039 50.11 -25.36 11.54
CA ARG B 1039 49.70 -24.74 10.30
C ARG B 1039 50.07 -23.27 10.36
N VAL B 1040 50.74 -22.78 9.32
CA VAL B 1040 51.43 -21.49 9.39
C VAL B 1040 50.41 -20.36 9.40
N ASP B 1041 50.65 -19.37 10.27
CA ASP B 1041 49.91 -18.11 10.36
C ASP B 1041 48.46 -18.28 10.73
N PHE B 1042 48.06 -19.45 11.22
CA PHE B 1042 46.70 -19.61 11.72
C PHE B 1042 46.53 -18.97 13.08
N CYS B 1043 47.55 -19.08 13.92
CA CYS B 1043 47.48 -18.73 15.33
C CYS B 1043 48.66 -17.87 15.72
N GLY B 1044 48.87 -16.81 14.98
CA GLY B 1044 49.86 -15.84 15.35
C GLY B 1044 50.72 -15.50 14.17
N LYS B 1045 51.98 -15.19 14.46
CA LYS B 1045 52.93 -14.79 13.44
C LYS B 1045 54.30 -15.24 13.95
N GLY B 1046 54.74 -16.38 13.46
CA GLY B 1046 55.89 -17.10 13.95
C GLY B 1046 55.50 -18.53 14.21
N TYR B 1047 56.44 -19.30 14.72
CA TYR B 1047 56.13 -20.69 15.04
C TYR B 1047 55.33 -20.74 16.33
N HIS B 1048 54.18 -21.41 16.27
CA HIS B 1048 53.23 -21.35 17.36
C HIS B 1048 53.69 -22.19 18.54
N LEU B 1049 53.64 -21.61 19.74
CA LEU B 1049 53.97 -22.34 20.95
C LEU B 1049 52.72 -22.72 21.73
N MET B 1050 51.93 -21.74 22.14
CA MET B 1050 50.67 -21.98 22.84
C MET B 1050 49.85 -20.70 22.77
N SER B 1051 48.61 -20.78 23.21
CA SER B 1051 47.76 -19.60 23.18
C SER B 1051 46.77 -19.66 24.34
N PHE B 1052 46.26 -18.50 24.72
CA PHE B 1052 45.38 -18.37 25.87
C PHE B 1052 44.12 -17.64 25.47
N PRO B 1053 42.95 -18.12 25.86
CA PRO B 1053 41.72 -17.37 25.59
C PRO B 1053 41.45 -16.38 26.71
N GLN B 1054 40.92 -15.23 26.34
CA GLN B 1054 40.41 -14.28 27.31
C GLN B 1054 39.07 -13.78 26.80
N SER B 1055 38.13 -13.60 27.71
CA SER B 1055 36.78 -13.26 27.34
C SER B 1055 36.68 -11.81 26.88
N ALA B 1056 35.52 -11.46 26.35
CA ALA B 1056 35.28 -10.18 25.72
C ALA B 1056 33.79 -9.90 25.81
N PRO B 1057 33.35 -8.65 25.60
CA PRO B 1057 31.90 -8.36 25.68
C PRO B 1057 31.02 -9.14 24.73
N HIS B 1058 31.47 -9.38 23.50
CA HIS B 1058 30.68 -10.21 22.60
C HIS B 1058 31.56 -11.11 21.76
N GLY B 1059 32.70 -11.51 22.27
CA GLY B 1059 33.63 -12.31 21.52
C GLY B 1059 34.66 -12.94 22.39
N VAL B 1060 35.83 -13.15 21.83
CA VAL B 1060 36.94 -13.76 22.54
C VAL B 1060 38.23 -13.19 21.96
N VAL B 1061 39.22 -12.96 22.81
CA VAL B 1061 40.54 -12.63 22.32
C VAL B 1061 41.45 -13.80 22.63
N PHE B 1062 42.45 -13.99 21.78
CA PHE B 1062 43.44 -15.02 21.99
C PHE B 1062 44.77 -14.35 22.18
N LEU B 1063 45.61 -14.90 23.04
CA LEU B 1063 46.95 -14.37 23.25
C LEU B 1063 47.90 -15.41 22.68
N HIS B 1064 48.18 -15.30 21.39
CA HIS B 1064 48.98 -16.26 20.65
C HIS B 1064 50.44 -16.10 21.05
N VAL B 1065 50.99 -17.07 21.77
CA VAL B 1065 52.42 -17.04 22.10
C VAL B 1065 53.16 -17.75 20.98
N THR B 1066 53.95 -16.99 20.22
CA THR B 1066 54.67 -17.56 19.09
C THR B 1066 56.17 -17.42 19.30
N TYR B 1067 56.92 -18.16 18.50
CA TYR B 1067 58.38 -18.19 18.52
C TYR B 1067 58.88 -17.46 17.29
N VAL B 1068 59.68 -16.42 17.48
CA VAL B 1068 60.24 -15.69 16.34
C VAL B 1068 61.75 -15.74 16.42
N PRO B 1069 62.44 -16.38 15.46
CA PRO B 1069 63.90 -16.37 15.46
C PRO B 1069 64.44 -14.99 15.11
N ALA B 1070 65.66 -14.72 15.58
CA ALA B 1070 66.29 -13.43 15.35
C ALA B 1070 67.79 -13.59 15.50
N GLN B 1071 68.52 -12.53 15.13
CA GLN B 1071 69.97 -12.45 15.15
C GLN B 1071 70.61 -13.56 14.31
N GLU B 1072 70.29 -13.55 13.03
CA GLU B 1072 70.76 -14.61 12.14
C GLU B 1072 72.21 -14.37 11.73
N LYS B 1073 72.92 -15.47 11.51
CA LYS B 1073 74.29 -15.44 11.03
C LYS B 1073 74.43 -16.51 9.96
N ASN B 1074 75.13 -16.18 8.88
CA ASN B 1074 75.22 -17.05 7.72
C ASN B 1074 76.58 -17.71 7.59
N PHE B 1075 76.55 -19.00 7.27
CA PHE B 1075 77.70 -19.85 7.09
C PHE B 1075 77.69 -20.40 5.68
N THR B 1076 78.65 -21.26 5.39
CA THR B 1076 78.68 -21.98 4.13
C THR B 1076 78.35 -23.44 4.36
N THR B 1077 77.50 -23.99 3.50
CA THR B 1077 76.95 -25.32 3.70
C THR B 1077 77.32 -26.25 2.56
N ALA B 1078 76.92 -27.50 2.71
CA ALA B 1078 77.04 -28.53 1.69
C ALA B 1078 75.99 -29.59 1.98
N PRO B 1079 75.41 -30.19 0.96
CA PRO B 1079 74.42 -31.25 1.19
C PRO B 1079 74.99 -32.49 1.86
N ALA B 1080 76.01 -33.09 1.24
CA ALA B 1080 76.57 -34.34 1.73
C ALA B 1080 77.97 -34.10 2.23
N ILE B 1081 78.58 -35.15 2.79
CA ILE B 1081 79.97 -35.12 3.21
C ILE B 1081 80.63 -36.43 2.78
N CYS B 1082 81.75 -36.31 2.06
CA CYS B 1082 82.46 -37.48 1.55
C CYS B 1082 83.37 -38.04 2.62
N HIS B 1083 83.26 -39.35 2.86
CA HIS B 1083 84.17 -40.04 3.76
C HIS B 1083 84.39 -41.43 3.19
N ASP B 1084 85.63 -41.70 2.75
CA ASP B 1084 86.05 -42.98 2.19
C ASP B 1084 85.23 -43.35 0.94
N GLY B 1085 84.95 -42.35 0.10
CA GLY B 1085 84.18 -42.60 -1.10
C GLY B 1085 82.73 -42.91 -0.85
N LYS B 1086 82.19 -42.47 0.28
CA LYS B 1086 80.91 -42.92 0.78
C LYS B 1086 80.21 -41.73 1.43
N ALA B 1087 79.10 -41.30 0.85
CA ALA B 1087 78.51 -39.99 1.16
C ALA B 1087 77.66 -40.04 2.41
N HIS B 1088 77.69 -38.96 3.18
CA HIS B 1088 77.00 -38.86 4.46
C HIS B 1088 76.01 -37.72 4.43
N PHE B 1089 74.77 -37.99 4.83
CA PHE B 1089 73.71 -37.01 4.93
C PHE B 1089 73.30 -36.82 6.38
N PRO B 1090 72.93 -35.62 6.81
CA PRO B 1090 72.61 -35.42 8.24
C PRO B 1090 71.32 -36.09 8.62
N ARG B 1091 71.27 -36.59 9.85
CA ARG B 1091 70.05 -37.22 10.35
C ARG B 1091 68.96 -36.19 10.57
N GLU B 1092 69.28 -35.11 11.27
CA GLU B 1092 68.38 -33.99 11.42
C GLU B 1092 69.19 -32.71 11.34
N GLY B 1093 68.64 -31.71 10.68
CA GLY B 1093 69.34 -30.47 10.52
C GLY B 1093 70.27 -30.48 9.34
N VAL B 1094 71.30 -29.65 9.43
CA VAL B 1094 72.07 -29.23 8.29
C VAL B 1094 73.56 -29.29 8.64
N PHE B 1095 74.39 -29.44 7.60
CA PHE B 1095 75.82 -29.21 7.71
C PHE B 1095 76.09 -27.73 7.54
N VAL B 1096 76.96 -27.18 8.38
CA VAL B 1096 77.42 -25.81 8.23
C VAL B 1096 78.93 -25.78 8.33
N SER B 1097 79.51 -24.63 8.02
CA SER B 1097 80.94 -24.44 8.12
C SER B 1097 81.23 -22.95 8.28
N ASN B 1098 81.99 -22.60 9.31
CA ASN B 1098 82.38 -21.22 9.50
C ASN B 1098 83.70 -20.92 8.79
N GLY B 1099 83.80 -21.31 7.51
CA GLY B 1099 85.03 -21.18 6.78
C GLY B 1099 85.91 -22.43 6.78
N THR B 1100 86.24 -22.95 7.96
CA THR B 1100 87.24 -24.01 8.03
C THR B 1100 86.69 -25.35 8.48
N HIS B 1101 86.03 -25.40 9.63
CA HIS B 1101 85.58 -26.65 10.22
C HIS B 1101 84.09 -26.84 9.96
N TRP B 1102 83.68 -28.11 9.82
CA TRP B 1102 82.31 -28.43 9.49
C TRP B 1102 81.58 -28.98 10.71
N PHE B 1103 80.32 -28.56 10.87
CA PHE B 1103 79.52 -28.92 12.03
C PHE B 1103 78.13 -29.33 11.58
N VAL B 1104 77.38 -29.92 12.49
CA VAL B 1104 75.96 -30.21 12.28
C VAL B 1104 75.18 -29.39 13.29
N THR B 1105 74.26 -28.59 12.81
CA THR B 1105 73.30 -27.95 13.69
C THR B 1105 71.92 -28.49 13.40
N GLN B 1106 70.97 -28.02 14.18
CA GLN B 1106 69.55 -28.10 13.86
C GLN B 1106 69.16 -26.90 13.03
N ARG B 1107 68.03 -27.01 12.33
CA ARG B 1107 67.70 -26.04 11.30
C ARG B 1107 67.19 -24.72 11.84
N ASN B 1108 66.81 -24.64 13.11
CA ASN B 1108 66.13 -23.47 13.63
C ASN B 1108 66.93 -22.70 14.67
N PHE B 1109 68.10 -23.19 15.05
CA PHE B 1109 68.87 -22.59 16.13
C PHE B 1109 70.32 -23.00 15.95
N TYR B 1110 71.25 -22.08 16.12
CA TYR B 1110 72.65 -22.39 15.93
C TYR B 1110 73.16 -23.12 17.16
N GLU B 1111 73.41 -24.42 17.02
CA GLU B 1111 74.04 -25.20 18.08
C GLU B 1111 74.94 -26.22 17.42
N PRO B 1112 76.19 -25.85 17.12
CA PRO B 1112 77.04 -26.70 16.31
C PRO B 1112 77.59 -27.88 17.08
N GLN B 1113 77.68 -29.02 16.39
CA GLN B 1113 78.19 -30.24 16.98
C GLN B 1113 79.16 -30.88 15.99
N ILE B 1114 80.08 -31.68 16.51
CA ILE B 1114 81.02 -32.36 15.63
C ILE B 1114 80.30 -33.51 14.92
N ILE B 1115 80.82 -33.87 13.75
CA ILE B 1115 80.08 -34.71 12.83
C ILE B 1115 80.43 -36.17 13.15
N THR B 1116 79.71 -36.73 14.11
CA THR B 1116 79.93 -38.10 14.52
C THR B 1116 79.20 -39.04 13.58
N THR B 1117 79.26 -40.34 13.86
CA THR B 1117 78.57 -41.31 13.03
C THR B 1117 77.16 -41.61 13.52
N ASP B 1118 76.67 -40.92 14.54
CA ASP B 1118 75.31 -41.14 15.02
C ASP B 1118 74.32 -40.08 14.55
N ASN B 1119 74.80 -38.87 14.29
CA ASN B 1119 73.97 -37.78 13.83
C ASN B 1119 73.95 -37.64 12.31
N THR B 1120 74.54 -38.59 11.59
CA THR B 1120 74.43 -38.64 10.15
C THR B 1120 74.14 -40.07 9.71
N PHE B 1121 73.36 -40.20 8.64
CA PHE B 1121 73.13 -41.49 8.02
C PHE B 1121 73.79 -41.50 6.64
N VAL B 1122 74.00 -42.70 6.12
CA VAL B 1122 74.94 -42.92 5.03
C VAL B 1122 74.24 -43.68 3.90
N SER B 1123 74.42 -43.21 2.67
CA SER B 1123 73.85 -43.86 1.50
C SER B 1123 74.63 -43.43 0.27
N GLY B 1124 74.59 -44.29 -0.76
CA GLY B 1124 75.23 -43.99 -2.02
C GLY B 1124 76.75 -44.01 -1.92
N ASN B 1125 77.38 -43.25 -2.81
CA ASN B 1125 78.82 -43.05 -2.80
C ASN B 1125 79.08 -41.58 -3.09
N CYS B 1126 80.36 -41.24 -3.27
CA CYS B 1126 80.73 -39.85 -3.56
C CYS B 1126 80.74 -39.58 -5.06
N ASP B 1127 79.65 -39.91 -5.73
CA ASP B 1127 79.54 -39.74 -7.17
C ASP B 1127 78.37 -38.86 -7.58
N VAL B 1128 77.18 -39.13 -7.06
CA VAL B 1128 75.96 -38.60 -7.65
C VAL B 1128 75.50 -37.28 -7.02
N VAL B 1129 75.91 -36.99 -5.79
CA VAL B 1129 75.44 -35.79 -5.10
C VAL B 1129 76.23 -34.59 -5.62
N ILE B 1130 75.52 -33.56 -6.07
CA ILE B 1130 76.17 -32.39 -6.64
C ILE B 1130 76.45 -31.40 -5.51
N GLY B 1131 77.69 -31.37 -5.04
CA GLY B 1131 78.06 -30.45 -4.00
C GLY B 1131 78.55 -31.10 -2.72
N ILE B 1132 79.15 -32.28 -2.84
CA ILE B 1132 79.78 -32.92 -1.69
C ILE B 1132 81.05 -32.16 -1.32
N VAL B 1133 81.33 -32.08 -0.04
CA VAL B 1133 82.64 -31.64 0.43
C VAL B 1133 83.33 -32.80 1.09
N ASN B 1134 84.66 -32.77 1.06
CA ASN B 1134 85.46 -33.79 1.73
C ASN B 1134 85.69 -33.37 3.17
N ASN B 1135 85.34 -34.26 4.10
CA ASN B 1135 85.60 -34.01 5.50
C ASN B 1135 85.73 -35.34 6.21
N THR B 1136 86.36 -35.31 7.38
CA THR B 1136 86.49 -36.47 8.23
C THR B 1136 85.24 -36.58 9.10
N VAL B 1137 84.55 -37.71 8.98
CA VAL B 1137 83.41 -38.00 9.83
C VAL B 1137 83.92 -38.75 11.04
N TYR B 1138 83.72 -38.16 12.22
CA TYR B 1138 84.23 -38.74 13.44
C TYR B 1138 83.47 -40.01 13.80
N ASP B 1139 84.18 -40.94 14.43
CA ASP B 1139 83.57 -42.15 14.96
C ASP B 1139 84.00 -42.27 16.41
N PRO B 1140 83.08 -42.27 17.37
CA PRO B 1140 83.47 -42.53 18.77
C PRO B 1140 83.72 -44.00 19.06
N LEU B 1141 83.33 -44.89 18.16
CA LEU B 1141 83.46 -46.31 18.44
C LEU B 1141 84.89 -46.80 18.20
N GLN B 1142 85.63 -46.09 17.33
CA GLN B 1142 87.03 -46.47 17.08
C GLN B 1142 87.96 -46.22 18.27
N PRO B 1143 88.11 -44.99 18.81
CA PRO B 1143 89.24 -44.77 19.74
C PRO B 1143 89.02 -45.32 21.13
N GLU B 1144 87.82 -45.79 21.47
CA GLU B 1144 87.59 -46.31 22.80
C GLU B 1144 88.19 -47.70 22.99
N LEU B 1145 88.51 -48.39 21.90
CA LEU B 1145 89.18 -49.69 22.01
C LEU B 1145 90.61 -49.55 22.53
N ASP B 1146 91.34 -48.54 22.06
CA ASP B 1146 92.72 -48.35 22.46
C ASP B 1146 92.83 -47.32 23.58
N ALA C 27 0.65 -24.90 -56.23
CA ALA C 27 2.10 -24.95 -56.15
C ALA C 27 2.59 -24.22 -54.91
N TYR C 28 3.62 -24.76 -54.26
CA TYR C 28 4.14 -24.23 -53.01
C TYR C 28 5.65 -24.03 -53.09
N THR C 29 6.18 -23.25 -52.14
CA THR C 29 7.60 -22.97 -52.03
C THR C 29 7.92 -22.65 -50.58
N ASN C 30 8.99 -23.26 -50.06
CA ASN C 30 9.42 -23.00 -48.68
C ASN C 30 10.12 -21.64 -48.60
N SER C 31 9.59 -20.76 -47.75
CA SER C 31 10.20 -19.46 -47.50
C SER C 31 11.09 -19.58 -46.27
N PHE C 32 12.41 -19.52 -46.48
CA PHE C 32 13.32 -19.90 -45.41
C PHE C 32 13.50 -18.82 -44.36
N THR C 33 14.13 -17.70 -44.73
CA THR C 33 14.41 -16.60 -43.81
C THR C 33 13.97 -15.26 -44.41
N ARG C 34 12.76 -15.20 -44.93
CA ARG C 34 12.27 -14.00 -45.58
C ARG C 34 11.13 -13.38 -44.77
N GLY C 35 10.95 -12.07 -44.96
CA GLY C 35 9.83 -11.37 -44.38
C GLY C 35 10.08 -10.65 -43.07
N VAL C 36 11.31 -10.48 -42.66
CA VAL C 36 11.62 -9.77 -41.43
C VAL C 36 11.97 -8.31 -41.76
N TYR C 37 11.38 -7.39 -41.01
CA TYR C 37 11.46 -5.96 -41.31
C TYR C 37 11.93 -5.22 -40.07
N TYR C 38 11.80 -3.89 -40.10
CA TYR C 38 12.09 -3.09 -38.92
C TYR C 38 10.78 -2.73 -38.24
N PRO C 39 10.49 -3.25 -37.04
CA PRO C 39 9.35 -2.73 -36.28
C PRO C 39 9.65 -1.37 -35.67
N ASP C 40 10.81 -1.28 -35.04
CA ASP C 40 11.30 -0.05 -34.42
C ASP C 40 12.66 0.26 -35.03
N LYS C 41 12.80 1.47 -35.58
CA LYS C 41 13.92 1.78 -36.47
C LYS C 41 15.07 2.46 -35.74
N VAL C 42 15.10 2.37 -34.41
CA VAL C 42 16.19 2.94 -33.60
C VAL C 42 17.51 2.36 -34.04
N PHE C 43 18.52 3.23 -34.23
CA PHE C 43 19.86 2.71 -34.45
C PHE C 43 20.30 1.92 -33.23
N ARG C 44 20.43 0.61 -33.41
CA ARG C 44 20.93 -0.27 -32.38
C ARG C 44 22.15 -0.98 -32.96
N SER C 45 23.07 -1.38 -32.09
CA SER C 45 24.35 -1.86 -32.56
C SER C 45 24.88 -2.95 -31.66
N SER C 46 25.16 -4.13 -32.26
CA SER C 46 25.65 -5.33 -31.57
C SER C 46 24.74 -5.74 -30.43
N VAL C 47 23.44 -5.55 -30.62
CA VAL C 47 22.43 -5.89 -29.61
C VAL C 47 21.65 -7.08 -30.11
N LEU C 48 20.94 -7.71 -29.19
CA LEU C 48 20.04 -8.81 -29.53
C LEU C 48 18.66 -8.39 -29.05
N HIS C 49 17.96 -7.66 -29.90
CA HIS C 49 16.66 -7.11 -29.53
C HIS C 49 15.54 -8.10 -29.82
N SER C 50 14.59 -8.18 -28.90
CA SER C 50 13.42 -9.04 -29.03
C SER C 50 12.20 -8.17 -29.23
N THR C 51 11.41 -8.49 -30.25
CA THR C 51 10.19 -7.75 -30.51
C THR C 51 9.06 -8.73 -30.83
N GLN C 52 7.84 -8.29 -30.58
CA GLN C 52 6.64 -9.11 -30.76
C GLN C 52 5.69 -8.36 -31.67
N ASP C 53 5.67 -8.73 -32.94
CA ASP C 53 4.85 -8.06 -33.93
C ASP C 53 4.39 -9.11 -34.94
N LEU C 54 3.71 -8.66 -35.99
CA LEU C 54 3.22 -9.56 -37.03
C LEU C 54 4.33 -9.84 -38.02
N PHE C 55 4.66 -11.12 -38.22
CA PHE C 55 5.71 -11.49 -39.15
C PHE C 55 5.35 -12.78 -39.89
N LEU C 56 6.03 -12.99 -40.99
CA LEU C 56 6.03 -14.27 -41.67
C LEU C 56 6.82 -15.29 -40.85
N PRO C 57 6.27 -16.47 -40.59
CA PRO C 57 7.03 -17.49 -39.87
C PRO C 57 8.19 -18.03 -40.69
N PHE C 58 9.25 -18.43 -39.99
CA PHE C 58 10.40 -18.99 -40.66
C PHE C 58 10.11 -20.42 -41.08
N PHE C 59 10.62 -20.80 -42.25
CA PHE C 59 10.49 -22.14 -42.84
C PHE C 59 9.03 -22.56 -43.00
N SER C 60 8.20 -21.60 -43.39
CA SER C 60 6.81 -21.88 -43.76
C SER C 60 6.69 -21.84 -45.27
N ASN C 61 5.63 -22.47 -45.77
CA ASN C 61 5.44 -22.57 -47.20
C ASN C 61 4.55 -21.45 -47.74
N VAL C 62 5.02 -20.86 -48.84
CA VAL C 62 4.26 -19.83 -49.54
C VAL C 62 3.90 -20.40 -50.91
N THR C 63 2.94 -19.75 -51.54
CA THR C 63 2.31 -20.31 -52.74
C THR C 63 3.01 -19.83 -54.00
N TRP C 64 3.65 -20.75 -54.72
CA TRP C 64 4.35 -20.42 -55.96
C TRP C 64 3.35 -20.11 -57.07
N PHE C 65 3.24 -18.85 -57.45
CA PHE C 65 2.31 -18.47 -58.51
C PHE C 65 3.04 -18.10 -59.80
N HIS C 66 2.32 -18.28 -60.89
CA HIS C 66 2.82 -18.14 -62.25
C HIS C 66 1.69 -17.68 -63.16
N ASP C 80 -3.67 -17.16 -63.56
CA ASP C 80 -2.57 -16.21 -63.59
C ASP C 80 -2.69 -15.19 -62.46
N ASN C 81 -3.83 -14.50 -62.39
CA ASN C 81 -4.05 -13.44 -61.40
C ASN C 81 -5.32 -13.73 -60.61
N PRO C 82 -5.25 -14.61 -59.62
CA PRO C 82 -6.41 -14.87 -58.77
C PRO C 82 -6.47 -13.93 -57.58
N VAL C 83 -7.64 -13.90 -56.94
CA VAL C 83 -7.82 -13.08 -55.75
C VAL C 83 -7.53 -13.91 -54.51
N LEU C 84 -6.94 -13.28 -53.50
CA LEU C 84 -6.56 -13.97 -52.29
C LEU C 84 -7.00 -13.16 -51.07
N PRO C 85 -7.34 -13.81 -49.97
CA PRO C 85 -7.66 -13.07 -48.73
C PRO C 85 -6.41 -12.48 -48.09
N PHE C 86 -6.65 -11.55 -47.15
CA PHE C 86 -5.60 -10.72 -46.57
C PHE C 86 -5.07 -11.29 -45.26
N ASN C 87 -5.93 -11.42 -44.26
CA ASN C 87 -5.69 -12.11 -42.99
C ASN C 87 -4.50 -11.49 -42.24
N ASP C 88 -4.74 -10.23 -41.81
CA ASP C 88 -3.82 -9.46 -40.94
C ASP C 88 -2.44 -9.29 -41.55
N GLY C 89 -2.39 -9.02 -42.83
CA GLY C 89 -1.11 -8.70 -43.43
C GLY C 89 -0.57 -9.84 -44.26
N VAL C 90 0.07 -9.47 -45.38
CA VAL C 90 0.56 -10.44 -46.33
C VAL C 90 2.08 -10.33 -46.44
N TYR C 91 2.66 -11.27 -47.15
CA TYR C 91 4.01 -11.18 -47.68
C TYR C 91 3.91 -11.29 -49.19
N PHE C 92 4.75 -10.55 -49.91
CA PHE C 92 4.71 -10.54 -51.36
C PHE C 92 6.13 -10.42 -51.89
N ALA C 93 6.60 -11.45 -52.57
CA ALA C 93 7.91 -11.44 -53.20
C ALA C 93 7.74 -11.74 -54.68
N SER C 94 8.45 -10.98 -55.51
CA SER C 94 8.41 -11.19 -56.94
C SER C 94 9.73 -10.71 -57.53
N THR C 95 10.07 -11.26 -58.70
CA THR C 95 11.26 -10.82 -59.41
C THR C 95 10.88 -9.83 -60.52
N ASN C 99 10.22 -5.20 -63.13
CA ASN C 99 10.07 -4.31 -64.28
C ASN C 99 8.85 -4.71 -65.11
N ILE C 100 8.73 -6.01 -65.37
CA ILE C 100 7.60 -6.55 -66.12
C ILE C 100 6.32 -6.45 -65.31
N ILE C 101 6.40 -6.75 -64.00
CA ILE C 101 5.22 -6.82 -63.14
C ILE C 101 4.69 -5.41 -62.87
N ARG C 102 3.46 -5.35 -62.37
CA ARG C 102 2.80 -4.10 -62.02
C ARG C 102 2.37 -4.11 -60.57
N GLY C 103 1.56 -3.13 -60.17
CA GLY C 103 1.25 -2.92 -58.76
C GLY C 103 0.19 -3.84 -58.19
N TRP C 104 -0.66 -3.28 -57.33
CA TRP C 104 -1.61 -4.06 -56.55
C TRP C 104 -2.94 -3.33 -56.46
N ILE C 105 -3.99 -4.10 -56.15
CA ILE C 105 -5.33 -3.59 -55.90
C ILE C 105 -5.91 -4.33 -54.69
N PHE C 106 -6.58 -3.59 -53.82
CA PHE C 106 -7.05 -4.12 -52.54
C PHE C 106 -8.55 -3.85 -52.41
N GLY C 107 -9.07 -4.11 -51.22
CA GLY C 107 -10.44 -3.78 -50.89
C GLY C 107 -11.02 -4.77 -49.92
N THR C 108 -12.16 -4.39 -49.34
CA THR C 108 -12.91 -5.35 -48.53
C THR C 108 -13.64 -6.35 -49.42
N THR C 109 -14.27 -5.86 -50.49
CA THR C 109 -15.05 -6.71 -51.38
C THR C 109 -14.57 -6.68 -52.82
N LEU C 110 -13.58 -5.83 -53.14
CA LEU C 110 -13.12 -5.54 -54.51
C LEU C 110 -14.29 -5.09 -55.40
N ASP C 111 -15.12 -4.21 -54.84
CA ASP C 111 -16.33 -3.75 -55.51
C ASP C 111 -16.35 -2.23 -55.48
N SER C 112 -17.10 -1.65 -56.41
CA SER C 112 -17.27 -0.19 -56.45
C SER C 112 -18.08 0.34 -55.28
N LYS C 113 -18.84 -0.52 -54.60
CA LYS C 113 -19.61 -0.07 -53.43
C LYS C 113 -18.69 0.28 -52.27
N THR C 114 -17.68 -0.54 -52.01
CA THR C 114 -16.89 -0.46 -50.80
C THR C 114 -15.52 0.12 -51.14
N GLN C 115 -14.90 0.78 -50.16
CA GLN C 115 -13.62 1.47 -50.34
C GLN C 115 -12.51 0.50 -50.75
N SER C 116 -11.74 0.92 -51.76
CA SER C 116 -10.66 0.11 -52.31
C SER C 116 -9.40 0.96 -52.44
N LEU C 117 -8.26 0.28 -52.43
CA LEU C 117 -6.95 0.93 -52.49
C LEU C 117 -6.21 0.41 -53.71
N LEU C 118 -5.51 1.30 -54.40
CA LEU C 118 -4.78 0.95 -55.62
C LEU C 118 -3.39 1.54 -55.57
N ILE C 119 -2.39 0.74 -55.94
CA ILE C 119 -1.01 1.19 -56.10
C ILE C 119 -0.57 0.82 -57.52
N VAL C 120 -0.25 1.84 -58.31
CA VAL C 120 0.15 1.62 -59.70
C VAL C 120 1.50 2.28 -59.91
N ASN C 121 2.45 1.54 -60.49
CA ASN C 121 3.72 2.09 -60.95
C ASN C 121 3.68 2.25 -62.46
N ASN C 122 4.04 3.44 -62.94
CA ASN C 122 4.08 3.73 -64.36
C ASN C 122 5.50 3.66 -64.91
N ALA C 123 6.40 3.00 -64.17
CA ALA C 123 7.84 2.81 -64.40
C ALA C 123 8.64 4.12 -64.33
N THR C 124 8.01 5.24 -64.11
CA THR C 124 8.61 6.55 -63.86
C THR C 124 8.14 7.14 -62.54
N ASN C 125 6.85 7.01 -62.24
CA ASN C 125 6.27 7.44 -60.98
C ASN C 125 5.34 6.37 -60.43
N VAL C 126 5.19 6.37 -59.11
CA VAL C 126 4.32 5.42 -58.42
C VAL C 126 3.05 6.18 -58.03
N VAL C 127 1.91 5.66 -58.46
CA VAL C 127 0.62 6.30 -58.23
C VAL C 127 -0.15 5.47 -57.22
N ILE C 128 -0.47 6.07 -56.08
CA ILE C 128 -1.34 5.46 -55.08
C ILE C 128 -2.66 6.22 -55.09
N LYS C 129 -3.76 5.49 -55.27
CA LYS C 129 -5.07 6.09 -55.20
C LYS C 129 -5.96 5.22 -54.32
N VAL C 130 -6.68 5.85 -53.39
CA VAL C 130 -7.60 5.14 -52.51
C VAL C 130 -9.01 5.48 -53.00
N CYS C 131 -9.07 5.98 -54.23
CA CYS C 131 -10.32 6.32 -54.90
C CYS C 131 -11.16 5.05 -55.04
N GLU C 132 -12.47 5.16 -54.88
CA GLU C 132 -13.33 3.99 -54.99
C GLU C 132 -13.44 3.50 -56.43
N PHE C 133 -12.62 2.53 -56.80
CA PHE C 133 -12.54 2.08 -58.18
C PHE C 133 -13.46 0.90 -58.44
N GLN C 134 -13.44 0.42 -59.68
CA GLN C 134 -14.15 -0.77 -60.09
C GLN C 134 -13.24 -1.98 -59.93
N PHE C 135 -13.65 -3.11 -60.50
CA PHE C 135 -12.82 -4.32 -60.57
C PHE C 135 -12.69 -4.74 -62.02
N CYS C 136 -11.46 -4.83 -62.50
CA CYS C 136 -11.17 -5.38 -63.82
C CYS C 136 -10.42 -6.69 -63.62
N ASN C 137 -10.97 -7.76 -64.21
CA ASN C 137 -10.57 -9.10 -63.81
C ASN C 137 -9.19 -9.48 -64.33
N ASP C 138 -8.79 -8.95 -65.48
CA ASP C 138 -7.44 -9.13 -65.99
C ASP C 138 -6.87 -7.76 -66.36
N PRO C 139 -6.22 -7.10 -65.40
CA PRO C 139 -5.52 -5.84 -65.71
C PRO C 139 -4.34 -6.07 -66.65
N PHE C 140 -3.98 -5.01 -67.36
CA PHE C 140 -2.85 -5.03 -68.28
C PHE C 140 -1.95 -3.81 -68.06
N PHE C 157 -2.89 1.00 -68.57
CA PHE C 157 -3.85 1.45 -67.57
C PHE C 157 -5.26 0.97 -67.93
N ARG C 158 -5.40 -0.34 -68.12
CA ARG C 158 -6.70 -0.92 -68.45
C ARG C 158 -7.51 -1.31 -67.23
N VAL C 159 -6.97 -1.13 -66.03
CA VAL C 159 -7.73 -1.40 -64.80
C VAL C 159 -8.30 -0.13 -64.21
N TYR C 160 -7.57 0.98 -64.33
CA TYR C 160 -7.92 2.23 -63.65
C TYR C 160 -9.09 2.88 -64.36
N SER C 161 -10.30 2.57 -63.89
CA SER C 161 -11.53 2.98 -64.55
C SER C 161 -12.17 4.23 -63.95
N SER C 162 -12.59 4.18 -62.69
CA SER C 162 -13.46 5.20 -62.13
C SER C 162 -13.01 5.66 -60.76
N ALA C 163 -13.05 6.98 -60.54
CA ALA C 163 -12.54 7.58 -59.31
C ALA C 163 -13.65 8.32 -58.57
N ASN C 164 -14.78 7.66 -58.36
CA ASN C 164 -16.01 8.29 -57.86
C ASN C 164 -15.88 8.92 -56.48
N ASN C 165 -15.69 8.12 -55.44
CA ASN C 165 -15.63 8.64 -54.07
C ASN C 165 -14.21 8.95 -53.63
N CYS C 166 -13.44 9.64 -54.46
CA CYS C 166 -12.00 9.62 -54.31
C CYS C 166 -11.52 10.54 -53.21
N THR C 167 -10.55 10.06 -52.43
CA THR C 167 -10.10 10.76 -51.23
C THR C 167 -8.64 11.17 -51.27
N PHE C 168 -7.71 10.23 -51.48
CA PHE C 168 -6.29 10.49 -51.30
C PHE C 168 -5.49 9.97 -52.47
N GLU C 169 -4.60 10.81 -52.99
CA GLU C 169 -3.68 10.45 -54.06
C GLU C 169 -2.26 10.75 -53.62
N TYR C 170 -1.31 9.93 -54.06
CA TYR C 170 0.09 10.19 -53.76
C TYR C 170 0.95 9.78 -54.94
N VAL C 171 2.00 10.55 -55.19
CA VAL C 171 2.97 10.30 -56.24
C VAL C 171 4.32 10.02 -55.58
N SER C 172 4.98 8.94 -56.00
CA SER C 172 6.20 8.50 -55.34
C SER C 172 7.30 8.23 -56.36
N GLN C 173 8.51 8.05 -55.84
CA GLN C 173 9.64 7.62 -56.65
C GLN C 173 9.41 6.20 -57.15
N PRO C 174 9.95 5.85 -58.33
CA PRO C 174 9.62 4.55 -58.92
C PRO C 174 10.20 3.37 -58.15
N PHE C 175 9.53 2.23 -58.27
CA PHE C 175 9.93 1.03 -57.54
C PHE C 175 11.19 0.44 -58.12
N LEU C 176 11.29 0.39 -59.45
CA LEU C 176 12.44 -0.10 -60.22
C LEU C 176 12.89 -1.52 -59.86
N LYS C 187 17.36 -11.92 -62.19
CA LYS C 187 18.28 -10.78 -62.10
C LYS C 187 18.16 -10.08 -60.76
N ASN C 188 16.93 -9.74 -60.38
CA ASN C 188 16.67 -9.03 -59.14
C ASN C 188 15.24 -9.34 -58.70
N LEU C 189 15.00 -9.22 -57.40
CA LEU C 189 13.66 -9.44 -56.88
C LEU C 189 13.25 -8.29 -55.98
N ARG C 190 11.94 -8.09 -55.86
CA ARG C 190 11.35 -7.05 -55.02
C ARG C 190 10.41 -7.70 -54.01
N GLU C 191 10.58 -7.37 -52.74
CA GLU C 191 9.86 -8.03 -51.65
C GLU C 191 8.99 -7.00 -50.93
N PHE C 192 7.72 -7.34 -50.74
CA PHE C 192 6.76 -6.41 -50.17
C PHE C 192 6.02 -7.06 -49.01
N VAL C 193 5.83 -6.31 -47.93
CA VAL C 193 4.97 -6.69 -46.82
C VAL C 193 3.93 -5.62 -46.62
N PHE C 194 2.66 -6.00 -46.68
CA PHE C 194 1.55 -5.11 -46.44
C PHE C 194 0.95 -5.48 -45.09
N LYS C 195 0.43 -4.47 -44.38
CA LYS C 195 -0.16 -4.70 -43.06
C LYS C 195 -1.06 -3.51 -42.73
N ASN C 196 -2.25 -3.81 -42.23
CA ASN C 196 -3.19 -2.79 -41.77
C ASN C 196 -3.28 -2.91 -40.26
N ILE C 197 -2.59 -2.00 -39.57
CA ILE C 197 -2.54 -1.99 -38.11
C ILE C 197 -2.92 -0.58 -37.66
N ASP C 198 -3.98 -0.49 -36.85
CA ASP C 198 -4.52 0.76 -36.29
C ASP C 198 -4.85 1.77 -37.39
N GLY C 199 -5.44 1.28 -38.47
CA GLY C 199 -5.82 2.13 -39.59
C GLY C 199 -4.67 2.63 -40.42
N TYR C 200 -3.47 2.06 -40.26
CA TYR C 200 -2.29 2.49 -41.00
C TYR C 200 -1.88 1.38 -41.95
N PHE C 201 -1.86 1.70 -43.24
CA PHE C 201 -1.50 0.73 -44.25
C PHE C 201 0.00 0.86 -44.52
N LYS C 202 0.76 -0.05 -43.93
CA LYS C 202 2.21 0.03 -44.00
C LYS C 202 2.72 -0.82 -45.16
N ILE C 203 3.64 -0.28 -45.95
CA ILE C 203 4.19 -0.97 -47.11
C ILE C 203 5.70 -0.90 -47.03
N TYR C 204 6.34 -2.06 -47.03
CA TYR C 204 7.78 -2.18 -46.85
C TYR C 204 8.38 -2.73 -48.13
N SER C 205 9.56 -2.25 -48.50
CA SER C 205 10.16 -2.64 -49.77
C SER C 205 11.67 -2.79 -49.65
N LYS C 206 12.23 -3.66 -50.47
CA LYS C 206 13.66 -3.92 -50.51
C LYS C 206 14.01 -4.56 -51.85
N HIS C 207 15.15 -4.15 -52.42
CA HIS C 207 15.72 -4.78 -53.59
C HIS C 207 16.80 -5.77 -53.18
N THR C 208 16.97 -6.80 -54.00
CA THR C 208 18.08 -7.73 -53.86
C THR C 208 18.41 -8.33 -55.22
N PRO C 209 19.67 -8.27 -55.65
CA PRO C 209 20.06 -9.02 -56.86
C PRO C 209 20.11 -10.51 -56.57
N ILE C 210 19.51 -11.30 -57.47
CA ILE C 210 19.53 -12.75 -57.36
C ILE C 210 19.81 -13.35 -58.74
N ASN C 211 20.60 -14.42 -58.74
CA ASN C 211 20.91 -15.13 -59.98
C ASN C 211 20.21 -16.47 -60.12
N LEU C 212 19.74 -17.07 -59.03
CA LEU C 212 18.95 -18.29 -59.13
C LEU C 212 17.55 -17.97 -59.61
N VAL C 213 16.98 -18.89 -60.37
CA VAL C 213 15.62 -18.75 -60.89
C VAL C 213 14.70 -19.86 -60.43
N ARG C 214 15.10 -20.63 -59.41
CA ARG C 214 14.29 -21.78 -59.00
C ARG C 214 13.29 -21.38 -57.92
N ASP C 215 13.77 -20.85 -56.81
CA ASP C 215 12.92 -20.50 -55.69
C ASP C 215 13.50 -19.26 -55.02
N LEU C 216 13.04 -18.97 -53.80
CA LEU C 216 13.60 -17.86 -53.04
C LEU C 216 15.03 -18.16 -52.64
N PRO C 217 15.96 -17.22 -52.79
CA PRO C 217 17.37 -17.51 -52.53
C PRO C 217 17.67 -17.66 -51.05
N GLN C 218 18.47 -18.67 -50.72
CA GLN C 218 18.95 -18.84 -49.36
C GLN C 218 19.92 -17.72 -48.99
N GLY C 219 19.93 -17.39 -47.72
CA GLY C 219 20.68 -16.26 -47.21
C GLY C 219 19.76 -15.41 -46.38
N PHE C 220 20.25 -14.22 -46.04
CA PHE C 220 19.50 -13.32 -45.17
C PHE C 220 19.57 -11.90 -45.72
N SER C 221 18.45 -11.19 -45.60
CA SER C 221 18.37 -9.80 -46.00
C SER C 221 17.16 -9.19 -45.30
N ALA C 222 17.31 -7.94 -44.86
CA ALA C 222 16.28 -7.26 -44.10
C ALA C 222 15.18 -6.73 -45.04
N LEU C 223 14.35 -5.84 -44.51
CA LEU C 223 13.26 -5.25 -45.27
C LEU C 223 12.97 -3.89 -44.70
N GLU C 224 13.52 -2.82 -45.33
CA GLU C 224 13.27 -1.57 -44.64
C GLU C 224 11.89 -1.01 -45.01
N PRO C 225 11.24 -0.32 -44.09
CA PRO C 225 9.99 0.35 -44.44
C PRO C 225 10.24 1.52 -45.36
N LEU C 226 9.31 1.70 -46.29
CA LEU C 226 9.43 2.71 -47.32
C LEU C 226 8.43 3.85 -47.09
N VAL C 227 7.15 3.51 -46.97
CA VAL C 227 6.08 4.48 -46.81
C VAL C 227 5.14 4.02 -45.71
N ASP C 228 4.33 4.96 -45.23
CA ASP C 228 3.16 4.68 -44.41
C ASP C 228 1.96 5.40 -45.01
N LEU C 229 0.85 4.68 -45.10
CA LEU C 229 -0.36 5.22 -45.71
C LEU C 229 -1.44 5.40 -44.65
N PRO C 230 -1.78 6.63 -44.28
CA PRO C 230 -2.79 6.88 -43.24
C PRO C 230 -4.21 6.84 -43.80
N ILE C 231 -4.74 5.65 -43.96
CA ILE C 231 -6.00 5.49 -44.69
C ILE C 231 -7.18 5.29 -43.75
N GLY C 232 -7.16 4.22 -42.98
CA GLY C 232 -8.32 3.87 -42.19
C GLY C 232 -9.35 3.11 -43.00
N ILE C 233 -8.97 1.94 -43.49
CA ILE C 233 -9.77 1.13 -44.39
C ILE C 233 -9.78 -0.31 -43.87
N ASN C 234 -10.88 -1.01 -44.10
CA ASN C 234 -10.99 -2.43 -43.82
C ASN C 234 -10.64 -3.19 -45.10
N ILE C 235 -9.78 -4.20 -44.97
CA ILE C 235 -9.33 -5.00 -46.11
C ILE C 235 -9.66 -6.45 -45.81
N THR C 236 -10.24 -7.13 -46.79
CA THR C 236 -10.43 -8.57 -46.67
C THR C 236 -9.71 -9.34 -47.78
N ARG C 237 -9.79 -8.88 -49.03
CA ARG C 237 -9.17 -9.57 -50.14
C ARG C 237 -8.34 -8.59 -50.96
N PHE C 238 -7.55 -9.13 -51.90
CA PHE C 238 -6.75 -8.30 -52.78
C PHE C 238 -6.43 -9.09 -54.04
N GLN C 239 -6.04 -8.35 -55.08
CA GLN C 239 -5.61 -8.94 -56.34
C GLN C 239 -4.35 -8.22 -56.81
N THR C 240 -3.64 -8.84 -57.73
CA THR C 240 -2.35 -8.33 -58.19
C THR C 240 -2.50 -7.73 -59.59
N LEU C 241 -2.05 -6.50 -59.75
CA LEU C 241 -1.99 -5.87 -61.07
C LEU C 241 -0.75 -6.36 -61.81
N LEU C 242 -0.92 -6.65 -63.09
CA LEU C 242 0.15 -7.15 -63.94
C LEU C 242 -0.05 -6.61 -65.36
N ALA C 243 1.05 -6.31 -66.04
CA ALA C 243 0.99 -5.68 -67.36
C ALA C 243 1.58 -6.60 -68.41
N LEU C 244 0.75 -7.02 -69.37
CA LEU C 244 1.17 -7.88 -70.46
C LEU C 244 1.12 -7.12 -71.78
N HIS C 245 2.06 -7.42 -72.67
CA HIS C 245 2.02 -6.93 -74.04
C HIS C 245 1.99 -8.09 -75.01
N GLY C 261 3.61 -18.26 -69.62
CA GLY C 261 4.80 -18.10 -68.81
C GLY C 261 4.96 -16.70 -68.23
N ALA C 262 4.23 -16.43 -67.14
CA ALA C 262 4.27 -15.12 -66.50
C ALA C 262 5.50 -15.03 -65.59
N ALA C 263 5.67 -13.88 -64.93
CA ALA C 263 6.75 -13.70 -63.98
C ALA C 263 6.41 -14.41 -62.67
N ALA C 264 7.43 -14.62 -61.84
CA ALA C 264 7.27 -15.31 -60.57
C ALA C 264 6.87 -14.32 -59.50
N TYR C 265 5.76 -14.59 -58.82
CA TYR C 265 5.38 -13.81 -57.65
C TYR C 265 4.82 -14.77 -56.60
N TYR C 266 5.09 -14.46 -55.33
CA TYR C 266 4.77 -15.34 -54.22
C TYR C 266 3.83 -14.60 -53.28
N VAL C 267 3.07 -15.35 -52.48
CA VAL C 267 2.20 -14.76 -51.46
C VAL C 267 2.41 -15.51 -50.15
N GLY C 268 2.75 -14.78 -49.08
CA GLY C 268 2.81 -15.35 -47.76
C GLY C 268 1.92 -14.56 -46.82
N TYR C 269 1.64 -15.15 -45.65
CA TYR C 269 0.73 -14.57 -44.67
C TYR C 269 1.44 -14.40 -43.34
N LEU C 270 1.28 -13.23 -42.73
CA LEU C 270 1.93 -12.93 -41.47
C LEU C 270 1.21 -13.60 -40.30
N GLN C 271 1.96 -13.86 -39.23
CA GLN C 271 1.43 -14.46 -38.01
C GLN C 271 1.90 -13.68 -36.80
N PRO C 272 1.11 -13.68 -35.72
CA PRO C 272 1.55 -13.04 -34.47
C PRO C 272 2.62 -13.82 -33.74
N ARG C 273 3.88 -13.70 -34.17
CA ARG C 273 4.99 -14.41 -33.56
C ARG C 273 6.03 -13.43 -33.08
N THR C 274 6.63 -13.70 -31.92
CA THR C 274 7.73 -12.88 -31.44
C THR C 274 9.06 -13.39 -32.01
N PHE C 275 9.94 -12.46 -32.35
CA PHE C 275 11.25 -12.80 -32.87
C PHE C 275 12.35 -12.34 -31.92
N LEU C 276 13.58 -12.56 -32.38
CA LEU C 276 14.76 -11.99 -31.76
C LEU C 276 15.69 -11.52 -32.86
N LEU C 277 16.06 -10.25 -32.82
CA LEU C 277 16.68 -9.57 -33.94
C LEU C 277 18.11 -9.18 -33.62
N LYS C 278 18.97 -9.33 -34.61
CA LYS C 278 20.38 -8.99 -34.51
C LYS C 278 20.62 -7.71 -35.27
N TYR C 279 21.32 -6.77 -34.65
CA TYR C 279 21.81 -5.58 -35.31
C TYR C 279 23.33 -5.65 -35.31
N ASN C 280 23.94 -5.36 -36.45
CA ASN C 280 25.40 -5.41 -36.54
C ASN C 280 25.98 -4.10 -36.01
N GLU C 281 27.30 -3.95 -36.13
CA GLU C 281 27.97 -2.74 -35.66
C GLU C 281 27.63 -1.54 -36.54
N ASN C 282 27.23 -1.78 -37.79
CA ASN C 282 26.79 -0.72 -38.67
C ASN C 282 25.41 -0.21 -38.31
N GLY C 283 24.50 -1.10 -37.93
CA GLY C 283 23.14 -0.71 -37.62
C GLY C 283 22.11 -1.33 -38.54
N THR C 284 22.43 -2.50 -39.08
CA THR C 284 21.61 -3.21 -40.04
C THR C 284 21.33 -4.61 -39.50
N ILE C 285 20.22 -5.22 -39.93
CA ILE C 285 19.91 -6.57 -39.49
C ILE C 285 20.67 -7.59 -40.33
N THR C 286 21.36 -8.51 -39.65
CA THR C 286 22.05 -9.60 -40.32
C THR C 286 21.62 -10.99 -39.87
N ASP C 287 20.93 -11.12 -38.73
CA ASP C 287 20.41 -12.40 -38.25
C ASP C 287 19.07 -12.17 -37.56
N ALA C 288 18.27 -13.22 -37.51
CA ALA C 288 17.00 -13.22 -36.79
C ALA C 288 16.59 -14.66 -36.52
N VAL C 289 15.94 -14.90 -35.37
CA VAL C 289 15.40 -16.23 -35.07
C VAL C 289 13.92 -16.10 -34.77
N ASP C 290 13.22 -17.23 -34.92
CA ASP C 290 11.79 -17.31 -34.68
C ASP C 290 11.57 -18.06 -33.38
N CYS C 291 11.05 -17.34 -32.38
CA CYS C 291 10.97 -17.87 -31.01
C CYS C 291 10.01 -19.05 -30.87
N ALA C 292 9.08 -19.24 -31.81
CA ALA C 292 8.07 -20.28 -31.68
C ALA C 292 8.28 -21.45 -32.63
N LEU C 293 9.37 -21.45 -33.40
CA LEU C 293 9.63 -22.53 -34.35
C LEU C 293 10.00 -23.83 -33.67
N ASP C 294 10.85 -23.78 -32.65
CA ASP C 294 11.45 -24.96 -32.05
C ASP C 294 11.75 -24.63 -30.60
N PRO C 295 11.62 -25.59 -29.69
CA PRO C 295 12.29 -25.47 -28.39
C PRO C 295 13.77 -25.04 -28.42
N LEU C 296 14.54 -25.36 -29.48
CA LEU C 296 15.88 -24.79 -29.62
C LEU C 296 15.84 -23.29 -29.76
N SER C 297 15.03 -22.79 -30.70
CA SER C 297 14.92 -21.35 -30.85
C SER C 297 14.11 -20.73 -29.73
N GLU C 298 13.31 -21.53 -29.02
CA GLU C 298 12.70 -21.06 -27.78
C GLU C 298 13.77 -20.81 -26.72
N THR C 299 14.83 -21.62 -26.71
CA THR C 299 15.93 -21.34 -25.79
C THR C 299 16.74 -20.15 -26.23
N LYS C 300 16.92 -19.98 -27.54
CA LYS C 300 17.56 -18.76 -28.03
C LYS C 300 16.76 -17.52 -27.69
N CYS C 301 15.44 -17.65 -27.69
CA CYS C 301 14.52 -16.59 -27.30
C CYS C 301 14.59 -16.30 -25.80
N THR C 302 14.55 -17.34 -24.95
CA THR C 302 14.58 -17.13 -23.51
C THR C 302 15.96 -16.78 -23.00
N LEU C 303 17.00 -17.04 -23.78
CA LEU C 303 18.36 -16.78 -23.36
C LEU C 303 18.90 -15.46 -23.92
N LYS C 304 18.14 -14.84 -24.82
CA LYS C 304 18.44 -13.53 -25.42
C LYS C 304 19.79 -13.56 -26.14
N SER C 305 20.06 -14.68 -26.82
CA SER C 305 21.33 -14.86 -27.51
C SER C 305 21.13 -15.85 -28.65
N PHE C 306 22.10 -15.85 -29.58
CA PHE C 306 22.04 -16.71 -30.75
C PHE C 306 22.99 -17.90 -30.72
N THR C 307 23.85 -18.00 -29.72
CA THR C 307 24.78 -19.12 -29.60
C THR C 307 24.66 -19.64 -28.17
N VAL C 308 23.86 -20.68 -27.98
CA VAL C 308 23.78 -21.28 -26.66
C VAL C 308 25.01 -22.16 -26.49
N GLU C 309 25.33 -22.47 -25.24
CA GLU C 309 26.43 -23.38 -24.99
C GLU C 309 25.87 -24.71 -24.53
N LYS C 310 26.78 -25.66 -24.33
CA LYS C 310 26.40 -27.02 -23.94
C LYS C 310 25.76 -27.04 -22.57
N GLY C 311 24.58 -27.62 -22.47
CA GLY C 311 23.90 -27.73 -21.20
C GLY C 311 22.41 -27.88 -21.36
N ILE C 312 21.72 -27.69 -20.24
CA ILE C 312 20.30 -27.93 -20.12
C ILE C 312 19.62 -26.62 -19.75
N TYR C 313 18.45 -26.35 -20.34
CA TYR C 313 17.84 -25.04 -20.25
C TYR C 313 16.35 -25.14 -19.99
N GLN C 314 15.93 -24.76 -18.79
CA GLN C 314 14.51 -24.67 -18.44
C GLN C 314 13.90 -23.46 -19.15
N THR C 315 12.87 -23.69 -19.97
CA THR C 315 12.25 -22.60 -20.70
C THR C 315 10.90 -22.19 -20.12
N SER C 316 9.93 -23.10 -20.10
CA SER C 316 8.54 -22.68 -19.98
C SER C 316 7.72 -23.76 -19.30
N ASN C 317 6.50 -23.38 -18.94
CA ASN C 317 5.50 -24.29 -18.40
C ASN C 317 4.55 -24.65 -19.52
N PHE C 318 4.45 -25.93 -19.83
CA PHE C 318 3.43 -26.42 -20.75
C PHE C 318 2.27 -26.96 -19.92
N ARG C 319 1.06 -26.86 -20.46
CA ARG C 319 -0.05 -27.53 -19.80
C ARG C 319 -1.07 -27.97 -20.84
N VAL C 320 -1.84 -28.97 -20.47
CA VAL C 320 -2.88 -29.50 -21.35
C VAL C 320 -4.03 -28.51 -21.40
N GLN C 321 -4.45 -28.16 -22.61
CA GLN C 321 -5.47 -27.14 -22.78
C GLN C 321 -6.84 -27.71 -22.43
N PRO C 322 -7.64 -27.01 -21.62
CA PRO C 322 -8.95 -27.53 -21.27
C PRO C 322 -9.93 -27.45 -22.43
N THR C 323 -10.70 -28.52 -22.61
CA THR C 323 -11.68 -28.65 -23.68
C THR C 323 -13.02 -29.06 -23.09
N GLU C 324 -14.08 -28.89 -23.88
CA GLU C 324 -15.50 -29.15 -23.55
C GLU C 324 -15.88 -28.54 -22.18
N SER C 325 -15.93 -27.21 -22.18
CA SER C 325 -16.30 -26.44 -21.00
C SER C 325 -17.73 -26.77 -20.58
N ILE C 326 -17.88 -27.30 -19.36
CA ILE C 326 -19.18 -27.73 -18.85
C ILE C 326 -19.66 -26.71 -17.82
N VAL C 327 -20.98 -26.64 -17.68
CA VAL C 327 -21.65 -25.75 -16.73
C VAL C 327 -22.70 -26.58 -16.02
N ARG C 328 -22.69 -26.55 -14.69
CA ARG C 328 -23.67 -27.27 -13.89
C ARG C 328 -24.33 -26.34 -12.89
N PHE C 329 -25.66 -26.39 -12.83
CA PHE C 329 -26.50 -25.61 -11.94
C PHE C 329 -27.56 -26.55 -11.37
N PRO C 330 -28.21 -26.17 -10.26
CA PRO C 330 -29.37 -26.93 -9.81
C PRO C 330 -30.52 -26.85 -10.81
N ASN C 331 -31.39 -27.87 -10.77
CA ASN C 331 -32.41 -28.04 -11.79
C ASN C 331 -33.70 -27.25 -11.54
N ILE C 332 -33.65 -26.22 -10.70
CA ILE C 332 -34.85 -25.44 -10.41
C ILE C 332 -35.21 -24.58 -11.60
N THR C 333 -36.50 -24.22 -11.70
CA THR C 333 -36.95 -23.35 -12.77
C THR C 333 -37.99 -22.32 -12.32
N ASN C 334 -38.32 -22.28 -11.04
CA ASN C 334 -39.28 -21.28 -10.54
C ASN C 334 -38.66 -19.90 -10.60
N LEU C 335 -39.46 -18.92 -11.00
CA LEU C 335 -38.96 -17.56 -11.18
C LEU C 335 -39.01 -16.79 -9.87
N CYS C 336 -37.95 -16.02 -9.61
CA CYS C 336 -37.84 -15.30 -8.35
C CYS C 336 -38.88 -14.19 -8.28
N PRO C 337 -39.51 -13.97 -7.11
CA PRO C 337 -40.64 -13.04 -7.01
C PRO C 337 -40.22 -11.58 -6.99
N PHE C 338 -39.67 -11.12 -8.11
CA PHE C 338 -39.26 -9.73 -8.21
C PHE C 338 -40.42 -8.79 -8.54
N GLY C 339 -41.53 -9.33 -9.05
CA GLY C 339 -42.68 -8.48 -9.33
C GLY C 339 -43.38 -8.01 -8.06
N GLU C 340 -43.29 -8.80 -6.98
CA GLU C 340 -43.85 -8.41 -5.69
C GLU C 340 -42.88 -7.59 -4.86
N VAL C 341 -41.65 -7.43 -5.32
CA VAL C 341 -40.69 -6.55 -4.66
C VAL C 341 -40.66 -5.19 -5.35
N PHE C 342 -40.67 -5.20 -6.68
CA PHE C 342 -40.51 -3.97 -7.44
C PHE C 342 -41.86 -3.31 -7.71
N ASN C 343 -42.81 -4.06 -8.24
CA ASN C 343 -44.18 -3.58 -8.39
C ASN C 343 -45.02 -3.96 -7.17
N ALA C 344 -44.48 -3.64 -6.00
CA ALA C 344 -45.24 -3.68 -4.77
C ALA C 344 -45.95 -2.35 -4.58
N THR C 345 -47.19 -2.42 -4.10
CA THR C 345 -48.07 -1.26 -4.10
C THR C 345 -47.61 -0.20 -3.10
N ARG C 346 -47.10 -0.64 -1.96
CA ARG C 346 -46.68 0.27 -0.89
C ARG C 346 -45.28 -0.11 -0.47
N PHE C 347 -44.38 0.87 -0.45
CA PHE C 347 -43.07 0.71 0.16
C PHE C 347 -43.06 1.33 1.54
N ALA C 348 -42.27 0.74 2.42
CA ALA C 348 -42.19 1.23 3.78
C ALA C 348 -41.30 2.45 3.87
N SER C 349 -41.34 3.10 5.02
CA SER C 349 -40.50 4.26 5.28
C SER C 349 -39.08 3.78 5.61
N VAL C 350 -38.11 4.69 5.54
CA VAL C 350 -36.71 4.27 5.53
C VAL C 350 -36.23 3.86 6.91
N TYR C 351 -36.90 4.28 7.99
CA TYR C 351 -36.52 3.80 9.31
C TYR C 351 -37.01 2.39 9.55
N ALA C 352 -38.15 2.01 8.97
CA ALA C 352 -38.78 0.71 9.17
C ALA C 352 -39.06 0.05 7.82
N TRP C 353 -38.03 0.03 6.98
CA TRP C 353 -38.05 -0.60 5.66
C TRP C 353 -38.35 -2.10 5.74
N ASN C 354 -38.86 -2.66 4.64
CA ASN C 354 -39.26 -4.05 4.59
C ASN C 354 -38.20 -4.92 3.94
N ARG C 355 -38.03 -6.13 4.48
CA ARG C 355 -37.06 -7.10 3.99
C ARG C 355 -37.78 -8.28 3.37
N LYS C 356 -37.39 -8.63 2.15
CA LYS C 356 -37.88 -9.82 1.49
C LYS C 356 -36.72 -10.79 1.35
N ARG C 357 -36.92 -12.03 1.82
CA ARG C 357 -35.92 -13.07 1.66
C ARG C 357 -36.12 -13.75 0.31
N ILE C 358 -35.05 -13.83 -0.48
CA ILE C 358 -35.11 -14.50 -1.77
C ILE C 358 -34.22 -15.72 -1.69
N SER C 359 -34.81 -16.90 -1.91
CA SER C 359 -34.05 -18.13 -1.94
C SER C 359 -34.78 -19.15 -2.80
N ASN C 360 -34.01 -20.12 -3.31
CA ASN C 360 -34.49 -21.30 -4.01
C ASN C 360 -35.30 -20.97 -5.26
N CYS C 361 -34.83 -19.99 -6.03
CA CYS C 361 -35.46 -19.68 -7.30
C CYS C 361 -34.40 -19.30 -8.32
N VAL C 362 -34.84 -19.07 -9.55
CA VAL C 362 -33.97 -18.68 -10.65
C VAL C 362 -34.30 -17.23 -10.99
N ALA C 363 -33.27 -16.37 -10.98
CA ALA C 363 -33.45 -14.93 -11.12
C ALA C 363 -33.06 -14.51 -12.53
N ASP C 364 -33.90 -13.67 -13.14
CA ASP C 364 -33.64 -13.14 -14.48
C ASP C 364 -33.26 -11.68 -14.33
N TYR C 365 -31.96 -11.40 -14.43
CA TYR C 365 -31.46 -10.04 -14.31
C TYR C 365 -31.43 -9.30 -15.62
N SER C 366 -31.87 -9.93 -16.71
CA SER C 366 -31.96 -9.23 -17.99
C SER C 366 -33.05 -8.17 -17.96
N VAL C 367 -34.17 -8.44 -17.28
CA VAL C 367 -35.25 -7.47 -17.21
C VAL C 367 -34.91 -6.30 -16.31
N LEU C 368 -33.91 -6.44 -15.45
CA LEU C 368 -33.58 -5.36 -14.53
C LEU C 368 -32.55 -4.42 -15.15
N TYR C 369 -31.52 -4.97 -15.77
CA TYR C 369 -30.56 -4.12 -16.47
C TYR C 369 -31.12 -3.61 -17.79
N ASN C 370 -32.05 -4.34 -18.39
CA ASN C 370 -32.66 -3.94 -19.66
C ASN C 370 -33.99 -3.23 -19.42
N SER C 371 -33.92 -2.14 -18.66
CA SER C 371 -35.08 -1.31 -18.42
C SER C 371 -34.65 0.15 -18.43
N ALA C 372 -35.40 0.97 -19.14
CA ALA C 372 -35.15 2.40 -19.19
C ALA C 372 -35.85 3.16 -18.07
N SER C 373 -36.34 2.45 -17.05
CA SER C 373 -37.03 3.09 -15.94
C SER C 373 -36.10 3.40 -14.77
N PHE C 374 -35.12 2.55 -14.52
CA PHE C 374 -34.23 2.70 -13.36
C PHE C 374 -33.21 3.80 -13.65
N SER C 375 -33.28 4.90 -12.88
CA SER C 375 -32.31 5.97 -13.05
C SER C 375 -30.93 5.54 -12.58
N THR C 376 -30.85 4.97 -11.39
CA THR C 376 -29.58 4.55 -10.81
C THR C 376 -29.48 3.04 -10.87
N PHE C 377 -28.43 2.53 -11.50
CA PHE C 377 -28.14 1.10 -11.50
C PHE C 377 -26.64 0.99 -11.35
N LYS C 378 -26.17 0.93 -10.12
CA LYS C 378 -24.74 0.92 -9.83
C LYS C 378 -24.42 -0.25 -8.92
N CYS C 379 -23.50 -1.11 -9.35
CA CYS C 379 -23.30 -2.38 -8.66
C CYS C 379 -21.87 -2.59 -8.17
N TYR C 380 -21.77 -2.92 -6.89
CA TYR C 380 -20.52 -3.09 -6.17
C TYR C 380 -20.25 -4.57 -5.98
N GLY C 381 -19.03 -5.00 -6.29
CA GLY C 381 -18.65 -6.39 -6.17
C GLY C 381 -19.04 -7.26 -7.33
N VAL C 382 -20.09 -6.90 -8.07
CA VAL C 382 -20.53 -7.66 -9.23
C VAL C 382 -20.61 -6.71 -10.42
N SER C 383 -20.56 -7.30 -11.62
CA SER C 383 -20.93 -6.45 -12.73
C SER C 383 -22.40 -6.68 -13.08
N PRO C 384 -23.10 -5.65 -13.54
CA PRO C 384 -24.50 -5.86 -13.97
C PRO C 384 -24.64 -6.81 -15.14
N THR C 385 -23.64 -6.87 -16.03
CA THR C 385 -23.74 -7.76 -17.19
C THR C 385 -23.58 -9.23 -16.81
N LYS C 386 -22.65 -9.56 -15.92
CA LYS C 386 -22.38 -10.95 -15.58
C LYS C 386 -23.14 -11.43 -14.36
N LEU C 387 -24.25 -10.77 -14.03
CA LEU C 387 -25.06 -11.22 -12.91
C LEU C 387 -25.88 -12.46 -13.25
N ASN C 388 -26.05 -12.79 -14.53
CA ASN C 388 -26.84 -13.95 -14.91
C ASN C 388 -26.03 -15.24 -14.87
N ASP C 389 -24.74 -15.19 -14.53
CA ASP C 389 -23.93 -16.39 -14.45
C ASP C 389 -23.30 -16.58 -13.08
N LEU C 390 -23.76 -15.85 -12.07
CA LEU C 390 -23.24 -15.94 -10.70
C LEU C 390 -24.29 -16.59 -9.83
N CYS C 391 -23.86 -17.39 -8.86
CA CYS C 391 -24.85 -18.15 -8.13
C CYS C 391 -24.57 -18.07 -6.64
N PHE C 392 -25.55 -17.57 -5.88
CA PHE C 392 -25.33 -17.12 -4.52
C PHE C 392 -26.21 -17.94 -3.57
N THR C 393 -25.84 -17.90 -2.30
CA THR C 393 -26.58 -18.65 -1.29
C THR C 393 -27.94 -18.02 -1.01
N ASN C 394 -27.97 -16.71 -0.77
CA ASN C 394 -29.22 -16.04 -0.44
C ASN C 394 -29.15 -14.57 -0.85
N VAL C 395 -30.32 -14.01 -1.16
CA VAL C 395 -30.44 -12.66 -1.66
C VAL C 395 -31.47 -11.93 -0.81
N TYR C 396 -31.10 -10.75 -0.32
CA TYR C 396 -32.00 -9.90 0.44
C TYR C 396 -32.45 -8.71 -0.41
N ALA C 397 -33.70 -8.32 -0.22
CA ALA C 397 -34.28 -7.20 -0.96
C ALA C 397 -34.80 -6.19 0.05
N ASP C 398 -34.17 -5.03 0.11
CA ASP C 398 -34.51 -3.99 1.07
C ASP C 398 -35.16 -2.84 0.32
N SER C 399 -36.36 -2.45 0.73
CA SER C 399 -37.13 -1.47 -0.01
C SER C 399 -37.56 -0.33 0.90
N PHE C 400 -37.37 0.90 0.40
CA PHE C 400 -37.81 2.10 1.10
C PHE C 400 -37.89 3.21 0.06
N VAL C 401 -38.35 4.39 0.50
CA VAL C 401 -38.47 5.56 -0.35
C VAL C 401 -37.71 6.72 0.28
N ILE C 402 -36.78 7.30 -0.48
CA ILE C 402 -36.07 8.51 -0.11
C ILE C 402 -36.34 9.54 -1.22
N ARG C 403 -36.05 10.80 -0.92
CA ARG C 403 -35.96 11.81 -1.95
C ARG C 403 -34.80 11.50 -2.89
N GLY C 404 -34.89 12.04 -4.11
CA GLY C 404 -33.90 11.76 -5.13
C GLY C 404 -32.53 12.33 -4.86
N ASP C 405 -32.43 13.33 -3.99
CA ASP C 405 -31.13 13.94 -3.69
C ASP C 405 -30.23 13.04 -2.85
N GLU C 406 -30.80 12.07 -2.13
CA GLU C 406 -30.00 11.27 -1.21
C GLU C 406 -29.97 9.80 -1.59
N VAL C 407 -30.16 9.49 -2.88
CA VAL C 407 -29.84 8.17 -3.39
C VAL C 407 -28.32 7.95 -3.36
N ARG C 408 -27.57 9.06 -3.37
CA ARG C 408 -26.10 9.02 -3.25
C ARG C 408 -25.68 8.38 -1.93
N GLN C 409 -26.41 8.66 -0.85
CA GLN C 409 -26.02 8.15 0.47
C GLN C 409 -26.18 6.64 0.59
N ILE C 410 -26.97 6.01 -0.26
CA ILE C 410 -27.11 4.56 -0.21
C ILE C 410 -25.96 3.97 -1.02
N ALA C 411 -24.82 3.79 -0.35
CA ALA C 411 -23.59 3.34 -0.97
C ALA C 411 -22.68 2.85 0.14
N PRO C 412 -21.69 2.01 -0.17
CA PRO C 412 -20.70 1.64 0.84
C PRO C 412 -19.82 2.82 1.21
N GLY C 413 -19.70 3.07 2.50
CA GLY C 413 -18.83 4.13 3.00
C GLY C 413 -19.27 5.54 2.65
N GLN C 414 -20.56 5.81 2.70
CA GLN C 414 -21.07 7.17 2.55
C GLN C 414 -21.51 7.71 3.91
N THR C 415 -21.52 9.03 4.01
CA THR C 415 -22.00 9.72 5.19
C THR C 415 -23.12 10.67 4.80
N GLY C 416 -23.77 11.23 5.81
CA GLY C 416 -25.01 11.93 5.66
C GLY C 416 -26.01 11.45 6.67
N LYS C 417 -27.27 11.81 6.46
CA LYS C 417 -28.26 11.55 7.49
C LYS C 417 -28.83 10.15 7.37
N ILE C 418 -29.28 9.78 6.16
CA ILE C 418 -29.88 8.48 5.92
C ILE C 418 -28.87 7.37 6.14
N ALA C 419 -27.62 7.60 5.73
CA ALA C 419 -26.59 6.59 5.90
C ALA C 419 -26.18 6.41 7.36
N ASP C 420 -26.22 7.47 8.16
CA ASP C 420 -25.81 7.33 9.54
C ASP C 420 -26.92 6.86 10.47
N TYR C 421 -28.18 7.22 10.20
CA TYR C 421 -29.25 6.93 11.15
C TYR C 421 -30.33 6.00 10.64
N ASN C 422 -30.66 6.04 9.35
CA ASN C 422 -31.76 5.25 8.82
C ASN C 422 -31.32 3.92 8.24
N TYR C 423 -30.36 3.93 7.32
CA TYR C 423 -30.02 2.77 6.51
C TYR C 423 -28.51 2.74 6.37
N LYS C 424 -27.85 1.74 6.95
CA LYS C 424 -26.40 1.65 6.84
C LYS C 424 -26.00 0.40 6.07
N LEU C 425 -25.22 0.60 5.01
CA LEU C 425 -24.51 -0.38 4.19
C LEU C 425 -23.08 -0.51 4.67
N PRO C 426 -22.56 -1.72 4.82
CA PRO C 426 -21.16 -1.89 5.23
C PRO C 426 -20.21 -1.56 4.09
N ASP C 427 -18.95 -1.38 4.46
CA ASP C 427 -17.93 -1.02 3.48
C ASP C 427 -17.53 -2.18 2.58
N ASP C 428 -17.80 -3.42 3.00
CA ASP C 428 -17.55 -4.61 2.19
C ASP C 428 -18.85 -5.10 1.54
N PHE C 429 -19.69 -4.17 1.13
CA PHE C 429 -21.00 -4.51 0.58
C PHE C 429 -20.89 -5.23 -0.75
N THR C 430 -21.59 -6.35 -0.85
CA THR C 430 -21.74 -7.10 -2.09
C THR C 430 -23.22 -7.09 -2.41
N GLY C 431 -23.56 -6.79 -3.64
CA GLY C 431 -24.93 -6.57 -4.03
C GLY C 431 -25.07 -5.17 -4.53
N CYS C 432 -26.29 -4.77 -4.89
CA CYS C 432 -26.41 -3.42 -5.41
C CYS C 432 -27.74 -2.75 -5.16
N VAL C 433 -27.67 -1.43 -5.22
CA VAL C 433 -28.75 -0.52 -4.91
C VAL C 433 -29.24 0.07 -6.22
N ILE C 434 -30.56 0.20 -6.36
CA ILE C 434 -31.12 0.81 -7.55
C ILE C 434 -32.20 1.79 -7.13
N ALA C 435 -32.59 2.65 -8.06
CA ALA C 435 -33.62 3.63 -7.80
C ALA C 435 -34.31 4.02 -9.10
N TRP C 436 -35.52 4.54 -8.97
CA TRP C 436 -36.26 5.10 -10.08
C TRP C 436 -37.24 6.12 -9.54
N ASN C 437 -37.63 7.05 -10.40
CA ASN C 437 -38.51 8.14 -9.98
C ASN C 437 -39.92 7.62 -9.76
N SER C 438 -40.54 8.07 -8.69
CA SER C 438 -41.90 7.64 -8.37
C SER C 438 -42.72 8.83 -7.90
N ASN C 439 -42.63 9.95 -8.63
CA ASN C 439 -43.41 11.14 -8.30
C ASN C 439 -44.90 10.91 -8.45
N ASN C 440 -45.32 10.17 -9.48
CA ASN C 440 -46.74 9.95 -9.73
C ASN C 440 -47.38 8.94 -8.79
N LEU C 441 -46.61 8.27 -7.94
CA LEU C 441 -47.15 7.30 -7.01
C LEU C 441 -46.98 7.68 -5.54
N ASP C 442 -46.00 8.52 -5.21
CA ASP C 442 -45.69 8.79 -3.81
C ASP C 442 -45.69 10.25 -3.43
N SER C 443 -45.91 11.16 -4.38
CA SER C 443 -46.04 12.58 -4.10
C SER C 443 -47.38 13.06 -4.61
N LYS C 444 -48.04 13.91 -3.82
CA LYS C 444 -49.39 14.35 -4.15
C LYS C 444 -49.57 15.80 -3.75
N VAL C 445 -50.64 16.39 -4.28
CA VAL C 445 -50.97 17.78 -4.00
C VAL C 445 -51.35 17.91 -2.53
N GLY C 446 -50.77 18.91 -1.86
CA GLY C 446 -50.88 19.04 -0.43
C GLY C 446 -49.81 18.34 0.36
N GLY C 447 -48.91 17.62 -0.30
CA GLY C 447 -47.82 16.95 0.37
C GLY C 447 -48.20 15.59 0.92
N ASN C 448 -47.41 14.57 0.60
CA ASN C 448 -47.63 13.24 1.13
C ASN C 448 -46.84 13.12 2.43
N TYR C 449 -47.53 13.07 3.56
CA TYR C 449 -46.87 13.01 4.85
C TYR C 449 -46.90 11.60 5.43
N ASN C 450 -46.84 10.57 4.58
CA ASN C 450 -46.78 9.20 5.07
C ASN C 450 -45.34 8.72 5.16
N TYR C 451 -44.56 8.92 4.11
CA TYR C 451 -43.15 8.52 4.10
C TYR C 451 -42.34 9.37 5.06
N LEU C 452 -41.43 8.73 5.76
CA LEU C 452 -40.94 9.30 7.01
C LEU C 452 -39.54 8.81 7.29
N TYR C 453 -38.74 9.65 7.94
CA TYR C 453 -37.34 9.34 8.18
C TYR C 453 -36.93 9.81 9.56
N ARG C 454 -35.89 9.16 10.09
CA ARG C 454 -35.26 9.58 11.33
C ARG C 454 -34.22 10.65 11.02
N LEU C 455 -34.26 11.76 11.78
CA LEU C 455 -33.22 12.77 11.72
C LEU C 455 -32.34 12.77 12.96
N PHE C 456 -32.86 12.28 14.08
CA PHE C 456 -32.24 12.47 15.39
C PHE C 456 -31.90 11.12 15.98
N ARG C 457 -30.63 10.91 16.31
CA ARG C 457 -30.19 9.69 17.00
C ARG C 457 -28.85 9.99 17.64
N LYS C 458 -28.62 9.41 18.83
CA LYS C 458 -27.39 9.66 19.57
C LYS C 458 -26.14 9.12 18.90
N SER C 459 -26.25 8.02 18.16
CA SER C 459 -25.07 7.33 17.64
C SER C 459 -25.31 6.88 16.21
N ASN C 460 -24.21 6.68 15.48
CA ASN C 460 -24.29 6.15 14.14
C ASN C 460 -24.72 4.69 14.17
N LEU C 461 -25.49 4.30 13.16
CA LEU C 461 -26.15 3.01 13.12
C LEU C 461 -25.18 1.93 12.64
N LYS C 462 -25.31 0.75 13.22
CA LYS C 462 -24.58 -0.42 12.75
C LYS C 462 -25.08 -0.82 11.36
N PRO C 463 -24.21 -1.37 10.51
CA PRO C 463 -24.69 -1.90 9.23
C PRO C 463 -25.52 -3.16 9.47
N PHE C 464 -26.62 -3.27 8.73
CA PHE C 464 -27.54 -4.41 8.76
C PHE C 464 -28.14 -4.67 10.15
N GLU C 465 -28.34 -3.61 10.94
CA GLU C 465 -29.06 -3.65 12.22
C GLU C 465 -29.86 -2.35 12.37
N ARG C 466 -31.16 -2.41 12.10
CA ARG C 466 -32.03 -1.26 11.84
C ARG C 466 -33.24 -1.25 12.75
N ASP C 467 -33.49 -0.08 13.36
CA ASP C 467 -34.34 0.11 14.52
C ASP C 467 -35.68 0.74 14.15
N ILE C 468 -36.65 0.53 15.03
CA ILE C 468 -38.02 1.00 14.85
C ILE C 468 -38.48 1.85 16.02
N SER C 469 -37.58 2.15 16.96
CA SER C 469 -37.94 2.73 18.25
C SER C 469 -38.45 4.16 18.13
N THR C 470 -39.38 4.49 19.02
CA THR C 470 -40.08 5.77 18.99
C THR C 470 -39.89 6.62 20.22
N GLU C 471 -38.90 6.32 21.07
CA GLU C 471 -38.62 7.16 22.22
C GLU C 471 -37.99 8.47 21.76
N ILE C 472 -38.43 9.58 22.36
CA ILE C 472 -38.03 10.90 21.87
C ILE C 472 -36.57 11.18 22.22
N TYR C 473 -36.01 12.18 21.55
CA TYR C 473 -34.60 12.50 21.67
C TYR C 473 -34.40 13.72 22.56
N GLN C 474 -33.47 13.61 23.49
CA GLN C 474 -33.11 14.69 24.40
C GLN C 474 -31.80 15.31 23.93
N ALA C 475 -31.88 16.49 23.32
CA ALA C 475 -30.69 17.20 22.86
C ALA C 475 -30.16 18.20 23.87
N GLY C 476 -31.00 18.73 24.74
CA GLY C 476 -30.59 19.64 25.78
C GLY C 476 -30.10 18.91 27.02
N SER C 477 -30.06 19.66 28.13
CA SER C 477 -29.64 19.08 29.40
C SER C 477 -30.82 18.58 30.24
N THR C 478 -32.00 19.15 30.05
CA THR C 478 -33.14 18.77 30.88
C THR C 478 -33.67 17.41 30.45
N PRO C 479 -33.81 16.45 31.38
CA PRO C 479 -34.41 15.16 31.02
C PRO C 479 -35.86 15.31 30.62
N CYS C 480 -36.17 14.87 29.41
CA CYS C 480 -37.51 15.02 28.87
C CYS C 480 -38.52 14.14 29.60
N ASN C 481 -38.08 12.97 30.05
CA ASN C 481 -38.90 11.95 30.72
C ASN C 481 -40.10 11.56 29.87
N GLY C 482 -39.88 11.43 28.56
CA GLY C 482 -40.95 11.16 27.64
C GLY C 482 -41.94 12.30 27.49
N VAL C 483 -41.46 13.54 27.47
CA VAL C 483 -42.29 14.71 27.20
C VAL C 483 -41.58 15.56 26.16
N GLU C 484 -42.17 15.68 24.98
CA GLU C 484 -41.53 16.53 23.99
C GLU C 484 -41.83 18.00 24.28
N GLY C 485 -41.02 18.87 23.73
CA GLY C 485 -41.13 20.28 23.93
C GLY C 485 -39.84 20.95 23.47
N PHE C 486 -39.43 21.98 24.19
CA PHE C 486 -38.13 22.57 23.94
C PHE C 486 -37.03 21.62 24.39
N ASN C 487 -35.99 21.49 23.55
CA ASN C 487 -34.83 20.61 23.73
C ASN C 487 -35.24 19.14 23.86
N CYS C 488 -36.42 18.80 23.34
CA CYS C 488 -37.02 17.46 23.49
C CYS C 488 -37.75 17.20 22.18
N TYR C 489 -37.07 16.55 21.24
CA TYR C 489 -37.61 16.34 19.91
C TYR C 489 -37.95 14.88 19.70
N PHE C 490 -39.14 14.65 19.14
CA PHE C 490 -39.47 13.37 18.57
C PHE C 490 -38.51 13.13 17.40
N PRO C 491 -37.85 11.99 17.32
CA PRO C 491 -36.79 11.81 16.33
C PRO C 491 -37.26 11.46 14.93
N LEU C 492 -38.55 11.50 14.64
CA LEU C 492 -39.09 10.98 13.40
C LEU C 492 -40.01 12.04 12.79
N GLN C 493 -39.78 12.39 11.53
CA GLN C 493 -40.69 13.31 10.84
C GLN C 493 -40.68 13.05 9.35
N SER C 494 -41.72 13.53 8.68
CA SER C 494 -41.99 13.17 7.29
C SER C 494 -41.07 13.87 6.31
N TYR C 495 -41.19 13.46 5.04
CA TYR C 495 -40.40 14.03 3.96
C TYR C 495 -41.07 15.24 3.33
N GLY C 496 -42.40 15.24 3.26
CA GLY C 496 -43.10 16.32 2.59
C GLY C 496 -42.96 16.29 1.09
N PHE C 497 -43.57 15.29 0.46
CA PHE C 497 -43.40 15.09 -0.98
C PHE C 497 -44.41 15.91 -1.77
N GLN C 498 -43.91 16.91 -2.50
CA GLN C 498 -44.68 17.73 -3.41
C GLN C 498 -44.36 17.37 -4.86
N PRO C 499 -45.36 17.36 -5.74
CA PRO C 499 -45.06 17.26 -7.18
C PRO C 499 -44.41 18.50 -7.75
N THR C 500 -44.50 19.64 -7.05
CA THR C 500 -44.01 20.90 -7.59
C THR C 500 -42.48 21.00 -7.50
N ASN C 501 -41.88 20.40 -6.47
CA ASN C 501 -40.47 20.60 -6.18
C ASN C 501 -39.58 19.95 -7.25
N GLY C 502 -38.29 20.21 -7.16
CA GLY C 502 -37.34 19.82 -8.18
C GLY C 502 -37.11 18.33 -8.22
N VAL C 503 -36.34 17.92 -9.24
CA VAL C 503 -36.09 16.51 -9.53
C VAL C 503 -35.40 15.81 -8.37
N GLY C 504 -34.51 16.51 -7.68
CA GLY C 504 -33.85 15.93 -6.52
C GLY C 504 -34.71 15.76 -5.29
N TYR C 505 -35.85 16.45 -5.21
CA TYR C 505 -36.73 16.34 -4.06
C TYR C 505 -37.91 15.41 -4.29
N GLN C 506 -38.02 14.81 -5.47
CA GLN C 506 -39.08 13.85 -5.76
C GLN C 506 -38.83 12.55 -5.01
N PRO C 507 -39.89 11.82 -4.66
CA PRO C 507 -39.70 10.51 -4.01
C PRO C 507 -39.11 9.50 -4.99
N TYR C 508 -37.99 8.91 -4.61
CA TYR C 508 -37.27 7.94 -5.42
C TYR C 508 -37.25 6.61 -4.69
N ARG C 509 -37.96 5.62 -5.23
CA ARG C 509 -38.08 4.32 -4.59
C ARG C 509 -36.77 3.56 -4.76
N VAL C 510 -36.12 3.26 -3.63
CA VAL C 510 -34.82 2.61 -3.61
C VAL C 510 -35.02 1.15 -3.21
N VAL C 511 -34.55 0.24 -4.05
CA VAL C 511 -34.57 -1.19 -3.75
C VAL C 511 -33.13 -1.68 -3.74
N VAL C 512 -32.70 -2.18 -2.59
CA VAL C 512 -31.35 -2.67 -2.39
C VAL C 512 -31.36 -4.17 -2.59
N LEU C 513 -30.47 -4.67 -3.43
CA LEU C 513 -30.23 -6.10 -3.57
C LEU C 513 -28.87 -6.41 -2.97
N SER C 514 -28.77 -7.52 -2.25
CA SER C 514 -27.54 -7.93 -1.60
C SER C 514 -27.28 -9.40 -1.90
N PHE C 515 -26.03 -9.72 -2.21
CA PHE C 515 -25.64 -11.09 -2.53
C PHE C 515 -24.60 -11.55 -1.54
N GLU C 516 -24.85 -12.70 -0.91
CA GLU C 516 -23.88 -13.34 -0.04
C GLU C 516 -23.37 -14.58 -0.75
N LEU C 517 -22.05 -14.65 -0.91
CA LEU C 517 -21.44 -15.72 -1.69
C LEU C 517 -20.85 -16.79 -0.77
N PRO C 521 -23.60 -23.81 -0.22
CA PRO C 521 -24.63 -24.34 -1.14
C PRO C 521 -25.43 -23.23 -1.82
N ALA C 522 -24.94 -22.76 -2.96
CA ALA C 522 -25.60 -21.67 -3.66
C ALA C 522 -26.94 -22.13 -4.23
N THR C 523 -27.94 -21.23 -4.19
CA THR C 523 -29.29 -21.57 -4.58
C THR C 523 -29.96 -20.59 -5.55
N VAL C 524 -29.52 -19.34 -5.63
CA VAL C 524 -30.22 -18.31 -6.39
C VAL C 524 -29.34 -17.93 -7.57
N CYS C 525 -29.72 -18.38 -8.76
CA CYS C 525 -28.98 -18.10 -9.98
C CYS C 525 -29.77 -18.30 -11.25
N GLY C 526 -29.33 -17.59 -12.28
CA GLY C 526 -30.03 -17.48 -13.53
C GLY C 526 -29.82 -18.67 -14.42
N PRO C 527 -30.37 -18.61 -15.62
CA PRO C 527 -30.42 -19.80 -16.48
C PRO C 527 -29.14 -20.02 -17.28
N LYS C 528 -28.71 -21.27 -17.29
CA LYS C 528 -27.74 -21.77 -18.24
C LYS C 528 -27.97 -23.26 -18.38
N LYS C 529 -27.61 -23.80 -19.53
CA LYS C 529 -27.84 -25.21 -19.83
C LYS C 529 -26.92 -26.07 -18.96
N SER C 530 -27.51 -26.73 -17.97
CA SER C 530 -26.76 -27.63 -17.10
C SER C 530 -26.52 -28.92 -17.86
N THR C 531 -25.36 -29.01 -18.51
CA THR C 531 -25.05 -30.11 -19.41
C THR C 531 -24.71 -31.39 -18.63
N ASN C 532 -24.24 -32.38 -19.36
CA ASN C 532 -23.88 -33.65 -18.74
C ASN C 532 -22.46 -33.60 -18.18
N LEU C 533 -22.23 -34.40 -17.15
CA LEU C 533 -20.90 -34.54 -16.57
C LEU C 533 -19.96 -35.24 -17.53
N VAL C 534 -18.73 -34.74 -17.61
CA VAL C 534 -17.71 -35.30 -18.49
C VAL C 534 -16.60 -35.85 -17.60
N LYS C 535 -16.33 -37.13 -17.74
CA LYS C 535 -15.42 -37.84 -16.85
C LYS C 535 -14.07 -38.02 -17.53
N ASN C 536 -13.01 -37.95 -16.71
CA ASN C 536 -11.64 -38.35 -17.09
C ASN C 536 -11.05 -37.49 -18.21
N LYS C 537 -11.53 -36.25 -18.33
CA LYS C 537 -11.06 -35.33 -19.35
C LYS C 537 -10.77 -33.96 -18.73
N CYS C 538 -9.85 -33.22 -19.35
CA CYS C 538 -9.42 -31.92 -18.84
C CYS C 538 -10.43 -30.87 -19.29
N VAL C 539 -11.33 -30.48 -18.39
CA VAL C 539 -12.50 -29.67 -18.74
C VAL C 539 -12.48 -28.38 -17.93
N ASN C 540 -13.36 -27.45 -18.34
CA ASN C 540 -13.60 -26.20 -17.61
C ASN C 540 -14.91 -26.34 -16.85
N PHE C 541 -14.84 -26.87 -15.63
CA PHE C 541 -16.05 -27.07 -14.85
C PHE C 541 -16.60 -25.76 -14.33
N ASN C 542 -17.93 -25.71 -14.21
CA ASN C 542 -18.64 -24.65 -13.48
C ASN C 542 -19.68 -25.38 -12.63
N PHE C 543 -19.26 -25.81 -11.44
CA PHE C 543 -20.11 -26.56 -10.51
C PHE C 543 -20.73 -25.59 -9.53
N ASN C 544 -21.93 -25.12 -9.88
CA ASN C 544 -22.81 -24.31 -9.03
C ASN C 544 -22.09 -23.00 -8.65
N GLY C 545 -21.39 -22.42 -9.62
CA GLY C 545 -20.65 -21.20 -9.43
C GLY C 545 -19.19 -21.39 -9.10
N LEU C 546 -18.78 -22.58 -8.65
CA LEU C 546 -17.38 -22.86 -8.32
C LEU C 546 -16.64 -23.13 -9.62
N THR C 547 -16.18 -22.06 -10.26
CA THR C 547 -15.54 -22.18 -11.56
C THR C 547 -14.11 -22.67 -11.42
N GLY C 548 -13.56 -23.11 -12.55
CA GLY C 548 -12.19 -23.59 -12.59
C GLY C 548 -12.00 -24.60 -13.71
N THR C 549 -10.80 -25.19 -13.73
CA THR C 549 -10.45 -26.19 -14.72
C THR C 549 -9.82 -27.40 -14.03
N GLY C 550 -9.74 -28.51 -14.76
CA GLY C 550 -9.15 -29.70 -14.21
C GLY C 550 -9.74 -30.94 -14.87
N VAL C 551 -9.45 -32.08 -14.25
CA VAL C 551 -9.96 -33.38 -14.71
C VAL C 551 -10.90 -33.91 -13.64
N LEU C 552 -11.89 -34.70 -14.07
CA LEU C 552 -12.98 -35.13 -13.22
C LEU C 552 -13.05 -36.65 -13.19
N THR C 553 -12.74 -37.24 -12.04
CA THR C 553 -12.89 -38.66 -11.81
C THR C 553 -13.86 -38.87 -10.64
N GLU C 554 -14.24 -40.12 -10.42
CA GLU C 554 -15.02 -40.43 -9.24
C GLU C 554 -14.14 -40.41 -8.00
N SER C 555 -14.74 -40.18 -6.85
CA SER C 555 -14.02 -40.17 -5.58
C SER C 555 -14.39 -41.42 -4.79
N ASN C 556 -13.36 -42.13 -4.32
CA ASN C 556 -13.59 -43.29 -3.46
C ASN C 556 -13.77 -42.92 -2.00
N LYS C 557 -13.52 -41.67 -1.63
CA LYS C 557 -13.57 -41.30 -0.23
C LYS C 557 -14.99 -40.96 0.18
N LYS C 558 -15.32 -41.32 1.42
CA LYS C 558 -16.69 -41.30 1.91
C LYS C 558 -17.07 -39.91 2.37
N PHE C 559 -18.22 -39.43 1.90
CA PHE C 559 -18.71 -38.14 2.36
C PHE C 559 -19.87 -38.33 3.31
N LEU C 560 -20.38 -37.22 3.79
CA LEU C 560 -21.51 -37.14 4.71
C LEU C 560 -22.59 -36.33 4.02
N PRO C 561 -23.88 -36.59 4.34
CA PRO C 561 -24.97 -35.99 3.56
C PRO C 561 -25.06 -34.46 3.59
N PHE C 562 -24.43 -33.80 4.55
CA PHE C 562 -24.44 -32.35 4.61
C PHE C 562 -23.30 -31.69 3.84
N GLN C 563 -22.31 -32.46 3.41
CA GLN C 563 -21.09 -31.89 2.84
C GLN C 563 -21.26 -31.67 1.35
N GLN C 564 -21.05 -30.44 0.90
CA GLN C 564 -21.21 -30.09 -0.51
C GLN C 564 -19.96 -30.40 -1.31
N PHE C 565 -18.82 -29.82 -0.94
CA PHE C 565 -17.59 -30.05 -1.65
C PHE C 565 -16.48 -30.40 -0.66
N GLY C 566 -15.32 -30.68 -1.18
CA GLY C 566 -14.19 -31.08 -0.36
C GLY C 566 -12.96 -30.25 -0.63
N ARG C 567 -12.25 -29.90 0.44
CA ARG C 567 -10.97 -29.22 0.36
C ARG C 567 -9.97 -29.93 1.24
N ASP C 568 -8.73 -30.02 0.76
CA ASP C 568 -7.68 -30.67 1.51
C ASP C 568 -6.85 -29.67 2.33
N ILE C 569 -6.26 -28.68 1.65
CA ILE C 569 -5.46 -27.66 2.31
C ILE C 569 -5.39 -26.45 1.37
N ALA C 570 -5.53 -25.26 1.97
CA ALA C 570 -5.30 -23.95 1.34
C ALA C 570 -6.20 -23.75 0.11
N ASP C 571 -7.50 -23.70 0.39
CA ASP C 571 -8.61 -23.36 -0.52
C ASP C 571 -8.63 -24.10 -1.86
N THR C 572 -8.04 -25.29 -1.92
CA THR C 572 -8.02 -26.09 -3.13
C THR C 572 -9.23 -27.03 -3.12
N THR C 573 -10.08 -26.91 -4.14
CA THR C 573 -11.31 -27.69 -4.20
C THR C 573 -10.99 -29.10 -4.67
N ASP C 574 -10.92 -30.03 -3.74
CA ASP C 574 -10.52 -31.41 -4.05
C ASP C 574 -11.66 -32.22 -4.64
N ALA C 575 -12.81 -32.28 -3.97
CA ALA C 575 -13.94 -33.07 -4.44
C ALA C 575 -15.19 -32.20 -4.44
N VAL C 576 -16.15 -32.59 -5.29
CA VAL C 576 -17.40 -31.85 -5.47
C VAL C 576 -18.57 -32.82 -5.65
N ARG C 577 -19.76 -32.33 -5.30
CA ARG C 577 -21.02 -33.00 -5.59
C ARG C 577 -21.74 -32.23 -6.69
N ASP C 578 -22.31 -32.96 -7.64
CA ASP C 578 -23.21 -32.31 -8.59
C ASP C 578 -24.49 -31.91 -7.87
N PRO C 579 -25.06 -30.75 -8.19
CA PRO C 579 -26.24 -30.27 -7.46
C PRO C 579 -27.58 -30.82 -7.96
N GLN C 580 -27.57 -31.87 -8.77
CA GLN C 580 -28.82 -32.37 -9.35
C GLN C 580 -29.13 -33.81 -8.97
N THR C 581 -28.13 -34.69 -8.94
CA THR C 581 -28.34 -36.11 -8.75
C THR C 581 -27.55 -36.65 -7.55
N LEU C 582 -26.58 -35.88 -7.06
CA LEU C 582 -25.83 -36.12 -5.81
C LEU C 582 -24.99 -37.39 -5.92
N GLU C 583 -24.13 -37.43 -6.93
CA GLU C 583 -23.03 -38.36 -6.98
C GLU C 583 -21.72 -37.60 -6.84
N ILE C 584 -20.69 -38.31 -6.42
CA ILE C 584 -19.44 -37.71 -5.96
C ILE C 584 -18.43 -37.71 -7.10
N LEU C 585 -17.70 -36.60 -7.23
CA LEU C 585 -16.65 -36.45 -8.23
C LEU C 585 -15.39 -35.96 -7.54
N ASP C 586 -14.24 -36.28 -8.11
CA ASP C 586 -12.96 -35.82 -7.60
C ASP C 586 -12.30 -34.90 -8.62
N ILE C 587 -11.99 -33.68 -8.19
CA ILE C 587 -11.30 -32.71 -9.04
C ILE C 587 -9.80 -32.86 -8.80
N THR C 588 -9.06 -33.12 -9.86
CA THR C 588 -7.62 -33.16 -9.87
C THR C 588 -7.13 -32.13 -10.87
N PRO C 589 -6.13 -31.29 -10.54
CA PRO C 589 -5.69 -30.27 -11.50
C PRO C 589 -5.04 -30.88 -12.72
N CYS C 590 -5.23 -30.21 -13.85
CA CYS C 590 -4.85 -30.75 -15.14
C CYS C 590 -3.33 -30.76 -15.26
N SER C 591 -2.81 -31.62 -16.13
CA SER C 591 -1.40 -31.94 -16.11
C SER C 591 -0.56 -30.80 -16.66
N PHE C 592 0.44 -30.39 -15.88
CA PHE C 592 1.36 -29.35 -16.30
C PHE C 592 2.76 -29.75 -15.86
N GLY C 593 3.75 -29.02 -16.35
CA GLY C 593 5.12 -29.30 -15.99
C GLY C 593 6.05 -28.39 -16.74
N GLY C 594 7.34 -28.59 -16.53
CA GLY C 594 8.35 -27.81 -17.20
C GLY C 594 8.89 -28.50 -18.44
N VAL C 595 9.18 -27.70 -19.45
CA VAL C 595 9.84 -28.17 -20.68
C VAL C 595 11.25 -27.62 -20.69
N SER C 596 12.21 -28.50 -20.95
CA SER C 596 13.61 -28.13 -20.94
C SER C 596 14.31 -28.90 -22.05
N VAL C 597 15.38 -28.32 -22.59
CA VAL C 597 16.06 -28.92 -23.73
C VAL C 597 17.40 -29.46 -23.27
N ILE C 598 17.99 -30.28 -24.12
CA ILE C 598 19.37 -30.72 -24.00
C ILE C 598 20.09 -30.26 -25.25
N THR C 599 21.16 -29.50 -25.10
CA THR C 599 21.84 -29.06 -26.31
C THR C 599 23.35 -29.26 -26.17
N PRO C 600 24.03 -29.54 -27.28
CA PRO C 600 25.49 -29.52 -27.30
C PRO C 600 26.09 -28.18 -27.73
N GLY C 601 25.28 -27.14 -27.84
CA GLY C 601 25.73 -25.88 -28.40
C GLY C 601 25.31 -25.77 -29.85
N THR C 602 24.82 -24.60 -30.26
CA THR C 602 24.41 -24.41 -31.65
C THR C 602 25.59 -24.37 -32.59
N ASN C 603 26.77 -24.01 -32.07
CA ASN C 603 27.96 -23.95 -32.90
C ASN C 603 28.45 -25.33 -33.30
N THR C 604 28.07 -26.36 -32.55
CA THR C 604 28.52 -27.72 -32.83
C THR C 604 27.48 -28.52 -33.61
N SER C 605 26.24 -28.55 -33.12
CA SER C 605 25.17 -29.25 -33.81
C SER C 605 23.89 -28.44 -33.67
N ASN C 606 22.80 -29.03 -34.15
CA ASN C 606 21.50 -28.40 -34.02
C ASN C 606 20.38 -29.38 -33.73
N GLN C 607 20.69 -30.61 -33.34
CA GLN C 607 19.69 -31.49 -32.79
C GLN C 607 19.65 -31.31 -31.28
N VAL C 608 18.45 -31.26 -30.72
CA VAL C 608 18.26 -31.12 -29.29
C VAL C 608 17.31 -32.20 -28.80
N ALA C 609 17.61 -32.73 -27.62
CA ALA C 609 16.67 -33.56 -26.90
C ALA C 609 15.85 -32.68 -25.98
N VAL C 610 14.57 -33.01 -25.86
CA VAL C 610 13.61 -32.20 -25.12
C VAL C 610 13.17 -32.99 -23.90
N LEU C 611 13.20 -32.35 -22.74
CA LEU C 611 12.83 -32.97 -21.49
C LEU C 611 11.52 -32.37 -21.01
N TYR C 612 10.63 -33.23 -20.53
CA TYR C 612 9.39 -32.80 -19.88
C TYR C 612 9.47 -33.25 -18.42
N GLN C 613 9.57 -32.29 -17.50
CA GLN C 613 9.77 -32.64 -16.10
C GLN C 613 8.52 -33.27 -15.50
N ASP C 614 8.70 -34.48 -14.94
CA ASP C 614 7.79 -35.14 -14.01
C ASP C 614 6.41 -35.38 -14.63
N VAL C 615 6.40 -36.26 -15.63
CA VAL C 615 5.15 -36.76 -16.19
C VAL C 615 5.31 -38.24 -16.50
N ASN C 616 4.28 -39.02 -16.15
CA ASN C 616 4.16 -40.38 -16.69
C ASN C 616 3.82 -40.18 -18.16
N CYS C 617 4.84 -40.20 -19.01
CA CYS C 617 4.83 -39.46 -20.27
C CYS C 617 4.14 -40.28 -21.35
N THR C 618 2.82 -40.45 -21.19
CA THR C 618 1.96 -40.93 -22.25
C THR C 618 1.28 -39.78 -22.97
N GLU C 619 1.67 -38.55 -22.66
CA GLU C 619 1.15 -37.34 -23.29
C GLU C 619 2.27 -36.66 -24.08
N VAL C 620 1.88 -35.90 -25.09
CA VAL C 620 2.84 -35.23 -25.95
C VAL C 620 3.48 -34.06 -25.22
N ASN C 641 13.84 -41.28 -30.17
CA ASN C 641 12.61 -41.89 -29.66
C ASN C 641 12.18 -41.26 -28.35
N VAL C 642 11.48 -42.02 -27.51
CA VAL C 642 10.95 -41.55 -26.25
C VAL C 642 11.54 -42.41 -25.13
N PHE C 643 12.18 -41.75 -24.17
CA PHE C 643 12.69 -42.41 -22.98
C PHE C 643 12.06 -41.79 -21.75
N GLN C 644 11.67 -42.63 -20.81
CA GLN C 644 11.10 -42.20 -19.53
C GLN C 644 12.16 -42.29 -18.45
N THR C 645 12.34 -41.21 -17.70
CA THR C 645 13.24 -41.15 -16.57
C THR C 645 12.43 -40.99 -15.29
N ARG C 646 13.11 -40.98 -14.16
CA ARG C 646 12.48 -40.53 -12.93
C ARG C 646 12.34 -39.02 -12.92
N ALA C 647 13.22 -38.32 -13.62
CA ALA C 647 13.11 -36.87 -13.75
C ALA C 647 11.92 -36.49 -14.62
N GLY C 648 11.65 -37.28 -15.64
CA GLY C 648 10.52 -37.01 -16.52
C GLY C 648 10.59 -37.87 -17.76
N CYS C 649 10.25 -37.32 -18.92
CA CYS C 649 10.42 -38.06 -20.16
C CYS C 649 11.32 -37.27 -21.09
N LEU C 650 12.25 -37.98 -21.72
CA LEU C 650 13.29 -37.36 -22.54
C LEU C 650 13.10 -37.85 -23.96
N ILE C 651 12.62 -36.97 -24.83
CA ILE C 651 12.39 -37.32 -26.22
C ILE C 651 13.53 -36.76 -27.05
N GLY C 652 13.69 -37.32 -28.25
CA GLY C 652 14.75 -36.90 -29.14
C GLY C 652 16.11 -37.49 -28.84
N ALA C 653 16.22 -38.33 -27.82
CA ALA C 653 17.49 -38.92 -27.42
C ALA C 653 17.35 -40.42 -27.36
N GLU C 654 18.24 -41.14 -28.02
CA GLU C 654 18.25 -42.57 -27.95
C GLU C 654 18.97 -43.04 -26.69
N HIS C 655 18.47 -44.12 -26.12
CA HIS C 655 19.01 -44.67 -24.88
C HIS C 655 20.02 -45.76 -25.18
N VAL C 656 21.20 -45.65 -24.57
CA VAL C 656 22.24 -46.64 -24.75
C VAL C 656 22.41 -47.41 -23.44
N ASN C 657 23.19 -48.48 -23.51
CA ASN C 657 23.41 -49.33 -22.35
C ASN C 657 24.71 -49.01 -21.62
N ASN C 658 25.79 -48.78 -22.34
CA ASN C 658 27.08 -48.57 -21.70
C ASN C 658 27.17 -47.17 -21.10
N SER C 659 28.10 -46.99 -20.16
CA SER C 659 28.15 -45.81 -19.33
C SER C 659 29.49 -45.11 -19.49
N TYR C 660 29.47 -43.78 -19.51
CA TYR C 660 30.65 -42.94 -19.52
C TYR C 660 30.54 -41.91 -18.41
N GLU C 661 31.62 -41.16 -18.21
CA GLU C 661 31.52 -39.92 -17.46
C GLU C 661 30.64 -38.96 -18.23
N CYS C 662 29.88 -38.14 -17.53
CA CYS C 662 28.77 -37.50 -18.21
C CYS C 662 28.93 -35.99 -18.31
N ASP C 663 28.32 -35.45 -19.37
CA ASP C 663 28.48 -34.06 -19.79
C ASP C 663 27.32 -33.20 -19.32
N ILE C 664 26.10 -33.53 -19.71
CA ILE C 664 24.92 -32.75 -19.39
C ILE C 664 24.06 -33.56 -18.42
N PRO C 665 23.81 -33.06 -17.21
CA PRO C 665 22.96 -33.80 -16.28
C PRO C 665 21.48 -33.66 -16.61
N ILE C 666 20.71 -34.68 -16.23
CA ILE C 666 19.26 -34.66 -16.26
C ILE C 666 18.66 -34.89 -14.88
N GLY C 667 19.10 -35.93 -14.20
CA GLY C 667 18.56 -36.26 -12.90
C GLY C 667 18.32 -37.75 -12.82
N ALA C 668 18.30 -38.24 -11.57
CA ALA C 668 18.24 -39.67 -11.25
C ALA C 668 19.34 -40.45 -11.95
N GLY C 669 20.54 -39.89 -11.95
CA GLY C 669 21.71 -40.61 -12.43
C GLY C 669 21.83 -40.72 -13.94
N ILE C 670 20.98 -40.05 -14.70
CA ILE C 670 20.99 -40.13 -16.15
C ILE C 670 21.58 -38.86 -16.70
N CYS C 671 22.62 -39.00 -17.51
CA CYS C 671 23.23 -37.87 -18.17
C CYS C 671 23.16 -38.07 -19.69
N ALA C 672 23.43 -37.00 -20.42
CA ALA C 672 23.46 -37.06 -21.88
C ALA C 672 24.80 -36.62 -22.43
N VAL C 687 26.68 -35.26 -26.77
CA VAL C 687 26.44 -35.78 -28.10
C VAL C 687 27.54 -36.79 -28.44
N ALA C 688 27.19 -37.82 -29.22
CA ALA C 688 28.13 -38.86 -29.59
C ALA C 688 27.62 -39.54 -30.85
N SER C 689 28.49 -39.59 -31.88
CA SER C 689 28.22 -40.23 -33.17
C SER C 689 26.96 -39.68 -33.83
N GLN C 690 26.94 -38.34 -33.98
CA GLN C 690 25.89 -37.58 -34.67
C GLN C 690 24.52 -37.74 -34.02
N SER C 691 24.47 -37.99 -32.71
CA SER C 691 23.20 -38.23 -32.04
C SER C 691 23.33 -37.93 -30.56
N ILE C 692 22.22 -37.49 -29.98
CA ILE C 692 22.12 -37.30 -28.54
C ILE C 692 21.82 -38.64 -27.90
N ILE C 693 22.73 -39.10 -27.06
CA ILE C 693 22.53 -40.34 -26.32
C ILE C 693 22.11 -40.01 -24.90
N ALA C 694 21.61 -41.01 -24.19
CA ALA C 694 21.28 -40.91 -22.77
C ALA C 694 21.71 -42.18 -22.08
N TYR C 695 22.32 -42.04 -20.90
CA TYR C 695 22.93 -43.18 -20.23
C TYR C 695 22.99 -42.92 -18.74
N THR C 696 23.01 -44.00 -17.98
CA THR C 696 23.33 -43.86 -16.56
C THR C 696 24.80 -43.50 -16.41
N MET C 697 25.10 -42.73 -15.37
CA MET C 697 26.45 -42.26 -15.12
C MET C 697 27.38 -43.41 -14.82
N SER C 698 28.55 -43.42 -15.45
CA SER C 698 29.62 -44.26 -14.94
C SER C 698 30.10 -43.63 -13.66
N LEU C 699 30.31 -44.43 -12.64
CA LEU C 699 30.69 -43.88 -11.35
C LEU C 699 32.18 -43.60 -11.27
N GLY C 700 32.92 -44.01 -12.28
CA GLY C 700 34.36 -44.10 -12.27
C GLY C 700 34.80 -45.46 -12.74
N ALA C 701 36.11 -45.59 -12.98
CA ALA C 701 36.66 -46.88 -13.33
C ALA C 701 36.66 -47.79 -12.12
N GLU C 702 36.56 -49.09 -12.36
CA GLU C 702 36.35 -50.05 -11.29
C GLU C 702 37.59 -50.94 -11.19
N ASN C 703 38.08 -51.14 -9.97
CA ASN C 703 39.17 -52.07 -9.74
C ASN C 703 39.10 -52.59 -8.31
N SER C 704 39.78 -53.70 -8.08
CA SER C 704 39.96 -54.25 -6.76
C SER C 704 41.45 -54.32 -6.47
N VAL C 705 41.84 -53.89 -5.29
CA VAL C 705 43.24 -53.95 -4.90
C VAL C 705 43.58 -55.35 -4.42
N ALA C 706 44.83 -55.75 -4.65
CA ALA C 706 45.28 -57.11 -4.32
C ALA C 706 45.60 -57.20 -2.83
N TYR C 707 44.54 -57.27 -2.04
CA TYR C 707 44.69 -57.30 -0.60
C TYR C 707 44.97 -58.72 -0.10
N SER C 708 45.89 -58.81 0.84
CA SER C 708 46.07 -60.02 1.64
C SER C 708 46.57 -59.56 3.00
N ASN C 709 46.91 -60.50 3.86
CA ASN C 709 47.32 -60.16 5.21
C ASN C 709 48.82 -59.99 5.37
N ASN C 710 49.60 -60.22 4.31
CA ASN C 710 51.03 -59.95 4.39
C ASN C 710 51.59 -59.35 3.12
N SER C 711 50.76 -58.72 2.29
CA SER C 711 51.22 -58.11 1.05
C SER C 711 51.20 -56.60 1.18
N ILE C 712 52.34 -55.98 0.94
CA ILE C 712 52.47 -54.53 0.92
C ILE C 712 52.99 -54.14 -0.45
N ALA C 713 52.60 -52.96 -0.90
CA ALA C 713 53.00 -52.45 -2.20
C ALA C 713 53.68 -51.10 -2.01
N ILE C 714 54.94 -51.01 -2.42
CA ILE C 714 55.78 -49.85 -2.17
C ILE C 714 56.21 -49.29 -3.51
N PRO C 715 56.06 -48.00 -3.76
CA PRO C 715 56.49 -47.44 -5.04
C PRO C 715 57.99 -47.41 -5.16
N THR C 716 58.47 -47.46 -6.40
CA THR C 716 59.88 -47.35 -6.70
C THR C 716 60.27 -46.03 -7.34
N ASN C 717 59.32 -45.36 -7.97
CA ASN C 717 59.59 -44.14 -8.72
C ASN C 717 58.51 -43.13 -8.36
N PHE C 718 58.65 -41.92 -8.86
CA PHE C 718 57.76 -40.84 -8.43
C PHE C 718 57.70 -39.77 -9.50
N THR C 719 56.50 -39.25 -9.70
CA THR C 719 56.27 -38.19 -10.66
C THR C 719 55.84 -36.93 -9.92
N ILE C 720 56.58 -35.85 -10.15
CA ILE C 720 56.27 -34.55 -9.56
C ILE C 720 55.37 -33.81 -10.54
N SER C 721 54.22 -33.34 -10.06
CA SER C 721 53.20 -32.78 -10.92
C SER C 721 52.75 -31.43 -10.39
N VAL C 722 52.39 -30.52 -11.30
CA VAL C 722 51.95 -29.18 -10.96
C VAL C 722 50.53 -29.00 -11.46
N THR C 723 49.61 -28.65 -10.55
CA THR C 723 48.21 -28.47 -10.89
C THR C 723 47.75 -27.10 -10.40
N THR C 724 46.87 -26.47 -11.18
CA THR C 724 46.30 -25.18 -10.82
C THR C 724 45.27 -25.32 -9.71
N GLU C 725 44.87 -24.16 -9.19
CA GLU C 725 43.67 -24.01 -8.37
C GLU C 725 43.28 -22.55 -8.43
N ILE C 726 42.10 -22.26 -8.98
CA ILE C 726 41.69 -20.89 -9.30
C ILE C 726 40.61 -20.47 -8.32
N LEU C 727 40.83 -19.37 -7.62
CA LEU C 727 39.93 -18.89 -6.59
C LEU C 727 39.64 -17.41 -6.81
N PRO C 728 38.37 -16.99 -6.85
CA PRO C 728 38.08 -15.55 -6.91
C PRO C 728 38.25 -14.91 -5.54
N VAL C 729 38.87 -13.74 -5.52
CA VAL C 729 39.12 -13.03 -4.28
C VAL C 729 38.42 -11.68 -4.21
N SER C 730 37.87 -11.17 -5.32
CA SER C 730 37.23 -9.87 -5.31
C SER C 730 36.23 -9.79 -6.46
N MET C 731 35.18 -9.02 -6.26
CA MET C 731 34.27 -8.68 -7.35
C MET C 731 34.50 -7.23 -7.73
N THR C 732 33.69 -6.75 -8.66
CA THR C 732 33.78 -5.36 -9.09
C THR C 732 33.24 -4.45 -8.00
N LYS C 733 33.99 -3.40 -7.69
CA LYS C 733 33.52 -2.38 -6.74
C LYS C 733 32.48 -1.53 -7.44
N THR C 734 31.25 -2.01 -7.44
CA THR C 734 30.16 -1.22 -7.99
C THR C 734 29.54 -0.38 -6.90
N SER C 735 28.87 0.68 -7.32
CA SER C 735 28.20 1.59 -6.40
C SER C 735 27.13 2.33 -7.18
N VAL C 736 25.88 2.16 -6.79
CA VAL C 736 24.81 2.90 -7.43
C VAL C 736 24.30 3.93 -6.44
N ASP C 737 23.83 5.05 -6.97
CA ASP C 737 23.09 5.99 -6.18
C ASP C 737 21.65 5.52 -6.09
N CYS C 738 20.87 6.16 -5.24
CA CYS C 738 19.46 5.81 -5.17
C CYS C 738 18.55 6.97 -5.52
N THR C 739 18.81 8.15 -4.98
CA THR C 739 17.90 9.28 -5.15
C THR C 739 17.92 9.87 -6.54
N MET C 740 18.87 9.47 -7.40
CA MET C 740 18.78 9.80 -8.80
C MET C 740 18.90 8.59 -9.71
N TYR C 741 19.02 7.38 -9.16
CA TYR C 741 18.63 6.20 -9.92
C TYR C 741 17.12 6.15 -10.07
N ILE C 742 16.40 6.33 -8.96
CA ILE C 742 14.95 6.23 -8.97
C ILE C 742 14.34 7.42 -9.68
N CYS C 743 14.84 8.62 -9.41
CA CYS C 743 14.25 9.85 -9.93
C CYS C 743 14.93 10.29 -11.22
N GLY C 744 16.23 10.55 -11.17
CA GLY C 744 16.91 11.01 -12.35
C GLY C 744 16.75 12.50 -12.57
N ASP C 745 17.18 13.28 -11.58
CA ASP C 745 17.18 14.75 -11.58
C ASP C 745 15.77 15.30 -11.79
N SER C 746 14.95 15.07 -10.78
CA SER C 746 13.62 15.66 -10.69
C SER C 746 13.40 16.11 -9.25
N THR C 747 12.95 17.36 -9.09
CA THR C 747 12.70 17.86 -7.75
C THR C 747 11.45 17.24 -7.14
N GLU C 748 10.41 17.05 -7.96
CA GLU C 748 9.15 16.50 -7.47
C GLU C 748 9.31 15.05 -7.02
N CYS C 749 10.02 14.25 -7.81
CA CYS C 749 10.27 12.86 -7.45
C CYS C 749 11.14 12.77 -6.20
N SER C 750 12.15 13.64 -6.09
CA SER C 750 13.03 13.60 -4.92
C SER C 750 12.28 13.99 -3.65
N ASN C 751 11.41 15.01 -3.74
CA ASN C 751 10.57 15.36 -2.61
C ASN C 751 9.59 14.26 -2.24
N LEU C 752 9.06 13.54 -3.24
CA LEU C 752 8.19 12.41 -2.93
C LEU C 752 8.97 11.25 -2.34
N LEU C 753 10.22 11.06 -2.76
CA LEU C 753 11.05 9.98 -2.24
C LEU C 753 11.55 10.28 -0.83
N LEU C 754 11.64 11.56 -0.46
CA LEU C 754 11.98 11.90 0.92
C LEU C 754 10.96 11.42 1.93
N GLN C 755 9.70 11.25 1.51
CA GLN C 755 8.66 10.77 2.39
C GLN C 755 8.72 9.26 2.61
N TYR C 756 9.59 8.55 1.90
CA TYR C 756 9.73 7.11 2.07
C TYR C 756 10.77 6.75 3.11
N GLY C 757 11.26 7.73 3.85
CA GLY C 757 12.15 7.43 4.95
C GLY C 757 13.62 7.38 4.57
N SER C 758 14.33 6.41 5.11
CA SER C 758 15.78 6.34 5.00
C SER C 758 16.20 5.12 4.19
N PHE C 759 15.52 4.87 3.06
CA PHE C 759 15.87 3.69 2.27
C PHE C 759 17.07 3.96 1.38
N CYS C 760 17.17 5.18 0.85
CA CYS C 760 18.25 5.54 -0.06
C CYS C 760 19.60 5.49 0.64
N THR C 761 19.68 6.06 1.85
CA THR C 761 20.92 6.00 2.59
C THR C 761 21.23 4.60 3.10
N GLN C 762 20.21 3.77 3.32
CA GLN C 762 20.45 2.38 3.71
C GLN C 762 21.10 1.59 2.59
N LEU C 763 20.56 1.71 1.38
CA LEU C 763 21.13 1.00 0.24
C LEU C 763 22.52 1.53 -0.10
N ASN C 764 22.72 2.85 0.01
CA ASN C 764 24.04 3.43 -0.22
C ASN C 764 25.05 2.94 0.80
N ARG C 765 24.63 2.82 2.07
CA ARG C 765 25.53 2.36 3.12
C ARG C 765 25.91 0.89 2.93
N ALA C 766 24.95 0.06 2.54
CA ALA C 766 25.25 -1.37 2.31
C ALA C 766 26.19 -1.55 1.12
N LEU C 767 25.95 -0.83 0.02
CA LEU C 767 26.83 -0.97 -1.14
C LEU C 767 28.21 -0.38 -0.89
N THR C 768 28.30 0.68 -0.11
CA THR C 768 29.62 1.21 0.25
C THR C 768 30.37 0.26 1.18
N GLY C 769 29.64 -0.45 2.05
CA GLY C 769 30.28 -1.48 2.86
C GLY C 769 30.81 -2.63 2.03
N ILE C 770 30.06 -3.03 0.99
CA ILE C 770 30.55 -4.04 0.06
C ILE C 770 31.81 -3.57 -0.66
N ALA C 771 31.81 -2.32 -1.13
CA ALA C 771 32.94 -1.79 -1.87
C ALA C 771 34.18 -1.64 -1.00
N VAL C 772 34.02 -1.30 0.27
CA VAL C 772 35.18 -1.25 1.18
C VAL C 772 35.69 -2.66 1.45
N GLU C 773 34.78 -3.61 1.61
CA GLU C 773 35.15 -4.96 1.97
C GLU C 773 35.87 -5.71 0.84
N GLN C 774 35.63 -5.32 -0.42
CA GLN C 774 36.40 -5.92 -1.52
C GLN C 774 37.88 -5.56 -1.44
N ASP C 775 38.18 -4.30 -1.12
CA ASP C 775 39.56 -3.89 -0.89
C ASP C 775 40.16 -4.60 0.30
N LYS C 776 39.35 -4.82 1.34
CA LYS C 776 39.80 -5.60 2.48
C LYS C 776 40.14 -7.04 2.08
N ASN C 777 39.35 -7.62 1.17
CA ASN C 777 39.60 -8.98 0.69
C ASN C 777 40.92 -9.08 -0.03
N THR C 778 41.19 -8.16 -0.96
CA THR C 778 42.44 -8.20 -1.72
C THR C 778 43.63 -7.94 -0.81
N GLN C 779 43.50 -7.01 0.13
CA GLN C 779 44.57 -6.72 1.09
C GLN C 779 44.84 -7.91 2.00
N GLU C 780 43.79 -8.64 2.38
CA GLU C 780 43.97 -9.80 3.23
C GLU C 780 44.62 -10.97 2.51
N VAL C 781 44.31 -11.17 1.23
CA VAL C 781 44.92 -12.28 0.50
C VAL C 781 46.36 -11.98 0.13
N PHE C 782 46.59 -10.87 -0.57
CA PHE C 782 47.90 -10.68 -1.19
C PHE C 782 48.92 -10.03 -0.29
N ALA C 783 48.52 -9.07 0.54
CA ALA C 783 49.49 -8.32 1.36
C ALA C 783 49.75 -9.07 2.66
N GLN C 784 50.40 -10.22 2.52
CA GLN C 784 50.74 -11.07 3.65
C GLN C 784 52.22 -11.07 3.95
N VAL C 785 52.99 -10.21 3.31
CA VAL C 785 54.44 -10.18 3.48
C VAL C 785 54.83 -8.79 3.94
N LYS C 786 55.79 -8.73 4.88
CA LYS C 786 56.23 -7.46 5.43
C LYS C 786 57.07 -6.66 4.43
N GLN C 787 57.92 -7.32 3.68
CA GLN C 787 58.88 -6.67 2.82
C GLN C 787 58.68 -7.13 1.39
N ILE C 788 59.41 -6.52 0.47
CA ILE C 788 59.36 -6.86 -0.94
C ILE C 788 60.69 -7.48 -1.29
N TYR C 789 60.72 -8.81 -1.36
CA TYR C 789 61.93 -9.51 -1.76
C TYR C 789 62.05 -9.52 -3.27
N LYS C 790 63.29 -9.62 -3.75
CA LYS C 790 63.55 -9.68 -5.17
C LYS C 790 64.40 -10.89 -5.48
N THR C 791 64.18 -11.47 -6.65
CA THR C 791 64.97 -12.60 -7.08
C THR C 791 66.39 -12.16 -7.42
N PRO C 792 67.38 -13.00 -7.13
CA PRO C 792 68.77 -12.63 -7.47
C PRO C 792 68.96 -12.64 -8.97
N PRO C 793 69.93 -11.86 -9.48
CA PRO C 793 70.20 -11.85 -10.93
C PRO C 793 70.68 -13.18 -11.47
N ILE C 794 71.41 -13.96 -10.68
CA ILE C 794 71.74 -15.32 -11.08
C ILE C 794 70.51 -16.19 -10.93
N LYS C 795 70.36 -17.14 -11.85
CA LYS C 795 69.30 -18.15 -11.77
C LYS C 795 70.00 -19.49 -11.92
N ASP C 796 70.50 -20.01 -10.80
CA ASP C 796 71.22 -21.27 -10.75
C ASP C 796 70.66 -22.14 -9.63
N PHE C 797 69.34 -22.28 -9.60
CA PHE C 797 68.66 -22.99 -8.52
C PHE C 797 68.72 -24.51 -8.72
N GLY C 798 69.93 -25.03 -8.91
CA GLY C 798 70.11 -26.46 -9.02
C GLY C 798 69.52 -27.10 -10.26
N GLY C 799 69.31 -26.33 -11.32
CA GLY C 799 68.70 -26.84 -12.51
C GLY C 799 67.21 -26.61 -12.62
N PHE C 800 66.57 -26.11 -11.57
CA PHE C 800 65.17 -25.73 -11.68
C PHE C 800 65.04 -24.46 -12.50
N ASN C 801 63.96 -24.37 -13.25
CA ASN C 801 63.75 -23.27 -14.20
C ASN C 801 62.45 -22.55 -13.83
N PHE C 802 62.57 -21.45 -13.09
CA PHE C 802 61.42 -20.68 -12.65
C PHE C 802 61.08 -19.55 -13.59
N SER C 803 61.55 -19.58 -14.83
CA SER C 803 61.41 -18.44 -15.72
C SER C 803 59.97 -18.19 -16.13
N GLN C 804 59.12 -19.21 -16.09
CA GLN C 804 57.74 -19.01 -16.50
C GLN C 804 56.86 -18.45 -15.41
N ILE C 805 57.31 -18.43 -14.16
CA ILE C 805 56.49 -17.87 -13.09
C ILE C 805 57.12 -16.58 -12.57
N LEU C 806 58.44 -16.46 -12.72
CA LEU C 806 59.13 -15.25 -12.30
C LEU C 806 58.83 -14.11 -13.28
N PRO C 807 58.76 -12.87 -12.80
CA PRO C 807 58.40 -11.75 -13.69
C PRO C 807 59.46 -11.46 -14.75
N ASP C 808 58.99 -10.98 -15.90
CA ASP C 808 59.76 -10.52 -17.04
C ASP C 808 60.02 -9.03 -16.92
N PRO C 809 61.27 -8.57 -17.10
CA PRO C 809 61.54 -7.12 -17.11
C PRO C 809 60.94 -6.36 -18.28
N SER C 810 60.36 -7.04 -19.27
CA SER C 810 59.63 -6.36 -20.34
C SER C 810 58.40 -5.64 -19.79
N LYS C 811 57.72 -6.24 -18.82
CA LYS C 811 56.57 -5.61 -18.18
C LYS C 811 56.78 -5.53 -16.66
N ARG C 815 55.90 -8.80 -14.52
CA ARG C 815 54.79 -9.59 -15.05
C ARG C 815 55.29 -10.77 -15.86
N SER C 816 54.89 -11.96 -15.45
CA SER C 816 55.37 -13.23 -15.96
C SER C 816 54.49 -13.72 -17.11
N PRO C 817 54.97 -14.66 -17.91
CA PRO C 817 54.12 -15.26 -18.96
C PRO C 817 52.84 -15.92 -18.47
N ILE C 818 52.81 -16.46 -17.25
CA ILE C 818 51.61 -17.12 -16.76
C ILE C 818 50.49 -16.11 -16.53
N GLU C 819 50.79 -14.99 -15.87
CA GLU C 819 49.77 -13.95 -15.71
C GLU C 819 49.42 -13.31 -17.05
N ASP C 820 50.34 -13.30 -18.01
CA ASP C 820 50.00 -12.84 -19.35
C ASP C 820 48.96 -13.74 -19.99
N LEU C 821 49.12 -15.07 -19.84
CA LEU C 821 48.15 -16.00 -20.38
C LEU C 821 46.83 -15.91 -19.64
N LEU C 822 46.87 -15.60 -18.35
CA LEU C 822 45.63 -15.44 -17.59
C LEU C 822 44.90 -14.16 -17.98
N PHE C 823 45.63 -13.07 -18.18
CA PHE C 823 45.00 -11.81 -18.53
C PHE C 823 44.48 -11.82 -19.96
N ASN C 824 45.15 -12.51 -20.87
CA ASN C 824 44.65 -12.61 -22.23
C ASN C 824 43.71 -13.79 -22.43
N LYS C 825 43.53 -14.62 -21.41
CA LYS C 825 42.57 -15.71 -21.47
C LYS C 825 41.20 -15.30 -20.98
N VAL C 826 41.12 -14.30 -20.11
CA VAL C 826 39.86 -13.88 -19.52
C VAL C 826 39.22 -12.82 -20.42
N THR C 827 37.95 -13.03 -20.77
CA THR C 827 37.21 -12.25 -21.76
C THR C 827 36.35 -11.18 -21.09
N LEU C 828 36.89 -10.53 -20.07
CA LEU C 828 36.30 -9.40 -19.32
C LEU C 828 35.45 -8.40 -20.10
N GLN C 853 26.70 -2.09 -17.26
CA GLN C 853 27.52 -0.93 -17.61
C GLN C 853 26.92 0.31 -16.94
N LYS C 854 27.68 1.40 -16.88
CA LYS C 854 27.26 2.58 -16.15
C LYS C 854 26.50 3.56 -17.05
N PHE C 855 25.23 3.79 -16.73
CA PHE C 855 24.41 4.74 -17.47
C PHE C 855 23.89 5.87 -16.62
N ASN C 856 23.20 5.57 -15.52
CA ASN C 856 22.60 6.63 -14.69
C ASN C 856 22.52 6.14 -13.25
N GLY C 857 23.31 6.76 -12.38
CA GLY C 857 23.39 6.34 -10.99
C GLY C 857 24.51 5.34 -10.79
N LEU C 858 24.65 4.46 -11.75
CA LEU C 858 25.64 3.39 -11.70
C LEU C 858 27.03 3.96 -11.92
N THR C 859 27.97 3.58 -11.06
CA THR C 859 29.36 3.90 -11.28
C THR C 859 30.21 2.81 -10.65
N VAL C 860 31.43 2.70 -11.13
CA VAL C 860 32.36 1.68 -10.66
C VAL C 860 33.55 2.36 -10.00
N LEU C 861 33.93 1.85 -8.85
CA LEU C 861 35.12 2.47 -8.29
C LEU C 861 36.35 1.66 -8.68
N PRO C 862 37.50 2.31 -8.91
CA PRO C 862 38.70 1.54 -9.16
C PRO C 862 39.21 0.92 -7.88
N PRO C 863 39.81 -0.27 -7.95
CA PRO C 863 40.36 -0.88 -6.75
C PRO C 863 41.59 -0.13 -6.27
N LEU C 864 41.89 -0.29 -4.97
CA LEU C 864 43.06 0.34 -4.38
C LEU C 864 44.33 -0.20 -5.01
N LEU C 865 44.47 -1.52 -5.02
CA LEU C 865 45.65 -2.15 -5.59
C LEU C 865 45.44 -2.29 -7.08
N THR C 866 46.38 -1.76 -7.87
CA THR C 866 46.33 -1.99 -9.30
C THR C 866 46.82 -3.38 -9.62
N ASP C 867 46.71 -3.75 -10.90
CA ASP C 867 47.19 -5.06 -11.32
C ASP C 867 48.71 -5.16 -11.23
N GLU C 868 49.40 -4.03 -11.44
CA GLU C 868 50.84 -3.98 -11.28
C GLU C 868 51.25 -4.21 -9.83
N MET C 869 50.49 -3.66 -8.88
CA MET C 869 50.83 -3.80 -7.47
C MET C 869 50.59 -5.22 -6.97
N ILE C 870 49.50 -5.85 -7.43
CA ILE C 870 49.23 -7.24 -7.08
C ILE C 870 50.27 -8.16 -7.70
N ALA C 871 50.70 -7.84 -8.93
CA ALA C 871 51.81 -8.60 -9.52
C ALA C 871 53.11 -8.40 -8.75
N GLN C 872 53.29 -7.22 -8.15
CA GLN C 872 54.48 -6.97 -7.34
C GLN C 872 54.44 -7.74 -6.02
N TYR C 873 53.26 -7.84 -5.41
CA TYR C 873 53.06 -8.77 -4.28
C TYR C 873 53.36 -10.22 -4.63
N THR C 874 52.85 -10.71 -5.77
CA THR C 874 53.09 -12.11 -6.08
C THR C 874 54.54 -12.37 -6.46
N SER C 875 55.21 -11.39 -7.07
CA SER C 875 56.64 -11.52 -7.32
C SER C 875 57.42 -11.53 -6.01
N ALA C 876 57.01 -10.71 -5.03
CA ALA C 876 57.69 -10.71 -3.73
C ALA C 876 57.49 -12.02 -2.99
N LEU C 877 56.27 -12.55 -3.01
CA LEU C 877 55.98 -13.83 -2.36
C LEU C 877 56.73 -14.96 -3.03
N LEU C 878 56.81 -14.93 -4.36
CA LEU C 878 57.51 -15.96 -5.11
C LEU C 878 59.01 -15.92 -4.88
N ALA C 879 59.60 -14.72 -4.83
CA ALA C 879 61.02 -14.59 -4.57
C ALA C 879 61.36 -15.00 -3.14
N GLY C 880 60.47 -14.70 -2.20
CA GLY C 880 60.67 -15.14 -0.84
C GLY C 880 60.59 -16.65 -0.69
N THR C 881 59.63 -17.29 -1.34
CA THR C 881 59.53 -18.74 -1.21
C THR C 881 60.56 -19.48 -2.05
N ILE C 882 61.21 -18.80 -3.00
CA ILE C 882 62.26 -19.46 -3.76
C ILE C 882 63.59 -19.35 -3.03
N THR C 883 63.95 -18.15 -2.57
CA THR C 883 65.26 -17.99 -1.97
C THR C 883 65.31 -18.33 -0.50
N SER C 884 64.18 -18.39 0.19
CA SER C 884 64.20 -18.54 1.64
C SER C 884 63.32 -19.65 2.19
N GLY C 885 62.21 -19.97 1.54
CA GLY C 885 61.41 -21.14 1.93
C GLY C 885 60.34 -20.77 2.96
N TRP C 886 60.46 -21.33 4.16
CA TRP C 886 59.52 -21.15 5.25
C TRP C 886 59.78 -19.88 6.03
N THR C 887 61.05 -19.49 6.11
CA THR C 887 61.53 -18.56 7.10
C THR C 887 61.08 -17.13 6.87
N PHE C 888 60.69 -16.77 5.64
CA PHE C 888 60.17 -15.42 5.47
C PHE C 888 58.72 -15.30 5.91
N GLY C 889 58.05 -16.42 6.15
CA GLY C 889 56.71 -16.40 6.66
C GLY C 889 56.67 -16.25 8.16
N ALA C 890 57.55 -16.97 8.86
CA ALA C 890 57.56 -16.91 10.32
C ALA C 890 58.28 -15.67 10.81
N GLY C 891 59.58 -15.57 10.55
CA GLY C 891 60.36 -14.47 11.03
C GLY C 891 61.04 -13.72 9.91
N PRO C 892 62.27 -13.29 10.12
CA PRO C 892 63.04 -12.68 9.05
C PRO C 892 63.43 -13.73 8.02
N ALA C 893 63.59 -13.28 6.78
CA ALA C 893 63.93 -14.20 5.70
C ALA C 893 65.36 -14.69 5.85
N LEU C 894 65.55 -16.00 5.74
CA LEU C 894 66.84 -16.64 5.89
C LEU C 894 67.11 -17.41 4.61
N GLN C 895 68.23 -17.10 3.96
CA GLN C 895 68.52 -17.71 2.67
C GLN C 895 68.91 -19.17 2.85
N ILE C 896 68.69 -19.94 1.79
CA ILE C 896 68.99 -21.38 1.77
C ILE C 896 69.11 -21.79 0.31
N PRO C 897 70.08 -22.62 -0.05
CA PRO C 897 70.15 -23.12 -1.43
C PRO C 897 68.95 -24.00 -1.75
N PHE C 898 68.41 -23.83 -2.95
CA PHE C 898 67.11 -24.40 -3.30
C PHE C 898 67.04 -25.93 -3.35
N PRO C 899 68.08 -26.67 -3.80
CA PRO C 899 68.03 -28.12 -3.58
C PRO C 899 67.95 -28.53 -2.13
N MET C 900 68.53 -27.75 -1.20
CA MET C 900 68.42 -28.12 0.20
C MET C 900 67.04 -27.84 0.77
N GLN C 901 66.42 -26.73 0.34
CA GLN C 901 65.05 -26.44 0.72
C GLN C 901 64.11 -27.51 0.20
N MET C 902 64.32 -27.94 -1.04
CA MET C 902 63.49 -28.98 -1.61
C MET C 902 63.76 -30.33 -0.95
N ALA C 903 64.99 -30.53 -0.47
CA ALA C 903 65.31 -31.74 0.27
C ALA C 903 64.61 -31.77 1.62
N TYR C 904 64.50 -30.62 2.29
CA TYR C 904 63.79 -30.64 3.57
C TYR C 904 62.29 -30.73 3.36
N ARG C 905 61.77 -30.28 2.22
CA ARG C 905 60.38 -30.54 1.89
C ARG C 905 60.13 -32.03 1.63
N PHE C 906 61.07 -32.68 0.94
CA PHE C 906 61.04 -34.14 0.81
C PHE C 906 61.06 -34.84 2.16
N ASN C 907 61.87 -34.34 3.08
CA ASN C 907 61.86 -34.86 4.45
C ASN C 907 60.53 -34.63 5.13
N GLY C 908 59.88 -33.51 4.83
CA GLY C 908 58.60 -33.20 5.44
C GLY C 908 57.47 -34.08 4.95
N ILE C 909 57.58 -34.61 3.74
CA ILE C 909 56.54 -35.54 3.30
C ILE C 909 56.95 -36.98 3.61
N GLY C 910 57.96 -37.16 4.45
CA GLY C 910 58.30 -38.47 4.96
C GLY C 910 59.19 -39.31 4.07
N VAL C 911 59.98 -38.70 3.19
CA VAL C 911 60.96 -39.43 2.39
C VAL C 911 62.33 -38.85 2.72
N THR C 912 63.29 -39.72 3.04
CA THR C 912 64.60 -39.28 3.49
C THR C 912 65.35 -38.55 2.38
N GLN C 913 66.11 -37.53 2.76
CA GLN C 913 66.54 -36.52 1.80
C GLN C 913 67.70 -36.96 0.91
N ASN C 914 68.14 -38.20 0.98
CA ASN C 914 69.09 -38.66 -0.04
C ASN C 914 68.41 -38.90 -1.37
N VAL C 915 67.09 -39.04 -1.40
CA VAL C 915 66.41 -39.32 -2.66
C VAL C 915 66.41 -38.10 -3.57
N LEU C 916 66.53 -36.89 -3.02
CA LEU C 916 66.61 -35.73 -3.90
C LEU C 916 68.02 -35.57 -4.44
N TYR C 917 69.02 -35.66 -3.59
CA TYR C 917 70.39 -35.47 -4.03
C TYR C 917 70.87 -36.59 -4.95
N GLU C 918 70.30 -37.78 -4.83
CA GLU C 918 70.63 -38.81 -5.80
C GLU C 918 69.87 -38.66 -7.10
N ASN C 919 68.78 -37.89 -7.11
CA ASN C 919 67.89 -37.80 -8.26
C ASN C 919 67.56 -36.36 -8.59
N GLN C 920 68.55 -35.47 -8.51
CA GLN C 920 68.27 -34.04 -8.62
C GLN C 920 67.94 -33.62 -10.05
N LYS C 921 68.67 -34.16 -11.04
CA LYS C 921 68.43 -33.76 -12.42
C LYS C 921 67.09 -34.25 -12.93
N LEU C 922 66.69 -35.46 -12.54
CA LEU C 922 65.40 -36.01 -12.95
C LEU C 922 64.26 -35.23 -12.31
N ILE C 923 64.43 -34.83 -11.04
CA ILE C 923 63.42 -34.02 -10.36
C ILE C 923 63.30 -32.65 -11.01
N ALA C 924 64.42 -32.03 -11.35
CA ALA C 924 64.39 -30.73 -12.02
C ALA C 924 63.76 -30.81 -13.40
N ASN C 925 64.05 -31.88 -14.13
CA ASN C 925 63.45 -32.08 -15.45
C ASN C 925 61.95 -32.31 -15.36
N GLN C 926 61.51 -33.08 -14.36
CA GLN C 926 60.08 -33.28 -14.16
C GLN C 926 59.37 -31.98 -13.76
N PHE C 927 60.03 -31.15 -12.94
CA PHE C 927 59.48 -29.86 -12.56
C PHE C 927 59.33 -28.93 -13.76
N ASN C 928 60.38 -28.84 -14.59
CA ASN C 928 60.33 -27.94 -15.73
C ASN C 928 59.33 -28.41 -16.78
N SER C 929 59.25 -29.73 -16.99
CA SER C 929 58.28 -30.27 -17.93
C SER C 929 56.85 -30.09 -17.42
N ALA C 930 56.65 -30.17 -16.10
CA ALA C 930 55.31 -29.95 -15.56
C ALA C 930 54.90 -28.49 -15.65
N ILE C 931 55.84 -27.57 -15.46
CA ILE C 931 55.54 -26.14 -15.63
C ILE C 931 55.24 -25.83 -17.10
N GLY C 932 55.99 -26.41 -18.02
CA GLY C 932 55.69 -26.22 -19.44
C GLY C 932 54.35 -26.80 -19.84
N LYS C 933 54.02 -27.98 -19.31
CA LYS C 933 52.73 -28.60 -19.60
C LYS C 933 51.58 -27.80 -19.01
N ILE C 934 51.76 -27.20 -17.84
CA ILE C 934 50.64 -26.48 -17.25
C ILE C 934 50.45 -25.15 -17.96
N GLN C 935 51.54 -24.56 -18.47
CA GLN C 935 51.43 -23.37 -19.30
C GLN C 935 50.70 -23.68 -20.62
N ASP C 936 51.07 -24.78 -21.27
CA ASP C 936 50.43 -25.16 -22.53
C ASP C 936 48.98 -25.57 -22.35
N SER C 937 48.69 -26.31 -21.27
CA SER C 937 47.33 -26.74 -21.00
C SER C 937 46.42 -25.57 -20.67
N LEU C 938 46.92 -24.58 -19.94
CA LEU C 938 46.12 -23.39 -19.70
C LEU C 938 46.02 -22.53 -20.96
N SER C 939 47.03 -22.59 -21.84
CA SER C 939 47.02 -21.79 -23.06
C SER C 939 45.99 -22.30 -24.05
N SER C 940 45.97 -23.61 -24.29
CA SER C 940 45.13 -24.15 -25.37
C SER C 940 43.66 -24.19 -24.96
N THR C 941 43.37 -24.66 -23.75
CA THR C 941 42.00 -24.96 -23.35
C THR C 941 41.21 -23.69 -23.09
N PRO C 942 40.09 -23.47 -23.79
CA PRO C 942 39.24 -22.33 -23.46
C PRO C 942 38.32 -22.63 -22.28
N SER C 943 37.92 -21.55 -21.60
CA SER C 943 37.10 -21.58 -20.39
C SER C 943 37.73 -22.44 -19.30
N ALA C 944 39.06 -22.37 -19.18
CA ALA C 944 39.76 -22.95 -18.05
C ALA C 944 39.75 -22.03 -16.85
N LEU C 945 39.29 -20.80 -17.01
CA LEU C 945 39.17 -19.80 -15.96
C LEU C 945 37.71 -19.54 -15.63
N GLY C 946 36.91 -20.62 -15.61
CA GLY C 946 35.47 -20.46 -15.43
C GLY C 946 35.06 -19.94 -14.06
N LYS C 947 35.92 -20.14 -13.05
CA LYS C 947 35.61 -19.71 -11.69
C LYS C 947 35.59 -18.20 -11.53
N LEU C 948 36.38 -17.47 -12.31
CA LEU C 948 36.35 -16.02 -12.34
C LEU C 948 35.35 -15.47 -13.33
N GLN C 949 35.23 -16.15 -14.48
CA GLN C 949 34.31 -15.69 -15.51
C GLN C 949 32.87 -15.84 -15.04
N ASP C 950 32.59 -16.83 -14.19
CA ASP C 950 31.24 -17.00 -13.68
C ASP C 950 30.83 -15.86 -12.74
N VAL C 951 31.72 -15.43 -11.86
CA VAL C 951 31.34 -14.35 -10.95
C VAL C 951 31.28 -13.01 -11.69
N VAL C 952 32.14 -12.82 -12.71
CA VAL C 952 32.04 -11.62 -13.54
C VAL C 952 30.73 -11.60 -14.32
N ASN C 953 30.34 -12.75 -14.88
CA ASN C 953 29.11 -12.83 -15.66
C ASN C 953 27.86 -12.64 -14.80
N GLN C 954 27.84 -13.18 -13.58
CA GLN C 954 26.64 -13.02 -12.79
C GLN C 954 26.55 -11.61 -12.20
N ASN C 955 27.68 -10.96 -11.91
CA ASN C 955 27.62 -9.56 -11.50
C ASN C 955 27.14 -8.68 -12.65
N ALA C 956 27.63 -8.93 -13.87
CA ALA C 956 27.19 -8.15 -15.01
C ALA C 956 25.74 -8.42 -15.36
N GLN C 957 25.26 -9.64 -15.14
CA GLN C 957 23.85 -9.96 -15.41
C GLN C 957 22.93 -9.28 -14.42
N ALA C 958 23.31 -9.26 -13.13
CA ALA C 958 22.53 -8.54 -12.14
C ALA C 958 22.49 -7.05 -12.42
N LEU C 959 23.62 -6.49 -12.85
CA LEU C 959 23.66 -5.07 -13.18
C LEU C 959 22.83 -4.76 -14.42
N ASN C 960 22.86 -5.65 -15.42
CA ASN C 960 22.09 -5.46 -16.63
C ASN C 960 20.60 -5.53 -16.37
N THR C 961 20.15 -6.46 -15.54
CA THR C 961 18.73 -6.51 -15.26
C THR C 961 18.30 -5.38 -14.34
N LEU C 962 19.22 -4.85 -13.52
CA LEU C 962 18.91 -3.64 -12.74
C LEU C 962 18.69 -2.45 -13.65
N VAL C 963 19.49 -2.32 -14.70
CA VAL C 963 19.27 -1.27 -15.69
C VAL C 963 17.97 -1.50 -16.45
N LYS C 964 17.70 -2.76 -16.83
CA LYS C 964 16.53 -3.07 -17.64
C LYS C 964 15.22 -2.93 -16.85
N GLN C 965 15.27 -2.88 -15.52
CA GLN C 965 14.04 -2.57 -14.78
C GLN C 965 13.65 -1.10 -14.78
N LEU C 966 14.21 -0.26 -15.67
CA LEU C 966 13.67 1.09 -15.83
C LEU C 966 12.72 1.20 -17.00
N SER C 967 12.64 0.18 -17.86
CA SER C 967 11.67 0.21 -18.94
C SER C 967 10.26 -0.12 -18.46
N SER C 968 10.12 -0.64 -17.24
CA SER C 968 8.83 -1.09 -16.76
C SER C 968 7.97 0.08 -16.32
N ASN C 969 6.65 -0.13 -16.30
CA ASN C 969 5.73 0.91 -15.89
C ASN C 969 5.27 0.73 -14.46
N PHE C 970 5.19 -0.52 -14.00
CA PHE C 970 4.64 -0.91 -12.69
C PHE C 970 3.22 -0.38 -12.50
N GLY C 971 2.45 -0.40 -13.60
CA GLY C 971 1.09 0.08 -13.58
C GLY C 971 0.92 1.53 -13.96
N ALA C 972 2.00 2.29 -14.12
CA ALA C 972 1.91 3.66 -14.58
C ALA C 972 1.62 3.69 -16.07
N ILE C 973 1.31 4.88 -16.59
CA ILE C 973 0.98 5.00 -18.01
C ILE C 973 2.21 5.23 -18.88
N SER C 974 3.32 5.67 -18.30
CA SER C 974 4.55 5.80 -19.06
C SER C 974 5.70 5.40 -18.16
N SER C 975 6.81 4.99 -18.77
CA SER C 975 7.98 4.52 -18.06
C SER C 975 8.93 5.63 -17.67
N VAL C 976 9.26 6.52 -18.61
CA VAL C 976 10.24 7.56 -18.35
C VAL C 976 9.60 8.69 -17.54
N LEU C 977 10.36 9.21 -16.58
CA LEU C 977 9.79 10.16 -15.62
C LEU C 977 9.57 11.53 -16.21
N ASN C 978 10.35 11.92 -17.21
CA ASN C 978 10.20 13.28 -17.75
C ASN C 978 8.97 13.40 -18.65
N ASP C 979 8.64 12.35 -19.40
CA ASP C 979 7.46 12.44 -20.26
C ASP C 979 6.17 12.32 -19.46
N ILE C 980 6.21 11.60 -18.33
CA ILE C 980 5.03 11.56 -17.48
C ILE C 980 4.96 12.82 -16.62
N LEU C 981 6.10 13.44 -16.36
CA LEU C 981 6.13 14.68 -15.59
C LEU C 981 5.76 15.88 -16.44
N SER C 982 5.95 15.78 -17.75
CA SER C 982 5.73 16.87 -18.68
C SER C 982 4.35 16.88 -19.29
N ARG C 983 3.48 15.95 -18.91
CA ARG C 983 2.16 15.93 -19.51
C ARG C 983 1.01 15.84 -18.50
N LEU C 984 1.28 15.94 -17.20
CA LEU C 984 0.19 15.71 -16.27
C LEU C 984 0.36 16.62 -15.06
N ASP C 985 -0.77 17.06 -14.50
CA ASP C 985 -0.76 17.94 -13.34
C ASP C 985 -0.21 17.20 -12.12
N PRO C 986 0.50 17.89 -11.23
CA PRO C 986 1.09 17.22 -10.04
C PRO C 986 0.07 16.61 -9.09
N PRO C 987 -1.17 17.13 -8.92
CA PRO C 987 -2.18 16.30 -8.23
C PRO C 987 -2.49 14.98 -8.92
N GLU C 988 -2.43 14.93 -10.24
CA GLU C 988 -2.64 13.67 -10.94
C GLU C 988 -1.35 12.95 -11.28
N ALA C 989 -0.23 13.66 -11.37
CA ALA C 989 1.04 13.00 -11.56
C ALA C 989 1.57 12.36 -10.29
N GLU C 990 1.06 12.78 -9.12
CA GLU C 990 1.61 12.31 -7.85
C GLU C 990 1.40 10.80 -7.67
N VAL C 991 0.23 10.28 -8.05
CA VAL C 991 -0.04 8.86 -7.83
C VAL C 991 0.81 8.00 -8.77
N GLN C 992 1.04 8.45 -9.99
CA GLN C 992 1.83 7.64 -10.93
C GLN C 992 3.31 7.72 -10.61
N ILE C 993 3.78 8.88 -10.15
CA ILE C 993 5.16 8.97 -9.68
C ILE C 993 5.37 8.12 -8.43
N ASP C 994 4.37 8.06 -7.53
CA ASP C 994 4.48 7.21 -6.35
C ASP C 994 4.56 5.73 -6.71
N ARG C 995 3.74 5.28 -7.67
CA ARG C 995 3.79 3.87 -8.02
C ARG C 995 5.06 3.51 -8.78
N LEU C 996 5.58 4.44 -9.59
CA LEU C 996 6.84 4.19 -10.27
C LEU C 996 8.00 4.20 -9.29
N ILE C 997 7.92 5.04 -8.26
CA ILE C 997 8.92 5.08 -7.20
C ILE C 997 8.93 3.78 -6.43
N THR C 998 7.75 3.24 -6.09
CA THR C 998 7.69 1.97 -5.36
C THR C 998 8.28 0.83 -6.16
N GLY C 999 7.95 0.77 -7.46
CA GLY C 999 8.50 -0.29 -8.30
C GLY C 999 10.00 -0.21 -8.45
N ARG C 1000 10.52 1.00 -8.71
CA ARG C 1000 11.96 1.16 -8.91
C ARG C 1000 12.74 0.93 -7.63
N LEU C 1001 12.22 1.42 -6.50
CA LEU C 1001 12.90 1.24 -5.22
C LEU C 1001 12.91 -0.21 -4.79
N GLN C 1002 11.82 -0.94 -5.03
CA GLN C 1002 11.80 -2.33 -4.61
C GLN C 1002 12.67 -3.19 -5.52
N SER C 1003 12.79 -2.82 -6.80
CA SER C 1003 13.76 -3.48 -7.68
C SER C 1003 15.20 -3.24 -7.23
N LEU C 1004 15.51 -2.00 -6.83
CA LEU C 1004 16.84 -1.67 -6.36
C LEU C 1004 17.17 -2.40 -5.06
N GLN C 1005 16.17 -2.55 -4.18
CA GLN C 1005 16.38 -3.25 -2.93
C GLN C 1005 16.63 -4.74 -3.17
N THR C 1006 15.93 -5.31 -4.16
CA THR C 1006 16.20 -6.70 -4.57
C THR C 1006 17.63 -6.86 -5.07
N TYR C 1007 18.11 -5.90 -5.87
CA TYR C 1007 19.49 -5.95 -6.35
C TYR C 1007 20.49 -5.87 -5.21
N VAL C 1008 20.24 -5.00 -4.22
CA VAL C 1008 21.18 -4.84 -3.12
C VAL C 1008 21.23 -6.09 -2.25
N THR C 1009 20.09 -6.75 -2.04
CA THR C 1009 20.10 -8.00 -1.29
C THR C 1009 20.86 -9.11 -2.02
N GLN C 1010 20.69 -9.18 -3.34
CA GLN C 1010 21.45 -10.15 -4.14
C GLN C 1010 22.95 -9.89 -4.06
N GLN C 1011 23.35 -8.62 -4.14
CA GLN C 1011 24.78 -8.31 -4.08
C GLN C 1011 25.36 -8.54 -2.70
N LEU C 1012 24.57 -8.37 -1.64
CA LEU C 1012 25.07 -8.67 -0.30
C LEU C 1012 25.33 -10.16 -0.11
N ILE C 1013 24.43 -11.01 -0.61
CA ILE C 1013 24.66 -12.45 -0.50
C ILE C 1013 25.85 -12.89 -1.36
N ARG C 1014 25.98 -12.31 -2.56
CA ARG C 1014 27.11 -12.65 -3.42
C ARG C 1014 28.43 -12.19 -2.82
N ALA C 1015 28.44 -11.02 -2.17
CA ALA C 1015 29.66 -10.54 -1.53
C ALA C 1015 30.03 -11.38 -0.33
N ALA C 1016 29.05 -11.92 0.38
CA ALA C 1016 29.36 -12.86 1.46
C ALA C 1016 30.00 -14.14 0.93
N GLU C 1017 29.50 -14.65 -0.20
CA GLU C 1017 30.08 -15.84 -0.80
C GLU C 1017 31.52 -15.60 -1.28
N ILE C 1018 31.76 -14.43 -1.89
CA ILE C 1018 33.11 -14.09 -2.32
C ILE C 1018 34.03 -13.82 -1.11
N ARG C 1019 33.47 -13.35 0.01
CA ARG C 1019 34.27 -13.22 1.23
C ARG C 1019 34.72 -14.57 1.75
N ALA C 1020 33.83 -15.57 1.70
CA ALA C 1020 34.23 -16.92 2.08
C ALA C 1020 35.31 -17.47 1.16
N SER C 1021 35.18 -17.22 -0.15
CA SER C 1021 36.21 -17.66 -1.10
C SER C 1021 37.54 -16.97 -0.87
N ALA C 1022 37.52 -15.67 -0.54
CA ALA C 1022 38.75 -14.95 -0.29
C ALA C 1022 39.40 -15.35 1.02
N ASN C 1023 38.60 -15.70 2.03
CA ASN C 1023 39.18 -16.24 3.26
C ASN C 1023 39.83 -17.58 3.02
N LEU C 1024 39.22 -18.41 2.17
CA LEU C 1024 39.85 -19.67 1.81
C LEU C 1024 41.15 -19.45 1.02
N ALA C 1025 41.16 -18.46 0.13
CA ALA C 1025 42.38 -18.16 -0.62
C ALA C 1025 43.47 -17.61 0.28
N ALA C 1026 43.12 -16.79 1.27
CA ALA C 1026 44.12 -16.27 2.19
C ALA C 1026 44.68 -17.36 3.08
N THR C 1027 43.82 -18.28 3.53
CA THR C 1027 44.29 -19.43 4.30
C THR C 1027 45.20 -20.32 3.47
N LYS C 1028 44.87 -20.50 2.19
CA LYS C 1028 45.66 -21.35 1.33
C LYS C 1028 47.01 -20.72 1.01
N MET C 1029 47.04 -19.39 0.88
CA MET C 1029 48.30 -18.68 0.71
C MET C 1029 49.16 -18.77 1.97
N SER C 1030 48.53 -18.66 3.14
CA SER C 1030 49.30 -18.67 4.37
C SER C 1030 49.86 -20.06 4.68
N GLU C 1031 49.10 -21.11 4.39
CA GLU C 1031 49.51 -22.44 4.80
C GLU C 1031 50.05 -23.29 3.66
N CYS C 1032 50.08 -22.79 2.44
CA CYS C 1032 50.60 -23.57 1.33
C CYS C 1032 51.68 -22.88 0.52
N VAL C 1033 51.88 -21.59 0.68
CA VAL C 1033 53.01 -20.88 0.10
C VAL C 1033 54.04 -20.55 1.17
N LEU C 1034 53.60 -20.03 2.30
CA LEU C 1034 54.52 -19.70 3.37
C LEU C 1034 54.98 -20.94 4.12
N GLY C 1035 54.29 -22.06 3.94
CA GLY C 1035 54.61 -23.29 4.63
C GLY C 1035 54.52 -24.49 3.71
N GLN C 1036 54.38 -25.66 4.31
CA GLN C 1036 54.22 -26.91 3.57
C GLN C 1036 53.13 -27.70 4.30
N SER C 1037 51.95 -27.75 3.71
CA SER C 1037 50.77 -28.22 4.43
C SER C 1037 50.74 -29.75 4.51
N LYS C 1038 50.42 -30.25 5.69
CA LYS C 1038 50.20 -31.67 5.90
C LYS C 1038 48.72 -32.03 5.89
N ARG C 1039 47.85 -31.06 5.63
CA ARG C 1039 46.44 -31.35 5.42
C ARG C 1039 46.28 -31.94 4.03
N VAL C 1040 45.84 -33.18 3.96
CA VAL C 1040 45.80 -33.91 2.70
C VAL C 1040 44.62 -33.42 1.87
N ASP C 1041 44.88 -33.27 0.56
CA ASP C 1041 43.92 -32.82 -0.47
C ASP C 1041 43.45 -31.40 -0.19
N PHE C 1042 44.25 -30.62 0.52
CA PHE C 1042 44.00 -29.20 0.71
C PHE C 1042 44.74 -28.36 -0.30
N CYS C 1043 45.95 -28.80 -0.69
CA CYS C 1043 46.72 -28.16 -1.74
C CYS C 1043 47.22 -29.23 -2.70
N GLY C 1044 46.38 -29.59 -3.65
CA GLY C 1044 46.81 -30.49 -4.71
C GLY C 1044 46.62 -31.95 -4.36
N LYS C 1045 46.42 -32.75 -5.40
CA LYS C 1045 46.27 -34.19 -5.27
C LYS C 1045 47.65 -34.81 -5.13
N GLY C 1046 47.98 -35.26 -3.92
CA GLY C 1046 49.27 -35.83 -3.61
C GLY C 1046 49.85 -35.24 -2.36
N TYR C 1047 51.08 -35.63 -2.07
CA TYR C 1047 51.80 -35.04 -0.96
C TYR C 1047 52.34 -33.68 -1.36
N HIS C 1048 51.96 -32.65 -0.63
CA HIS C 1048 52.24 -31.28 -1.03
C HIS C 1048 53.67 -30.91 -0.70
N LEU C 1049 54.37 -30.30 -1.66
CA LEU C 1049 55.72 -29.78 -1.47
C LEU C 1049 55.73 -28.28 -1.29
N MET C 1050 55.26 -27.54 -2.29
CA MET C 1050 55.34 -26.09 -2.29
C MET C 1050 54.38 -25.59 -3.36
N SER C 1051 54.13 -24.29 -3.37
CA SER C 1051 53.20 -23.73 -4.32
C SER C 1051 53.57 -22.30 -4.63
N PHE C 1052 53.03 -21.80 -5.74
CA PHE C 1052 53.36 -20.48 -6.24
C PHE C 1052 52.09 -19.68 -6.45
N PRO C 1053 51.94 -18.52 -5.85
CA PRO C 1053 50.81 -17.65 -6.19
C PRO C 1053 51.04 -16.98 -7.52
N GLN C 1054 49.96 -16.81 -8.28
CA GLN C 1054 50.03 -16.05 -9.52
C GLN C 1054 48.79 -15.17 -9.58
N SER C 1055 48.95 -13.93 -10.03
CA SER C 1055 47.84 -12.99 -10.07
C SER C 1055 46.83 -13.38 -11.15
N ALA C 1056 45.62 -12.90 -10.97
CA ALA C 1056 44.52 -13.12 -11.90
C ALA C 1056 43.78 -11.80 -12.03
N PRO C 1057 42.83 -11.69 -12.98
CA PRO C 1057 42.05 -10.44 -13.05
C PRO C 1057 41.26 -10.08 -11.80
N HIS C 1058 40.51 -11.01 -11.22
CA HIS C 1058 39.79 -10.71 -10.00
C HIS C 1058 39.99 -11.81 -8.99
N GLY C 1059 41.07 -12.57 -9.13
CA GLY C 1059 41.28 -13.68 -8.24
C GLY C 1059 42.73 -14.01 -8.05
N VAL C 1060 43.03 -15.29 -7.80
CA VAL C 1060 44.39 -15.76 -7.66
C VAL C 1060 44.41 -17.21 -8.11
N VAL C 1061 45.55 -17.63 -8.64
CA VAL C 1061 45.74 -19.01 -9.06
C VAL C 1061 47.03 -19.54 -8.43
N PHE C 1062 46.93 -20.71 -7.82
CA PHE C 1062 48.03 -21.35 -7.13
C PHE C 1062 48.56 -22.47 -8.00
N LEU C 1063 49.88 -22.64 -8.02
CA LEU C 1063 50.50 -23.72 -8.77
C LEU C 1063 51.05 -24.72 -7.78
N HIS C 1064 50.20 -25.66 -7.38
CA HIS C 1064 50.52 -26.62 -6.34
C HIS C 1064 51.49 -27.67 -6.89
N VAL C 1065 52.65 -27.80 -6.28
CA VAL C 1065 53.63 -28.80 -6.67
C VAL C 1065 53.51 -29.97 -5.70
N THR C 1066 53.17 -31.14 -6.21
CA THR C 1066 52.92 -32.32 -5.39
C THR C 1066 53.81 -33.47 -5.80
N TYR C 1067 53.92 -34.44 -4.91
CA TYR C 1067 54.70 -35.66 -5.10
C TYR C 1067 53.72 -36.80 -5.26
N VAL C 1068 53.65 -37.37 -6.45
CA VAL C 1068 52.76 -38.48 -6.73
C VAL C 1068 53.63 -39.72 -6.95
N PRO C 1069 53.55 -40.73 -6.08
CA PRO C 1069 54.33 -41.94 -6.28
C PRO C 1069 53.82 -42.76 -7.47
N ALA C 1070 54.71 -43.58 -8.01
CA ALA C 1070 54.40 -44.34 -9.20
C ALA C 1070 55.19 -45.65 -9.19
N GLN C 1071 54.72 -46.61 -10.00
CA GLN C 1071 55.39 -47.89 -10.27
C GLN C 1071 55.58 -48.71 -9.00
N GLU C 1072 54.47 -49.08 -8.38
CA GLU C 1072 54.53 -49.90 -7.18
C GLU C 1072 54.93 -51.33 -7.50
N LYS C 1073 55.45 -52.02 -6.49
CA LYS C 1073 55.82 -53.42 -6.60
C LYS C 1073 55.27 -54.17 -5.39
N ASN C 1074 54.79 -55.39 -5.64
CA ASN C 1074 54.32 -56.24 -4.56
C ASN C 1074 55.48 -56.69 -3.69
N PHE C 1075 55.23 -56.83 -2.39
CA PHE C 1075 56.25 -57.30 -1.47
C PHE C 1075 55.58 -58.09 -0.35
N THR C 1076 56.34 -59.02 0.22
CA THR C 1076 55.88 -59.78 1.39
C THR C 1076 56.37 -59.07 2.63
N THR C 1077 55.45 -58.68 3.50
CA THR C 1077 55.79 -57.92 4.68
C THR C 1077 55.49 -58.73 5.95
N ALA C 1078 56.20 -58.37 7.01
CA ALA C 1078 55.99 -58.93 8.33
C ALA C 1078 56.05 -57.83 9.36
N PRO C 1079 55.24 -57.91 10.41
CA PRO C 1079 55.24 -56.84 11.42
C PRO C 1079 56.53 -56.78 12.23
N ALA C 1080 57.12 -57.91 12.56
CA ALA C 1080 58.31 -57.90 13.40
C ALA C 1080 59.17 -59.10 13.11
N ILE C 1081 60.46 -58.99 13.45
CA ILE C 1081 61.44 -60.02 13.21
C ILE C 1081 61.94 -60.56 14.55
N CYS C 1082 61.76 -61.85 14.77
CA CYS C 1082 62.21 -62.48 16.01
C CYS C 1082 63.63 -63.00 15.81
N HIS C 1083 64.58 -62.37 16.50
CA HIS C 1083 65.96 -62.81 16.55
C HIS C 1083 66.36 -62.98 18.00
N ASP C 1084 66.96 -64.14 18.31
CA ASP C 1084 67.52 -64.46 19.64
C ASP C 1084 66.48 -64.36 20.76
N GLY C 1085 65.22 -64.65 20.44
CA GLY C 1085 64.16 -64.63 21.42
C GLY C 1085 63.51 -63.29 21.68
N LYS C 1086 63.89 -62.25 20.94
CA LYS C 1086 63.32 -60.92 21.10
C LYS C 1086 62.71 -60.46 19.78
N ALA C 1087 61.64 -59.68 19.87
CA ALA C 1087 60.93 -59.22 18.69
C ALA C 1087 61.44 -57.84 18.29
N HIS C 1088 61.83 -57.70 17.02
CA HIS C 1088 62.44 -56.48 16.53
C HIS C 1088 61.46 -55.75 15.63
N PHE C 1089 61.20 -54.49 15.95
CA PHE C 1089 60.32 -53.63 15.18
C PHE C 1089 61.16 -52.55 14.49
N PRO C 1090 60.74 -52.05 13.33
CA PRO C 1090 61.53 -51.00 12.68
C PRO C 1090 61.28 -49.64 13.31
N ARG C 1091 62.30 -48.78 13.23
CA ARG C 1091 62.14 -47.43 13.76
C ARG C 1091 61.24 -46.58 12.88
N GLU C 1092 61.65 -46.40 11.62
CA GLU C 1092 60.77 -45.83 10.61
C GLU C 1092 60.81 -46.75 9.40
N GLY C 1093 59.67 -46.96 8.78
CA GLY C 1093 59.57 -47.81 7.63
C GLY C 1093 59.04 -49.19 7.99
N VAL C 1094 59.09 -50.08 7.00
CA VAL C 1094 58.46 -51.39 7.08
C VAL C 1094 59.48 -52.47 6.77
N PHE C 1095 59.18 -53.69 7.20
CA PHE C 1095 59.94 -54.86 6.81
C PHE C 1095 59.38 -55.41 5.51
N VAL C 1096 60.23 -55.52 4.48
CA VAL C 1096 59.81 -56.09 3.21
C VAL C 1096 60.65 -57.31 2.92
N SER C 1097 60.22 -58.06 1.91
CA SER C 1097 60.92 -59.27 1.52
C SER C 1097 60.60 -59.56 0.06
N ASN C 1098 61.64 -59.67 -0.77
CA ASN C 1098 61.45 -60.01 -2.17
C ASN C 1098 61.34 -61.52 -2.38
N GLY C 1099 61.42 -62.30 -1.31
CA GLY C 1099 61.21 -63.73 -1.39
C GLY C 1099 62.31 -64.50 -0.69
N THR C 1100 63.54 -64.01 -0.79
CA THR C 1100 64.68 -64.70 -0.22
C THR C 1100 65.32 -63.96 0.94
N HIS C 1101 65.24 -62.63 0.98
CA HIS C 1101 65.94 -61.84 1.96
C HIS C 1101 64.95 -60.88 2.58
N TRP C 1102 65.38 -60.19 3.64
CA TRP C 1102 64.48 -59.31 4.38
C TRP C 1102 65.16 -57.97 4.56
N PHE C 1103 64.43 -56.89 4.30
CA PHE C 1103 64.99 -55.56 4.25
C PHE C 1103 64.09 -54.59 4.99
N VAL C 1104 64.67 -53.43 5.33
CA VAL C 1104 63.93 -52.29 5.84
C VAL C 1104 63.94 -51.23 4.77
N THR C 1105 62.77 -50.79 4.34
CA THR C 1105 62.66 -49.67 3.42
C THR C 1105 61.87 -48.56 4.10
N GLN C 1106 62.09 -47.34 3.68
CA GLN C 1106 61.13 -46.29 3.99
C GLN C 1106 59.83 -46.58 3.24
N ARG C 1107 58.71 -46.15 3.82
CA ARG C 1107 57.41 -46.59 3.32
C ARG C 1107 57.05 -45.99 1.97
N ASN C 1108 57.58 -44.83 1.62
CA ASN C 1108 57.13 -44.11 0.44
C ASN C 1108 58.07 -44.22 -0.75
N PHE C 1109 59.19 -44.91 -0.60
CA PHE C 1109 60.14 -45.06 -1.70
C PHE C 1109 60.92 -46.33 -1.44
N TYR C 1110 61.11 -47.15 -2.46
CA TYR C 1110 61.72 -48.45 -2.24
C TYR C 1110 63.22 -48.29 -2.20
N GLU C 1111 63.79 -48.25 -1.00
CA GLU C 1111 65.22 -48.15 -0.80
C GLU C 1111 65.61 -49.14 0.29
N PRO C 1112 65.94 -50.37 -0.09
CA PRO C 1112 66.14 -51.42 0.92
C PRO C 1112 67.53 -51.38 1.55
N GLN C 1113 67.56 -51.41 2.87
CA GLN C 1113 68.80 -51.59 3.61
C GLN C 1113 68.78 -52.92 4.33
N ILE C 1114 69.97 -53.38 4.70
CA ILE C 1114 70.10 -54.62 5.46
C ILE C 1114 69.69 -54.31 6.91
N ILE C 1115 68.94 -55.23 7.52
CA ILE C 1115 68.42 -55.04 8.87
C ILE C 1115 69.58 -55.07 9.86
N THR C 1116 69.85 -53.94 10.50
CA THR C 1116 70.84 -53.82 11.54
C THR C 1116 70.16 -53.49 12.85
N THR C 1117 70.92 -53.47 13.94
CA THR C 1117 70.35 -53.06 15.21
C THR C 1117 70.24 -51.55 15.34
N ASP C 1118 70.88 -50.80 14.45
CA ASP C 1118 70.81 -49.35 14.49
C ASP C 1118 69.56 -48.80 13.79
N ASN C 1119 68.87 -49.62 13.00
CA ASN C 1119 67.63 -49.21 12.36
C ASN C 1119 66.45 -50.09 12.76
N THR C 1120 66.54 -50.72 13.94
CA THR C 1120 65.42 -51.44 14.53
C THR C 1120 65.52 -51.31 16.05
N PHE C 1121 64.40 -51.58 16.72
CA PHE C 1121 64.38 -51.53 18.18
C PHE C 1121 63.60 -52.73 18.70
N VAL C 1122 63.90 -53.12 19.94
CA VAL C 1122 63.40 -54.35 20.52
C VAL C 1122 62.36 -54.04 21.58
N SER C 1123 61.43 -54.98 21.76
CA SER C 1123 60.48 -54.92 22.88
C SER C 1123 59.95 -56.32 23.11
N GLY C 1124 60.34 -56.93 24.21
CA GLY C 1124 59.71 -58.16 24.67
C GLY C 1124 60.06 -59.38 23.84
N ASN C 1125 59.36 -60.47 24.16
CA ASN C 1125 59.59 -61.73 23.49
C ASN C 1125 58.76 -61.79 22.20
N CYS C 1126 59.11 -62.74 21.34
CA CYS C 1126 58.55 -62.83 19.99
C CYS C 1126 57.46 -63.87 19.87
N ASP C 1127 56.62 -64.02 20.90
CA ASP C 1127 55.56 -65.00 20.89
C ASP C 1127 54.17 -64.43 21.13
N VAL C 1128 54.07 -63.16 21.54
CA VAL C 1128 52.76 -62.57 21.79
C VAL C 1128 52.27 -61.75 20.61
N VAL C 1129 53.06 -61.67 19.55
CA VAL C 1129 52.76 -60.82 18.40
C VAL C 1129 52.54 -61.69 17.16
N ILE C 1130 51.45 -61.39 16.43
CA ILE C 1130 50.96 -62.19 15.32
C ILE C 1130 51.64 -61.72 14.04
N GLY C 1131 52.27 -62.65 13.34
CA GLY C 1131 52.94 -62.34 12.10
C GLY C 1131 54.45 -62.39 12.15
N ILE C 1132 55.03 -62.97 13.19
CA ILE C 1132 56.47 -63.14 13.32
C ILE C 1132 57.01 -64.03 12.21
N VAL C 1133 58.08 -63.59 11.57
CA VAL C 1133 58.96 -64.50 10.84
C VAL C 1133 60.36 -64.38 11.45
N ASN C 1134 61.14 -65.44 11.30
CA ASN C 1134 62.50 -65.46 11.81
C ASN C 1134 63.47 -64.89 10.80
N ASN C 1135 64.43 -64.12 11.28
CA ASN C 1135 65.60 -63.75 10.49
C ASN C 1135 66.71 -63.36 11.46
N THR C 1136 67.93 -63.31 10.95
CA THR C 1136 69.08 -62.86 11.72
C THR C 1136 69.26 -61.35 11.53
N VAL C 1137 69.22 -60.62 12.63
CA VAL C 1137 69.42 -59.17 12.62
C VAL C 1137 70.91 -58.92 12.76
N TYR C 1138 71.50 -58.27 11.75
CA TYR C 1138 72.94 -58.06 11.74
C TYR C 1138 73.35 -57.05 12.80
N ASP C 1139 74.52 -57.26 13.38
CA ASP C 1139 75.09 -56.36 14.38
C ASP C 1139 76.31 -55.67 13.79
N PRO C 1140 76.32 -54.33 13.70
CA PRO C 1140 77.55 -53.66 13.24
C PRO C 1140 78.66 -53.65 14.27
N LEU C 1141 78.35 -53.91 15.54
CA LEU C 1141 79.34 -53.94 16.61
C LEU C 1141 80.28 -55.13 16.50
N GLN C 1142 79.85 -56.20 15.86
CA GLN C 1142 80.57 -57.48 15.81
C GLN C 1142 81.86 -57.47 14.99
N PRO C 1143 81.86 -57.16 13.67
CA PRO C 1143 82.99 -57.59 12.83
C PRO C 1143 84.28 -56.81 13.06
N GLU C 1144 84.23 -55.71 13.80
CA GLU C 1144 85.47 -55.00 14.13
C GLU C 1144 86.16 -55.58 15.36
N LEU C 1145 85.51 -56.49 16.08
CA LEU C 1145 86.20 -57.16 17.18
C LEU C 1145 87.21 -58.17 16.69
N ASP C 1146 86.99 -58.75 15.51
CA ASP C 1146 87.91 -59.74 14.96
C ASP C 1146 88.89 -59.11 13.98
N GLU D 1 -53.29 61.02 14.34
CA GLU D 1 -52.33 60.21 15.07
C GLU D 1 -51.11 61.03 15.47
N VAL D 2 -50.51 61.71 14.51
CA VAL D 2 -49.24 62.39 14.72
C VAL D 2 -49.52 63.77 15.32
N GLN D 3 -48.89 64.08 16.45
CA GLN D 3 -49.09 65.39 17.06
C GLN D 3 -47.82 65.77 17.81
N LEU D 4 -47.71 67.06 18.11
CA LEU D 4 -46.50 67.63 18.71
C LEU D 4 -46.85 68.29 20.02
N LEU D 5 -46.07 68.02 21.06
CA LEU D 5 -46.29 68.58 22.40
C LEU D 5 -45.13 69.49 22.78
N GLU D 6 -45.45 70.60 23.42
CA GLU D 6 -44.44 71.52 23.93
C GLU D 6 -44.54 71.61 25.45
N SER D 7 -43.51 72.20 26.06
CA SER D 7 -43.48 72.41 27.51
C SER D 7 -42.62 73.61 27.83
N GLY D 8 -42.98 74.30 28.91
CA GLY D 8 -42.28 75.49 29.35
C GLY D 8 -42.72 76.76 28.63
N GLY D 9 -42.04 77.85 28.98
CA GLY D 9 -42.31 79.14 28.38
C GLY D 9 -43.33 79.95 29.16
N GLY D 10 -42.87 80.99 29.85
CA GLY D 10 -43.75 81.80 30.67
C GLY D 10 -43.14 83.13 31.07
N VAL D 11 -43.36 83.54 32.32
CA VAL D 11 -42.81 84.78 32.83
C VAL D 11 -41.33 84.59 33.12
N VAL D 12 -40.50 85.47 32.56
CA VAL D 12 -39.06 85.38 32.72
C VAL D 12 -38.49 86.81 32.76
N GLN D 13 -37.50 87.01 33.64
CA GLN D 13 -36.76 88.26 33.65
C GLN D 13 -35.86 88.33 32.42
N PRO D 14 -35.81 89.49 31.74
CA PRO D 14 -34.94 89.62 30.56
C PRO D 14 -33.46 89.52 30.92
N GLY D 15 -32.67 89.03 29.96
CA GLY D 15 -31.25 88.86 30.16
C GLY D 15 -30.84 87.56 30.82
N GLY D 16 -31.72 86.57 30.86
CA GLY D 16 -31.46 85.30 31.50
C GLY D 16 -31.65 84.13 30.56
N SER D 17 -32.19 83.04 31.12
CA SER D 17 -32.40 81.81 30.39
C SER D 17 -33.83 81.31 30.59
N LEU D 18 -34.21 80.34 29.77
CA LEU D 18 -35.51 79.70 29.86
C LEU D 18 -35.34 78.32 29.23
N ARG D 19 -36.33 77.45 29.38
CA ARG D 19 -36.31 76.14 28.73
C ARG D 19 -37.62 75.90 28.00
N LEU D 20 -37.52 75.41 26.77
CA LEU D 20 -38.68 74.92 26.04
C LEU D 20 -38.35 73.57 25.43
N SER D 21 -39.21 72.58 25.69
CA SER D 21 -38.97 71.19 25.30
C SER D 21 -40.07 70.73 24.36
N CYS D 22 -39.68 70.12 23.25
CA CYS D 22 -40.61 69.63 22.24
C CYS D 22 -40.47 68.12 22.10
N ALA D 23 -41.48 67.38 22.55
CA ALA D 23 -41.49 65.93 22.47
C ALA D 23 -42.48 65.49 21.39
N ALA D 24 -42.09 64.50 20.60
CA ALA D 24 -42.89 63.94 19.53
C ALA D 24 -43.43 62.58 19.93
N SER D 25 -44.59 62.22 19.38
CA SER D 25 -45.23 60.97 19.77
C SER D 25 -45.36 59.97 18.63
N GLY D 26 -45.77 60.41 17.44
CA GLY D 26 -46.12 59.43 16.42
C GLY D 26 -45.42 59.51 15.08
N PHE D 27 -44.18 59.98 15.03
CA PHE D 27 -43.49 59.98 13.76
C PHE D 27 -42.06 59.48 13.93
N ALA D 28 -41.36 59.36 12.80
CA ALA D 28 -39.96 58.96 12.77
C ALA D 28 -39.12 60.22 12.92
N PHE D 29 -38.87 60.57 14.19
CA PHE D 29 -38.14 61.79 14.52
C PHE D 29 -36.67 61.71 14.11
N THR D 30 -36.11 60.52 13.94
CA THR D 30 -34.77 60.45 13.38
C THR D 30 -34.69 60.92 11.93
N THR D 31 -35.64 60.51 11.10
CA THR D 31 -35.59 60.77 9.66
C THR D 31 -36.09 62.13 9.27
N TYR D 32 -37.07 62.67 9.98
CA TYR D 32 -37.64 63.96 9.63
C TYR D 32 -36.71 65.10 10.06
N ALA D 33 -36.74 66.18 9.31
CA ALA D 33 -36.00 67.38 9.68
C ALA D 33 -36.77 68.16 10.75
N MET D 34 -36.16 69.23 11.25
CA MET D 34 -36.73 69.93 12.38
C MET D 34 -36.42 71.42 12.25
N ASN D 35 -37.33 72.27 12.75
CA ASN D 35 -37.29 73.70 12.49
C ASN D 35 -37.85 74.47 13.67
N TRP D 36 -37.49 75.77 13.74
CA TRP D 36 -37.89 76.61 14.86
C TRP D 36 -38.49 77.93 14.37
N VAL D 37 -39.56 78.36 15.03
CA VAL D 37 -40.39 79.48 14.57
C VAL D 37 -40.74 80.41 15.73
N ARG D 38 -40.64 81.72 15.49
CA ARG D 38 -41.06 82.76 16.42
C ARG D 38 -42.21 83.55 15.81
N GLN D 39 -43.25 83.80 16.60
CA GLN D 39 -44.39 84.60 16.15
C GLN D 39 -44.80 85.58 17.24
N ALA D 40 -44.68 86.87 16.95
CA ALA D 40 -45.08 87.90 17.88
C ALA D 40 -46.60 88.10 17.83
N PRO D 41 -47.21 88.56 18.93
CA PRO D 41 -48.63 88.93 18.87
C PRO D 41 -48.85 90.23 18.10
N GLY D 42 -49.43 90.15 16.91
CA GLY D 42 -49.75 91.34 16.14
C GLY D 42 -49.03 91.48 14.81
N ARG D 43 -48.15 90.53 14.49
CA ARG D 43 -47.48 90.44 13.20
C ARG D 43 -47.16 88.96 13.04
N GLY D 44 -47.16 88.49 11.79
CA GLY D 44 -46.88 87.10 11.50
C GLY D 44 -45.49 86.56 11.79
N LEU D 45 -45.13 85.46 11.14
CA LEU D 45 -44.13 84.54 11.67
C LEU D 45 -42.71 84.97 11.31
N GLU D 46 -41.74 84.35 11.98
CA GLU D 46 -40.34 84.52 11.66
C GLU D 46 -39.58 83.23 12.01
N TRP D 47 -38.89 82.68 11.02
CA TRP D 47 -38.02 81.54 11.25
C TRP D 47 -36.78 81.98 12.02
N VAL D 48 -36.35 81.16 12.99
CA VAL D 48 -35.18 81.47 13.80
C VAL D 48 -34.08 80.42 13.67
N SER D 49 -34.43 79.14 13.57
CA SER D 49 -33.41 78.10 13.58
C SER D 49 -33.94 76.84 12.91
N ALA D 50 -33.00 75.97 12.51
CA ALA D 50 -33.32 74.72 11.83
C ALA D 50 -32.14 73.77 12.01
N ILE D 51 -32.42 72.47 12.06
CA ILE D 51 -31.38 71.47 12.18
C ILE D 51 -31.69 70.29 11.26
N SER D 52 -30.62 69.67 10.76
CA SER D 52 -30.72 68.46 9.96
C SER D 52 -30.67 67.22 10.86
N ASP D 53 -30.65 66.05 10.24
CA ASP D 53 -30.71 64.79 10.98
C ASP D 53 -29.40 64.53 11.72
N GLY D 54 -29.53 64.03 12.94
CA GLY D 54 -28.38 63.65 13.71
C GLY D 54 -27.54 64.80 14.20
N GLY D 55 -28.10 65.99 14.32
CA GLY D 55 -27.31 67.14 14.71
C GLY D 55 -26.40 67.57 13.57
N GLY D 56 -25.28 68.19 13.93
CA GLY D 56 -24.27 68.54 12.95
C GLY D 56 -24.53 69.82 12.21
N SER D 57 -25.62 69.86 11.44
CA SER D 57 -25.99 71.03 10.66
C SER D 57 -26.98 71.86 11.47
N ALA D 58 -26.53 73.01 11.97
CA ALA D 58 -27.37 73.92 12.72
C ALA D 58 -27.30 75.31 12.08
N TYR D 59 -28.46 75.91 11.87
CA TYR D 59 -28.57 77.18 11.17
C TYR D 59 -29.35 78.18 12.01
N TYR D 60 -29.06 79.45 11.82
CA TYR D 60 -29.63 80.51 12.64
C TYR D 60 -30.06 81.66 11.76
N ALA D 61 -31.09 82.37 12.21
CA ALA D 61 -31.53 83.57 11.51
C ALA D 61 -30.63 84.75 11.88
N ASP D 62 -30.95 85.92 11.30
CA ASP D 62 -30.05 87.05 11.31
C ASP D 62 -29.88 87.67 12.70
N SER D 63 -30.95 87.77 13.47
CA SER D 63 -30.87 88.42 14.78
C SER D 63 -30.50 87.47 15.90
N VAL D 64 -30.40 86.18 15.62
CA VAL D 64 -30.36 85.18 16.68
C VAL D 64 -29.09 84.32 16.62
N LYS D 65 -28.07 84.76 15.90
CA LYS D 65 -26.81 84.01 15.84
C LYS D 65 -26.08 84.12 17.17
N GLY D 66 -26.02 83.02 17.91
CA GLY D 66 -25.31 83.01 19.18
C GLY D 66 -26.22 83.22 20.37
N ARG D 67 -27.29 84.00 20.16
CA ARG D 67 -28.27 84.26 21.21
C ARG D 67 -29.03 82.99 21.59
N PHE D 68 -29.33 82.13 20.63
CA PHE D 68 -30.11 80.94 20.85
C PHE D 68 -29.21 79.72 20.78
N THR D 69 -29.52 78.71 21.60
CA THR D 69 -28.76 77.46 21.60
C THR D 69 -29.73 76.32 21.29
N ILE D 70 -29.39 75.49 20.29
CA ILE D 70 -30.28 74.44 19.82
C ILE D 70 -29.64 73.08 20.11
N SER D 71 -30.46 72.08 20.47
CA SER D 71 -29.96 70.75 20.76
C SER D 71 -31.05 69.72 20.48
N ARG D 72 -30.62 68.47 20.27
CA ARG D 72 -31.49 67.41 19.79
C ARG D 72 -31.11 66.09 20.45
N ASP D 73 -32.15 65.34 20.87
CA ASP D 73 -31.99 64.00 21.45
C ASP D 73 -32.74 63.02 20.57
N ASN D 74 -32.01 62.12 19.90
CA ASN D 74 -32.68 61.16 19.02
C ASN D 74 -33.22 59.96 19.78
N SER D 75 -32.77 59.76 21.03
CA SER D 75 -33.21 58.60 21.80
C SER D 75 -34.59 58.81 22.41
N LYS D 76 -34.75 59.89 23.18
CA LYS D 76 -35.99 60.16 23.88
C LYS D 76 -36.96 61.00 23.07
N ASN D 77 -36.65 61.23 21.78
CA ASN D 77 -37.54 61.89 20.80
C ASN D 77 -37.93 63.30 21.24
N THR D 78 -36.99 64.00 21.85
CA THR D 78 -37.24 65.32 22.40
C THR D 78 -36.41 66.36 21.66
N LEU D 79 -37.01 67.52 21.41
CA LEU D 79 -36.32 68.66 20.83
C LEU D 79 -36.19 69.76 21.89
N TYR D 80 -34.98 70.29 22.02
CA TYR D 80 -34.72 71.33 22.99
C TYR D 80 -34.35 72.62 22.28
N LEU D 81 -34.45 73.73 23.01
CA LEU D 81 -34.01 75.03 22.53
C LEU D 81 -33.52 75.82 23.73
N GLN D 82 -32.21 75.74 24.01
CA GLN D 82 -31.64 76.38 25.17
C GLN D 82 -31.53 77.89 24.93
N MET D 83 -31.86 78.67 25.96
CA MET D 83 -32.21 80.06 25.79
C MET D 83 -31.12 80.91 26.46
N ASN D 84 -30.65 81.94 25.75
CA ASN D 84 -29.61 82.81 26.29
C ASN D 84 -29.87 84.26 25.93
N SER D 85 -29.69 85.14 26.92
CA SER D 85 -29.71 86.60 26.79
C SER D 85 -31.04 87.10 26.21
N LEU D 86 -32.08 86.87 26.99
CA LEU D 86 -33.44 87.17 26.57
C LEU D 86 -33.66 88.68 26.47
N ARG D 87 -34.50 89.07 25.52
CA ARG D 87 -34.82 90.46 25.27
C ARG D 87 -36.32 90.62 25.19
N ALA D 88 -36.78 91.87 25.37
CA ALA D 88 -38.21 92.14 25.40
C ALA D 88 -38.87 91.94 24.03
N GLU D 89 -38.11 92.09 22.95
CA GLU D 89 -38.63 91.79 21.62
C GLU D 89 -38.70 90.30 21.33
N ASP D 90 -38.15 89.46 22.19
CA ASP D 90 -38.28 88.02 22.07
C ASP D 90 -39.55 87.49 22.72
N THR D 91 -40.37 88.37 23.28
CA THR D 91 -41.71 88.01 23.75
C THR D 91 -42.54 87.64 22.53
N ALA D 92 -42.69 86.34 22.29
CA ALA D 92 -43.39 85.86 21.11
C ALA D 92 -43.89 84.45 21.40
N VAL D 93 -44.80 83.97 20.55
CA VAL D 93 -45.34 82.62 20.67
C VAL D 93 -44.31 81.68 20.05
N TYR D 94 -43.66 80.90 20.89
CA TYR D 94 -42.61 79.98 20.48
C TYR D 94 -43.16 78.56 20.44
N TYR D 95 -42.93 77.86 19.33
CA TYR D 95 -43.38 76.49 19.13
C TYR D 95 -42.56 75.78 18.07
N CYS D 96 -42.34 74.48 18.30
CA CYS D 96 -41.61 73.62 17.39
C CYS D 96 -42.51 73.20 16.23
N ALA D 97 -41.97 73.23 15.01
CA ALA D 97 -42.71 72.79 13.84
C ALA D 97 -41.79 71.97 12.95
N LYS D 98 -42.31 70.88 12.42
CA LYS D 98 -41.49 69.92 11.69
C LYS D 98 -41.57 70.19 10.19
N THR D 99 -40.58 69.66 9.48
CA THR D 99 -40.45 69.84 8.04
C THR D 99 -40.73 68.48 7.40
N ARG D 100 -41.17 68.47 6.13
CA ARG D 100 -41.10 67.22 5.38
C ARG D 100 -39.69 66.70 5.25
N GLY D 101 -38.74 67.60 5.02
CA GLY D 101 -37.71 67.38 4.00
C GLY D 101 -36.78 66.24 4.31
N ARG D 102 -36.77 65.26 3.40
CA ARG D 102 -35.86 64.13 3.53
C ARG D 102 -35.05 63.90 2.26
N GLY D 103 -35.29 64.63 1.18
CA GLY D 103 -34.56 64.46 -0.05
C GLY D 103 -33.26 65.23 -0.04
N LEU D 104 -32.50 65.07 -1.13
CA LEU D 104 -31.23 65.78 -1.27
C LEU D 104 -31.45 67.27 -1.49
N TYR D 105 -32.40 67.63 -2.33
CA TYR D 105 -32.70 69.02 -2.63
C TYR D 105 -33.98 69.48 -1.96
N ASP D 106 -34.27 68.95 -0.76
CA ASP D 106 -35.48 69.31 -0.02
C ASP D 106 -35.26 70.43 0.98
N TYR D 107 -34.00 70.76 1.28
CA TYR D 107 -33.62 72.04 1.90
C TYR D 107 -34.27 72.31 3.25
N VAL D 108 -33.78 71.61 4.29
CA VAL D 108 -34.38 71.37 5.62
C VAL D 108 -35.11 72.57 6.21
N TRP D 109 -34.62 73.77 5.95
CA TRP D 109 -35.40 74.99 6.20
C TRP D 109 -36.67 75.13 5.30
N GLY D 110 -37.08 74.20 4.43
CA GLY D 110 -38.18 74.44 3.50
C GLY D 110 -39.55 74.00 3.95
N SER D 111 -40.17 73.06 3.21
CA SER D 111 -41.60 72.81 3.29
C SER D 111 -42.00 72.10 4.58
N LYS D 112 -42.75 72.80 5.43
CA LYS D 112 -43.07 72.37 6.78
C LYS D 112 -44.56 72.06 6.91
N ASP D 113 -44.91 70.78 6.86
CA ASP D 113 -46.31 70.43 6.60
C ASP D 113 -47.08 70.53 7.92
N TYR D 114 -46.55 69.94 9.02
CA TYR D 114 -47.15 70.08 10.34
C TYR D 114 -46.56 71.26 11.11
N TRP D 115 -47.36 71.76 12.06
CA TRP D 115 -46.91 72.70 13.07
C TRP D 115 -47.35 72.23 14.45
N GLY D 116 -46.59 72.62 15.47
CA GLY D 116 -46.83 72.18 16.82
C GLY D 116 -47.97 72.91 17.49
N GLN D 117 -48.20 72.55 18.76
CA GLN D 117 -49.41 72.97 19.46
C GLN D 117 -49.33 74.45 19.85
N GLY D 118 -48.31 74.83 20.60
CA GLY D 118 -48.06 76.25 20.81
C GLY D 118 -48.00 76.67 22.26
N THR D 119 -47.04 77.55 22.56
CA THR D 119 -46.91 78.16 23.88
C THR D 119 -46.34 79.56 23.74
N LEU D 120 -46.67 80.42 24.70
CA LEU D 120 -46.31 81.84 24.66
C LEU D 120 -45.22 82.13 25.68
N VAL D 121 -44.17 82.80 25.23
CA VAL D 121 -43.03 83.19 26.07
C VAL D 121 -43.16 84.68 26.36
N THR D 122 -43.15 85.06 27.64
CA THR D 122 -43.31 86.44 28.08
C THR D 122 -42.03 86.91 28.76
N VAL D 123 -41.28 87.76 28.07
CA VAL D 123 -40.01 88.27 28.59
C VAL D 123 -40.31 89.64 29.20
N SER D 124 -40.62 89.65 30.50
CA SER D 124 -40.98 90.89 31.17
C SER D 124 -40.66 90.82 32.67
N ASP E 1 -32.44 88.22 -0.22
CA ASP E 1 -33.46 87.18 -0.11
C ASP E 1 -34.63 87.48 -1.03
N ILE E 2 -35.80 86.95 -0.68
CA ILE E 2 -37.01 87.16 -1.47
C ILE E 2 -37.87 88.20 -0.74
N VAL E 3 -37.97 89.40 -1.32
CA VAL E 3 -38.83 90.43 -0.77
C VAL E 3 -40.26 90.08 -1.14
N MET E 4 -41.07 89.74 -0.14
CA MET E 4 -42.39 89.15 -0.34
C MET E 4 -43.46 90.17 -0.01
N THR E 5 -44.62 90.05 -0.65
CA THR E 5 -45.69 91.01 -0.50
C THR E 5 -47.05 90.32 -0.56
N GLN E 6 -47.87 90.55 0.46
CA GLN E 6 -49.26 90.10 0.48
C GLN E 6 -50.16 91.32 0.51
N SER E 7 -50.94 91.51 -0.55
CA SER E 7 -51.75 92.73 -0.66
C SER E 7 -53.10 92.45 -1.29
N PRO E 8 -54.18 93.07 -0.78
CA PRO E 8 -54.27 93.85 0.47
C PRO E 8 -54.38 92.97 1.71
N LEU E 9 -53.97 93.51 2.86
CA LEU E 9 -53.77 92.70 4.06
C LEU E 9 -55.07 92.44 4.81
N SER E 10 -55.93 93.44 4.95
CA SER E 10 -57.20 93.29 5.66
C SER E 10 -58.31 93.14 4.64
N LEU E 11 -59.03 92.01 4.69
CA LEU E 11 -60.01 91.67 3.66
C LEU E 11 -61.39 91.47 4.27
N PRO E 12 -62.21 92.52 4.36
CA PRO E 12 -63.61 92.33 4.75
C PRO E 12 -64.43 91.81 3.59
N VAL E 13 -64.81 90.53 3.67
CA VAL E 13 -65.56 89.85 2.63
C VAL E 13 -66.86 89.36 3.24
N THR E 14 -67.97 89.66 2.57
CA THR E 14 -69.28 89.14 2.96
C THR E 14 -69.29 87.62 2.88
N PRO E 15 -69.82 86.92 3.88
CA PRO E 15 -69.90 85.46 3.80
C PRO E 15 -70.83 85.00 2.69
N GLY E 16 -70.38 84.00 1.93
CA GLY E 16 -71.04 83.56 0.72
C GLY E 16 -70.44 84.14 -0.55
N GLU E 17 -69.70 85.23 -0.45
CA GLU E 17 -69.02 85.86 -1.57
C GLU E 17 -67.62 85.28 -1.75
N PRO E 18 -67.13 85.20 -2.99
CA PRO E 18 -65.75 84.75 -3.20
C PRO E 18 -64.73 85.79 -2.74
N ALA E 19 -63.55 85.30 -2.37
CA ALA E 19 -62.44 86.15 -1.94
C ALA E 19 -61.16 85.76 -2.66
N SER E 20 -60.44 86.76 -3.13
CA SER E 20 -59.21 86.58 -3.91
C SER E 20 -58.03 87.05 -3.08
N ILE E 21 -57.05 86.18 -2.90
CA ILE E 21 -55.88 86.42 -2.05
C ILE E 21 -54.63 86.22 -2.89
N SER E 22 -53.70 87.16 -2.83
CA SER E 22 -52.50 87.12 -3.64
C SER E 22 -51.24 87.27 -2.80
N CYS E 23 -50.16 86.64 -3.27
CA CYS E 23 -48.82 86.84 -2.71
C CYS E 23 -47.85 86.92 -3.88
N ARG E 24 -46.89 87.83 -3.80
CA ARG E 24 -46.00 88.13 -4.90
C ARG E 24 -44.55 87.82 -4.53
N SER E 25 -43.79 87.38 -5.53
CA SER E 25 -42.41 86.92 -5.36
C SER E 25 -41.48 87.73 -6.24
N SER E 26 -40.30 88.04 -5.70
CA SER E 26 -39.29 88.77 -6.47
C SER E 26 -38.61 87.88 -7.49
N GLN E 27 -38.30 86.65 -7.13
CA GLN E 27 -37.62 85.71 -8.01
C GLN E 27 -38.59 84.63 -8.47
N SER E 28 -38.28 84.04 -9.63
CA SER E 28 -39.13 83.02 -10.21
C SER E 28 -39.04 81.73 -9.40
N LEU E 29 -40.19 81.20 -9.01
CA LEU E 29 -40.28 79.98 -8.23
C LEU E 29 -40.51 78.75 -9.09
N LEU E 30 -40.48 78.90 -10.41
CA LEU E 30 -40.58 77.78 -11.33
C LEU E 30 -39.21 77.11 -11.42
N HIS E 31 -39.15 75.84 -11.00
CA HIS E 31 -37.89 75.11 -10.96
C HIS E 31 -37.67 74.44 -12.32
N SER E 32 -36.53 73.73 -12.45
CA SER E 32 -36.20 73.03 -13.69
C SER E 32 -37.12 71.84 -13.95
N ASN E 33 -37.84 71.36 -12.95
CA ASN E 33 -38.79 70.27 -13.13
C ASN E 33 -40.18 70.72 -13.57
N GLY E 34 -40.41 72.02 -13.69
CA GLY E 34 -41.68 72.54 -14.15
C GLY E 34 -42.71 72.78 -13.09
N TYR E 35 -42.39 72.51 -11.83
CA TYR E 35 -43.34 72.64 -10.74
C TYR E 35 -43.18 73.97 -10.03
N ASN E 36 -44.25 74.40 -9.36
CA ASN E 36 -44.29 75.66 -8.65
C ASN E 36 -43.88 75.41 -7.20
N TYR E 37 -43.06 76.30 -6.64
CA TYR E 37 -42.62 76.16 -5.26
C TYR E 37 -43.03 77.40 -4.45
N LEU E 38 -44.27 77.40 -3.98
CA LEU E 38 -44.78 78.40 -3.05
C LEU E 38 -46.01 77.79 -2.39
N ASP E 39 -46.12 77.95 -1.07
CA ASP E 39 -47.09 77.22 -0.28
C ASP E 39 -48.03 78.17 0.47
N TRP E 40 -49.31 77.83 0.47
CA TRP E 40 -50.37 78.69 1.00
C TRP E 40 -50.90 78.17 2.33
N TYR E 41 -51.00 79.05 3.33
CA TYR E 41 -51.36 78.61 4.67
C TYR E 41 -52.47 79.48 5.23
N LEU E 42 -53.07 78.97 6.31
CA LEU E 42 -54.12 79.67 7.06
C LEU E 42 -53.83 79.49 8.55
N GLN E 43 -53.94 80.55 9.32
CA GLN E 43 -53.84 80.45 10.78
C GLN E 43 -55.17 80.85 11.41
N LYS E 44 -55.84 79.89 12.05
CA LYS E 44 -56.95 80.18 12.93
C LYS E 44 -56.46 80.93 14.17
N PRO E 45 -57.33 81.72 14.81
CA PRO E 45 -56.94 82.34 16.09
C PRO E 45 -56.88 81.30 17.21
N GLY E 46 -55.68 81.12 17.75
CA GLY E 46 -55.46 80.18 18.83
C GLY E 46 -55.23 78.74 18.40
N GLN E 47 -55.31 78.46 17.10
CA GLN E 47 -55.09 77.12 16.57
C GLN E 47 -53.94 77.19 15.59
N SER E 48 -53.10 76.16 15.62
CA SER E 48 -51.86 76.13 14.85
C SER E 48 -52.14 76.15 13.35
N PRO E 49 -51.28 76.80 12.57
CA PRO E 49 -51.56 76.94 11.14
C PRO E 49 -51.43 75.63 10.38
N GLN E 50 -52.06 75.61 9.22
CA GLN E 50 -52.13 74.42 8.38
C GLN E 50 -51.58 74.75 7.01
N LEU E 51 -51.01 73.74 6.37
CA LEU E 51 -50.81 73.81 4.93
C LEU E 51 -52.15 73.65 4.23
N LEU E 52 -52.50 74.63 3.41
CA LEU E 52 -53.75 74.63 2.64
C LEU E 52 -53.50 74.15 1.20
N ILE E 53 -52.57 74.81 0.50
CA ILE E 53 -52.14 74.37 -0.83
C ILE E 53 -50.62 74.33 -0.90
N TYR E 54 -50.08 73.15 -1.20
CA TYR E 54 -48.69 72.95 -1.57
C TYR E 54 -48.54 73.01 -3.09
N LEU E 55 -47.42 73.61 -3.52
CA LEU E 55 -46.98 73.63 -4.93
C LEU E 55 -47.98 74.31 -5.86
N GLY E 56 -48.82 75.17 -5.28
CA GLY E 56 -49.70 76.04 -6.03
C GLY E 56 -51.02 75.43 -6.46
N SER E 57 -51.15 74.11 -6.54
CA SER E 57 -52.31 73.52 -7.20
C SER E 57 -53.07 72.41 -6.47
N ASN E 58 -52.41 71.57 -5.67
CA ASN E 58 -52.95 70.25 -5.36
C ASN E 58 -53.53 70.14 -3.95
N ARG E 59 -54.24 69.04 -3.72
CA ARG E 59 -54.88 68.71 -2.44
C ARG E 59 -53.87 68.47 -1.32
N ALA E 60 -53.84 69.39 -0.36
CA ALA E 60 -53.31 69.05 0.94
C ALA E 60 -54.36 68.28 1.73
N SER E 61 -53.93 67.54 2.73
CA SER E 61 -54.80 66.58 3.39
C SER E 61 -55.79 67.27 4.31
N GLY E 62 -57.08 67.01 4.06
CA GLY E 62 -58.16 67.59 4.85
C GLY E 62 -58.67 68.92 4.37
N VAL E 63 -58.15 69.45 3.28
CA VAL E 63 -58.56 70.76 2.78
C VAL E 63 -59.81 70.59 1.91
N PRO E 64 -60.86 71.37 2.14
CA PRO E 64 -62.06 71.26 1.29
C PRO E 64 -61.81 71.75 -0.13
N ASP E 65 -62.68 71.30 -1.03
CA ASP E 65 -62.50 71.44 -2.47
C ASP E 65 -62.67 72.86 -2.99
N ARG E 66 -63.32 73.75 -2.24
CA ARG E 66 -63.54 75.09 -2.75
C ARG E 66 -62.33 76.01 -2.54
N PHE E 67 -61.26 75.53 -1.94
CA PHE E 67 -60.01 76.27 -1.89
C PHE E 67 -59.15 75.89 -3.08
N SER E 68 -58.69 76.88 -3.83
CA SER E 68 -57.91 76.65 -5.04
C SER E 68 -56.89 77.76 -5.24
N GLY E 69 -55.66 77.36 -5.54
CA GLY E 69 -54.59 78.30 -5.81
C GLY E 69 -54.28 78.34 -7.28
N SER E 70 -53.77 79.48 -7.74
CA SER E 70 -53.48 79.69 -9.16
C SER E 70 -52.14 80.39 -9.30
N GLY E 71 -51.73 80.64 -10.54
CA GLY E 71 -50.56 81.42 -10.82
C GLY E 71 -49.39 80.68 -11.45
N SER E 72 -48.42 81.44 -11.95
CA SER E 72 -47.20 80.89 -12.52
C SER E 72 -46.10 81.94 -12.45
N GLY E 73 -44.89 81.51 -12.09
CA GLY E 73 -43.73 82.37 -12.12
C GLY E 73 -43.59 83.30 -10.93
N THR E 74 -44.34 84.39 -10.93
CA THR E 74 -44.27 85.35 -9.83
C THR E 74 -45.65 85.74 -9.31
N ASP E 75 -46.65 85.73 -10.17
CA ASP E 75 -47.98 86.24 -9.84
C ASP E 75 -48.90 85.07 -9.55
N PHE E 76 -49.12 84.78 -8.26
CA PHE E 76 -49.95 83.67 -7.82
C PHE E 76 -51.16 84.21 -7.09
N THR E 77 -52.25 83.43 -7.10
CA THR E 77 -53.51 83.89 -6.56
C THR E 77 -54.21 82.72 -5.85
N LEU E 78 -54.68 82.96 -4.63
CA LEU E 78 -55.50 82.01 -3.89
C LEU E 78 -56.96 82.45 -3.95
N LYS E 79 -57.84 81.52 -4.28
CA LYS E 79 -59.26 81.82 -4.47
C LYS E 79 -60.10 80.84 -3.67
N ILE E 80 -61.12 81.37 -3.00
CA ILE E 80 -62.18 80.56 -2.39
C ILE E 80 -63.48 80.94 -3.06
N SER E 81 -64.24 79.93 -3.49
CA SER E 81 -65.51 80.19 -4.16
C SER E 81 -66.56 80.70 -3.18
N ARG E 82 -66.67 80.08 -2.01
CA ARG E 82 -67.65 80.46 -1.00
C ARG E 82 -66.93 80.62 0.33
N VAL E 83 -67.19 81.73 1.02
CA VAL E 83 -66.58 82.02 2.30
C VAL E 83 -67.64 81.91 3.38
N GLU E 84 -67.32 81.20 4.47
CA GLU E 84 -68.24 81.09 5.60
C GLU E 84 -67.57 81.52 6.89
N ALA E 85 -68.24 81.29 8.02
CA ALA E 85 -67.67 81.61 9.32
C ALA E 85 -66.54 80.66 9.72
N GLU E 86 -66.43 79.50 9.07
CA GLU E 86 -65.28 78.63 9.30
C GLU E 86 -64.09 79.02 8.44
N ASP E 87 -64.27 79.96 7.50
CA ASP E 87 -63.19 80.37 6.62
C ASP E 87 -62.47 81.61 7.12
N VAL E 88 -62.77 82.09 8.33
CA VAL E 88 -62.04 83.23 8.88
C VAL E 88 -60.65 82.77 9.29
N GLY E 89 -59.65 83.55 8.89
CA GLY E 89 -58.27 83.22 9.16
C GLY E 89 -57.36 84.23 8.50
N VAL E 90 -56.07 84.11 8.76
CA VAL E 90 -55.08 85.04 8.24
C VAL E 90 -54.15 84.25 7.33
N TYR E 91 -54.06 84.67 6.08
CA TYR E 91 -53.49 83.89 4.99
C TYR E 91 -52.06 84.31 4.71
N TYR E 92 -51.16 83.32 4.72
CA TYR E 92 -49.72 83.56 4.61
C TYR E 92 -49.24 82.96 3.31
N CYS E 93 -47.95 83.13 3.04
CA CYS E 93 -47.32 82.53 1.88
C CYS E 93 -45.85 82.30 2.17
N MET E 94 -45.35 81.13 1.77
CA MET E 94 -43.96 80.75 2.04
C MET E 94 -43.38 80.13 0.78
N GLN E 95 -42.07 80.33 0.57
CA GLN E 95 -41.35 79.73 -0.54
C GLN E 95 -40.54 78.52 -0.08
N ALA E 96 -39.85 77.89 -1.03
CA ALA E 96 -38.98 76.76 -0.70
C ALA E 96 -37.68 76.74 -1.51
N LEU E 97 -37.29 77.86 -2.12
CA LEU E 97 -36.11 77.85 -2.99
C LEU E 97 -34.83 78.18 -2.22
N GLN E 98 -34.78 79.37 -1.64
CA GLN E 98 -33.57 79.90 -1.01
C GLN E 98 -33.43 79.36 0.41
N THR E 99 -32.28 79.66 1.03
CA THR E 99 -32.02 79.26 2.41
C THR E 99 -32.99 79.86 3.43
N PRO E 100 -33.30 81.17 3.48
CA PRO E 100 -34.26 81.59 4.51
C PRO E 100 -35.68 81.33 4.06
N GLY E 101 -36.46 80.65 4.90
CA GLY E 101 -37.86 80.46 4.62
C GLY E 101 -38.64 81.72 4.88
N THR E 102 -38.99 82.43 3.81
CA THR E 102 -39.59 83.76 3.90
C THR E 102 -41.10 83.63 4.00
N PHE E 103 -41.69 84.27 5.00
CA PHE E 103 -43.13 84.26 5.13
C PHE E 103 -43.74 85.54 4.59
N GLY E 104 -45.07 85.52 4.45
CA GLY E 104 -45.81 86.70 4.08
C GLY E 104 -46.21 87.51 5.30
N GLN E 105 -46.73 88.71 5.03
CA GLN E 105 -47.15 89.60 6.11
C GLN E 105 -48.49 89.21 6.71
N GLY E 106 -49.27 88.35 6.06
CA GLY E 106 -50.49 87.82 6.62
C GLY E 106 -51.74 88.53 6.16
N THR E 107 -52.64 87.82 5.50
CA THR E 107 -53.81 88.42 4.87
C THR E 107 -55.03 88.09 5.72
N ARG E 108 -55.46 89.06 6.54
CA ARG E 108 -56.54 88.86 7.49
C ARG E 108 -57.88 88.94 6.77
N LEU E 109 -58.63 87.84 6.79
CA LEU E 109 -59.94 87.76 6.16
C LEU E 109 -61.01 88.01 7.23
N GLU E 110 -61.93 88.93 6.97
CA GLU E 110 -62.89 89.37 7.98
C GLU E 110 -64.31 89.26 7.44
N ILE E 111 -65.25 88.96 8.33
CA ILE E 111 -66.64 88.67 7.99
C ILE E 111 -67.46 89.94 8.23
N LYS E 112 -68.21 90.36 7.22
CA LYS E 112 -69.18 91.44 7.39
C LYS E 112 -70.60 90.93 7.20
N GLU F 1 -50.02 13.17 -30.55
CA GLU F 1 -48.78 13.91 -30.69
C GLU F 1 -48.36 14.06 -32.15
N VAL F 2 -48.32 12.94 -32.85
CA VAL F 2 -47.77 12.91 -34.20
C VAL F 2 -48.86 13.30 -35.17
N GLN F 3 -48.59 14.30 -36.02
CA GLN F 3 -49.58 14.72 -37.01
C GLN F 3 -48.86 15.26 -38.22
N LEU F 4 -49.59 15.34 -39.34
CA LEU F 4 -49.03 15.71 -40.63
C LEU F 4 -49.74 16.94 -41.16
N LEU F 5 -48.98 17.91 -41.64
CA LEU F 5 -49.52 19.16 -42.17
C LEU F 5 -49.21 19.27 -43.66
N GLU F 6 -50.17 19.76 -44.43
CA GLU F 6 -49.99 20.01 -45.85
C GLU F 6 -50.14 21.51 -46.14
N SER F 7 -49.73 21.90 -47.35
CA SER F 7 -49.86 23.28 -47.79
C SER F 7 -49.96 23.32 -49.31
N GLY F 8 -50.69 24.31 -49.81
CA GLY F 8 -50.92 24.47 -51.23
C GLY F 8 -52.05 23.63 -51.78
N GLY F 9 -52.23 23.73 -53.09
CA GLY F 9 -53.24 22.96 -53.80
C GLY F 9 -54.54 23.72 -53.92
N GLY F 10 -54.86 24.17 -55.13
CA GLY F 10 -56.07 24.94 -55.34
C GLY F 10 -56.45 25.08 -56.80
N VAL F 11 -56.90 26.26 -57.21
CA VAL F 11 -57.28 26.52 -58.59
C VAL F 11 -56.01 26.66 -59.43
N VAL F 12 -55.92 25.89 -60.50
CA VAL F 12 -54.74 25.90 -61.38
C VAL F 12 -55.21 25.66 -62.82
N GLN F 13 -54.59 26.39 -63.75
CA GLN F 13 -54.81 26.13 -65.17
C GLN F 13 -54.14 24.81 -65.55
N PRO F 14 -54.81 23.96 -66.33
CA PRO F 14 -54.20 22.69 -66.75
C PRO F 14 -53.00 22.90 -67.67
N GLY F 15 -52.07 21.95 -67.61
CA GLY F 15 -50.87 22.02 -68.41
C GLY F 15 -49.74 22.82 -67.80
N GLY F 16 -49.80 23.11 -66.50
CA GLY F 16 -48.79 23.90 -65.84
C GLY F 16 -48.18 23.20 -64.64
N SER F 17 -47.93 23.97 -63.60
CA SER F 17 -47.29 23.46 -62.39
C SER F 17 -48.08 23.89 -61.16
N LEU F 18 -47.75 23.27 -60.03
CA LEU F 18 -48.36 23.60 -58.74
C LEU F 18 -47.33 23.18 -57.68
N ARG F 19 -47.55 23.57 -56.44
CA ARG F 19 -46.69 23.13 -55.34
C ARG F 19 -47.54 22.59 -54.19
N LEU F 20 -47.14 21.45 -53.66
CA LEU F 20 -47.72 20.94 -52.42
C LEU F 20 -46.59 20.52 -51.49
N SER F 21 -46.63 21.01 -50.26
CA SER F 21 -45.57 20.82 -49.28
C SER F 21 -46.11 20.09 -48.07
N CYS F 22 -45.40 19.05 -47.63
CA CYS F 22 -45.80 18.24 -46.49
C CYS F 22 -44.73 18.32 -45.41
N ALA F 23 -45.04 18.99 -44.31
CA ALA F 23 -44.13 19.13 -43.18
C ALA F 23 -44.60 18.24 -42.03
N ALA F 24 -43.65 17.59 -41.38
CA ALA F 24 -43.91 16.71 -40.25
C ALA F 24 -43.47 17.37 -38.95
N SER F 25 -44.13 17.00 -37.85
CA SER F 25 -43.85 17.65 -36.58
C SER F 25 -43.30 16.71 -35.52
N GLY F 26 -43.86 15.51 -35.38
CA GLY F 26 -43.50 14.70 -34.23
C GLY F 26 -42.98 13.30 -34.47
N PHE F 27 -42.31 13.05 -35.60
CA PHE F 27 -41.76 11.72 -35.77
C PHE F 27 -40.35 11.81 -36.33
N ALA F 28 -39.72 10.65 -36.45
CA ALA F 28 -38.37 10.53 -37.02
C ALA F 28 -38.52 10.39 -38.53
N PHE F 29 -38.58 11.55 -39.20
CA PHE F 29 -38.78 11.62 -40.64
C PHE F 29 -37.60 11.06 -41.42
N THR F 30 -36.40 11.02 -40.83
CA THR F 30 -35.31 10.35 -41.53
C THR F 30 -35.53 8.85 -41.65
N THR F 31 -35.99 8.18 -40.59
CA THR F 31 -36.08 6.73 -40.55
C THR F 31 -37.34 6.19 -41.19
N TYR F 32 -38.45 6.91 -41.12
CA TYR F 32 -39.70 6.42 -41.68
C TYR F 32 -39.71 6.57 -43.20
N ALA F 33 -40.41 5.65 -43.87
CA ALA F 33 -40.60 5.77 -45.30
C ALA F 33 -41.71 6.77 -45.61
N MET F 34 -41.92 7.03 -46.90
CA MET F 34 -42.82 8.10 -47.29
C MET F 34 -43.52 7.70 -48.58
N ASN F 35 -44.77 8.14 -48.75
CA ASN F 35 -45.64 7.67 -49.82
C ASN F 35 -46.59 8.77 -50.28
N TRP F 36 -47.14 8.61 -51.49
CA TRP F 36 -47.99 9.62 -52.08
C TRP F 36 -49.28 8.99 -52.62
N VAL F 37 -50.41 9.69 -52.41
CA VAL F 37 -51.75 9.15 -52.64
C VAL F 37 -52.62 10.18 -53.35
N ARG F 38 -53.36 9.73 -54.36
CA ARG F 38 -54.36 10.52 -55.07
C ARG F 38 -55.74 9.92 -54.82
N GLN F 39 -56.73 10.77 -54.52
CA GLN F 39 -58.10 10.33 -54.33
C GLN F 39 -59.06 11.29 -55.02
N ALA F 40 -59.78 10.79 -56.01
CA ALA F 40 -60.76 11.59 -56.72
C ALA F 40 -62.06 11.67 -55.92
N PRO F 41 -62.84 12.75 -56.10
CA PRO F 41 -64.17 12.77 -55.48
C PRO F 41 -65.16 11.84 -56.18
N GLY F 42 -65.53 10.75 -55.53
CA GLY F 42 -66.51 9.84 -56.08
C GLY F 42 -66.02 8.44 -56.40
N ARG F 43 -64.74 8.18 -56.17
CA ARG F 43 -64.15 6.85 -56.26
C ARG F 43 -62.96 6.89 -55.32
N GLY F 44 -62.64 5.74 -54.73
CA GLY F 44 -61.53 5.64 -53.79
C GLY F 44 -60.12 5.85 -54.31
N LEU F 45 -59.14 5.35 -53.58
CA LEU F 45 -57.80 5.92 -53.61
C LEU F 45 -56.97 5.34 -54.75
N GLU F 46 -55.83 5.99 -55.00
CA GLU F 46 -54.84 5.49 -55.96
C GLU F 46 -53.46 5.96 -55.51
N TRP F 47 -52.54 5.00 -55.35
CA TRP F 47 -51.15 5.31 -55.07
C TRP F 47 -50.49 5.87 -56.32
N VAL F 48 -49.65 6.90 -56.15
CA VAL F 48 -48.96 7.52 -57.28
C VAL F 48 -47.44 7.45 -57.14
N SER F 49 -46.90 7.58 -55.93
CA SER F 49 -45.45 7.63 -55.77
C SER F 49 -45.06 7.24 -54.37
N ALA F 50 -43.78 6.89 -54.22
CA ALA F 50 -43.21 6.44 -52.95
C ALA F 50 -41.70 6.63 -53.00
N ILE F 51 -41.10 6.93 -51.84
CA ILE F 51 -39.65 7.09 -51.75
C ILE F 51 -39.13 6.40 -50.50
N SER F 52 -37.91 5.89 -50.60
CA SER F 52 -37.21 5.30 -49.47
C SER F 52 -36.39 6.37 -48.74
N ASP F 53 -35.62 5.93 -47.73
CA ASP F 53 -34.88 6.87 -46.89
C ASP F 53 -33.72 7.50 -47.64
N GLY F 54 -33.52 8.78 -47.42
CA GLY F 54 -32.40 9.48 -48.00
C GLY F 54 -32.49 9.70 -49.49
N GLY F 55 -33.69 9.68 -50.06
CA GLY F 55 -33.80 9.80 -51.50
C GLY F 55 -33.36 8.52 -52.17
N GLY F 56 -32.89 8.67 -53.41
CA GLY F 56 -32.31 7.55 -54.13
C GLY F 56 -33.31 6.64 -54.79
N SER F 57 -34.16 6.00 -54.00
CA SER F 57 -35.19 5.09 -54.51
C SER F 57 -36.49 5.85 -54.67
N ALA F 58 -36.88 6.11 -55.92
CA ALA F 58 -38.13 6.80 -56.23
C ALA F 58 -38.93 5.95 -57.20
N TYR F 59 -40.20 5.77 -56.89
CA TYR F 59 -41.09 4.90 -57.65
C TYR F 59 -42.33 5.66 -58.08
N TYR F 60 -42.91 5.24 -59.19
CA TYR F 60 -44.04 5.94 -59.79
C TYR F 60 -45.10 4.95 -60.23
N ALA F 61 -46.35 5.39 -60.20
CA ALA F 61 -47.43 4.56 -60.71
C ALA F 61 -47.49 4.64 -62.24
N ASP F 62 -48.46 3.93 -62.80
CA ASP F 62 -48.49 3.66 -64.25
C ASP F 62 -48.76 4.91 -65.07
N SER F 63 -49.68 5.77 -64.63
CA SER F 63 -50.05 6.94 -65.42
C SER F 63 -49.17 8.15 -65.14
N VAL F 64 -48.28 8.07 -64.16
CA VAL F 64 -47.63 9.26 -63.63
C VAL F 64 -46.10 9.20 -63.76
N LYS F 65 -45.57 8.30 -64.59
CA LYS F 65 -44.13 8.24 -64.80
C LYS F 65 -43.66 9.44 -65.60
N GLY F 66 -42.93 10.34 -64.95
CA GLY F 66 -42.39 11.51 -65.61
C GLY F 66 -43.26 12.74 -65.42
N ARG F 67 -44.56 12.53 -65.31
CA ARG F 67 -45.50 13.62 -65.09
C ARG F 67 -45.30 14.28 -63.73
N PHE F 68 -44.97 13.50 -62.71
CA PHE F 68 -44.82 13.99 -61.36
C PHE F 68 -43.34 14.02 -60.98
N THR F 69 -42.96 15.00 -60.18
CA THR F 69 -41.58 15.12 -59.71
C THR F 69 -41.59 15.10 -58.18
N ILE F 70 -40.80 14.22 -57.58
CA ILE F 70 -40.81 14.01 -56.13
C ILE F 70 -39.46 14.44 -55.55
N SER F 71 -39.48 15.03 -54.36
CA SER F 71 -38.24 15.48 -53.72
C SER F 71 -38.43 15.47 -52.21
N ARG F 72 -37.30 15.41 -51.49
CA ARG F 72 -37.29 15.19 -50.04
C ARG F 72 -36.18 16.01 -49.40
N ASP F 73 -36.50 16.65 -48.27
CA ASP F 73 -35.54 17.41 -47.46
C ASP F 73 -35.50 16.78 -46.08
N ASN F 74 -34.35 16.18 -45.74
CA ASN F 74 -34.25 15.54 -44.43
C ASN F 74 -33.90 16.54 -43.32
N SER F 75 -33.47 17.75 -43.68
CA SER F 75 -33.07 18.73 -42.68
C SER F 75 -34.28 19.44 -42.10
N LYS F 76 -35.10 20.05 -42.95
CA LYS F 76 -36.25 20.83 -42.52
C LYS F 76 -37.52 20.00 -42.39
N ASN F 77 -37.41 18.67 -42.52
CA ASN F 77 -38.49 17.70 -42.28
C ASN F 77 -39.69 17.95 -43.18
N THR F 78 -39.42 18.34 -44.42
CA THR F 78 -40.46 18.70 -45.37
C THR F 78 -40.47 17.73 -46.53
N LEU F 79 -41.66 17.37 -46.99
CA LEU F 79 -41.84 16.55 -48.17
C LEU F 79 -42.44 17.40 -49.28
N TYR F 80 -41.86 17.31 -50.47
CA TYR F 80 -42.33 18.08 -51.61
C TYR F 80 -42.85 17.14 -52.67
N LEU F 81 -43.63 17.70 -53.60
CA LEU F 81 -44.12 16.97 -54.77
C LEU F 81 -44.26 17.98 -55.89
N GLN F 82 -43.20 18.12 -56.71
CA GLN F 82 -43.18 19.10 -57.77
C GLN F 82 -44.05 18.62 -58.93
N MET F 83 -44.81 19.54 -59.50
CA MET F 83 -45.96 19.20 -60.32
C MET F 83 -45.68 19.60 -61.77
N ASN F 84 -45.95 18.69 -62.71
CA ASN F 84 -45.70 18.99 -64.11
C ASN F 84 -46.82 18.43 -64.98
N SER F 85 -47.24 19.25 -65.95
CA SER F 85 -48.18 18.89 -67.03
C SER F 85 -49.52 18.39 -66.46
N LEU F 86 -50.20 19.31 -65.78
CA LEU F 86 -51.43 18.98 -65.08
C LEU F 86 -52.56 18.68 -66.07
N ARG F 87 -53.43 17.77 -65.65
CA ARG F 87 -54.56 17.34 -66.48
C ARG F 87 -55.82 17.40 -65.64
N ALA F 88 -56.97 17.43 -66.33
CA ALA F 88 -58.26 17.58 -65.65
C ALA F 88 -58.61 16.34 -64.82
N GLU F 89 -58.10 15.17 -65.20
CA GLU F 89 -58.29 13.96 -64.40
C GLU F 89 -57.41 13.92 -63.17
N ASP F 90 -56.45 14.84 -63.05
CA ASP F 90 -55.63 14.96 -61.85
C ASP F 90 -56.30 15.81 -60.78
N THR F 91 -57.51 16.31 -61.04
CA THR F 91 -58.31 16.97 -60.01
C THR F 91 -58.70 15.92 -58.99
N ALA F 92 -57.99 15.90 -57.88
CA ALA F 92 -58.21 14.90 -56.84
C ALA F 92 -57.71 15.46 -55.51
N VAL F 93 -58.10 14.80 -54.43
CA VAL F 93 -57.66 15.17 -53.09
C VAL F 93 -56.27 14.60 -52.89
N TYR F 94 -55.27 15.49 -52.88
CA TYR F 94 -53.87 15.11 -52.75
C TYR F 94 -53.39 15.35 -51.33
N TYR F 95 -52.75 14.33 -50.74
CA TYR F 95 -52.24 14.41 -49.38
C TYR F 95 -51.12 13.40 -49.15
N CYS F 96 -50.14 13.80 -48.33
CA CYS F 96 -49.01 12.95 -47.98
C CYS F 96 -49.43 11.98 -46.89
N ALA F 97 -49.01 10.73 -47.01
CA ALA F 97 -49.29 9.72 -45.99
C ALA F 97 -48.04 8.88 -45.79
N LYS F 98 -47.74 8.57 -44.53
CA LYS F 98 -46.49 7.92 -44.17
C LYS F 98 -46.69 6.42 -44.05
N THR F 99 -45.58 5.70 -44.13
CA THR F 99 -45.57 4.24 -44.08
C THR F 99 -44.92 3.86 -42.76
N ARG F 100 -45.23 2.66 -42.23
CA ARG F 100 -44.38 2.11 -41.18
C ARG F 100 -42.94 1.91 -41.65
N GLY F 101 -42.79 1.44 -42.88
CA GLY F 101 -41.84 0.37 -43.17
C GLY F 101 -40.38 0.74 -42.94
N ARG F 102 -39.75 0.01 -42.03
CA ARG F 102 -38.34 0.21 -41.77
C ARG F 102 -37.53 -1.08 -41.86
N GLY F 103 -38.17 -2.23 -42.05
CA GLY F 103 -37.47 -3.49 -42.16
C GLY F 103 -36.96 -3.75 -43.56
N LEU F 104 -36.25 -4.87 -43.70
CA LEU F 104 -35.72 -5.25 -45.01
C LEU F 104 -36.83 -5.67 -45.96
N TYR F 105 -37.78 -6.46 -45.48
CA TYR F 105 -38.88 -6.94 -46.30
C TYR F 105 -40.19 -6.21 -45.97
N ASP F 106 -40.08 -4.92 -45.61
CA ASP F 106 -41.25 -4.13 -45.26
C ASP F 106 -41.81 -3.34 -46.44
N TYR F 107 -41.06 -3.23 -47.54
CA TYR F 107 -41.59 -2.87 -48.85
C TYR F 107 -42.27 -1.51 -48.90
N VAL F 108 -41.48 -0.43 -48.88
CA VAL F 108 -41.80 0.97 -48.58
C VAL F 108 -43.14 1.45 -49.14
N TRP F 109 -43.52 0.95 -50.30
CA TRP F 109 -44.90 1.09 -50.79
C TRP F 109 -45.96 0.32 -49.93
N GLY F 110 -45.68 -0.34 -48.80
CA GLY F 110 -46.66 -1.18 -48.13
C GLY F 110 -47.45 -0.52 -47.01
N SER F 111 -47.31 -1.02 -45.78
CA SER F 111 -48.27 -0.76 -44.72
C SER F 111 -48.15 0.66 -44.18
N LYS F 112 -49.19 1.46 -44.39
CA LYS F 112 -49.18 2.89 -44.12
C LYS F 112 -50.14 3.23 -42.99
N ASP F 113 -49.60 3.41 -41.78
CA ASP F 113 -50.45 3.36 -40.60
C ASP F 113 -51.14 4.73 -40.44
N TYR F 114 -50.37 5.84 -40.52
CA TYR F 114 -50.95 7.18 -40.52
C TYR F 114 -51.25 7.69 -41.92
N TRP F 115 -52.20 8.63 -41.97
CA TRP F 115 -52.47 9.43 -43.16
C TRP F 115 -52.53 10.90 -42.78
N GLY F 116 -52.21 11.76 -43.75
CA GLY F 116 -52.13 13.18 -43.51
C GLY F 116 -53.49 13.85 -43.49
N GLN F 117 -53.45 15.17 -43.31
CA GLN F 117 -54.67 15.92 -43.01
C GLN F 117 -55.55 16.07 -44.25
N GLY F 118 -55.02 16.64 -45.31
CA GLY F 118 -55.73 16.60 -46.58
C GLY F 118 -55.98 17.95 -47.22
N THR F 119 -55.79 18.01 -48.54
CA THR F 119 -56.10 19.20 -49.33
C THR F 119 -56.55 18.77 -50.73
N LEU F 120 -57.36 19.62 -51.35
CA LEU F 120 -57.97 19.32 -52.64
C LEU F 120 -57.34 20.16 -53.73
N VAL F 121 -56.94 19.50 -54.82
CA VAL F 121 -56.33 20.14 -55.98
C VAL F 121 -57.38 20.20 -57.08
N THR F 122 -57.61 21.41 -57.62
CA THR F 122 -58.63 21.64 -58.64
C THR F 122 -57.94 22.10 -59.92
N VAL F 123 -57.89 21.21 -60.91
CA VAL F 123 -57.24 21.51 -62.19
C VAL F 123 -58.35 21.93 -63.16
N SER F 124 -58.62 23.23 -63.22
CA SER F 124 -59.70 23.74 -64.06
C SER F 124 -59.44 25.17 -64.48
N ASP G 1 -52.00 -7.53 -61.92
CA ASP G 1 -51.99 -7.13 -60.52
C ASP G 1 -52.89 -8.04 -59.69
N ILE G 2 -53.39 -7.51 -58.57
CA ILE G 2 -54.27 -8.26 -57.70
C ILE G 2 -55.70 -7.75 -57.92
N VAL G 3 -56.53 -8.59 -58.54
CA VAL G 3 -57.94 -8.24 -58.72
C VAL G 3 -58.63 -8.45 -57.38
N MET G 4 -59.08 -7.36 -56.78
CA MET G 4 -59.57 -7.34 -55.40
C MET G 4 -61.08 -7.20 -55.38
N THR G 5 -61.71 -7.74 -54.34
CA THR G 5 -63.16 -7.75 -54.24
C THR G 5 -63.61 -7.60 -52.80
N GLN G 6 -64.47 -6.61 -52.55
CA GLN G 6 -65.13 -6.41 -51.27
C GLN G 6 -66.62 -6.62 -51.46
N SER G 7 -67.17 -7.65 -50.81
CA SER G 7 -68.56 -8.01 -51.03
C SER G 7 -69.23 -8.49 -49.74
N PRO G 8 -70.49 -8.07 -49.49
CA PRO G 8 -71.26 -7.03 -50.19
C PRO G 8 -70.87 -5.61 -49.77
N LEU G 9 -71.12 -4.65 -50.65
CA LEU G 9 -70.57 -3.30 -50.48
C LEU G 9 -71.39 -2.44 -49.52
N SER G 10 -72.70 -2.49 -49.59
CA SER G 10 -73.57 -1.70 -48.73
C SER G 10 -74.11 -2.61 -47.64
N LEU G 11 -73.83 -2.26 -46.37
CA LEU G 11 -74.13 -3.13 -45.24
C LEU G 11 -75.03 -2.43 -44.24
N PRO G 12 -76.35 -2.54 -44.37
CA PRO G 12 -77.25 -2.04 -43.32
C PRO G 12 -77.30 -3.02 -42.15
N VAL G 13 -76.67 -2.63 -41.05
CA VAL G 13 -76.58 -3.44 -39.85
C VAL G 13 -77.21 -2.67 -38.70
N THR G 14 -78.11 -3.33 -37.98
CA THR G 14 -78.71 -2.78 -36.78
C THR G 14 -77.62 -2.51 -35.73
N PRO G 15 -77.63 -1.34 -35.08
CA PRO G 15 -76.64 -1.08 -34.03
C PRO G 15 -76.83 -2.01 -32.83
N GLY G 16 -75.71 -2.54 -32.33
CA GLY G 16 -75.70 -3.58 -31.34
C GLY G 16 -75.52 -4.98 -31.90
N GLU G 17 -75.79 -5.17 -33.18
CA GLU G 17 -75.62 -6.44 -33.87
C GLU G 17 -74.21 -6.56 -34.45
N PRO G 18 -73.65 -7.76 -34.51
CA PRO G 18 -72.35 -7.93 -35.16
C PRO G 18 -72.43 -7.77 -36.67
N ALA G 19 -71.30 -7.37 -37.27
CA ALA G 19 -71.19 -7.19 -38.71
C ALA G 19 -69.94 -7.88 -39.22
N SER G 20 -70.08 -8.60 -40.33
CA SER G 20 -69.00 -9.37 -40.93
C SER G 20 -68.62 -8.74 -42.26
N ILE G 21 -67.33 -8.40 -42.41
CA ILE G 21 -66.81 -7.70 -43.57
C ILE G 21 -65.69 -8.53 -44.16
N SER G 22 -65.70 -8.74 -45.48
CA SER G 22 -64.74 -9.59 -46.15
C SER G 22 -64.08 -8.85 -47.31
N CYS G 23 -62.82 -9.23 -47.59
CA CYS G 23 -62.10 -8.80 -48.77
C CYS G 23 -61.33 -10.00 -49.29
N ARG G 24 -61.32 -10.18 -50.62
CA ARG G 24 -60.77 -11.37 -51.24
C ARG G 24 -59.59 -11.01 -52.13
N SER G 25 -58.62 -11.92 -52.20
CA SER G 25 -57.36 -11.72 -52.91
C SER G 25 -57.17 -12.80 -53.95
N SER G 26 -56.63 -12.41 -55.11
CA SER G 26 -56.35 -13.37 -56.17
C SER G 26 -55.12 -14.21 -55.86
N GLN G 27 -54.08 -13.58 -55.32
CA GLN G 27 -52.83 -14.25 -55.01
C GLN G 27 -52.68 -14.41 -53.50
N SER G 28 -51.89 -15.42 -53.11
CA SER G 28 -51.69 -15.70 -51.70
C SER G 28 -50.82 -14.63 -51.05
N LEU G 29 -51.30 -14.07 -49.95
CA LEU G 29 -50.60 -13.03 -49.23
C LEU G 29 -49.78 -13.58 -48.06
N LEU G 30 -49.70 -14.89 -47.93
CA LEU G 30 -48.85 -15.52 -46.93
C LEU G 30 -47.41 -15.53 -47.44
N HIS G 31 -46.52 -14.84 -46.72
CA HIS G 31 -45.14 -14.70 -47.14
C HIS G 31 -44.34 -15.87 -46.58
N SER G 32 -43.03 -15.89 -46.90
CA SER G 32 -42.15 -16.95 -46.43
C SER G 32 -41.90 -16.89 -44.91
N ASN G 33 -42.20 -15.76 -44.27
CA ASN G 33 -42.06 -15.65 -42.83
C ASN G 33 -43.29 -16.11 -42.05
N GLY G 34 -44.36 -16.52 -42.74
CA GLY G 34 -45.54 -17.02 -42.07
C GLY G 34 -46.58 -15.98 -41.71
N TYR G 35 -46.32 -14.72 -42.00
CA TYR G 35 -47.21 -13.63 -41.62
C TYR G 35 -48.14 -13.26 -42.76
N ASN G 36 -49.27 -12.65 -42.41
CA ASN G 36 -50.28 -12.25 -43.37
C ASN G 36 -50.02 -10.80 -43.77
N TYR G 37 -50.14 -10.51 -45.07
CA TYR G 37 -49.92 -9.15 -45.57
C TYR G 37 -51.17 -8.63 -46.26
N LEU G 38 -52.10 -8.11 -45.46
CA LEU G 38 -53.27 -7.40 -45.95
C LEU G 38 -53.80 -6.56 -44.79
N ASP G 39 -54.16 -5.32 -45.08
CA ASP G 39 -54.41 -4.32 -44.04
C ASP G 39 -55.83 -3.77 -44.16
N TRP G 40 -56.50 -3.62 -43.01
CA TRP G 40 -57.91 -3.25 -42.93
C TRP G 40 -58.09 -1.81 -42.45
N TYR G 41 -58.90 -1.04 -43.18
CA TYR G 41 -59.01 0.38 -42.89
C TYR G 41 -60.47 0.80 -42.77
N LEU G 42 -60.68 1.99 -42.22
CA LEU G 42 -62.00 2.61 -42.08
C LEU G 42 -61.85 4.09 -42.45
N GLN G 43 -62.79 4.60 -43.25
CA GLN G 43 -62.84 6.03 -43.54
C GLN G 43 -64.12 6.62 -42.97
N LYS G 44 -63.99 7.50 -41.97
CA LYS G 44 -65.10 8.35 -41.55
C LYS G 44 -65.43 9.37 -42.63
N PRO G 45 -66.68 9.84 -42.68
CA PRO G 45 -67.01 10.92 -43.62
C PRO G 45 -66.38 12.24 -43.18
N GLY G 46 -65.48 12.76 -44.02
CA GLY G 46 -64.81 14.00 -43.76
C GLY G 46 -63.59 13.90 -42.88
N GLN G 47 -63.26 12.71 -42.38
CA GLN G 47 -62.11 12.49 -41.53
C GLN G 47 -61.22 11.46 -42.22
N SER G 48 -59.91 11.68 -42.14
CA SER G 48 -58.93 10.87 -42.85
C SER G 48 -58.94 9.43 -42.37
N PRO G 49 -58.71 8.47 -43.27
CA PRO G 49 -58.81 7.06 -42.89
C PRO G 49 -57.70 6.63 -41.96
N GLN G 50 -57.97 5.52 -41.26
CA GLN G 50 -57.08 4.99 -40.25
C GLN G 50 -56.74 3.56 -40.60
N LEU G 51 -55.55 3.13 -40.20
CA LEU G 51 -55.28 1.71 -40.11
C LEU G 51 -56.01 1.14 -38.91
N LEU G 52 -56.83 0.13 -39.15
CA LEU G 52 -57.61 -0.56 -38.11
C LEU G 52 -56.90 -1.85 -37.69
N ILE G 53 -56.63 -2.73 -38.66
CA ILE G 53 -55.85 -3.95 -38.40
C ILE G 53 -54.76 -4.08 -39.46
N TYR G 54 -53.51 -4.14 -38.99
CA TYR G 54 -52.35 -4.52 -39.79
C TYR G 54 -52.09 -6.01 -39.64
N LEU G 55 -51.69 -6.64 -40.75
CA LEU G 55 -51.20 -8.03 -40.82
C LEU G 55 -52.26 -9.04 -40.38
N GLY G 56 -53.53 -8.63 -40.46
CA GLY G 56 -54.65 -9.52 -40.26
C GLY G 56 -55.09 -9.72 -38.82
N SER G 57 -54.22 -9.50 -37.83
CA SER G 57 -54.54 -9.94 -36.48
C SER G 57 -54.38 -8.94 -35.33
N ASN G 58 -53.44 -8.00 -35.39
CA ASN G 58 -52.92 -7.37 -34.18
C ASN G 58 -53.43 -5.94 -33.98
N ARG G 59 -53.18 -5.43 -32.76
CA ARG G 59 -53.54 -4.08 -32.35
C ARG G 59 -52.82 -2.99 -33.13
N ALA G 60 -53.57 -2.27 -33.95
CA ALA G 60 -53.14 -0.95 -34.35
C ALA G 60 -53.44 0.05 -33.23
N SER G 61 -52.73 1.17 -33.26
CA SER G 61 -52.74 2.07 -32.11
C SER G 61 -54.05 2.86 -32.03
N GLY G 62 -54.73 2.74 -30.90
CA GLY G 62 -55.98 3.43 -30.67
C GLY G 62 -57.22 2.68 -31.09
N VAL G 63 -57.08 1.47 -31.62
CA VAL G 63 -58.23 0.71 -32.10
C VAL G 63 -58.87 -0.03 -30.93
N PRO G 64 -60.19 0.07 -30.73
CA PRO G 64 -60.84 -0.68 -29.65
C PRO G 64 -60.81 -2.18 -29.87
N ASP G 65 -60.99 -2.91 -28.76
CA ASP G 65 -60.77 -4.36 -28.71
C ASP G 65 -61.83 -5.16 -29.43
N ARG G 66 -63.01 -4.61 -29.70
CA ARG G 66 -64.05 -5.40 -30.36
C ARG G 66 -63.88 -5.48 -31.87
N PHE G 67 -62.87 -4.83 -32.44
CA PHE G 67 -62.54 -5.01 -33.84
C PHE G 67 -61.51 -6.13 -33.97
N SER G 68 -61.80 -7.11 -34.82
CA SER G 68 -60.93 -8.27 -34.97
C SER G 68 -60.98 -8.76 -36.41
N GLY G 69 -59.81 -9.04 -36.97
CA GLY G 69 -59.68 -9.55 -38.33
C GLY G 69 -59.30 -11.03 -38.28
N SER G 70 -59.70 -11.76 -39.33
CA SER G 70 -59.46 -13.19 -39.39
C SER G 70 -59.00 -13.56 -40.80
N GLY G 71 -58.74 -14.85 -41.00
CA GLY G 71 -58.44 -15.35 -42.33
C GLY G 71 -57.02 -15.86 -42.53
N SER G 72 -56.81 -16.56 -43.65
CA SER G 72 -55.50 -17.06 -44.04
C SER G 72 -55.48 -17.29 -45.54
N GLY G 73 -54.39 -16.89 -46.18
CA GLY G 73 -54.18 -17.18 -47.59
C GLY G 73 -54.89 -16.24 -48.54
N THR G 74 -56.20 -16.46 -48.75
CA THR G 74 -56.96 -15.62 -49.65
C THR G 74 -58.26 -15.12 -49.03
N ASP G 75 -58.85 -15.91 -48.14
CA ASP G 75 -60.17 -15.63 -47.59
C ASP G 75 -60.04 -15.04 -46.20
N PHE G 76 -60.13 -13.71 -46.10
CA PHE G 76 -59.98 -12.99 -44.85
C PHE G 76 -61.31 -12.34 -44.49
N THR G 77 -61.51 -12.11 -43.19
CA THR G 77 -62.78 -11.61 -42.69
C THR G 77 -62.54 -10.64 -41.55
N LEU G 78 -63.20 -9.49 -41.60
CA LEU G 78 -63.19 -8.51 -40.53
C LEU G 78 -64.51 -8.58 -39.77
N LYS G 79 -64.42 -8.65 -38.44
CA LYS G 79 -65.59 -8.83 -37.60
C LYS G 79 -65.60 -7.79 -36.49
N ILE G 80 -66.76 -7.19 -36.25
CA ILE G 80 -67.01 -6.37 -35.07
C ILE G 80 -68.09 -7.05 -34.26
N SER G 81 -67.85 -7.18 -32.95
CA SER G 81 -68.83 -7.84 -32.08
C SER G 81 -70.06 -6.95 -31.87
N ARG G 82 -69.84 -5.66 -31.61
CA ARG G 82 -70.92 -4.71 -31.35
C ARG G 82 -70.71 -3.50 -32.24
N VAL G 83 -71.76 -3.07 -32.92
CA VAL G 83 -71.71 -1.92 -33.81
C VAL G 83 -72.51 -0.79 -33.18
N GLU G 84 -71.93 0.41 -33.15
CA GLU G 84 -72.64 1.58 -32.63
C GLU G 84 -72.64 2.71 -33.65
N ALA G 85 -73.09 3.89 -33.24
CA ALA G 85 -73.09 5.05 -34.12
C ALA G 85 -71.69 5.60 -34.37
N GLU G 86 -70.71 5.23 -33.55
CA GLU G 86 -69.32 5.59 -33.82
C GLU G 86 -68.66 4.60 -34.77
N ASP G 87 -69.32 3.49 -35.09
CA ASP G 87 -68.75 2.49 -35.97
C ASP G 87 -69.18 2.65 -37.42
N VAL G 88 -69.88 3.73 -37.76
CA VAL G 88 -70.25 3.97 -39.14
C VAL G 88 -69.01 4.40 -39.93
N GLY G 89 -68.82 3.78 -41.07
CA GLY G 89 -67.66 4.06 -41.90
C GLY G 89 -67.66 3.13 -43.10
N VAL G 90 -66.70 3.36 -43.98
CA VAL G 90 -66.61 2.58 -45.22
C VAL G 90 -65.29 1.83 -45.19
N TYR G 91 -65.37 0.51 -45.28
CA TYR G 91 -64.27 -0.40 -44.96
C TYR G 91 -63.53 -0.84 -46.21
N TYR G 92 -62.21 -0.65 -46.20
CA TYR G 92 -61.37 -0.88 -47.36
C TYR G 92 -60.44 -2.04 -47.05
N CYS G 93 -59.62 -2.41 -48.04
CA CYS G 93 -58.60 -3.43 -47.86
C CYS G 93 -57.45 -3.16 -48.82
N MET G 94 -56.23 -3.31 -48.32
CA MET G 94 -55.04 -3.03 -49.10
C MET G 94 -54.02 -4.15 -48.86
N GLN G 95 -53.23 -4.46 -49.89
CA GLN G 95 -52.17 -5.44 -49.78
C GLN G 95 -50.81 -4.76 -49.64
N ALA G 96 -49.75 -5.57 -49.53
CA ALA G 96 -48.39 -5.05 -49.46
C ALA G 96 -47.38 -5.89 -50.23
N LEU G 97 -47.81 -6.76 -51.15
CA LEU G 97 -46.87 -7.66 -51.81
C LEU G 97 -46.32 -7.06 -53.09
N GLN G 98 -47.20 -6.76 -54.05
CA GLN G 98 -46.81 -6.34 -55.37
C GLN G 98 -46.51 -4.83 -55.39
N THR G 99 -46.01 -4.36 -56.53
CA THR G 99 -45.72 -2.94 -56.73
C THR G 99 -46.95 -2.03 -56.63
N PRO G 100 -48.09 -2.27 -57.30
CA PRO G 100 -49.20 -1.33 -57.10
C PRO G 100 -49.94 -1.63 -55.81
N GLY G 101 -50.11 -0.61 -54.97
CA GLY G 101 -50.92 -0.77 -53.77
C GLY G 101 -52.39 -0.77 -54.12
N THR G 102 -52.99 -1.95 -54.14
CA THR G 102 -54.35 -2.14 -54.61
C THR G 102 -55.33 -1.93 -53.46
N PHE G 103 -56.32 -1.07 -53.66
CA PHE G 103 -57.34 -0.87 -52.65
C PHE G 103 -58.59 -1.66 -52.96
N GLY G 104 -59.48 -1.72 -51.98
CA GLY G 104 -60.78 -2.32 -52.17
C GLY G 104 -61.80 -1.31 -52.66
N GLN G 105 -62.97 -1.80 -53.03
CA GLN G 105 -64.02 -0.94 -53.55
C GLN G 105 -64.77 -0.20 -52.44
N GLY G 106 -64.61 -0.60 -51.18
CA GLY G 106 -65.16 0.14 -50.06
C GLY G 106 -66.49 -0.41 -49.55
N THR G 107 -66.51 -0.84 -48.30
CA THR G 107 -67.67 -1.53 -47.74
C THR G 107 -68.40 -0.56 -46.81
N ARG G 108 -69.48 0.02 -47.31
CA ARG G 108 -70.23 1.06 -46.60
C ARG G 108 -71.12 0.40 -45.55
N LEU G 109 -70.87 0.70 -44.28
CA LEU G 109 -71.65 0.18 -43.17
C LEU G 109 -72.70 1.22 -42.77
N GLU G 110 -73.95 0.81 -42.68
CA GLU G 110 -75.07 1.73 -42.48
C GLU G 110 -75.92 1.30 -41.28
N ILE G 111 -76.46 2.29 -40.58
CA ILE G 111 -77.19 2.08 -39.33
C ILE G 111 -78.68 2.08 -39.65
N LYS G 112 -79.38 1.05 -39.18
CA LYS G 112 -80.83 1.00 -39.25
C LYS G 112 -81.43 1.01 -37.85
N GLU H 1 -51.33 25.54 7.75
CA GLU H 1 -51.11 24.38 6.88
C GLU H 1 -51.90 23.17 7.36
N VAL H 2 -51.76 22.84 8.63
CA VAL H 2 -52.32 21.62 9.18
C VAL H 2 -53.77 21.88 9.56
N GLN H 3 -54.69 21.05 9.06
CA GLN H 3 -56.09 21.22 9.41
C GLN H 3 -56.77 19.86 9.38
N LEU H 4 -57.95 19.79 10.01
CA LEU H 4 -58.66 18.54 10.17
C LEU H 4 -60.04 18.66 9.56
N LEU H 5 -60.45 17.65 8.78
CA LEU H 5 -61.74 17.64 8.12
C LEU H 5 -62.60 16.50 8.67
N GLU H 6 -63.88 16.77 8.85
CA GLU H 6 -64.84 15.76 9.28
C GLU H 6 -65.89 15.54 8.18
N SER H 7 -66.65 14.46 8.33
CA SER H 7 -67.74 14.15 7.41
C SER H 7 -68.81 13.34 8.12
N GLY H 8 -70.05 13.52 7.70
CA GLY H 8 -71.18 12.83 8.29
C GLY H 8 -71.72 13.52 9.54
N GLY H 9 -72.74 12.88 10.13
CA GLY H 9 -73.35 13.36 11.35
C GLY H 9 -74.53 14.25 11.07
N GLY H 10 -75.74 13.75 11.35
CA GLY H 10 -76.95 14.50 11.08
C GLY H 10 -78.18 13.92 11.76
N VAL H 11 -79.30 13.91 11.05
CA VAL H 11 -80.55 13.38 11.59
C VAL H 11 -80.47 11.86 11.56
N VAL H 12 -80.72 11.23 12.72
CA VAL H 12 -80.65 9.78 12.85
C VAL H 12 -81.72 9.33 13.85
N GLN H 13 -82.36 8.21 13.54
CA GLN H 13 -83.26 7.58 14.49
C GLN H 13 -82.46 6.97 15.63
N PRO H 14 -82.89 7.13 16.88
CA PRO H 14 -82.17 6.54 18.02
C PRO H 14 -82.22 5.02 17.99
N GLY H 15 -81.17 4.41 18.55
CA GLY H 15 -81.06 2.97 18.59
C GLY H 15 -80.47 2.34 17.35
N GLY H 16 -79.81 3.11 16.50
CA GLY H 16 -79.23 2.61 15.28
C GLY H 16 -77.75 2.90 15.16
N SER H 17 -77.33 3.23 13.95
CA SER H 17 -75.93 3.49 13.64
C SER H 17 -75.79 4.80 12.88
N LEU H 18 -74.55 5.26 12.78
CA LEU H 18 -74.21 6.46 12.03
C LEU H 18 -72.74 6.31 11.65
N ARG H 19 -72.25 7.19 10.76
CA ARG H 19 -70.84 7.19 10.41
C ARG H 19 -70.28 8.60 10.51
N LEU H 20 -69.11 8.73 11.13
CA LEU H 20 -68.35 9.97 11.10
C LEU H 20 -66.91 9.66 10.75
N SER H 21 -66.38 10.37 9.75
CA SER H 21 -65.06 10.11 9.19
C SER H 21 -64.19 11.34 9.36
N CYS H 22 -62.98 11.15 9.86
CA CYS H 22 -62.02 12.22 10.09
C CYS H 22 -60.78 11.98 9.25
N ALA H 23 -60.58 12.81 8.24
CA ALA H 23 -59.41 12.73 7.36
C ALA H 23 -58.47 13.89 7.67
N ALA H 24 -57.18 13.58 7.69
CA ALA H 24 -56.12 14.55 7.95
C ALA H 24 -55.38 14.89 6.66
N SER H 25 -54.84 16.10 6.60
CA SER H 25 -54.19 16.55 5.38
C SER H 25 -52.70 16.84 5.55
N GLY H 26 -52.30 17.51 6.63
CA GLY H 26 -50.93 17.99 6.67
C GLY H 26 -50.07 17.58 7.85
N PHE H 27 -50.30 16.42 8.45
CA PHE H 27 -49.42 16.02 9.53
C PHE H 27 -49.06 14.54 9.38
N ALA H 28 -48.17 14.09 10.27
CA ALA H 28 -47.75 12.70 10.32
C ALA H 28 -48.74 11.95 11.20
N PHE H 29 -49.81 11.47 10.56
CA PHE H 29 -50.90 10.78 11.24
C PHE H 29 -50.46 9.43 11.81
N THR H 30 -49.41 8.82 11.28
CA THR H 30 -48.90 7.61 11.92
C THR H 30 -48.31 7.89 13.30
N THR H 31 -47.53 8.94 13.46
CA THR H 31 -46.80 9.21 14.70
C THR H 31 -47.62 9.90 15.77
N TYR H 32 -48.57 10.75 15.38
CA TYR H 32 -49.37 11.47 16.35
C TYR H 32 -50.44 10.57 16.96
N ALA H 33 -50.78 10.83 18.21
CA ALA H 33 -51.88 10.14 18.85
C ALA H 33 -53.21 10.72 18.40
N MET H 34 -54.30 10.11 18.87
CA MET H 34 -55.61 10.49 18.36
C MET H 34 -56.63 10.34 19.47
N ASN H 35 -57.66 11.18 19.47
CA ASN H 35 -58.59 11.31 20.59
C ASN H 35 -59.99 11.68 20.10
N TRP H 36 -60.99 11.41 20.95
CA TRP H 36 -62.38 11.64 20.58
C TRP H 36 -63.11 12.42 21.67
N VAL H 37 -63.96 13.37 21.25
CA VAL H 37 -64.57 14.37 22.13
C VAL H 37 -66.05 14.54 21.80
N ARG H 38 -66.88 14.59 22.84
CA ARG H 38 -68.30 14.88 22.74
C ARG H 38 -68.58 16.21 23.46
N GLN H 39 -69.38 17.07 22.82
CA GLN H 39 -69.77 18.33 23.44
C GLN H 39 -71.25 18.59 23.18
N ALA H 40 -72.03 18.65 24.25
CA ALA H 40 -73.45 18.92 24.14
C ALA H 40 -73.69 20.43 23.99
N PRO H 41 -74.80 20.83 23.35
CA PRO H 41 -75.14 22.25 23.34
C PRO H 41 -75.66 22.73 24.69
N GLY H 42 -74.86 23.54 25.40
CA GLY H 42 -75.30 24.10 26.67
C GLY H 42 -74.50 23.68 27.89
N ARG H 43 -73.51 22.81 27.69
CA ARG H 43 -72.55 22.43 28.73
C ARG H 43 -71.29 22.03 27.96
N GLY H 44 -70.13 22.26 28.57
CA GLY H 44 -68.86 21.92 27.95
C GLY H 44 -68.55 20.47 27.68
N LEU H 45 -67.26 20.16 27.53
CA LEU H 45 -66.84 19.01 26.74
C LEU H 45 -66.82 17.74 27.59
N GLU H 46 -66.70 16.60 26.90
CA GLU H 46 -66.52 15.30 27.53
C GLU H 46 -65.71 14.40 26.61
N TRP H 47 -64.59 13.88 27.12
CA TRP H 47 -63.81 12.89 26.39
C TRP H 47 -64.55 11.56 26.37
N VAL H 48 -64.53 10.88 25.22
CA VAL H 48 -65.19 9.59 25.06
C VAL H 48 -64.23 8.47 24.71
N SER H 49 -63.22 8.73 23.88
CA SER H 49 -62.35 7.65 23.42
C SER H 49 -60.99 8.21 22.99
N ALA H 50 -60.02 7.31 22.92
CA ALA H 50 -58.65 7.66 22.56
C ALA H 50 -57.94 6.39 22.06
N ILE H 51 -57.01 6.56 21.12
CA ILE H 51 -56.25 5.43 20.60
C ILE H 51 -54.79 5.83 20.46
N SER H 52 -53.90 4.85 20.65
CA SER H 52 -52.47 5.02 20.44
C SER H 52 -52.12 4.67 19.00
N ASP H 53 -50.81 4.70 18.70
CA ASP H 53 -50.34 4.50 17.33
C ASP H 53 -50.52 3.06 16.89
N GLY H 54 -50.93 2.89 15.64
CA GLY H 54 -51.06 1.57 15.07
C GLY H 54 -52.20 0.74 15.63
N GLY H 55 -53.22 1.37 16.19
CA GLY H 55 -54.28 0.61 16.81
C GLY H 55 -53.80 -0.01 18.11
N GLY H 56 -54.43 -1.13 18.47
CA GLY H 56 -53.99 -1.90 19.62
C GLY H 56 -54.50 -1.38 20.95
N SER H 57 -54.12 -0.16 21.31
CA SER H 57 -54.54 0.45 22.56
C SER H 57 -55.76 1.32 22.29
N ALA H 58 -56.92 0.88 22.77
CA ALA H 58 -58.17 1.62 22.62
C ALA H 58 -58.80 1.78 24.00
N TYR H 59 -59.22 3.01 24.30
CA TYR H 59 -59.74 3.35 25.61
C TYR H 59 -61.10 4.01 25.46
N TYR H 60 -61.92 3.88 26.49
CA TYR H 60 -63.29 4.35 26.45
C TYR H 60 -63.64 5.04 27.75
N ALA H 61 -64.55 6.02 27.66
CA ALA H 61 -65.05 6.67 28.85
C ALA H 61 -66.12 5.81 29.54
N ASP H 62 -66.65 6.34 30.64
CA ASP H 62 -67.45 5.54 31.55
C ASP H 62 -68.80 5.14 30.97
N SER H 63 -69.46 6.03 30.24
CA SER H 63 -70.79 5.74 29.72
C SER H 63 -70.76 5.07 28.36
N VAL H 64 -69.59 4.93 27.74
CA VAL H 64 -69.51 4.59 26.33
C VAL H 64 -68.72 3.30 26.09
N LYS H 65 -68.50 2.49 27.12
CA LYS H 65 -67.81 1.22 26.94
C LYS H 65 -68.70 0.24 26.19
N GLY H 66 -68.34 -0.06 24.94
CA GLY H 66 -69.08 -1.02 24.14
C GLY H 66 -70.08 -0.35 23.21
N ARG H 67 -70.63 0.79 23.64
CA ARG H 67 -71.57 1.55 22.83
C ARG H 67 -70.91 2.12 21.58
N PHE H 68 -69.66 2.53 21.68
CA PHE H 68 -68.95 3.15 20.58
C PHE H 68 -67.91 2.19 20.03
N THR H 69 -67.69 2.25 18.72
CA THR H 69 -66.69 1.41 18.07
C THR H 69 -65.69 2.33 17.37
N ILE H 70 -64.39 2.14 17.64
CA ILE H 70 -63.36 3.02 17.12
C ILE H 70 -62.45 2.23 16.17
N SER H 71 -61.99 2.88 15.10
CA SER H 71 -61.13 2.22 14.12
C SER H 71 -60.24 3.26 13.44
N ARG H 72 -59.12 2.78 12.88
CA ARG H 72 -58.07 3.65 12.37
C ARG H 72 -57.47 3.05 11.10
N ASP H 73 -57.25 3.91 10.10
CA ASP H 73 -56.59 3.53 8.85
C ASP H 73 -55.33 4.36 8.71
N ASN H 74 -54.16 3.73 8.78
CA ASN H 74 -52.91 4.47 8.66
C ASN H 74 -52.52 4.75 7.22
N SER H 75 -53.15 4.04 6.26
CA SER H 75 -52.79 4.22 4.86
C SER H 75 -53.45 5.45 4.25
N LYS H 76 -54.78 5.53 4.36
CA LYS H 76 -55.53 6.63 3.75
C LYS H 76 -55.71 7.81 4.69
N ASN H 77 -55.04 7.79 5.85
CA ASN H 77 -54.97 8.90 6.80
C ASN H 77 -56.36 9.31 7.31
N THR H 78 -57.22 8.32 7.51
CA THR H 78 -58.60 8.55 7.90
C THR H 78 -58.85 7.98 9.29
N LEU H 79 -59.61 8.71 10.10
CA LEU H 79 -60.06 8.25 11.40
C LEU H 79 -61.56 7.99 11.36
N TYR H 80 -61.97 6.83 11.86
CA TYR H 80 -63.37 6.45 11.86
C TYR H 80 -63.86 6.34 13.29
N LEU H 81 -65.18 6.37 13.45
CA LEU H 81 -65.83 6.15 14.74
C LEU H 81 -67.17 5.48 14.46
N GLN H 82 -67.18 4.15 14.47
CA GLN H 82 -68.38 3.39 14.15
C GLN H 82 -69.37 3.46 15.32
N MET H 83 -70.64 3.63 14.99
CA MET H 83 -71.63 4.11 15.94
C MET H 83 -72.61 2.98 16.23
N ASN H 84 -72.91 2.75 17.51
CA ASN H 84 -73.84 1.69 17.88
C ASN H 84 -74.73 2.14 19.03
N SER H 85 -76.03 1.82 18.91
CA SER H 85 -77.06 1.98 19.94
C SER H 85 -77.16 3.44 20.40
N LEU H 86 -77.56 4.28 19.47
CA LEU H 86 -77.62 5.71 19.69
C LEU H 86 -78.73 6.07 20.69
N ARG H 87 -78.46 7.12 21.47
CA ARG H 87 -79.40 7.58 22.49
C ARG H 87 -79.58 9.08 22.33
N ALA H 88 -80.67 9.59 22.91
CA ALA H 88 -81.01 11.00 22.76
C ALA H 88 -80.03 11.91 23.49
N GLU H 89 -79.38 11.40 24.55
CA GLU H 89 -78.35 12.16 25.23
C GLU H 89 -77.03 12.18 24.47
N ASP H 90 -76.90 11.39 23.40
CA ASP H 90 -75.73 11.42 22.54
C ASP H 90 -75.84 12.49 21.46
N THR H 91 -76.94 13.25 21.45
CA THR H 91 -77.06 14.42 20.58
C THR H 91 -76.06 15.46 21.08
N ALA H 92 -74.93 15.55 20.39
CA ALA H 92 -73.86 16.44 20.79
C ALA H 92 -73.02 16.75 19.57
N VAL H 93 -72.17 17.79 19.70
CA VAL H 93 -71.25 18.18 18.64
C VAL H 93 -70.06 17.24 18.70
N TYR H 94 -69.96 16.35 17.71
CA TYR H 94 -68.92 15.35 17.64
C TYR H 94 -67.85 15.79 16.64
N TYR H 95 -66.59 15.73 17.06
CA TYR H 95 -65.45 16.10 16.23
C TYR H 95 -64.16 15.46 16.72
N CYS H 96 -63.31 15.11 15.75
CA CYS H 96 -62.01 14.51 16.03
C CYS H 96 -61.01 15.59 16.43
N ALA H 97 -60.21 15.32 17.45
CA ALA H 97 -59.18 16.25 17.88
C ALA H 97 -57.92 15.46 18.20
N LYS H 98 -56.78 16.00 17.78
CA LYS H 98 -55.52 15.28 17.87
C LYS H 98 -54.75 15.68 19.13
N THR H 99 -53.82 14.82 19.52
CA THR H 99 -53.02 15.00 20.73
C THR H 99 -51.60 15.30 20.26
N ARG H 100 -50.81 15.99 21.09
CA ARG H 100 -49.37 15.99 20.86
C ARG H 100 -48.78 14.59 20.91
N GLY H 101 -49.24 13.79 21.86
CA GLY H 101 -48.35 12.98 22.68
C GLY H 101 -47.60 11.91 21.91
N ARG H 102 -46.27 12.01 21.96
CA ARG H 102 -45.42 11.02 21.32
C ARG H 102 -44.37 10.46 22.27
N GLY H 103 -44.25 10.99 23.49
CA GLY H 103 -43.27 10.51 24.44
C GLY H 103 -43.77 9.29 25.21
N LEU H 104 -42.89 8.77 26.05
CA LEU H 104 -43.24 7.62 26.88
C LEU H 104 -44.26 7.99 27.95
N TYR H 105 -44.05 9.13 28.61
CA TYR H 105 -44.95 9.58 29.67
C TYR H 105 -45.83 10.73 29.19
N ASP H 106 -46.21 10.72 27.92
CA ASP H 106 -47.05 11.78 27.36
C ASP H 106 -48.53 11.45 27.39
N TYR H 107 -48.89 10.19 27.63
CA TYR H 107 -50.23 9.79 28.08
C TYR H 107 -51.35 10.16 27.12
N VAL H 108 -51.45 9.42 26.01
CA VAL H 108 -52.17 9.70 24.76
C VAL H 108 -53.52 10.39 24.94
N TRP H 109 -54.24 10.07 26.01
CA TRP H 109 -55.37 10.87 26.44
C TRP H 109 -55.00 12.31 26.93
N GLY H 110 -53.76 12.82 26.89
CA GLY H 110 -53.43 14.09 27.50
C GLY H 110 -53.48 15.32 26.60
N SER H 111 -52.35 15.98 26.41
CA SER H 111 -52.31 17.35 25.89
C SER H 111 -52.64 17.41 24.40
N LYS H 112 -53.76 18.03 24.07
CA LYS H 112 -54.34 18.03 22.73
C LYS H 112 -54.29 19.42 22.13
N ASP H 113 -53.32 19.68 21.27
CA ASP H 113 -52.99 21.06 20.94
C ASP H 113 -53.97 21.55 19.87
N TYR H 114 -54.18 20.77 18.81
CA TYR H 114 -55.20 21.08 17.79
C TYR H 114 -56.54 20.45 18.10
N TRP H 115 -57.59 21.07 17.57
CA TRP H 115 -58.93 20.49 17.52
C TRP H 115 -59.49 20.60 16.10
N GLY H 116 -60.38 19.68 15.77
CA GLY H 116 -60.93 19.61 14.43
C GLY H 116 -62.02 20.63 14.17
N GLN H 117 -62.57 20.55 12.96
CA GLN H 117 -63.43 21.63 12.46
C GLN H 117 -64.81 21.60 13.15
N GLY H 118 -65.50 20.47 13.05
CA GLY H 118 -66.70 20.30 13.86
C GLY H 118 -67.96 19.97 13.08
N THR H 119 -68.75 19.04 13.62
CA THR H 119 -70.05 18.69 13.07
C THR H 119 -70.98 18.28 14.20
N LEU H 120 -72.27 18.47 13.98
CA LEU H 120 -73.29 18.24 14.99
C LEU H 120 -74.11 16.99 14.65
N VAL H 121 -74.24 16.10 15.64
CA VAL H 121 -74.99 14.86 15.50
C VAL H 121 -76.32 15.04 16.23
N THR H 122 -77.43 14.79 15.52
CA THR H 122 -78.78 14.97 16.06
C THR H 122 -79.48 13.62 16.13
N VAL H 123 -79.63 13.09 17.33
CA VAL H 123 -80.26 11.79 17.54
C VAL H 123 -81.72 12.06 17.91
N SER H 124 -82.58 12.10 16.91
CA SER H 124 -83.99 12.41 17.13
C SER H 124 -84.87 11.79 16.05
N ASP I 1 -63.30 9.08 40.50
CA ASP I 1 -62.56 9.90 39.55
C ASP I 1 -62.06 11.17 40.23
N ILE I 2 -61.84 12.21 39.43
CA ILE I 2 -61.37 13.49 39.93
C ILE I 2 -62.56 14.45 39.96
N VAL I 3 -63.02 14.79 41.16
CA VAL I 3 -64.09 15.77 41.32
C VAL I 3 -63.48 17.14 41.12
N MET I 4 -63.86 17.81 40.03
CA MET I 4 -63.22 19.02 39.55
C MET I 4 -64.11 20.22 39.83
N THR I 5 -63.50 21.39 40.01
CA THR I 5 -64.23 22.60 40.37
C THR I 5 -63.59 23.82 39.73
N GLN I 6 -64.39 24.59 39.00
CA GLN I 6 -63.99 25.87 38.46
C GLN I 6 -64.84 26.97 39.11
N SER I 7 -64.19 27.85 39.87
CA SER I 7 -64.95 28.84 40.63
C SER I 7 -64.21 30.18 40.69
N PRO I 8 -64.94 31.31 40.54
CA PRO I 8 -66.36 31.43 40.15
C PRO I 8 -66.57 31.29 38.64
N LEU I 9 -67.77 30.90 38.23
CA LEU I 9 -68.02 30.48 36.86
C LEU I 9 -68.26 31.66 35.92
N SER I 10 -69.02 32.66 36.34
CA SER I 10 -69.31 33.83 35.52
C SER I 10 -68.42 34.97 35.98
N LEU I 11 -67.59 35.49 35.07
CA LEU I 11 -66.57 36.48 35.42
C LEU I 11 -66.74 37.76 34.62
N PRO I 12 -67.51 38.73 35.12
CA PRO I 12 -67.55 40.06 34.48
C PRO I 12 -66.32 40.86 34.83
N VAL I 13 -65.42 41.01 33.86
CA VAL I 13 -64.16 41.72 34.03
C VAL I 13 -64.13 42.88 33.04
N THR I 14 -63.80 44.07 33.55
CA THR I 14 -63.61 45.24 32.70
C THR I 14 -62.45 45.00 31.74
N PRO I 15 -62.60 45.33 30.45
CA PRO I 15 -61.47 45.18 29.52
C PRO I 15 -60.32 46.11 29.87
N GLY I 16 -59.10 45.55 29.82
CA GLY I 16 -57.91 46.22 30.30
C GLY I 16 -57.50 45.82 31.70
N GLU I 17 -58.41 45.26 32.49
CA GLU I 17 -58.15 44.78 33.84
C GLU I 17 -57.69 43.32 33.81
N PRO I 18 -56.83 42.91 34.74
CA PRO I 18 -56.45 41.50 34.81
C PRO I 18 -57.58 40.63 35.34
N ALA I 19 -57.56 39.36 34.94
CA ALA I 19 -58.55 38.38 35.37
C ALA I 19 -57.86 37.11 35.85
N SER I 20 -58.32 36.60 36.99
CA SER I 20 -57.74 35.42 37.63
C SER I 20 -58.73 34.28 37.55
N ILE I 21 -58.30 33.15 36.98
CA ILE I 21 -59.14 31.98 36.73
C ILE I 21 -58.49 30.78 37.42
N SER I 22 -59.28 30.01 38.15
CA SER I 22 -58.77 28.87 38.91
C SER I 22 -59.55 27.60 38.60
N CYS I 23 -58.85 26.47 38.71
CA CYS I 23 -59.47 25.15 38.66
C CYS I 23 -58.80 24.30 39.72
N ARG I 24 -59.58 23.49 40.43
CA ARG I 24 -59.10 22.74 41.58
C ARG I 24 -59.22 21.25 41.34
N SER I 25 -58.28 20.49 41.91
CA SER I 25 -58.16 19.07 41.70
C SER I 25 -58.20 18.33 43.03
N SER I 26 -58.88 17.19 43.04
CA SER I 26 -58.96 16.37 44.26
C SER I 26 -57.65 15.64 44.52
N GLN I 27 -57.03 15.10 43.47
CA GLN I 27 -55.80 14.34 43.59
C GLN I 27 -54.62 15.15 43.05
N SER I 28 -53.44 14.83 43.55
CA SER I 28 -52.23 15.55 43.14
C SER I 28 -51.86 15.18 41.71
N LEU I 29 -51.66 16.21 40.88
CA LEU I 29 -51.30 16.03 39.49
C LEU I 29 -49.81 16.13 39.24
N LEU I 30 -49.02 16.22 40.31
CA LEU I 30 -47.56 16.20 40.21
C LEU I 30 -47.11 14.76 40.05
N HIS I 31 -46.49 14.45 38.92
CA HIS I 31 -46.06 13.10 38.61
C HIS I 31 -44.66 12.86 39.17
N SER I 32 -44.14 11.64 38.98
CA SER I 32 -42.81 11.29 39.46
C SER I 32 -41.70 12.02 38.70
N ASN I 33 -41.99 12.58 37.54
CA ASN I 33 -41.01 13.33 36.78
C ASN I 33 -40.94 14.81 37.18
N GLY I 34 -41.78 15.26 38.10
CA GLY I 34 -41.75 16.63 38.57
C GLY I 34 -42.59 17.61 37.78
N TYR I 35 -43.27 17.16 36.74
CA TYR I 35 -44.05 18.03 35.87
C TYR I 35 -45.51 18.04 36.28
N ASN I 36 -46.21 19.11 35.90
CA ASN I 36 -47.61 19.30 36.23
C ASN I 36 -48.46 18.76 35.08
N TYR I 37 -49.53 18.05 35.40
CA TYR I 37 -50.41 17.49 34.39
C TYR I 37 -51.83 18.04 34.56
N LEU I 38 -52.07 19.22 34.02
CA LEU I 38 -53.39 19.81 33.92
C LEU I 38 -53.33 20.89 32.84
N ASP I 39 -54.34 20.91 31.98
CA ASP I 39 -54.28 21.69 30.75
C ASP I 39 -55.42 22.71 30.69
N TRP I 40 -55.09 23.93 30.25
CA TRP I 40 -56.00 25.07 30.26
C TRP I 40 -56.50 25.41 28.86
N TYR I 41 -57.81 25.57 28.71
CA TYR I 41 -58.39 25.74 27.39
C TYR I 41 -59.32 26.95 27.38
N LEU I 42 -59.65 27.38 26.15
CA LEU I 42 -60.61 28.46 25.90
C LEU I 42 -61.50 28.05 24.76
N GLN I 43 -62.81 28.27 24.88
CA GLN I 43 -63.74 28.05 23.79
C GLN I 43 -64.37 29.37 23.37
N LYS I 44 -64.06 29.82 22.16
CA LYS I 44 -64.81 30.91 21.53
C LYS I 44 -66.24 30.45 21.20
N PRO I 45 -67.18 31.38 21.14
CA PRO I 45 -68.53 31.01 20.69
C PRO I 45 -68.55 30.70 19.20
N GLY I 46 -68.88 29.44 18.87
CA GLY I 46 -68.95 28.99 17.50
C GLY I 46 -67.63 28.57 16.89
N GLN I 47 -66.53 28.69 17.62
CA GLN I 47 -65.20 28.31 17.15
C GLN I 47 -64.66 27.26 18.09
N SER I 48 -63.99 26.25 17.53
CA SER I 48 -63.54 25.09 18.27
C SER I 48 -62.50 25.47 19.33
N PRO I 49 -62.50 24.80 20.47
CA PRO I 49 -61.60 25.21 21.56
C PRO I 49 -60.14 24.91 21.24
N GLN I 50 -59.28 25.62 21.98
CA GLN I 50 -57.85 25.55 21.77
C GLN I 50 -57.17 25.16 23.07
N LEU I 51 -56.05 24.49 22.95
CA LEU I 51 -55.13 24.41 24.07
C LEU I 51 -54.43 25.75 24.25
N LEU I 52 -54.56 26.32 25.45
CA LEU I 52 -53.94 27.60 25.80
C LEU I 52 -52.63 27.38 26.56
N ILE I 53 -52.68 26.63 27.66
CA ILE I 53 -51.49 26.24 28.40
C ILE I 53 -51.52 24.75 28.67
N TYR I 54 -50.50 24.05 28.20
CA TYR I 54 -50.20 22.66 28.56
C TYR I 54 -49.21 22.63 29.73
N LEU I 55 -49.42 21.68 30.63
CA LEU I 55 -48.50 21.34 31.73
C LEU I 55 -48.30 22.50 32.70
N GLY I 56 -49.25 23.42 32.71
CA GLY I 56 -49.30 24.49 33.69
C GLY I 56 -48.48 25.73 33.38
N SER I 57 -47.45 25.63 32.53
CA SER I 57 -46.49 26.73 32.42
C SER I 57 -46.15 27.25 31.03
N ASN I 58 -46.13 26.40 29.99
CA ASN I 58 -45.34 26.70 28.79
C ASN I 58 -46.19 27.15 27.60
N ARG I 59 -45.50 27.65 26.58
CA ARG I 59 -46.09 28.11 25.33
C ARG I 59 -46.75 27.01 24.53
N ALA I 60 -48.09 27.06 24.45
CA ALA I 60 -48.78 26.39 23.37
C ALA I 60 -48.68 27.24 22.11
N SER I 61 -48.86 26.60 20.95
CA SER I 61 -48.56 27.26 19.69
C SER I 61 -49.61 28.29 19.32
N GLY I 62 -49.17 29.53 19.12
CA GLY I 62 -50.06 30.62 18.75
C GLY I 62 -50.65 31.39 19.91
N VAL I 63 -50.32 31.03 21.14
CA VAL I 63 -50.91 31.69 22.30
C VAL I 63 -50.10 32.95 22.62
N PRO I 64 -50.75 34.10 22.80
CA PRO I 64 -50.01 35.33 23.15
C PRO I 64 -49.41 35.26 24.53
N ASP I 65 -48.40 36.12 24.74
CA ASP I 65 -47.52 36.06 25.91
C ASP I 65 -48.18 36.50 27.21
N ARG I 66 -49.30 37.23 27.15
CA ARG I 66 -49.91 37.71 28.38
C ARG I 66 -50.80 36.66 29.06
N PHE I 67 -50.93 35.47 28.47
CA PHE I 67 -51.61 34.37 29.14
C PHE I 67 -50.56 33.55 29.88
N SER I 68 -50.80 33.31 31.17
CA SER I 68 -49.86 32.60 32.01
C SER I 68 -50.60 31.79 33.07
N GLY I 69 -50.19 30.54 33.23
CA GLY I 69 -50.76 29.66 34.23
C GLY I 69 -49.80 29.46 35.39
N SER I 70 -50.34 29.18 36.56
CA SER I 70 -49.54 29.03 37.77
C SER I 70 -50.05 27.84 38.57
N GLY I 71 -49.40 27.58 39.70
CA GLY I 71 -49.87 26.57 40.62
C GLY I 71 -48.97 25.35 40.78
N SER I 72 -49.25 24.55 41.81
CA SER I 72 -48.54 23.30 42.06
C SER I 72 -49.42 22.40 42.89
N GLY I 73 -49.45 21.12 42.54
CA GLY I 73 -50.13 20.10 43.32
C GLY I 73 -51.63 20.03 43.11
N THR I 74 -52.37 20.96 43.72
CA THR I 74 -53.83 20.96 43.58
C THR I 74 -54.37 22.34 43.23
N ASP I 75 -53.71 23.39 43.68
CA ASP I 75 -54.22 24.75 43.56
C ASP I 75 -53.49 25.45 42.42
N PHE I 76 -54.15 25.52 41.26
CA PHE I 76 -53.59 26.12 40.05
C PHE I 76 -54.40 27.34 39.68
N THR I 77 -53.76 28.29 38.99
CA THR I 77 -54.38 29.57 38.69
C THR I 77 -53.96 30.01 37.29
N LEU I 78 -54.94 30.42 36.49
CA LEU I 78 -54.70 31.02 35.18
C LEU I 78 -54.88 32.52 35.27
N LYS I 79 -53.92 33.27 34.74
CA LYS I 79 -53.90 34.72 34.85
C LYS I 79 -53.69 35.34 33.47
N ILE I 80 -54.46 36.38 33.16
CA ILE I 80 -54.23 37.23 32.01
C ILE I 80 -53.94 38.63 32.55
N SER I 81 -52.86 39.25 32.04
CA SER I 81 -52.50 40.59 32.49
C SER I 81 -53.47 41.64 31.96
N ARG I 82 -53.82 41.55 30.67
CA ARG I 82 -54.72 42.50 30.03
C ARG I 82 -55.80 41.72 29.30
N VAL I 83 -57.04 42.11 29.49
CA VAL I 83 -58.18 41.46 28.86
C VAL I 83 -58.78 42.41 27.82
N GLU I 84 -59.03 41.90 26.62
CA GLU I 84 -59.65 42.71 25.57
C GLU I 84 -60.90 42.02 25.04
N ALA I 85 -61.46 42.55 23.95
CA ALA I 85 -62.62 41.95 23.32
C ALA I 85 -62.29 40.66 22.58
N GLU I 86 -61.01 40.40 22.29
CA GLU I 86 -60.61 39.11 21.74
C GLU I 86 -60.39 38.07 22.83
N ASP I 87 -60.41 38.47 24.09
CA ASP I 87 -60.18 37.53 25.19
C ASP I 87 -61.48 36.99 25.79
N VAL I 88 -62.63 37.28 25.17
CA VAL I 88 -63.88 36.71 25.65
C VAL I 88 -63.93 35.23 25.28
N GLY I 89 -64.28 34.41 26.26
CA GLY I 89 -64.34 32.98 26.07
C GLY I 89 -64.68 32.31 27.38
N VAL I 90 -64.85 30.98 27.32
CA VAL I 90 -65.24 30.20 28.48
C VAL I 90 -64.11 29.22 28.77
N TYR I 91 -63.56 29.30 29.98
CA TYR I 91 -62.29 28.70 30.33
C TYR I 91 -62.50 27.38 31.06
N TYR I 92 -61.86 26.33 30.54
CA TYR I 92 -62.05 24.97 31.02
C TYR I 92 -60.75 24.48 31.64
N CYS I 93 -60.78 23.26 32.16
CA CYS I 93 -59.59 22.62 32.70
C CYS I 93 -59.72 21.12 32.58
N MET I 94 -58.64 20.47 32.17
CA MET I 94 -58.65 19.03 31.95
C MET I 94 -57.37 18.44 32.55
N GLN I 95 -57.46 17.20 33.05
CA GLN I 95 -56.32 16.48 33.57
C GLN I 95 -55.81 15.45 32.56
N ALA I 96 -54.75 14.73 32.94
CA ALA I 96 -54.21 13.67 32.10
C ALA I 96 -53.74 12.45 32.89
N LEU I 97 -54.16 12.29 34.14
CA LEU I 97 -53.64 11.20 34.96
C LEU I 97 -54.50 9.94 34.84
N GLN I 98 -55.77 10.03 35.22
CA GLN I 98 -56.65 8.89 35.31
C GLN I 98 -57.25 8.56 33.95
N THR I 99 -57.96 7.43 33.89
CA THR I 99 -58.65 7.00 32.66
C THR I 99 -59.71 7.99 32.17
N PRO I 100 -60.67 8.49 32.95
CA PRO I 100 -61.62 9.43 32.34
C PRO I 100 -61.01 10.82 32.25
N GLY I 101 -61.06 11.41 31.06
CA GLY I 101 -60.62 12.78 30.90
C GLY I 101 -61.66 13.74 31.43
N THR I 102 -61.43 14.27 32.62
CA THR I 102 -62.40 15.08 33.34
C THR I 102 -62.27 16.53 32.93
N PHE I 103 -63.38 17.14 32.54
CA PHE I 103 -63.36 18.55 32.19
C PHE I 103 -63.88 19.41 33.34
N GLY I 104 -63.68 20.71 33.22
CA GLY I 104 -64.23 21.66 34.15
C GLY I 104 -65.62 22.10 33.74
N GLN I 105 -66.27 22.83 34.66
CA GLN I 105 -67.62 23.30 34.40
C GLN I 105 -67.68 24.51 33.47
N GLY I 106 -66.54 25.18 33.25
CA GLY I 106 -66.46 26.26 32.28
C GLY I 106 -66.58 27.64 32.89
N THR I 107 -65.54 28.45 32.75
CA THR I 107 -65.46 29.76 33.40
C THR I 107 -65.73 30.84 32.35
N ARG I 108 -66.96 31.36 32.35
CA ARG I 108 -67.40 32.33 31.34
C ARG I 108 -66.87 33.71 31.70
N LEU I 109 -66.04 34.26 30.82
CA LEU I 109 -65.45 35.59 31.01
C LEU I 109 -66.29 36.59 30.21
N GLU I 110 -66.72 37.66 30.87
CA GLU I 110 -67.66 38.61 30.28
C GLU I 110 -67.10 40.04 30.36
N ILE I 111 -67.44 40.85 29.36
CA ILE I 111 -66.90 42.19 29.19
C ILE I 111 -67.94 43.18 29.71
N LYS I 112 -67.50 44.07 30.61
CA LYS I 112 -68.32 45.19 31.05
C LYS I 112 -67.72 46.51 30.61
C1 NAG J . 43.51 -52.05 29.80
C2 NAG J . 43.77 -53.20 30.74
C3 NAG J . 43.02 -54.45 30.27
C4 NAG J . 41.54 -54.15 30.09
C5 NAG J . 41.31 -52.89 29.25
C6 NAG J . 39.88 -52.41 29.27
C7 NAG J . 45.87 -53.38 31.99
C8 NAG J . 47.34 -53.70 31.92
N2 NAG J . 45.19 -53.48 30.85
O3 NAG J . 43.20 -55.49 31.22
O4 NAG J . 40.92 -55.24 29.40
O5 NAG J . 42.11 -51.80 29.74
O6 NAG J . 39.01 -53.29 28.58
O7 NAG J . 45.32 -53.04 33.03
C1 NAG J . 40.07 -56.01 30.27
C2 NAG J . 39.25 -56.95 29.41
C3 NAG J . 38.35 -57.82 30.29
C4 NAG J . 39.17 -58.54 31.35
C5 NAG J . 40.03 -57.56 32.13
C6 NAG J . 40.99 -58.23 33.08
C7 NAG J . 38.55 -56.41 27.12
C8 NAG J . 37.64 -55.57 26.27
N2 NAG J . 38.45 -56.21 28.44
O3 NAG J . 37.66 -58.78 29.48
O4 NAG J . 38.30 -59.23 32.25
O5 NAG J . 40.83 -56.78 31.23
O6 NAG J . 42.33 -57.95 32.73
O7 NAG J . 39.32 -57.23 26.64
C1 NAG K . 69.88 -13.48 22.89
C2 NAG K . 71.23 -13.05 23.44
C3 NAG K . 71.12 -12.61 24.90
C4 NAG K . 70.04 -11.53 25.04
C5 NAG K . 68.73 -12.05 24.46
C6 NAG K . 67.62 -11.02 24.47
C7 NAG K . 72.30 -15.30 23.77
C8 NAG K . 73.50 -16.12 23.40
N2 NAG K . 72.27 -14.05 23.26
O3 NAG K . 72.38 -12.12 25.35
O4 NAG K . 69.89 -11.17 26.40
O5 NAG K . 68.91 -12.42 23.09
O6 NAG K . 68.06 -9.78 23.92
O7 NAG K . 71.41 -15.75 24.48
C1 NAG K . 70.39 -9.83 26.60
C2 NAG K . 69.71 -9.22 27.83
C3 NAG K . 70.24 -7.81 28.07
C4 NAG K . 71.76 -7.81 28.16
C5 NAG K . 72.38 -8.51 26.95
C6 NAG K . 73.87 -8.69 27.09
C7 NAG K . 67.47 -10.09 28.28
C8 NAG K . 66.00 -9.94 28.02
N2 NAG K . 68.26 -9.21 27.67
O3 NAG K . 69.68 -7.29 29.27
O4 NAG K . 72.24 -6.47 28.22
O5 NAG K . 71.81 -9.82 26.79
O6 NAG K . 74.19 -9.99 27.58
O7 NAG K . 67.91 -10.95 29.02
C1 NAG L . 85.22 -21.94 13.39
C2 NAG L . 86.46 -21.07 13.44
C3 NAG L . 87.59 -21.81 14.13
C4 NAG L . 87.15 -22.31 15.51
C5 NAG L . 85.81 -23.04 15.43
C6 NAG L . 85.21 -23.33 16.78
C7 NAG L . 86.97 -19.35 11.77
C8 NAG L . 87.44 -19.07 10.38
N2 NAG L . 86.87 -20.64 12.11
O3 NAG L . 88.68 -20.89 14.19
O4 NAG L . 88.08 -23.26 16.03
O5 NAG L . 84.84 -22.28 14.71
O6 NAG L . 86.14 -24.00 17.63
O7 NAG L . 86.67 -18.44 12.55
C1 NAG L . 89.27 -22.75 16.68
C2 NAG L . 89.09 -22.62 18.20
C3 NAG L . 90.26 -23.28 18.93
C4 NAG L . 90.37 -24.73 18.52
C5 NAG L . 90.74 -24.81 17.05
C6 NAG L . 89.99 -25.89 16.29
C7 NAG L . 87.97 -20.79 19.39
C8 NAG L . 87.97 -19.33 19.70
N2 NAG L . 88.95 -21.24 18.60
O3 NAG L . 90.06 -23.17 20.34
O4 NAG L . 91.38 -25.37 19.29
O5 NAG L . 90.50 -23.56 16.36
O6 NAG L . 90.82 -27.01 16.02
O7 NAG L . 87.10 -21.55 19.83
C1 NAG M . 66.22 -60.31 -3.45
C2 NAG M . 66.62 -61.33 -4.51
C3 NAG M . 68.02 -61.86 -4.22
C4 NAG M . 69.02 -60.72 -4.06
C5 NAG M . 68.49 -59.67 -3.06
C6 NAG M . 69.35 -58.43 -3.00
C7 NAG M . 64.75 -62.52 -5.55
C8 NAG M . 63.83 -63.70 -5.47
N2 NAG M . 65.65 -62.41 -4.58
O3 NAG M . 68.42 -62.71 -5.29
O4 NAG M . 70.24 -61.25 -3.56
O5 NAG M . 67.17 -59.25 -3.43
O6 NAG M . 69.72 -57.98 -4.29
O7 NAG M . 64.68 -61.72 -6.47
C1 NAG M . 71.32 -61.15 -4.52
C2 NAG M . 72.53 -61.88 -3.94
C3 NAG M . 73.70 -61.81 -4.90
C4 NAG M . 73.30 -62.35 -6.27
C5 NAG M . 72.05 -61.63 -6.78
C6 NAG M . 71.51 -62.23 -8.06
C7 NAG M . 72.98 -62.09 -1.54
C8 NAG M . 73.38 -61.38 -0.28
N2 NAG M . 72.90 -61.34 -2.64
O3 NAG M . 74.80 -62.55 -4.39
O4 NAG M . 74.36 -62.18 -7.20
O5 NAG M . 70.99 -61.72 -5.81
O6 NAG M . 71.37 -63.64 -7.95
O7 NAG M . 72.76 -63.30 -1.56
C1 NAG N . 61.22 -42.69 -13.16
C2 NAG N . 62.31 -43.48 -13.86
C3 NAG N . 63.02 -42.62 -14.91
C4 NAG N . 62.02 -41.93 -15.84
C5 NAG N . 60.97 -41.19 -15.02
C6 NAG N . 59.87 -40.58 -15.86
C7 NAG N . 63.24 -45.24 -12.45
C8 NAG N . 64.31 -45.60 -11.46
N2 NAG N . 63.27 -44.00 -12.90
O3 NAG N . 63.94 -43.41 -15.66
O4 NAG N . 62.73 -40.98 -16.65
O5 NAG N . 60.34 -42.11 -14.12
O6 NAG N . 60.33 -39.45 -16.58
O7 NAG N . 62.40 -46.06 -12.81
C1 NAG N . 62.65 -41.31 -18.07
C2 NAG N . 63.68 -40.44 -18.82
C3 NAG N . 63.63 -40.75 -20.31
C4 NAG N . 63.79 -42.25 -20.55
C5 NAG N . 62.79 -43.05 -19.72
C6 NAG N . 62.99 -44.54 -19.81
C7 NAG N . 64.08 -38.33 -17.64
C8 NAG N . 63.73 -36.87 -17.54
N2 NAG N . 63.45 -39.03 -18.58
O3 NAG N . 64.67 -40.04 -20.98
O4 NAG N . 63.57 -42.54 -21.94
O5 NAG N . 62.92 -42.70 -18.33
O6 NAG N . 63.06 -44.97 -21.17
O7 NAG N . 64.91 -38.84 -16.90
C1 NAG O . 9.80 -4.63 41.49
C2 NAG O . 11.31 -4.64 41.69
C3 NAG O . 11.64 -4.33 43.16
C4 NAG O . 11.00 -3.01 43.57
C5 NAG O . 9.49 -3.03 43.29
C6 NAG O . 8.84 -1.69 43.53
C7 NAG O . 12.69 -6.05 40.24
C8 NAG O . 13.20 -7.43 39.98
N2 NAG O . 11.89 -5.91 41.30
O3 NAG O . 13.05 -4.25 43.33
O4 NAG O . 11.21 -2.80 44.98
O5 NAG O . 9.26 -3.36 41.91
O6 NAG O . 9.80 -0.66 43.69
O7 NAG O . 12.98 -5.10 39.52
C1 NAG P . 18.57 -22.76 49.31
C2 NAG P . 17.52 -23.03 50.39
C3 NAG P . 17.27 -21.74 51.19
C4 NAG P . 18.57 -21.16 51.72
C5 NAG P . 19.57 -20.97 50.59
C6 NAG P . 20.93 -20.52 51.06
C7 NAG P . 15.80 -24.74 50.11
C8 NAG P . 14.52 -25.11 49.41
N2 NAG P . 16.30 -23.53 49.81
O3 NAG P . 16.38 -22.04 52.26
O4 NAG P . 18.31 -19.91 52.34
O5 NAG P . 19.76 -22.22 49.90
O6 NAG P . 20.87 -19.96 52.37
O7 NAG P . 16.36 -25.50 50.90
C1 NAG Q . 59.99 -27.84 43.29
C2 NAG Q . 61.32 -27.07 43.31
C3 NAG Q . 62.01 -27.23 44.65
C4 NAG Q . 61.08 -26.84 45.79
C5 NAG Q . 59.78 -27.64 45.69
C6 NAG Q . 58.75 -27.21 46.72
C7 NAG Q . 62.19 -26.95 41.02
C8 NAG Q . 63.14 -27.54 40.03
N2 NAG Q . 62.19 -27.52 42.23
O3 NAG Q . 63.17 -26.40 44.68
O4 NAG Q . 61.70 -27.11 47.05
O5 NAG Q . 59.18 -27.44 44.40
O6 NAG Q . 57.54 -26.84 46.09
O7 NAG Q . 61.46 -26.02 40.74
C1 NAG R . 31.10 -59.32 12.96
C2 NAG R . 31.30 -60.84 12.79
C3 NAG R . 29.98 -61.51 12.43
C4 NAG R . 28.89 -61.13 13.44
C5 NAG R . 28.79 -59.62 13.55
C6 NAG R . 27.82 -59.18 14.62
C7 NAG R . 33.25 -62.04 11.92
C8 NAG R . 34.21 -62.20 10.77
N2 NAG R . 32.31 -61.11 11.77
O3 NAG R . 30.16 -62.91 12.41
O4 NAG R . 27.64 -61.68 13.04
O5 NAG R . 30.06 -59.08 13.91
O6 NAG R . 28.39 -58.15 15.42
O7 NAG R . 33.35 -62.72 12.93
C1 NAG S . 48.83 -37.79 42.02
C2 NAG S . 47.38 -38.32 42.03
C3 NAG S . 46.45 -37.31 42.69
C4 NAG S . 46.95 -36.95 44.09
C5 NAG S . 48.40 -36.45 44.00
C6 NAG S . 49.00 -36.20 45.37
C7 NAG S . 46.26 -39.78 40.40
C8 NAG S . 45.84 -39.96 38.98
N2 NAG S . 46.92 -38.65 40.69
O3 NAG S . 45.14 -37.88 42.79
O4 NAG S . 46.14 -35.92 44.64
O5 NAG S . 49.22 -37.44 43.37
O6 NAG S . 49.78 -37.30 45.81
O7 NAG S . 46.00 -40.61 41.27
C1 NAG T . 60.27 -49.34 40.62
C2 NAG T . 60.30 -50.20 41.87
C3 NAG T . 61.44 -51.21 41.78
C4 NAG T . 61.29 -52.05 40.51
C5 NAG T . 61.17 -51.16 39.29
C6 NAG T . 60.85 -51.92 38.03
C7 NAG T . 59.39 -49.16 43.89
C8 NAG T . 59.68 -48.30 45.09
N2 NAG T . 60.42 -49.40 43.07
O3 NAG T . 61.43 -52.05 42.92
O4 NAG T . 62.42 -52.90 40.37
O5 NAG T . 60.12 -50.19 39.46
O6 NAG T . 62.03 -52.33 37.35
O7 NAG T . 58.27 -49.61 43.67
C1 NAG U . 74.52 -34.83 42.15
C2 NAG U . 74.08 -34.34 43.53
C3 NAG U . 74.90 -33.11 43.93
C4 NAG U . 76.40 -33.38 43.81
C5 NAG U . 76.73 -33.90 42.41
C6 NAG U . 78.17 -34.30 42.27
C7 NAG U . 71.71 -34.92 43.82
C8 NAG U . 70.30 -34.43 43.81
N2 NAG U . 72.66 -34.02 43.54
O3 NAG U . 74.58 -32.76 45.27
O4 NAG U . 77.12 -32.18 44.04
O5 NAG U . 75.93 -35.05 42.13
O6 NAG U . 78.27 -35.71 42.05
O7 NAG U . 71.99 -36.09 44.07
C1 NAG V . -47.88 -34.67 13.36
C2 NAG V . -49.24 -35.37 13.27
C3 NAG V . -49.68 -35.49 11.81
C4 NAG V . -49.66 -34.14 11.12
C5 NAG V . -48.27 -33.50 11.26
C6 NAG V . -48.20 -32.11 10.69
C7 NAG V . -49.48 -36.87 15.20
C8 NAG V . -49.39 -38.28 15.68
N2 NAG V . -49.20 -36.68 13.91
O3 NAG V . -50.99 -36.04 11.75
O4 NAG V . -49.96 -34.30 9.73
O5 NAG V . -47.92 -33.40 12.65
O6 NAG V . -49.23 -31.88 9.74
O7 NAG V . -49.78 -35.94 15.94
C1 NAG W . -52.55 -8.95 13.81
C2 NAG W . -51.94 -7.68 14.43
C3 NAG W . -53.05 -6.84 15.07
C4 NAG W . -54.17 -6.56 14.08
C5 NAG W . -54.68 -7.86 13.46
C6 NAG W . -55.67 -7.62 12.35
C7 NAG W . -49.61 -7.90 15.14
C8 NAG W . -48.70 -8.27 16.28
N2 NAG W . -50.92 -8.00 15.40
O3 NAG W . -52.49 -5.61 15.54
O4 NAG W . -55.25 -5.92 14.75
O5 NAG W . -53.58 -8.59 12.87
O6 NAG W . -55.58 -6.31 11.83
O7 NAG W . -49.19 -7.53 14.06
C1 NAG X . -33.85 -7.56 21.24
C2 NAG X . -33.03 -6.33 20.84
C3 NAG X . -32.28 -5.78 22.04
C4 NAG X . -33.24 -5.51 23.21
C5 NAG X . -34.09 -6.75 23.50
C6 NAG X . -35.17 -6.49 24.53
C7 NAG X . -32.31 -6.32 18.49
C8 NAG X . -31.25 -6.74 17.51
N2 NAG X . -32.10 -6.67 19.76
O3 NAG X . -31.62 -4.58 21.68
O4 NAG X . -32.50 -5.17 24.37
O5 NAG X . -34.75 -7.19 22.31
O6 NAG X . -34.95 -7.24 25.72
O7 NAG X . -33.30 -5.70 18.14
C1 NAG Y . -13.32 -45.13 8.77
C2 NAG Y . -14.38 -46.27 8.59
C3 NAG Y . -13.81 -47.66 8.96
C4 NAG Y . -12.46 -47.88 8.29
C5 NAG Y . -11.52 -46.72 8.58
C6 NAG Y . -10.19 -46.83 7.90
C7 NAG Y . -16.21 -45.83 10.39
C8 NAG Y . -15.27 -45.86 11.58
N2 NAG Y . -15.72 -46.02 9.14
O3 NAG Y . -14.73 -48.66 8.54
O4 NAG Y . -11.87 -49.09 8.76
O5 NAG Y . -12.11 -45.49 8.11
O6 NAG Y . -9.84 -45.63 7.22
O7 NAG Y . -17.42 -45.64 10.56
C1 NAG Z . -26.73 37.52 31.00
C2 NAG Z . -25.98 36.26 30.57
C3 NAG Z . -26.61 35.03 31.22
C4 NAG Z . -26.67 35.19 32.73
C5 NAG Z . -27.38 36.50 33.10
C6 NAG Z . -27.34 36.79 34.58
C7 NAG Z . -24.86 35.79 28.44
C8 NAG Z . -25.01 35.68 26.96
N2 NAG Z . -25.96 36.13 29.13
O3 NAG Z . -25.85 33.87 30.87
O4 NAG Z . -27.36 34.09 33.31
O5 NAG Z . -26.75 37.61 32.44
O6 NAG Z . -27.03 35.63 35.34
O7 NAG Z . -23.79 35.56 29.00
C1 NAG AA . 12.43 25.21 -41.70
C2 NAG AA . 12.31 25.40 -43.21
C3 NAG AA . 13.45 26.28 -43.74
C4 NAG AA . 13.54 27.57 -42.95
C5 NAG AA . 13.60 27.29 -41.44
C6 NAG AA . 13.55 28.55 -40.61
C7 NAG AA . 13.10 23.15 -43.98
C8 NAG AA . 12.70 21.95 -44.81
N2 NAG AA . 12.20 24.14 -43.94
O3 NAG AA . 13.24 26.55 -45.12
O4 NAG AA . 14.70 28.31 -43.34
O5 NAG AA . 12.49 26.48 -41.04
O6 NAG AA . 12.24 29.08 -40.54
O7 NAG AA . 14.19 23.19 -43.39
C1 NAG BA . 39.57 14.24 -20.03
C2 NAG BA . 39.18 12.95 -20.74
C3 NAG BA . 40.36 12.43 -21.56
C4 NAG BA . 40.89 13.51 -22.51
C5 NAG BA . 41.17 14.81 -21.75
C6 NAG BA . 41.49 15.97 -22.67
C7 NAG BA . 37.50 11.51 -19.67
C8 NAG BA . 37.25 10.47 -18.63
N2 NAG BA . 38.76 11.93 -19.78
O3 NAG BA . 39.95 11.29 -22.32
O4 NAG BA . 42.11 13.08 -23.09
O5 NAG BA . 39.99 15.20 -21.01
O6 NAG BA . 42.30 16.95 -22.02
O7 NAG BA . 36.60 11.95 -20.39
C1 NAG CA . 58.61 15.26 -8.96
C2 NAG CA . 59.88 16.15 -8.79
C3 NAG CA . 59.87 17.35 -9.75
C4 NAG CA . 59.56 16.91 -11.17
C5 NAG CA . 58.29 16.05 -11.21
C6 NAG CA . 57.97 15.53 -12.59
C7 NAG CA . 59.69 17.20 -6.41
C8 NAG CA . 58.32 17.84 -6.64
N2 NAG CA . 60.27 16.48 -7.42
O3 NAG CA . 61.14 18.00 -9.71
O4 NAG CA . 59.36 18.05 -12.01
O5 NAG CA . 58.44 14.91 -10.35
O6 NAG CA . 59.08 15.66 -13.47
O7 NAG CA . 60.25 17.32 -5.33
C1 NAG DA . 77.36 -21.73 -7.39
C2 NAG DA . 78.14 -22.94 -7.94
C3 NAG DA . 79.43 -22.48 -8.62
C4 NAG DA . 79.14 -21.43 -9.68
C5 NAG DA . 78.37 -20.27 -9.06
C6 NAG DA . 77.94 -19.23 -10.07
C7 NAG DA . 78.06 -25.18 -6.96
C8 NAG DA . 78.45 -26.04 -5.79
N2 NAG DA . 78.44 -23.90 -6.89
O3 NAG DA . 80.08 -23.61 -9.21
O4 NAG DA . 80.37 -20.94 -10.22
O5 NAG DA . 77.16 -20.77 -8.45
O6 NAG DA . 78.13 -17.92 -9.58
O7 NAG DA . 77.44 -25.63 -7.91
C1 NAG EA . 53.89 -11.23 38.41
C2 NAG EA . 54.64 -11.33 39.74
C3 NAG EA . 53.90 -10.53 40.82
C4 NAG EA . 53.69 -9.10 40.36
C5 NAG EA . 52.99 -9.08 39.01
C6 NAG EA . 52.87 -7.69 38.42
C7 NAG EA . 55.95 -13.31 40.34
C8 NAG EA . 55.90 -14.76 40.75
N2 NAG EA . 54.76 -12.72 40.15
O3 NAG EA . 54.65 -10.55 42.03
O4 NAG EA . 52.88 -8.40 41.31
O5 NAG EA . 53.74 -9.84 38.06
O6 NAG EA . 53.18 -7.69 37.04
O7 NAG EA . 57.01 -12.72 40.18
C1 NAG FA . 87.78 -35.74 -2.18
C2 NAG FA . 88.05 -34.74 -3.29
C3 NAG FA . 88.23 -35.45 -4.63
C4 NAG FA . 89.30 -36.52 -4.53
C5 NAG FA . 88.96 -37.49 -3.39
C6 NAG FA . 90.02 -38.53 -3.16
C7 NAG FA . 87.09 -32.50 -2.90
C8 NAG FA . 85.90 -31.62 -3.08
N2 NAG FA . 86.99 -33.75 -3.38
O3 NAG FA . 88.60 -34.50 -5.62
O4 NAG FA . 89.39 -37.25 -5.75
O5 NAG FA . 88.81 -36.75 -2.17
O6 NAG FA . 90.56 -38.99 -4.39
O7 NAG FA . 88.11 -32.13 -2.32
C1 NAG GA . 24.12 22.67 33.47
C2 NAG GA . 23.44 22.33 34.81
C3 NAG GA . 24.43 22.40 35.96
C4 NAG GA . 25.68 21.59 35.66
C5 NAG GA . 26.26 21.95 34.30
C6 NAG GA . 27.41 21.07 33.88
C7 NAG GA . 22.19 24.47 35.21
C8 NAG GA . 20.82 25.03 35.47
N2 NAG GA . 22.25 23.13 35.07
O3 NAG GA . 23.81 21.93 37.15
O4 NAG GA . 26.67 21.81 36.66
O5 NAG GA . 25.25 21.83 33.29
O6 NAG GA . 27.28 20.65 32.52
O7 NAG GA . 23.17 25.21 35.14
C1 NAG HA . 1.04 53.31 24.18
C2 NAG HA . 0.29 52.28 25.09
C3 NAG HA . -0.41 52.95 26.28
C4 NAG HA . 0.56 53.87 27.03
C5 NAG HA . 1.16 54.88 26.06
C6 NAG HA . 2.16 55.79 26.72
C7 NAG HA . -1.67 51.38 23.62
C8 NAG HA . -2.29 52.75 23.33
N2 NAG HA . -0.55 51.30 24.39
O3 NAG HA . -0.90 51.94 27.16
O4 NAG HA . -0.13 54.56 28.06
O5 NAG HA . 1.87 54.19 25.02
O6 NAG HA . 3.39 55.81 26.01
O7 NAG HA . -2.19 50.37 23.15
C1 NAG IA . 75.70 -12.98 4.98
C2 NAG IA . 75.78 -12.61 3.50
C3 NAG IA . 76.10 -11.11 3.32
C4 NAG IA . 75.14 -10.25 4.13
C5 NAG IA . 75.17 -10.69 5.58
C6 NAG IA . 74.19 -9.95 6.46
C7 NAG IA . 76.49 -14.28 1.85
C8 NAG IA . 77.66 -15.04 1.28
N2 NAG IA . 76.78 -13.42 2.82
O3 NAG IA . 76.02 -10.78 1.94
O4 NAG IA . 75.52 -8.89 4.04
O5 NAG IA . 74.80 -12.08 5.65
O6 NAG IA . 73.93 -10.67 7.66
O7 NAG IA . 75.34 -14.46 1.46
C1 NAG JA . -17.17 30.53 -32.47
C2 NAG JA . -15.73 30.36 -31.97
C3 NAG JA . -15.46 31.34 -30.84
C4 NAG JA . -15.78 32.77 -31.27
C5 NAG JA . -17.21 32.85 -31.79
C6 NAG JA . -17.56 34.20 -32.34
C7 NAG JA . -14.31 28.39 -31.67
C8 NAG JA . -14.22 26.99 -31.17
N2 NAG JA . -15.49 29.00 -31.54
O3 NAG JA . -14.09 31.25 -30.45
O4 NAG JA . -15.61 33.66 -30.17
O5 NAG JA . -17.39 31.91 -32.85
O6 NAG JA . -17.69 34.18 -33.75
O7 NAG JA . -13.34 28.96 -32.18
C1 NAG KA . 61.13 -69.14 14.59
C2 NAG KA . 60.24 -70.30 14.13
C3 NAG KA . 59.66 -71.04 15.33
C4 NAG KA . 60.76 -71.48 16.28
C5 NAG KA . 61.61 -70.27 16.68
C6 NAG KA . 62.79 -70.63 17.55
C7 NAG KA . 59.25 -69.85 11.93
C8 NAG KA . 58.05 -69.32 11.19
N2 NAG KA . 59.17 -69.82 13.26
O3 NAG KA . 58.93 -72.18 14.87
O4 NAG KA . 60.20 -72.06 17.44
O5 NAG KA . 62.13 -69.64 15.50
O6 NAG KA . 63.58 -71.66 16.96
O7 NAG KA . 60.24 -70.28 11.33
C1 NAG LA . 50.25 -58.30 -6.58
C2 NAG LA . 50.07 -57.59 -7.92
C3 NAG LA . 48.67 -57.84 -8.48
C4 NAG LA . 48.37 -59.34 -8.53
C5 NAG LA . 48.58 -59.96 -7.16
C6 NAG LA . 48.42 -61.46 -7.17
C7 NAG LA . 51.11 -55.49 -8.65
C8 NAG LA . 51.24 -54.02 -8.39
N2 NAG LA . 50.31 -56.17 -7.81
O3 NAG LA . 48.57 -57.28 -9.78
O4 NAG LA . 47.02 -59.53 -8.93
O5 NAG LA . 49.91 -59.70 -6.71
O6 NAG LA . 49.63 -62.11 -7.53
O7 NAG LA . 51.69 -56.04 -9.59
C1 NAG MA . 63.95 -22.02 -18.96
C2 NAG MA . 65.40 -21.93 -19.48
C3 NAG MA . 65.51 -20.85 -20.55
C4 NAG MA . 64.47 -21.07 -21.65
C5 NAG MA . 63.08 -21.17 -21.04
C6 NAG MA . 62.01 -21.48 -22.07
C7 NAG MA . 67.53 -22.26 -18.32
C8 NAG MA . 68.37 -21.87 -17.15
N2 NAG MA . 66.33 -21.68 -18.40
O3 NAG MA . 66.81 -20.88 -21.11
O4 NAG MA . 64.49 -19.98 -22.57
O5 NAG MA . 63.05 -22.22 -20.06
O6 NAG MA . 62.22 -20.75 -23.26
O7 NAG MA . 67.92 -23.04 -19.17
C1 NAG NA . 47.47 -64.87 6.62
C2 NAG NA . 47.78 -65.51 7.99
C3 NAG NA . 48.13 -67.00 7.88
C4 NAG NA . 47.07 -67.73 7.05
C5 NAG NA . 46.86 -67.02 5.71
C6 NAG NA . 45.77 -67.65 4.88
C7 NAG NA . 49.99 -64.37 8.79
C8 NAG NA . 50.82 -64.78 7.58
N2 NAG NA . 48.68 -64.75 8.87
O3 NAG NA . 48.22 -67.57 9.18
O4 NAG NA . 47.48 -69.08 6.81
O5 NAG NA . 46.47 -65.66 5.93
O6 NAG NA . 44.59 -66.86 4.90
O7 NAG NA . 50.50 -63.72 9.69
C1 NAG OA . 20.68 -53.32 -23.44
C2 NAG OA . 20.13 -53.35 -24.87
C3 NAG OA . 18.87 -54.20 -24.95
C4 NAG OA . 19.12 -55.59 -24.39
C5 NAG OA . 19.69 -55.50 -22.98
C6 NAG OA . 20.11 -56.85 -22.42
C7 NAG OA . 20.17 -51.61 -26.60
C8 NAG OA . 19.83 -50.20 -26.95
N2 NAG OA . 19.88 -52.01 -25.36
O3 NAG OA . 18.42 -54.28 -26.29
O4 NAG OA . 17.92 -56.36 -24.36
O5 NAG OA . 20.86 -54.68 -22.97
O6 NAG OA . 21.46 -56.84 -22.00
O7 NAG OA . 20.68 -52.37 -27.42
C1 NAG PA . 2.42 -44.91 -15.73
C2 NAG PA . 2.88 -45.76 -14.53
C3 NAG PA . 2.74 -47.26 -14.83
C4 NAG PA . 1.35 -47.60 -15.36
C5 NAG PA . 1.01 -46.69 -16.54
C6 NAG PA . -0.41 -46.90 -17.05
C7 NAG PA . 5.37 -45.56 -14.77
C8 NAG PA . 6.61 -45.15 -14.04
N2 NAG PA . 4.22 -45.43 -14.07
O3 NAG PA . 3.00 -48.01 -13.65
O4 NAG PA . 1.30 -48.95 -15.78
O5 NAG PA . 1.10 -45.32 -16.13
O6 NAG PA . -1.32 -47.14 -16.00
O7 NAG PA . 5.41 -45.96 -15.93
C1 NAG QA . 31.77 -23.97 -31.88
C2 NAG QA . 33.20 -23.95 -31.28
C3 NAG QA . 34.25 -23.52 -32.32
C4 NAG QA . 34.08 -24.28 -33.63
C5 NAG QA . 32.62 -24.25 -34.10
C6 NAG QA . 32.38 -25.07 -35.34
C7 NAG QA . 33.20 -22.02 -29.52
C8 NAG QA . 32.76 -20.93 -30.48
N2 NAG QA . 33.37 -23.30 -29.97
O3 NAG QA . 35.56 -23.74 -31.80
O4 NAG QA . 34.91 -23.73 -34.64
O5 NAG QA . 31.75 -24.77 -33.07
O6 NAG QA . 32.51 -24.28 -36.51
O7 NAG QA . 33.41 -21.76 -28.33
C1 NAG RA . -44.11 -4.31 -14.66
C2 NAG RA . -43.67 -5.67 -15.22
C3 NAG RA . -43.31 -5.54 -16.69
C4 NAG RA . -44.47 -4.92 -17.48
C5 NAG RA . -44.89 -3.60 -16.84
C6 NAG RA . -46.13 -3.01 -17.49
C7 NAG RA . -42.69 -7.04 -13.44
C8 NAG RA . -41.42 -7.48 -12.77
N2 NAG RA . -42.55 -6.19 -14.46
O3 NAG RA . -42.99 -6.82 -17.22
O4 NAG RA . -44.07 -4.68 -18.83
O5 NAG RA . -45.20 -3.79 -15.45
O6 NAG RA . -46.00 -2.98 -18.91
O7 NAG RA . -43.79 -7.43 -13.06
C1 NAG SA . -19.87 8.49 -52.20
C2 NAG SA . -20.92 8.24 -53.30
C3 NAG SA . -22.31 8.55 -52.75
C4 NAG SA . -22.58 7.77 -51.47
C5 NAG SA . -21.48 8.03 -50.46
C6 NAG SA . -21.61 7.17 -49.22
C7 NAG SA . -20.64 8.48 -55.72
C8 NAG SA . -20.33 9.43 -56.84
N2 NAG SA . -20.63 9.01 -54.49
O3 NAG SA . -23.29 8.22 -53.74
O4 NAG SA . -23.83 8.16 -50.92
O5 NAG SA . -20.20 7.72 -51.02
O6 NAG SA . -20.61 6.17 -49.17
O7 NAG SA . -20.88 7.30 -55.91
#